data_6ZHA
#
_entry.id   6ZHA
#
_cell.length_a   1.00
_cell.length_b   1.00
_cell.length_c   1.00
_cell.angle_alpha   90.00
_cell.angle_beta   90.00
_cell.angle_gamma   90.00
#
_symmetry.space_group_name_H-M   'P 1'
#
loop_
_entity.id
_entity.type
_entity.pdbx_description
1 polymer 'DNA-dependent protein kinase catalytic subunit,DNA-dependent protein kinase catalytic subunit,DNA-dependent protein kinase catalytic subunit,DNA-PKcs'
2 polymer 'X-ray repair cross-complementing protein 6'
3 polymer 'X-ray repair cross-complementing protein 5'
4 polymer DNA
5 polymer DNA
#
loop_
_entity_poly.entity_id
_entity_poly.type
_entity_poly.pdbx_seq_one_letter_code
_entity_poly.pdbx_strand_id
1 'polypeptide(L)'
;MAGSGAGVRCSLLRLQETLSAADRCGAALAGHQLIRGLGQECVLSSSPAVLALQTSLVFSRDFGLLVFVRKSLNSIEFRE
CREEILKFLCIFLEKMGQKIAPYSVEIKNTCTSVYTKDRAAKCKIPALDLLIKLLQTFRSSRLMDEFKIGELFSKFYGEL
ALKKKIPDTVLEKVYELLGLLGEVHPSEMINNAENLFRAFLGELKTQMTSAVREPKLPVLAGCLKGLSSLLCNFTKSMEE
DPQTSREIFNFVLKAIRPQIDLKRYAVPSAGLRLFALHASQFSTCLLDNYVSLFEVLLKWCAHTNVELKKAALSALESFL
KQVSNMVAKNAEMHKNKLQYFMEQFYGIIRNVDSNNKELSIAIRGYGLFAGPCKVINAKDVDFMYVELIQRCKQMFLTQT
DTGDDRVYQMPSFLQSVASVLLYLDTVPEVYTPVLEHLVVMQIDSFPQYSPKMQLVCCRAIVKVFLALAAKGPVLRNCIS
TVVHQGLIRICSKPVVLPKGPESESEDHRASGEVRTGKWKVPTYKDYVDLFRHLLSSDQMMDSILADEAFFSVNSSSESL
NHLLYDEFVKSVLKIVEKLDLTLEIQTVGEQENGDEAPGVWMIPTSDPAANLHPAKPKDFSAFINLVEFCREILPEKQAE
FFEPWVYSFSYELILQSTRLPLISGFYKLLSITVRNAKKIKYFEGVSPKSLKHSPEDPEKYSCFALFVKFGKEVAVKMKQ
YKDELLASCLTFLLSLPHNIIELDVRAYVPALQMAFKLGLSYTPLAEVGLNALEEWSIYIDRHVMQPYYKDILPCLDGYL
KTSALSDETKNNWEVSALSRAAQKGFNKVVLKHLKKTKNLSSNEAISLEEIRIRVVQMLGSLGGQINKNLLTVTSSDEMM
KSYVAWDREKRLSFAVPFREMKPVIFLDVFLPRVTELALTASDRQTKVAACELLHSMVMFMLGKATQMPEGGQGAPPMYQ
LYKRTFPVLLRLACDVDQVTRQLYEPLVMQLIHWFTNNKKFESQDTVALLEAILDGIVDPVDSTLRDFCGRCIREFLKWS
IKQITPQQQEKSPVNTKSLFKRLYSLALHPNAFKRLGASLAFNNIYREFREEESLVEQFVFEALVIYMESLALAHADEKS
LGTIQQCCDAIDHLCRIIEKKHVSLNKAKKRRLPRGFPPSASLCLLDLVKWLLAHCGRPQTECRHKSIELFYKFVPLLPG
NRSPNLWLKDVLKEEGVSFLINTFEGGGCGQPSGILAQPTLLYLRGPFSLQATLCWLDLLLAALECYNTFIGERTVGALQ
VLGTEAQSSLLKAVAFFLESIAMHDIIAAEKCFGTGAAGNRTSPQEGERYNYSKCTVVVRIMEFTTTLLNTSPEGWKLLK
KDLCNTHLMRVLVQTLCEPASIGFNIGDVQVMAHLPDVCVNLMKALKMSPYKDILETHLREKITAQSIEELCAVNLYGPD
AQVDRSRLAAVVSACKQLHRAGLLHNILPSQSTDLHHSVGTELLSLVYKGIAPGDERQCLPSLDLSCKQLASGLLELAFA
FGGLCERLVSLLLNPAVLSTASLGSSQGSVIHFSHGEYFYSLFSETINTELLKNLDLAVLELMQSSVDNTKMVSAVLNGM
LDQSFRERANQKHQGLKLATTILQHWKKCDSWWAKDSPLETKMAVLALLAKILQIDSSVSFNTSHGSFPEVFTTYISLLA
DTKLDLHLKGQAVTLLPFFTSLTGGSLEELRRVLEQLIVAHFPMQSREFPPGTPRFNNYVDCMKKFLDALELSQSPMLLE
LMTEVLCREQQHVMEELFQSSFRRIARRGSCVTQVGLLESVYEMFRKDDPRLSFTRQSFVDRSLLTLLWHCSLDALREFF
STIVVDAIDVLKSRFTKLNESTFDTQITKKMGYYKILDVMYSRLPKDDVHAKESKINQVFHGSCITEGNELTKTLIKLCY
DAFTENMAGENQLLERRRLYHCAAYNCAISVICCVFNELKFYQGFLFSEKPEKNLLIFENLIDLKRRYNFPVEVEVPMER
KKKYIEIRKEAREAANGDSDGPSYMSSLSYLADSTLSEEMSQFDFSTGVQSYSYSSQDPRPATGRFRRREQRDPTVHDDV
LELEMDELNRHECMAPLTALVKHMHRSLGPPQGEEDSVPRDLPSWMKFLHGKLGNPIVPLNIRLFLAKLVINTEEVFRPY
AKHWLSPLLQLAASENNGGEGIHYMVVEIVATILSWTGLATPTGVPKDEVLANRLLNFLMKHVFHPKRAVFRHNLEIIKT
LVECWKDCLSIPYRLIFEKFSGKDPNSKDNSVGIQLLGIVMANDLPPYDPQCGIQSSEYFQALVNNMSFVRYKEVYAAAA
EVLGLILRYVMERKNILEESLCELVAKQLKQHQNTMEDKFIVCLNKVTKSFPPLADRFMNAVFFLLPKFHGVLKTLCLEV
VLCRVEGMTELYFQLKSKDFVQVMRHRDDERQKVCLDIIYKMMPKLKPVELRELLNPVVEFVSHPSTTCREQMYNILMWI
HDNYRDPESETDNDSQEIFKLAKDVLIQGLIDENPGLQLIIRNFWSHETRLPSNTLDRLLALNSLYSPKIEVHFLSLATN
FLLEMTSMSPDYPNPMFEHPLSECEFQEYTIDSDWRFRSTVLTPMFVETQASQGTLQTRTQEGSLSARWPVAGQIRATQQ
QHDFTLTQTADGRSSFDWLTGSSTDPLVDHTSPSSDSLLFAHKRSERLQRAPLKSVGPDFGKKRLGLPGDEVDNKVKGAA
GRTDLLRLRRRFMRDQEKLSLMYARKGVAEQKREKEIKSELKMKQDAQVVLYRSYRHGDLPDIQIKHSSLITPLQAVAQR
DPIIAKQLFSSLFSGILKEMDKFKTLSEKNNITQKLLQDFNRFLNTTFSFFPPFVSCIQDISCQHAALLSLDPAAVSAGC
LASLQQPVGIRLLEEALLRLLPAELPAKRVRGKARLPPDVLRWVELAKLYRSIGEYDVLRGIFTSEIGTKQITQSALLAE
ARSDYSEAAKQYDEALNKQDWVDGEPTEAEKDFWELASLDCYNHLAEWKSLEYCSTASIDSENPPDLNKIWSEPFYQETY
LPYMIRSKLKLLLQGEADQSLLTFIDKAMHGELQKAILELHYSQELSLLYLLQDDVDRAKYYIQNGIQSFMQNYSSIDVL
LHQSRLTKLQSVQALTEIQEFISFISKQGNLSSQVPLKRLLNTWTNRYPDAKMDPMNIWDDIITNRCFFLSKIEEKLTPL
PEDNSMNVDQDGDPSDRMEVQEQEEDISSLIRSCKFSMKMKMIDSARKQNNFSLAMKLLKELHKESKTRDDWLVSWVQSY
CRLSHCRSRSQGCSEQVLTVLKTVSLLDENNVSSYLSKNILAFRDQNILLGTTYRIIANALSSEPACLAEIEEDKARRIL
ELSGSSSEDSEKVIAGLYQRAFQHLSEAVQAAEEEAQPPSWSCGPAAGVIDAYMTLADFCDQQLRKEEENASVIDSAELQ
AYPALVVEKMLKALKLNSNEARLKFPRLLQIIERYPEETLSLMTKEISSVPCWQFISWISHMVALLDKDQAVAVQHSVEE
ITDNYPQAIVYPFIISSESYSFKDTSTGHKNKEFVARIKSKLDQGGVIQDFINALDQLSNPELLFKDWSNDVRAELAKTP
VNKKNIEKMYERMYAALGDPKAPGLGAFRRKFIQTFGKEFDKHFGKGGSKLLRMKLSDFNDITNMLLLKMNKDSKPPGNL
KECSPWMSDFKVEFLRNELEIPGQYDGRGKPLPEYHVRIAGFDERVTVMASLRRPKRIIIRGHDEREHPFLVKGGEDLRQ
DQRVEQLFQVMNGILAQDSACSQRALQLRTYSVVPMTSRLGLIEWLENTVTLKDLLLNTMSQEEKAAYLSDPRAPPCEYK
DWLTKMSGKHDVGAYMLMYKGANRTETVTSFRKRESKVPADLLKRAFVRMSTSPEAFLALRSHFASSHALICISHWILGI
GDRHLNNFMVAMETGGVIGIDFGHAFGSATQFLPVPELMPFRLTRQFINLMLPMKETGLMYSIMVHALRAFRSDPGLLTN
TMDVFVKEPSFDWKNFEQKMLKKGGSWIQEINVAEKNWYPRQKICYAKRKLAGANPAVITCDELLLGHEKAPAFRDYVAV
ARGSKDHNIRAQEPESGLSEETQVKCLMDQATDPNILGRTWEGWEPWM(UNK)(UNK)(UNK)(UNK)(UNK)(UNK)
(UNK)(UNK)(UNK)(UNK)(UNK)(UNK)(UNK)(UNK)(UNK)(UNK)(UNK)(UNK)(UNK)(UNK)(UNK)(UNK)
(UNK)(UNK)(UNK)(UNK)(UNK)(UNK)
;
A
2 'polypeptide(L)'
;MSGWESYYKTEGDEEAEEEQEENLEASGDYKYSGRDSLIFLVDASKAMFESQSEDELTPFDMSIQCIQSVYISKIISSDR
DLLAVVFYGTEKDKNSVNFKNIYVLQELDNPGAKRILELDQFKGQQGQKRFQDMMGHGSDYSLSEVLWVCANLFSDVQFK
MSHKRIMLFTNEDNPHGNDSAKASRARTKAGDLRDTGIFLDLMHLKKPGGFDISLFYRDIISIAEDEDLRVHFEESSKLE
DLLRKVRAKETRKRALSRLKLKLNKDIVISVGIYNLVQKALKPPPIKLYRETNEPVKTKTRTFNTSTGGLLLPSDTKRSQ
IYGSRQIILEKEETEELKRFDDPGLMLMGFKPLVLLKKHHYLRPSLFVYPEESLVIGSSTLFSALLIKCLEKEVAALCRY
TPRRNIPPYFVALVPQEEELDDQKIQVTPPGFQLVFLPFADDKRKMPFTEKIMATPEQVGKMKAIVEKLRFTYRSDSFEN
PVLQQHFRNLEALALDLMEPEQAVDLTLPKVEAMNKRLGSLVDEFKELVYPPDYNPEGKVTKRKHDNEGSGSKRPKVEYS
EEELKTHISKGTLGKFTVPMLKEACRAYGLKSGLKKQELLEALTKHFQD
;
B
3 'polypeptide(L)'
;MVRSGNKAAVVLCMDVGFTMSNSIPGIESPFEQAKKVITMFVQRQVFAENKDEIALVLFGTDGTDNPLSGGDQYQNITVH
RHLMLPDFDLLEDIESKIQPGSQQADFLDALIVSMDVIQHETIGKKFEKRHIEIFTDLSSRFSKSQLDIIIHSLKKCDIS
LQFFLPFSLGKEDGSGDRGDGPFRLGGHGPSFPLKGITEQQKEGLEIVKMVMISLEGEDGLDEIYSFSESLRKLCVFKKI
ERHSIHWPCRLTIGSNLSIRIAAYKSILQERVKKTWTVVDAKTLKKEDIQKETVYCLNDDDETEVLKEDIIQGFRYGSDI
VPFSKVDEEQMKYKSEGKCFSVLGFCKSSQVQRRFFMGNQVLKVFAARDDEAAAVALSSLIHALDDLDMVAIVRYAYDKR
ANPQVGVAFPHIKHNYECLVYVQLPFMEDLRQYMFSSLKNSKKYAPTEAQLNAVDALIDSMSLAKKDEKTDTLEDLFPTT
KIPNPRFQRLFQCLLHRALHPREPLPPIQQHIWNMLNPPAEVTTKSQIPLSKIKTLFPLIEAKKKDQVTAQEIFQDNHED
GPTAKKLKTEQGGAHFSVSSLAEGSVTSVGSVNPAENFRVLVKQKKASFEEASNQLINHIEQFLDTNETPYFMKSIDCIR
AFREEAIKFSEEQRFNNFLKALQEKVEIKQLNHFWEIVVQDGITLITKEEASGSSVTAEEAKKFLAPKDKPSGDTAAVFE
EGGDVDDLLDMI
;
C
4 'polydeoxyribonucleotide'
;(DT)(DA)(DA)(DT)(DA)(DA)(DA)(DC)(DT)(DA)(DA)(DA)(DA)(DA)(DC)(DT)(DA)(DT)(DT)(DA)
(DT)(DT)(DA)(DT)(DG)
;
D
5 'polydeoxyribonucleotide'
;(DT)(DA)(DA)(DT)(DA)(DA)(DT)(DA)(DG)(DT)(DT)(DT)(DT)(DT)(DA)(DG)(DT)(DT)(DT)(DA)
(DT)(DT)(DA)(DG)
;
E
#
loop_
_chem_comp.id
_chem_comp.type
_chem_comp.name
_chem_comp.formula
DA DNA linking 2'-DEOXYADENOSINE-5'-MONOPHOSPHATE 'C10 H14 N5 O6 P'
DC DNA linking 2'-DEOXYCYTIDINE-5'-MONOPHOSPHATE 'C9 H14 N3 O7 P'
DG DNA linking 2'-DEOXYGUANOSINE-5'-MONOPHOSPHATE 'C10 H14 N5 O7 P'
DT DNA linking THYMIDINE-5'-MONOPHOSPHATE 'C10 H15 N2 O8 P'
#
# COMPACT_ATOMS: atom_id res chain seq x y z
N CYS A 10 -12.13 -8.07 7.70
CA CYS A 10 -12.90 -8.15 8.94
C CYS A 10 -14.37 -8.43 8.63
N SER A 11 -15.07 -7.39 8.16
CA SER A 11 -16.47 -7.58 7.77
C SER A 11 -16.61 -8.62 6.67
N LEU A 12 -15.62 -8.69 5.78
CA LEU A 12 -15.65 -9.72 4.75
C LEU A 12 -15.52 -11.11 5.37
N LEU A 13 -14.75 -11.23 6.46
CA LEU A 13 -14.71 -12.51 7.17
C LEU A 13 -16.09 -12.88 7.69
N ARG A 14 -16.83 -11.90 8.21
CA ARG A 14 -18.19 -12.15 8.67
C ARG A 14 -19.10 -12.56 7.53
N LEU A 15 -18.95 -11.90 6.37
CA LEU A 15 -19.74 -12.30 5.21
C LEU A 15 -19.41 -13.72 4.78
N GLN A 16 -18.14 -14.08 4.84
CA GLN A 16 -17.73 -15.45 4.55
C GLN A 16 -18.38 -16.44 5.50
N GLU A 17 -18.38 -16.12 6.80
CA GLU A 17 -18.98 -17.01 7.77
C GLU A 17 -20.48 -17.13 7.55
N THR A 18 -21.14 -16.01 7.26
CA THR A 18 -22.57 -16.04 6.99
C THR A 18 -22.87 -16.90 5.78
N LEU A 19 -22.06 -16.78 4.73
CA LEU A 19 -22.27 -17.59 3.53
C LEU A 19 -22.01 -19.06 3.82
N SER A 20 -20.95 -19.36 4.56
CA SER A 20 -20.62 -20.74 4.90
C SER A 20 -21.62 -21.36 5.86
N ALA A 21 -22.44 -20.53 6.52
CA ALA A 21 -23.52 -21.06 7.33
C ALA A 21 -24.79 -21.23 6.52
N ALA A 22 -25.15 -20.20 5.74
CA ALA A 22 -26.36 -20.24 4.92
C ALA A 22 -26.23 -21.16 3.72
N ASP A 23 -25.04 -21.70 3.48
CA ASP A 23 -24.88 -22.67 2.41
C ASP A 23 -25.80 -23.87 2.58
N ARG A 24 -26.21 -24.17 3.81
CA ARG A 24 -27.07 -25.31 4.07
C ARG A 24 -28.54 -25.00 3.81
N CYS A 25 -28.88 -23.75 3.49
CA CYS A 25 -30.27 -23.40 3.19
C CYS A 25 -30.57 -23.85 1.77
N GLY A 26 -31.12 -25.07 1.66
CA GLY A 26 -31.47 -25.62 0.37
C GLY A 26 -30.28 -26.22 -0.36
N ALA A 27 -30.56 -26.74 -1.54
CA ALA A 27 -29.55 -27.38 -2.37
C ALA A 27 -29.40 -26.77 -3.75
N ALA A 28 -30.35 -25.95 -4.20
CA ALA A 28 -30.25 -25.27 -5.48
C ALA A 28 -30.06 -23.77 -5.30
N LEU A 29 -30.99 -23.11 -4.59
CA LEU A 29 -30.83 -21.69 -4.31
C LEU A 29 -29.57 -21.44 -3.50
N ALA A 30 -29.17 -22.40 -2.66
CA ALA A 30 -27.94 -22.25 -1.89
C ALA A 30 -26.76 -22.02 -2.81
N GLY A 31 -26.65 -22.82 -3.88
CA GLY A 31 -25.56 -22.63 -4.80
C GLY A 31 -25.56 -21.24 -5.43
N HIS A 32 -26.75 -20.76 -5.82
CA HIS A 32 -26.83 -19.45 -6.45
C HIS A 32 -26.37 -18.34 -5.51
N GLN A 33 -26.94 -18.32 -4.29
CA GLN A 33 -26.55 -17.27 -3.36
C GLN A 33 -25.08 -17.39 -2.99
N LEU A 34 -24.58 -18.62 -2.85
CA LEU A 34 -23.18 -18.81 -2.49
C LEU A 34 -22.25 -18.28 -3.57
N ILE A 35 -22.55 -18.61 -4.84
CA ILE A 35 -21.66 -18.17 -5.91
C ILE A 35 -21.73 -16.66 -6.06
N ARG A 36 -22.91 -16.08 -5.86
CA ARG A 36 -23.00 -14.63 -5.90
C ARG A 36 -22.14 -14.01 -4.81
N GLY A 37 -22.26 -14.54 -3.58
CA GLY A 37 -21.51 -13.98 -2.47
C GLY A 37 -20.02 -14.12 -2.66
N LEU A 38 -19.56 -15.28 -3.12
CA LEU A 38 -18.13 -15.46 -3.30
C LEU A 38 -17.62 -14.62 -4.46
N GLY A 39 -18.41 -14.49 -5.53
CA GLY A 39 -17.97 -13.63 -6.62
C GLY A 39 -17.79 -12.20 -6.18
N GLN A 40 -18.77 -11.65 -5.46
CA GLN A 40 -18.64 -10.28 -4.99
C GLN A 40 -17.50 -10.14 -3.99
N GLU A 41 -17.36 -11.11 -3.07
CA GLU A 41 -16.30 -11.04 -2.07
C GLU A 41 -14.93 -11.07 -2.72
N CYS A 42 -14.73 -11.99 -3.67
CA CYS A 42 -13.45 -12.12 -4.33
C CYS A 42 -13.13 -10.89 -5.16
N VAL A 43 -14.14 -10.33 -5.85
CA VAL A 43 -13.89 -9.09 -6.59
C VAL A 43 -13.48 -7.98 -5.62
N LEU A 44 -14.16 -7.88 -4.49
CA LEU A 44 -13.82 -6.83 -3.52
C LEU A 44 -12.51 -7.14 -2.81
N SER A 45 -12.32 -8.38 -2.38
CA SER A 45 -11.14 -8.72 -1.59
C SER A 45 -9.86 -8.70 -2.41
N SER A 46 -9.92 -8.33 -3.68
CA SER A 46 -8.71 -8.14 -4.47
C SER A 46 -7.84 -7.10 -3.79
N SER A 47 -6.68 -7.52 -3.31
CA SER A 47 -5.86 -6.65 -2.48
C SER A 47 -5.36 -5.47 -3.30
N PRO A 48 -5.73 -4.24 -2.96
CA PRO A 48 -5.28 -3.09 -3.76
C PRO A 48 -3.99 -2.45 -3.28
N ALA A 49 -3.63 -2.66 -2.02
CA ALA A 49 -2.45 -2.02 -1.43
C ALA A 49 -2.13 -2.73 -0.12
N VAL A 50 -1.20 -2.14 0.64
CA VAL A 50 -0.78 -2.68 1.93
C VAL A 50 -1.92 -2.44 2.91
N LEU A 51 -1.83 -3.07 4.10
CA LEU A 51 -2.85 -3.05 5.15
C LEU A 51 -4.04 -3.91 4.76
N ALA A 52 -4.06 -4.37 3.50
CA ALA A 52 -4.98 -5.40 3.07
C ALA A 52 -4.39 -6.78 3.21
N LEU A 53 -3.08 -6.89 3.40
CA LEU A 53 -2.44 -8.19 3.46
C LEU A 53 -2.82 -8.96 4.72
N GLN A 54 -2.78 -8.30 5.88
CA GLN A 54 -3.11 -9.01 7.12
C GLN A 54 -4.59 -9.35 7.17
N THR A 55 -5.45 -8.42 6.75
CA THR A 55 -6.88 -8.69 6.72
C THR A 55 -7.18 -9.83 5.76
N SER A 56 -6.57 -9.81 4.59
CA SER A 56 -6.78 -10.88 3.63
C SER A 56 -6.24 -12.21 4.14
N LEU A 57 -5.14 -12.18 4.90
CA LEU A 57 -4.58 -13.40 5.43
C LEU A 57 -5.50 -14.02 6.47
N VAL A 58 -5.97 -13.22 7.43
CA VAL A 58 -6.90 -13.74 8.41
C VAL A 58 -8.20 -14.14 7.76
N PHE A 59 -8.56 -13.48 6.66
CA PHE A 59 -9.72 -13.87 5.87
C PHE A 59 -9.52 -15.26 5.29
N SER A 60 -8.37 -15.48 4.64
CA SER A 60 -8.07 -16.78 4.07
C SER A 60 -7.95 -17.86 5.13
N ARG A 61 -7.65 -17.48 6.37
CA ARG A 61 -7.57 -18.47 7.43
C ARG A 61 -8.90 -19.19 7.63
N ASP A 62 -10.01 -18.43 7.65
CA ASP A 62 -11.34 -19.02 7.71
C ASP A 62 -11.94 -19.24 6.33
N PHE A 63 -11.21 -18.89 5.28
CA PHE A 63 -11.66 -19.16 3.92
C PHE A 63 -11.18 -20.51 3.38
N GLY A 64 -10.02 -20.98 3.83
CA GLY A 64 -9.45 -22.17 3.25
C GLY A 64 -10.32 -23.40 3.44
N LEU A 65 -11.01 -23.49 4.57
CA LEU A 65 -11.86 -24.63 4.86
C LEU A 65 -13.21 -24.53 4.18
N LEU A 66 -13.33 -23.71 3.14
CA LEU A 66 -14.57 -23.67 2.39
C LEU A 66 -14.63 -24.85 1.45
N VAL A 67 -14.31 -26.02 2.01
CA VAL A 67 -14.54 -27.30 1.35
C VAL A 67 -15.33 -28.25 2.22
N PHE A 68 -15.36 -28.02 3.52
CA PHE A 68 -16.02 -28.92 4.45
C PHE A 68 -17.30 -28.33 5.01
N VAL A 69 -17.50 -27.01 4.88
CA VAL A 69 -18.77 -26.39 5.26
C VAL A 69 -19.89 -26.90 4.40
N ARG A 70 -19.57 -27.43 3.22
CA ARG A 70 -20.53 -28.08 2.35
C ARG A 70 -19.84 -29.32 1.81
N LYS A 71 -20.63 -30.19 1.17
CA LYS A 71 -20.08 -31.46 0.72
C LYS A 71 -18.96 -31.24 -0.29
N SER A 72 -17.73 -31.55 0.13
CA SER A 72 -16.57 -31.40 -0.72
C SER A 72 -16.61 -32.33 -1.92
N LEU A 73 -17.50 -33.30 -1.92
CA LEU A 73 -17.65 -34.19 -3.07
C LEU A 73 -17.93 -33.38 -4.33
N ASN A 74 -17.41 -33.87 -5.45
CA ASN A 74 -17.59 -33.17 -6.71
C ASN A 74 -19.06 -33.05 -7.07
N SER A 75 -19.59 -31.83 -6.98
CA SER A 75 -21.00 -31.56 -7.19
C SER A 75 -21.14 -30.21 -7.86
N ILE A 76 -22.08 -30.12 -8.81
CA ILE A 76 -22.22 -28.91 -9.60
C ILE A 76 -22.63 -27.74 -8.72
N GLU A 77 -23.51 -27.97 -7.76
CA GLU A 77 -24.03 -26.89 -6.92
C GLU A 77 -22.92 -26.15 -6.20
N PHE A 78 -21.78 -26.81 -5.98
CA PHE A 78 -20.61 -26.14 -5.46
C PHE A 78 -19.42 -26.23 -6.40
N ARG A 79 -19.61 -26.83 -7.58
CA ARG A 79 -18.53 -26.88 -8.57
C ARG A 79 -18.05 -25.48 -8.90
N GLU A 80 -18.98 -24.59 -9.26
CA GLU A 80 -18.62 -23.24 -9.59
C GLU A 80 -18.05 -22.51 -8.39
N CYS A 81 -18.55 -22.80 -7.19
CA CYS A 81 -17.94 -22.23 -5.99
C CYS A 81 -16.47 -22.59 -5.91
N ARG A 82 -16.17 -23.88 -6.01
CA ARG A 82 -14.80 -24.34 -5.90
C ARG A 82 -13.93 -23.75 -7.01
N GLU A 83 -14.43 -23.74 -8.24
CA GLU A 83 -13.61 -23.26 -9.34
C GLU A 83 -13.34 -21.78 -9.20
N GLU A 84 -14.33 -21.00 -8.79
CA GLU A 84 -14.13 -19.56 -8.67
C GLU A 84 -13.20 -19.24 -7.52
N ILE A 85 -13.35 -19.94 -6.40
CA ILE A 85 -12.46 -19.66 -5.27
C ILE A 85 -11.04 -20.09 -5.60
N LEU A 86 -10.88 -21.20 -6.31
CA LEU A 86 -9.56 -21.61 -6.77
C LEU A 86 -8.98 -20.58 -7.72
N LYS A 87 -9.82 -20.03 -8.59
CA LYS A 87 -9.39 -18.97 -9.50
C LYS A 87 -8.89 -17.77 -8.72
N PHE A 88 -9.64 -17.36 -7.69
CA PHE A 88 -9.19 -16.24 -6.88
C PHE A 88 -7.89 -16.55 -6.17
N LEU A 89 -7.76 -17.77 -5.65
CA LEU A 89 -6.54 -18.13 -4.94
C LEU A 89 -5.34 -18.13 -5.86
N CYS A 90 -5.50 -18.69 -7.06
CA CYS A 90 -4.43 -18.67 -8.04
C CYS A 90 -4.16 -17.27 -8.57
N ILE A 91 -5.05 -16.32 -8.31
CA ILE A 91 -4.66 -14.93 -8.49
C ILE A 91 -3.60 -14.55 -7.46
N PHE A 92 -3.71 -15.08 -6.24
CA PHE A 92 -2.85 -14.64 -5.15
C PHE A 92 -1.44 -15.20 -5.40
N LEU A 93 -0.75 -14.59 -6.36
CA LEU A 93 0.68 -14.82 -6.49
C LEU A 93 1.44 -13.94 -5.53
N GLU A 94 1.10 -12.66 -5.49
CA GLU A 94 1.86 -11.69 -4.71
C GLU A 94 1.87 -12.11 -3.25
N LYS A 95 3.06 -12.06 -2.67
CA LYS A 95 3.24 -12.34 -1.24
C LYS A 95 4.40 -11.44 -0.81
N MET A 96 4.06 -10.21 -0.39
CA MET A 96 5.06 -9.31 0.12
C MET A 96 5.31 -9.51 1.61
N GLY A 97 4.50 -10.35 2.24
CA GLY A 97 4.79 -10.85 3.57
C GLY A 97 5.73 -12.03 3.48
N GLN A 98 5.77 -12.81 4.55
CA GLN A 98 6.71 -13.91 4.62
C GLN A 98 5.99 -15.20 4.99
N LYS A 99 4.91 -15.07 5.76
CA LYS A 99 4.26 -16.22 6.39
C LYS A 99 3.09 -16.67 5.53
N ILE A 100 3.30 -17.76 4.80
CA ILE A 100 2.23 -18.50 4.16
C ILE A 100 2.29 -19.98 4.48
N ALA A 101 3.29 -20.41 5.24
CA ALA A 101 3.53 -21.83 5.47
C ALA A 101 2.35 -22.55 6.12
N PRO A 102 1.76 -22.07 7.21
CA PRO A 102 0.55 -22.75 7.71
C PRO A 102 -0.57 -22.70 6.70
N TYR A 103 -0.75 -21.55 6.05
CA TYR A 103 -1.73 -21.44 4.98
C TYR A 103 -1.37 -22.37 3.84
N SER A 104 -0.08 -22.44 3.49
CA SER A 104 0.33 -23.33 2.41
C SER A 104 -0.03 -24.77 2.73
N VAL A 105 0.26 -25.21 3.96
CA VAL A 105 0.00 -26.59 4.34
C VAL A 105 -1.48 -26.88 4.34
N GLU A 106 -2.27 -26.01 4.96
CA GLU A 106 -3.71 -26.27 5.04
C GLU A 106 -4.32 -26.26 3.65
N ILE A 107 -3.88 -25.34 2.79
CA ILE A 107 -4.41 -25.28 1.44
C ILE A 107 -4.00 -26.52 0.67
N LYS A 108 -2.77 -27.00 0.86
CA LYS A 108 -2.35 -28.23 0.20
C LYS A 108 -3.25 -29.38 0.62
N ASN A 109 -3.53 -29.48 1.91
CA ASN A 109 -4.37 -30.56 2.39
C ASN A 109 -5.76 -30.47 1.79
N THR A 110 -6.34 -29.27 1.81
CA THR A 110 -7.69 -29.08 1.29
C THR A 110 -7.74 -29.38 -0.19
N CYS A 111 -6.76 -28.91 -0.96
CA CYS A 111 -6.81 -29.09 -2.39
C CYS A 111 -6.56 -30.53 -2.79
N THR A 112 -5.71 -31.23 -2.02
CA THR A 112 -5.58 -32.67 -2.23
C THR A 112 -6.88 -33.38 -1.91
N SER A 113 -7.58 -32.93 -0.87
CA SER A 113 -8.88 -33.51 -0.55
C SER A 113 -9.87 -33.28 -1.68
N VAL A 114 -9.80 -32.12 -2.33
CA VAL A 114 -10.58 -31.90 -3.54
C VAL A 114 -10.14 -32.88 -4.61
N TYR A 115 -8.84 -33.04 -4.76
CA TYR A 115 -8.30 -34.06 -5.65
C TYR A 115 -8.48 -35.45 -5.09
N THR A 116 -8.90 -35.59 -3.83
CA THR A 116 -9.24 -36.92 -3.34
C THR A 116 -10.38 -37.54 -4.13
N LYS A 117 -11.04 -36.76 -4.99
CA LYS A 117 -11.85 -37.35 -6.04
C LYS A 117 -11.00 -38.13 -7.02
N ASP A 118 -9.69 -37.89 -7.04
CA ASP A 118 -8.68 -38.45 -7.92
C ASP A 118 -8.84 -37.98 -9.36
N ARG A 119 -9.93 -37.28 -9.68
CA ARG A 119 -10.07 -36.60 -10.95
C ARG A 119 -10.05 -35.09 -10.77
N ALA A 120 -9.78 -34.62 -9.56
CA ALA A 120 -9.83 -33.19 -9.22
C ALA A 120 -11.21 -32.63 -9.57
N ALA A 121 -12.22 -33.16 -8.88
CA ALA A 121 -13.62 -32.79 -9.05
C ALA A 121 -14.11 -33.09 -10.47
N LYS A 122 -14.14 -34.40 -10.77
CA LYS A 122 -14.83 -34.95 -11.94
C LYS A 122 -14.50 -34.20 -13.22
N CYS A 123 -13.20 -34.07 -13.48
CA CYS A 123 -12.66 -33.76 -14.81
C CYS A 123 -13.36 -32.58 -15.48
N LYS A 124 -13.09 -31.40 -14.95
CA LYS A 124 -13.49 -30.17 -15.64
C LYS A 124 -12.60 -29.03 -15.12
N ILE A 125 -13.03 -27.79 -15.35
CA ILE A 125 -12.19 -26.64 -15.06
C ILE A 125 -11.72 -26.61 -13.62
N PRO A 126 -12.49 -27.15 -12.69
CA PRO A 126 -12.03 -27.22 -11.31
C PRO A 126 -10.78 -28.08 -11.21
N ALA A 127 -10.68 -29.11 -12.04
CA ALA A 127 -9.46 -29.91 -12.06
C ALA A 127 -8.25 -29.06 -12.41
N LEU A 128 -8.38 -28.26 -13.46
CA LEU A 128 -7.27 -27.41 -13.88
C LEU A 128 -6.93 -26.39 -12.81
N ASP A 129 -7.95 -25.76 -12.21
CA ASP A 129 -7.68 -24.78 -11.17
C ASP A 129 -6.99 -25.44 -9.99
N LEU A 130 -7.43 -26.65 -9.63
CA LEU A 130 -6.85 -27.34 -8.50
C LEU A 130 -5.38 -27.66 -8.75
N LEU A 131 -5.08 -28.17 -9.94
CA LEU A 131 -3.70 -28.56 -10.22
C LEU A 131 -2.81 -27.33 -10.36
N ILE A 132 -3.33 -26.22 -10.90
CA ILE A 132 -2.46 -25.05 -10.98
C ILE A 132 -2.23 -24.46 -9.60
N LYS A 133 -3.21 -24.56 -8.70
CA LYS A 133 -2.94 -24.20 -7.32
C LYS A 133 -1.83 -25.05 -6.74
N LEU A 134 -1.89 -26.37 -6.99
CA LEU A 134 -0.80 -27.25 -6.60
C LEU A 134 0.53 -26.74 -7.13
N LEU A 135 0.56 -26.44 -8.43
CA LEU A 135 1.81 -26.04 -9.08
C LEU A 135 2.37 -24.79 -8.46
N GLN A 136 1.52 -23.79 -8.24
CA GLN A 136 2.01 -22.55 -7.65
C GLN A 136 2.51 -22.77 -6.24
N THR A 137 1.79 -23.58 -5.46
CA THR A 137 2.27 -23.91 -4.12
C THR A 137 3.65 -24.54 -4.20
N PHE A 138 3.88 -25.36 -5.23
CA PHE A 138 5.22 -25.90 -5.43
C PHE A 138 6.20 -24.79 -5.74
N ARG A 139 5.75 -23.78 -6.48
CA ARG A 139 6.62 -22.67 -6.79
C ARG A 139 6.90 -21.82 -5.56
N SER A 140 5.84 -21.24 -4.99
CA SER A 140 6.01 -20.33 -3.87
C SER A 140 6.44 -21.08 -2.62
N SER A 141 7.45 -20.56 -1.94
CA SER A 141 7.92 -21.08 -0.66
C SER A 141 8.21 -22.57 -0.76
N ARG A 142 9.13 -22.90 -1.65
CA ARG A 142 9.54 -24.28 -1.87
C ARG A 142 10.75 -24.67 -1.02
N LEU A 143 10.90 -24.08 0.16
CA LEU A 143 12.10 -24.26 0.96
C LEU A 143 11.84 -24.89 2.32
N MET A 144 10.69 -24.63 2.94
CA MET A 144 10.35 -25.27 4.20
C MET A 144 9.49 -26.50 4.03
N ASP A 145 8.65 -26.54 3.00
CA ASP A 145 7.82 -27.70 2.71
C ASP A 145 8.50 -28.53 1.63
N GLU A 146 9.17 -29.60 2.06
CA GLU A 146 9.85 -30.52 1.15
C GLU A 146 9.43 -31.96 1.40
N PHE A 147 8.33 -32.16 2.11
CA PHE A 147 8.00 -33.47 2.66
C PHE A 147 6.61 -33.93 2.24
N LYS A 148 5.71 -32.98 2.00
CA LYS A 148 4.35 -33.35 1.62
C LYS A 148 4.33 -34.12 0.32
N ILE A 149 5.06 -33.65 -0.68
CA ILE A 149 5.09 -34.36 -1.95
C ILE A 149 5.78 -35.71 -1.79
N GLY A 150 6.67 -35.83 -0.82
CA GLY A 150 7.47 -37.02 -0.64
C GLY A 150 6.66 -38.27 -0.34
N GLU A 151 5.34 -38.15 -0.28
CA GLU A 151 4.51 -39.35 -0.23
C GLU A 151 3.37 -39.25 -1.24
N LEU A 152 2.88 -38.04 -1.48
CA LEU A 152 1.76 -37.84 -2.39
C LEU A 152 2.15 -38.00 -3.85
N PHE A 153 3.46 -38.04 -4.13
CA PHE A 153 3.92 -38.31 -5.47
C PHE A 153 3.31 -39.61 -5.98
N SER A 154 3.20 -40.61 -5.11
CA SER A 154 2.71 -41.91 -5.53
C SER A 154 1.24 -41.82 -5.90
N LYS A 155 0.46 -41.09 -5.11
CA LYS A 155 -0.95 -40.94 -5.44
C LYS A 155 -1.12 -40.23 -6.77
N PHE A 156 -0.34 -39.17 -6.98
CA PHE A 156 -0.41 -38.47 -8.27
C PHE A 156 0.02 -39.40 -9.39
N TYR A 157 1.09 -40.16 -9.14
CA TYR A 157 1.62 -41.08 -10.13
C TYR A 157 0.61 -42.14 -10.49
N GLY A 158 -0.23 -42.55 -9.54
CA GLY A 158 -1.23 -43.54 -9.83
C GLY A 158 -2.18 -43.09 -10.93
N GLU A 159 -2.59 -41.82 -10.88
CA GLU A 159 -3.59 -41.30 -11.80
C GLU A 159 -3.16 -41.52 -13.23
N LEU A 160 -2.08 -40.87 -13.65
CA LEU A 160 -1.58 -41.11 -15.01
C LEU A 160 -1.12 -42.53 -15.19
N ALA A 161 -0.63 -43.16 -14.11
CA ALA A 161 -0.21 -44.54 -14.19
C ALA A 161 -1.39 -45.43 -14.51
N LEU A 162 -2.54 -45.19 -13.88
CA LEU A 162 -3.72 -45.98 -14.19
C LEU A 162 -4.16 -45.76 -15.62
N LYS A 163 -4.76 -46.81 -16.18
CA LYS A 163 -5.47 -46.69 -17.44
C LYS A 163 -6.80 -46.00 -17.14
N LYS A 164 -7.70 -46.00 -18.13
CA LYS A 164 -8.92 -45.21 -18.05
C LYS A 164 -8.55 -43.75 -17.81
N LYS A 165 -7.73 -43.21 -18.73
CA LYS A 165 -7.48 -41.79 -18.71
C LYS A 165 -8.66 -41.17 -19.45
N ILE A 166 -9.77 -41.06 -18.73
CA ILE A 166 -10.95 -40.44 -19.30
C ILE A 166 -10.71 -38.98 -19.71
N PRO A 167 -10.09 -38.12 -18.88
CA PRO A 167 -10.25 -36.68 -19.10
C PRO A 167 -9.62 -36.19 -20.40
N ASP A 168 -10.47 -35.90 -21.39
CA ASP A 168 -9.98 -35.27 -22.63
C ASP A 168 -9.40 -33.91 -22.34
N THR A 169 -9.87 -33.24 -21.30
CA THR A 169 -9.28 -31.98 -20.88
C THR A 169 -7.79 -32.15 -20.66
N VAL A 170 -7.07 -31.03 -20.76
CA VAL A 170 -5.62 -31.06 -20.62
C VAL A 170 -5.35 -30.93 -19.13
N LEU A 171 -5.50 -32.04 -18.43
CA LEU A 171 -5.11 -32.14 -17.04
C LEU A 171 -3.72 -32.72 -16.91
N GLU A 172 -3.07 -33.01 -18.04
CA GLU A 172 -1.78 -33.67 -18.01
C GLU A 172 -0.67 -32.74 -17.59
N LYS A 173 -1.02 -31.53 -17.18
CA LYS A 173 -0.09 -30.68 -16.46
C LYS A 173 0.41 -31.39 -15.23
N VAL A 174 -0.36 -32.33 -14.69
CA VAL A 174 0.10 -33.19 -13.60
C VAL A 174 1.49 -33.71 -13.89
N TYR A 175 1.83 -33.86 -15.17
CA TYR A 175 3.15 -34.38 -15.51
C TYR A 175 4.24 -33.51 -14.93
N GLU A 176 4.19 -32.20 -15.19
CA GLU A 176 5.18 -31.32 -14.59
C GLU A 176 5.03 -31.26 -13.08
N LEU A 177 3.84 -31.57 -12.58
CA LEU A 177 3.69 -31.71 -11.13
C LEU A 177 4.56 -32.83 -10.61
N LEU A 178 4.82 -33.84 -11.44
CA LEU A 178 5.74 -34.90 -11.07
C LEU A 178 7.15 -34.35 -10.88
N GLY A 179 7.66 -33.64 -11.88
CA GLY A 179 9.03 -33.17 -11.82
C GLY A 179 9.10 -31.75 -11.33
N LEU A 180 9.60 -31.56 -10.12
CA LEU A 180 9.61 -30.24 -9.50
C LEU A 180 11.01 -29.91 -9.00
N LEU A 181 11.20 -28.63 -8.70
CA LEU A 181 12.44 -28.14 -8.15
C LEU A 181 12.17 -27.54 -6.78
N GLY A 182 13.19 -27.56 -5.93
CA GLY A 182 12.98 -27.27 -4.53
C GLY A 182 12.45 -28.45 -3.75
N GLU A 183 12.12 -29.54 -4.43
CA GLU A 183 11.76 -30.76 -3.74
C GLU A 183 12.97 -31.34 -3.03
N VAL A 184 12.70 -32.19 -2.05
CA VAL A 184 13.78 -32.90 -1.37
C VAL A 184 14.57 -33.76 -2.34
N HIS A 185 14.04 -34.01 -3.53
CA HIS A 185 14.68 -34.85 -4.53
C HIS A 185 15.05 -36.20 -3.91
N PRO A 186 14.08 -36.95 -3.45
CA PRO A 186 14.36 -38.08 -2.57
C PRO A 186 14.60 -39.37 -3.34
N SER A 187 14.91 -40.43 -2.60
CA SER A 187 15.18 -41.71 -3.23
C SER A 187 13.96 -42.32 -3.87
N GLU A 188 12.75 -41.98 -3.41
CA GLU A 188 11.57 -42.50 -4.07
C GLU A 188 11.46 -41.99 -5.48
N MET A 189 12.17 -40.93 -5.82
CA MET A 189 12.34 -40.52 -7.20
C MET A 189 13.61 -41.11 -7.81
N ILE A 190 14.66 -41.28 -7.01
CA ILE A 190 15.93 -41.76 -7.54
C ILE A 190 15.79 -43.19 -8.04
N ASN A 191 15.17 -44.05 -7.24
CA ASN A 191 14.87 -45.41 -7.68
C ASN A 191 13.86 -45.42 -8.81
N ASN A 192 12.89 -44.51 -8.78
CA ASN A 192 11.91 -44.40 -9.84
C ASN A 192 12.42 -43.59 -11.02
N ALA A 193 13.53 -42.87 -10.86
CA ALA A 193 14.07 -42.10 -11.97
C ALA A 193 14.16 -42.95 -13.22
N GLU A 194 14.70 -44.17 -13.09
CA GLU A 194 14.72 -45.07 -14.23
C GLU A 194 13.32 -45.30 -14.77
N ASN A 195 12.37 -45.68 -13.90
CA ASN A 195 11.04 -46.01 -14.39
C ASN A 195 10.29 -44.75 -14.78
N LEU A 196 10.56 -43.65 -14.08
CA LEU A 196 9.88 -42.40 -14.40
C LEU A 196 10.27 -41.92 -15.79
N PHE A 197 11.57 -41.70 -16.01
CA PHE A 197 12.06 -41.32 -17.32
C PHE A 197 11.67 -42.34 -18.38
N ARG A 198 11.64 -43.63 -18.02
CA ARG A 198 11.20 -44.62 -18.98
C ARG A 198 9.74 -44.39 -19.38
N ALA A 199 8.90 -44.06 -18.40
CA ALA A 199 7.52 -43.73 -18.70
C ALA A 199 7.45 -42.57 -19.67
N PHE A 200 8.25 -41.53 -19.41
CA PHE A 200 8.11 -40.35 -20.25
C PHE A 200 8.60 -40.63 -21.65
N LEU A 201 9.73 -41.32 -21.79
CA LEU A 201 10.22 -41.62 -23.12
C LEU A 201 9.25 -42.52 -23.88
N GLY A 202 8.64 -43.49 -23.18
CA GLY A 202 7.69 -44.36 -23.84
C GLY A 202 6.47 -43.60 -24.34
N GLU A 203 5.92 -42.73 -23.50
CA GLU A 203 4.76 -41.95 -23.93
C GLU A 203 5.14 -40.95 -25.02
N LEU A 204 6.37 -40.45 -25.00
CA LEU A 204 6.84 -39.69 -26.15
C LEU A 204 6.82 -40.54 -27.41
N LYS A 205 7.30 -41.78 -27.30
CA LYS A 205 7.26 -42.69 -28.44
C LYS A 205 5.84 -42.81 -28.95
N THR A 206 4.89 -43.02 -28.03
CA THR A 206 3.49 -43.16 -28.41
C THR A 206 2.98 -41.93 -29.12
N GLN A 207 3.33 -40.76 -28.61
CA GLN A 207 2.82 -39.55 -29.21
C GLN A 207 3.52 -39.21 -30.52
N MET A 208 4.72 -39.75 -30.73
CA MET A 208 5.53 -39.43 -31.91
C MET A 208 5.47 -40.53 -32.96
N THR A 209 4.41 -41.31 -32.96
CA THR A 209 4.24 -42.33 -33.99
C THR A 209 3.75 -41.68 -35.28
N SER A 210 3.26 -42.51 -36.20
CA SER A 210 2.67 -42.05 -37.45
C SER A 210 1.51 -41.09 -37.25
N ALA A 211 1.10 -40.83 -36.01
CA ALA A 211 0.03 -39.89 -35.69
C ALA A 211 -1.22 -40.23 -36.50
N VAL A 212 -1.66 -41.47 -36.34
CA VAL A 212 -2.86 -41.98 -37.00
C VAL A 212 -3.98 -42.23 -36.01
N ARG A 213 -3.69 -42.92 -34.90
CA ARG A 213 -4.72 -43.20 -33.91
C ARG A 213 -5.23 -41.90 -33.31
N GLU A 214 -4.34 -41.15 -32.68
CA GLU A 214 -4.62 -39.77 -32.28
C GLU A 214 -3.53 -38.91 -32.90
N PRO A 215 -3.77 -38.31 -34.04
CA PRO A 215 -2.70 -37.59 -34.75
C PRO A 215 -2.11 -36.46 -33.92
N LYS A 216 -2.94 -35.52 -33.52
CA LYS A 216 -2.52 -34.31 -32.85
C LYS A 216 -2.95 -34.38 -31.39
N LEU A 217 -2.00 -34.65 -30.49
CA LEU A 217 -2.21 -34.47 -29.06
C LEU A 217 -1.13 -33.55 -28.51
N PRO A 218 -0.99 -32.35 -29.08
CA PRO A 218 0.15 -31.51 -28.72
C PRO A 218 0.10 -31.02 -27.30
N VAL A 219 -1.08 -30.98 -26.69
CA VAL A 219 -1.20 -30.46 -25.33
C VAL A 219 -0.37 -31.33 -24.37
N LEU A 220 -0.54 -32.65 -24.46
CA LEU A 220 0.22 -33.52 -23.58
C LEU A 220 1.70 -33.47 -23.92
N ALA A 221 2.05 -33.34 -25.21
CA ALA A 221 3.45 -33.26 -25.59
C ALA A 221 4.11 -32.03 -24.98
N GLY A 222 3.43 -30.88 -25.04
CA GLY A 222 3.95 -29.69 -24.41
C GLY A 222 4.08 -29.85 -22.91
N CYS A 223 3.09 -30.49 -22.29
CA CYS A 223 3.20 -30.83 -20.88
C CYS A 223 4.46 -31.64 -20.63
N LEU A 224 4.71 -32.64 -21.46
CA LEU A 224 5.84 -33.53 -21.26
C LEU A 224 7.15 -32.78 -21.35
N LYS A 225 7.27 -31.90 -22.34
CA LYS A 225 8.50 -31.17 -22.51
C LYS A 225 8.72 -30.20 -21.36
N GLY A 226 7.69 -29.41 -21.04
CA GLY A 226 7.79 -28.51 -19.91
C GLY A 226 8.06 -29.22 -18.61
N LEU A 227 7.72 -30.50 -18.55
CA LEU A 227 8.05 -31.33 -17.39
C LEU A 227 9.52 -31.73 -17.40
N SER A 228 9.94 -32.45 -18.45
CA SER A 228 11.30 -32.94 -18.49
C SER A 228 12.29 -31.81 -18.32
N SER A 229 11.92 -30.60 -18.75
CA SER A 229 12.73 -29.44 -18.43
C SER A 229 12.81 -29.20 -16.94
N LEU A 230 11.85 -29.68 -16.17
CA LEU A 230 11.88 -29.50 -14.73
C LEU A 230 12.40 -30.71 -13.99
N LEU A 231 12.49 -31.85 -14.66
CA LEU A 231 12.97 -33.07 -14.02
C LEU A 231 14.31 -33.53 -14.52
N CYS A 232 14.60 -33.40 -15.82
CA CYS A 232 15.82 -33.98 -16.34
C CYS A 232 17.00 -33.15 -15.86
N ASN A 233 17.14 -33.07 -14.54
CA ASN A 233 18.13 -32.23 -13.88
C ASN A 233 19.11 -33.10 -13.12
N PHE A 234 19.43 -34.25 -13.70
CA PHE A 234 20.34 -35.20 -13.11
C PHE A 234 21.21 -35.78 -14.21
N THR A 235 22.15 -36.62 -13.82
CA THR A 235 23.20 -37.07 -14.75
C THR A 235 22.59 -38.00 -15.78
N LYS A 236 22.26 -37.46 -16.94
CA LYS A 236 21.79 -38.24 -18.08
C LYS A 236 22.57 -37.88 -19.33
N SER A 237 23.86 -37.57 -19.18
CA SER A 237 24.69 -37.13 -20.29
C SER A 237 25.51 -38.25 -20.92
N MET A 238 26.41 -38.85 -20.14
CA MET A 238 27.40 -39.79 -20.65
C MET A 238 27.14 -41.21 -20.13
N GLU A 239 25.87 -41.58 -20.06
CA GLU A 239 25.50 -42.85 -19.43
C GLU A 239 25.02 -43.90 -20.41
N GLU A 240 24.38 -43.53 -21.50
CA GLU A 240 23.85 -44.51 -22.44
C GLU A 240 23.61 -43.85 -23.78
N ASP A 241 23.12 -44.64 -24.73
CA ASP A 241 22.60 -44.16 -26.00
C ASP A 241 21.14 -43.71 -25.91
N PRO A 242 20.25 -44.46 -25.23
CA PRO A 242 18.84 -44.02 -25.17
C PRO A 242 18.65 -42.64 -24.56
N GLN A 243 19.56 -42.20 -23.70
CA GLN A 243 19.49 -40.83 -23.21
C GLN A 243 19.59 -39.85 -24.38
N THR A 244 20.49 -40.11 -25.32
CA THR A 244 20.55 -39.35 -26.55
C THR A 244 19.24 -39.43 -27.31
N SER A 245 18.53 -40.54 -27.16
CA SER A 245 17.18 -40.63 -27.72
C SER A 245 16.35 -39.44 -27.28
N ARG A 246 16.36 -39.15 -25.98
CA ARG A 246 15.71 -37.94 -25.48
C ARG A 246 16.07 -36.75 -26.35
N GLU A 247 17.37 -36.55 -26.57
CA GLU A 247 17.82 -35.48 -27.43
C GLU A 247 17.17 -35.55 -28.80
N ILE A 248 17.29 -36.69 -29.47
CA ILE A 248 16.67 -36.80 -30.79
C ILE A 248 15.17 -36.65 -30.64
N PHE A 249 14.63 -37.12 -29.52
CA PHE A 249 13.22 -36.91 -29.25
C PHE A 249 12.89 -35.44 -29.25
N ASN A 250 13.68 -34.64 -28.54
CA ASN A 250 13.50 -33.20 -28.62
C ASN A 250 13.73 -32.72 -30.04
N PHE A 251 14.75 -33.27 -30.70
CA PHE A 251 14.96 -32.93 -32.10
C PHE A 251 13.73 -33.22 -32.94
N VAL A 252 12.92 -34.19 -32.53
CA VAL A 252 11.71 -34.51 -33.27
C VAL A 252 10.83 -33.27 -33.39
N LEU A 253 10.75 -32.47 -32.32
CA LEU A 253 9.77 -31.40 -32.32
C LEU A 253 10.33 -30.09 -32.85
N LYS A 254 11.55 -29.73 -32.46
CA LYS A 254 12.07 -28.44 -32.88
C LYS A 254 12.36 -28.41 -34.37
N ALA A 255 12.70 -29.57 -34.95
CA ALA A 255 13.14 -29.60 -36.34
C ALA A 255 12.06 -29.07 -37.27
N ILE A 256 10.92 -29.75 -37.31
CA ILE A 256 9.80 -29.33 -38.14
C ILE A 256 8.55 -29.35 -37.28
N ARG A 257 7.95 -28.20 -37.10
CA ARG A 257 6.63 -28.28 -36.50
C ARG A 257 5.63 -28.76 -37.56
N PRO A 258 4.61 -29.51 -37.16
CA PRO A 258 3.56 -29.85 -38.11
C PRO A 258 2.93 -28.59 -38.67
N GLN A 259 2.92 -28.48 -39.99
CA GLN A 259 2.45 -27.25 -40.63
C GLN A 259 1.00 -26.96 -40.28
N ILE A 260 0.26 -27.97 -39.83
CA ILE A 260 -1.12 -27.76 -39.37
C ILE A 260 -1.19 -26.87 -38.14
N ASP A 261 -0.07 -26.68 -37.43
CA ASP A 261 -0.05 -25.72 -36.35
C ASP A 261 -0.45 -24.34 -36.84
N LEU A 262 -1.27 -23.66 -36.04
CA LEU A 262 -1.74 -22.31 -36.38
C LEU A 262 -1.43 -21.30 -35.30
N LYS A 263 -0.72 -21.69 -34.24
CA LYS A 263 -0.46 -20.77 -33.15
C LYS A 263 0.97 -20.85 -32.60
N ARG A 264 1.84 -21.65 -33.20
CA ARG A 264 3.21 -21.81 -32.72
C ARG A 264 3.19 -22.15 -31.24
N TYR A 265 2.66 -23.33 -30.95
CA TYR A 265 2.45 -23.85 -29.59
C TYR A 265 3.65 -24.06 -28.66
N ALA A 266 3.35 -24.55 -27.47
CA ALA A 266 4.34 -24.83 -26.44
C ALA A 266 5.10 -26.13 -26.67
N VAL A 267 4.58 -26.97 -27.57
CA VAL A 267 5.24 -28.24 -27.88
C VAL A 267 6.66 -27.96 -28.33
N PRO A 268 6.81 -27.14 -29.38
CA PRO A 268 8.13 -26.75 -29.88
C PRO A 268 8.74 -25.69 -28.98
N SER A 269 7.89 -24.85 -28.39
CA SER A 269 8.34 -23.79 -27.49
C SER A 269 9.15 -24.38 -26.35
N ALA A 270 8.65 -25.45 -25.74
CA ALA A 270 9.34 -26.11 -24.64
C ALA A 270 10.51 -26.91 -25.20
N GLY A 271 10.35 -27.39 -26.43
CA GLY A 271 11.39 -28.15 -27.10
C GLY A 271 12.66 -27.34 -27.12
N LEU A 272 12.52 -26.02 -27.18
CA LEU A 272 13.68 -25.13 -27.17
C LEU A 272 14.08 -24.77 -25.76
N ARG A 273 13.10 -24.47 -24.89
CA ARG A 273 13.41 -24.10 -23.52
C ARG A 273 14.14 -25.22 -22.80
N LEU A 274 13.66 -26.44 -22.95
CA LEU A 274 14.42 -27.61 -22.51
C LEU A 274 15.83 -27.58 -23.05
N PHE A 275 15.97 -27.40 -24.35
CA PHE A 275 17.29 -27.48 -24.93
C PHE A 275 18.18 -26.36 -24.40
N ALA A 276 17.59 -25.32 -23.84
CA ALA A 276 18.35 -24.18 -23.36
C ALA A 276 19.12 -24.52 -22.10
N LEU A 277 18.41 -24.78 -21.01
CA LEU A 277 19.10 -25.06 -19.77
C LEU A 277 19.82 -26.39 -19.82
N HIS A 278 19.34 -27.30 -20.65
CA HIS A 278 19.95 -28.62 -20.80
C HIS A 278 20.72 -28.61 -22.11
N ALA A 279 22.00 -28.34 -22.02
CA ALA A 279 22.92 -28.55 -23.12
C ALA A 279 24.05 -29.49 -22.75
N SER A 280 24.60 -29.36 -21.54
CA SER A 280 25.62 -30.28 -21.08
C SER A 280 25.08 -31.68 -20.94
N GLN A 281 23.79 -31.82 -20.64
CA GLN A 281 23.18 -33.13 -20.64
C GLN A 281 23.32 -33.81 -22.00
N PHE A 282 23.46 -33.01 -23.05
CA PHE A 282 23.61 -33.54 -24.40
C PHE A 282 25.03 -33.36 -24.91
N SER A 283 26.00 -33.43 -24.01
CA SER A 283 27.39 -33.22 -24.40
C SER A 283 27.79 -34.25 -25.45
N THR A 284 28.68 -33.82 -26.36
CA THR A 284 29.20 -34.65 -27.44
C THR A 284 28.10 -35.22 -28.33
N CYS A 285 26.86 -34.78 -28.15
CA CYS A 285 25.75 -35.18 -29.00
C CYS A 285 25.43 -34.11 -30.02
N LEU A 286 26.34 -33.16 -30.21
CA LEU A 286 26.09 -32.01 -31.07
C LEU A 286 27.04 -31.90 -32.24
N LEU A 287 28.17 -32.62 -32.22
CA LEU A 287 29.03 -32.64 -33.40
C LEU A 287 28.28 -33.21 -34.60
N ASP A 288 27.50 -34.26 -34.37
CA ASP A 288 26.49 -34.67 -35.31
C ASP A 288 25.41 -33.61 -35.41
N ASN A 289 24.72 -33.60 -36.55
CA ASN A 289 23.82 -32.49 -36.89
C ASN A 289 24.60 -31.18 -36.87
N TYR A 290 25.83 -31.24 -37.38
CA TYR A 290 26.80 -30.17 -37.15
C TYR A 290 26.27 -28.84 -37.65
N VAL A 291 25.70 -28.82 -38.85
CA VAL A 291 25.06 -27.63 -39.36
C VAL A 291 23.54 -27.81 -39.48
N SER A 292 23.05 -29.03 -39.66
CA SER A 292 21.62 -29.24 -39.82
C SER A 292 20.86 -28.69 -38.63
N LEU A 293 21.27 -29.09 -37.43
CA LEU A 293 20.67 -28.48 -36.25
C LEU A 293 20.96 -26.99 -36.21
N PHE A 294 22.18 -26.60 -36.60
CA PHE A 294 22.52 -25.20 -36.66
C PHE A 294 21.55 -24.42 -37.54
N GLU A 295 21.36 -24.87 -38.77
CA GLU A 295 20.49 -24.13 -39.68
C GLU A 295 19.03 -24.17 -39.23
N VAL A 296 18.59 -25.29 -38.66
CA VAL A 296 17.23 -25.31 -38.13
C VAL A 296 17.08 -24.26 -37.04
N LEU A 297 18.10 -24.15 -36.19
CA LEU A 297 18.08 -23.14 -35.15
C LEU A 297 18.02 -21.75 -35.74
N LEU A 298 18.80 -21.52 -36.80
CA LEU A 298 18.78 -20.21 -37.44
C LEU A 298 17.39 -19.92 -38.02
N LYS A 299 16.76 -20.92 -38.59
CA LYS A 299 15.40 -20.72 -39.10
C LYS A 299 14.46 -20.36 -37.96
N TRP A 300 14.60 -21.05 -36.84
CA TRP A 300 13.68 -20.84 -35.74
C TRP A 300 13.86 -19.48 -35.11
N CYS A 301 15.11 -19.08 -34.85
CA CYS A 301 15.34 -17.77 -34.25
C CYS A 301 14.91 -16.65 -35.19
N ALA A 302 14.80 -16.93 -36.48
CA ALA A 302 14.27 -15.98 -37.44
C ALA A 302 12.79 -16.22 -37.74
N HIS A 303 12.04 -16.69 -36.74
CA HIS A 303 10.63 -16.95 -36.92
C HIS A 303 9.87 -15.63 -36.88
N THR A 304 8.55 -15.70 -36.71
CA THR A 304 7.71 -14.50 -36.75
C THR A 304 7.23 -14.04 -35.39
N ASN A 305 7.22 -14.89 -34.37
CA ASN A 305 6.62 -14.54 -33.11
C ASN A 305 7.68 -14.36 -32.04
N VAL A 306 7.42 -13.43 -31.12
CA VAL A 306 8.44 -13.03 -30.16
C VAL A 306 8.52 -13.99 -28.97
N GLU A 307 7.40 -14.58 -28.57
CA GLU A 307 7.41 -15.49 -27.44
C GLU A 307 8.33 -16.65 -27.68
N LEU A 308 8.64 -16.92 -28.94
CA LEU A 308 9.60 -17.95 -29.29
C LEU A 308 11.00 -17.41 -29.51
N LYS A 309 11.13 -16.11 -29.80
CA LYS A 309 12.45 -15.55 -30.06
C LYS A 309 13.32 -15.65 -28.83
N LYS A 310 12.75 -15.40 -27.65
CA LYS A 310 13.51 -15.50 -26.42
C LYS A 310 14.11 -16.88 -26.27
N ALA A 311 13.29 -17.92 -26.39
CA ALA A 311 13.78 -19.28 -26.24
C ALA A 311 14.77 -19.63 -27.34
N ALA A 312 14.49 -19.20 -28.56
CA ALA A 312 15.38 -19.54 -29.67
C ALA A 312 16.75 -18.93 -29.47
N LEU A 313 16.79 -17.65 -29.11
CA LEU A 313 18.06 -17.00 -28.86
C LEU A 313 18.79 -17.66 -27.71
N SER A 314 18.07 -17.97 -26.64
CA SER A 314 18.71 -18.60 -25.48
C SER A 314 19.32 -19.93 -25.87
N ALA A 315 18.54 -20.78 -26.53
CA ALA A 315 19.03 -22.11 -26.88
C ALA A 315 20.16 -22.03 -27.87
N LEU A 316 20.11 -21.06 -28.78
CA LEU A 316 21.21 -20.85 -29.70
C LEU A 316 22.47 -20.49 -28.93
N GLU A 317 22.33 -19.61 -27.94
CA GLU A 317 23.44 -19.29 -27.06
C GLU A 317 24.00 -20.55 -26.42
N SER A 318 23.12 -21.37 -25.87
CA SER A 318 23.57 -22.55 -25.15
C SER A 318 24.28 -23.52 -26.08
N PHE A 319 23.71 -23.75 -27.25
CA PHE A 319 24.31 -24.66 -28.23
C PHE A 319 25.68 -24.17 -28.66
N LEU A 320 25.77 -22.88 -29.00
CA LEU A 320 27.05 -22.36 -29.44
C LEU A 320 28.08 -22.43 -28.34
N LYS A 321 27.67 -22.14 -27.11
CA LYS A 321 28.58 -22.25 -25.98
C LYS A 321 29.06 -23.67 -25.83
N GLN A 322 28.15 -24.64 -25.95
CA GLN A 322 28.56 -26.03 -25.77
C GLN A 322 29.52 -26.48 -26.86
N VAL A 323 29.27 -26.10 -28.11
CA VAL A 323 30.17 -26.54 -29.16
C VAL A 323 31.51 -25.84 -29.01
N SER A 324 31.50 -24.59 -28.58
CA SER A 324 32.76 -23.92 -28.26
C SER A 324 33.50 -24.70 -27.19
N ASN A 325 32.79 -25.11 -26.16
CA ASN A 325 33.40 -25.90 -25.09
C ASN A 325 34.03 -27.16 -25.64
N MET A 326 33.29 -27.88 -26.48
CA MET A 326 33.75 -29.17 -26.94
C MET A 326 34.97 -29.03 -27.85
N VAL A 327 34.91 -28.08 -28.79
CA VAL A 327 36.06 -27.85 -29.64
C VAL A 327 37.22 -27.29 -28.84
N ALA A 328 36.94 -26.67 -27.69
CA ALA A 328 38.02 -26.27 -26.80
C ALA A 328 38.70 -27.48 -26.18
N LYS A 329 37.89 -28.40 -25.63
CA LYS A 329 38.46 -29.60 -25.03
C LYS A 329 39.20 -30.42 -26.06
N ASN A 330 38.57 -30.63 -27.21
CA ASN A 330 39.23 -31.23 -28.37
C ASN A 330 39.67 -30.09 -29.28
N ALA A 331 40.71 -29.38 -28.84
CA ALA A 331 41.31 -28.36 -29.67
C ALA A 331 42.36 -28.92 -30.62
N GLU A 332 42.78 -30.17 -30.40
CA GLU A 332 43.73 -30.78 -31.33
C GLU A 332 43.10 -31.11 -32.66
N MET A 333 41.78 -31.15 -32.75
CA MET A 333 41.09 -31.29 -34.01
C MET A 333 39.74 -30.59 -33.89
N HIS A 334 38.79 -30.95 -34.73
CA HIS A 334 37.59 -30.17 -34.98
C HIS A 334 37.92 -28.82 -35.58
N LYS A 335 39.13 -28.68 -36.13
CA LYS A 335 39.51 -27.42 -36.74
C LYS A 335 38.51 -27.03 -37.81
N ASN A 336 37.98 -28.01 -38.52
CA ASN A 336 36.94 -27.74 -39.52
C ASN A 336 35.75 -27.06 -38.88
N LYS A 337 35.31 -27.55 -37.71
CA LYS A 337 34.16 -26.96 -37.07
C LYS A 337 34.39 -25.48 -36.78
N LEU A 338 35.49 -25.19 -36.10
CA LEU A 338 35.76 -23.82 -35.69
C LEU A 338 35.99 -22.92 -36.89
N GLN A 339 36.69 -23.42 -37.90
CA GLN A 339 36.93 -22.57 -39.07
C GLN A 339 35.63 -22.29 -39.80
N TYR A 340 34.76 -23.28 -39.94
CA TYR A 340 33.48 -23.06 -40.58
C TYR A 340 32.68 -22.01 -39.82
N PHE A 341 32.59 -22.16 -38.51
CA PHE A 341 31.83 -21.21 -37.71
C PHE A 341 32.42 -19.81 -37.82
N MET A 342 33.74 -19.71 -37.67
CA MET A 342 34.37 -18.40 -37.65
C MET A 342 34.24 -17.70 -38.99
N GLU A 343 34.35 -18.44 -40.09
CA GLU A 343 34.18 -17.80 -41.39
C GLU A 343 32.73 -17.44 -41.65
N GLN A 344 31.79 -18.30 -41.26
CA GLN A 344 30.39 -17.98 -41.50
C GLN A 344 29.87 -16.89 -40.57
N PHE A 345 30.64 -16.53 -39.55
CA PHE A 345 30.34 -15.32 -38.80
C PHE A 345 31.17 -14.13 -39.26
N TYR A 346 32.37 -14.35 -39.75
CA TYR A 346 33.17 -13.26 -40.26
C TYR A 346 32.53 -12.66 -41.50
N GLY A 347 31.91 -13.50 -42.32
CA GLY A 347 31.20 -12.99 -43.48
C GLY A 347 30.08 -12.05 -43.09
N ILE A 348 29.34 -12.41 -42.03
CA ILE A 348 28.17 -11.62 -41.65
C ILE A 348 28.53 -10.45 -40.75
N ILE A 349 29.73 -10.43 -40.18
CA ILE A 349 30.20 -9.17 -39.60
C ILE A 349 30.76 -8.28 -40.69
N ARG A 350 31.30 -8.88 -41.75
CA ARG A 350 31.99 -8.12 -42.78
C ARG A 350 31.02 -7.35 -43.65
N ASN A 351 29.93 -7.99 -44.06
CA ASN A 351 28.89 -7.31 -44.80
C ASN A 351 27.96 -6.55 -43.85
N VAL A 352 27.16 -5.66 -44.42
CA VAL A 352 26.11 -5.00 -43.65
C VAL A 352 25.01 -6.01 -43.36
N ASP A 353 24.29 -5.78 -42.26
CA ASP A 353 23.23 -6.70 -41.87
C ASP A 353 22.12 -6.68 -42.89
N SER A 354 21.48 -7.84 -43.06
CA SER A 354 20.39 -7.97 -44.00
C SER A 354 19.14 -8.56 -43.37
N ASN A 355 19.19 -8.89 -42.07
CA ASN A 355 18.01 -9.37 -41.37
C ASN A 355 17.81 -8.65 -40.05
N ASN A 356 18.62 -7.63 -39.76
CA ASN A 356 18.61 -6.87 -38.52
C ASN A 356 19.05 -7.69 -37.33
N LYS A 357 19.31 -8.98 -37.51
CA LYS A 357 19.72 -9.84 -36.42
C LYS A 357 20.95 -10.68 -36.74
N GLU A 358 21.43 -10.67 -37.99
CA GLU A 358 22.68 -11.34 -38.29
C GLU A 358 23.80 -10.78 -37.41
N LEU A 359 23.72 -9.49 -37.07
CA LEU A 359 24.67 -8.94 -36.11
C LEU A 359 24.52 -9.61 -34.75
N SER A 360 23.29 -9.87 -34.32
CA SER A 360 23.11 -10.51 -33.03
C SER A 360 23.80 -11.86 -32.99
N ILE A 361 23.54 -12.69 -33.99
CA ILE A 361 24.16 -14.01 -33.99
C ILE A 361 25.67 -13.90 -34.13
N ALA A 362 26.14 -12.94 -34.92
CA ALA A 362 27.58 -12.80 -35.12
C ALA A 362 28.28 -12.40 -33.82
N ILE A 363 27.71 -11.44 -33.10
CA ILE A 363 28.33 -11.01 -31.86
C ILE A 363 28.27 -12.13 -30.84
N ARG A 364 27.18 -12.90 -30.81
CA ARG A 364 27.19 -14.07 -29.94
C ARG A 364 28.32 -15.02 -30.32
N GLY A 365 28.53 -15.22 -31.62
CA GLY A 365 29.56 -16.14 -32.05
C GLY A 365 30.94 -15.72 -31.58
N TYR A 366 31.32 -14.49 -31.87
CA TYR A 366 32.63 -14.04 -31.40
C TYR A 366 32.71 -14.03 -29.89
N GLY A 367 31.61 -13.74 -29.20
CA GLY A 367 31.63 -13.84 -27.75
C GLY A 367 32.00 -15.24 -27.31
N LEU A 368 31.37 -16.23 -27.92
CA LEU A 368 31.66 -17.60 -27.53
C LEU A 368 32.95 -18.11 -28.15
N PHE A 369 33.26 -17.70 -29.37
CA PHE A 369 34.48 -18.15 -30.04
C PHE A 369 35.65 -17.26 -29.61
N ALA A 370 36.10 -17.51 -28.39
CA ALA A 370 37.31 -16.88 -27.89
C ALA A 370 38.37 -17.90 -27.53
N GLY A 371 38.03 -18.89 -26.72
CA GLY A 371 38.92 -19.99 -26.41
C GLY A 371 39.52 -20.63 -27.64
N PRO A 372 38.68 -21.22 -28.51
CA PRO A 372 39.25 -21.89 -29.68
C PRO A 372 40.02 -20.96 -30.57
N CYS A 373 39.56 -19.73 -30.72
CA CYS A 373 40.34 -18.77 -31.50
C CYS A 373 41.64 -18.42 -30.82
N LYS A 374 41.75 -18.64 -29.51
CA LYS A 374 42.99 -18.33 -28.82
C LYS A 374 44.08 -19.36 -29.08
N VAL A 375 43.72 -20.64 -29.20
CA VAL A 375 44.74 -21.67 -29.30
C VAL A 375 45.55 -21.49 -30.58
N ILE A 376 44.95 -20.95 -31.62
CA ILE A 376 45.60 -20.77 -32.91
C ILE A 376 45.40 -19.34 -33.39
N ASN A 377 46.47 -18.73 -33.88
CA ASN A 377 46.43 -17.36 -34.39
C ASN A 377 45.84 -16.41 -33.36
N ALA A 378 46.55 -16.31 -32.22
CA ALA A 378 46.11 -15.40 -31.17
C ALA A 378 46.02 -13.97 -31.68
N LYS A 379 46.88 -13.63 -32.64
CA LYS A 379 46.87 -12.30 -33.23
C LYS A 379 45.52 -12.06 -33.89
N ASP A 380 44.88 -13.15 -34.29
CA ASP A 380 43.56 -13.08 -34.92
C ASP A 380 42.53 -12.65 -33.91
N VAL A 381 42.70 -13.11 -32.66
CA VAL A 381 41.79 -12.75 -31.58
C VAL A 381 41.88 -11.26 -31.30
N ASP A 382 43.10 -10.73 -31.34
CA ASP A 382 43.34 -9.31 -31.11
C ASP A 382 42.72 -8.51 -32.26
N PHE A 383 42.85 -9.04 -33.47
CA PHE A 383 42.29 -8.38 -34.65
C PHE A 383 40.77 -8.48 -34.60
N MET A 384 40.27 -9.60 -34.08
CA MET A 384 38.83 -9.80 -33.98
C MET A 384 38.25 -8.81 -32.98
N TYR A 385 38.98 -8.58 -31.89
CA TYR A 385 38.55 -7.64 -30.87
C TYR A 385 38.30 -6.28 -31.51
N VAL A 386 39.14 -5.92 -32.48
CA VAL A 386 39.00 -4.66 -33.18
C VAL A 386 37.65 -4.57 -33.87
N GLU A 387 37.27 -5.61 -34.62
CA GLU A 387 36.05 -5.46 -35.40
C GLU A 387 34.85 -5.29 -34.51
N LEU A 388 34.86 -5.87 -33.31
CA LEU A 388 33.76 -5.61 -32.40
C LEU A 388 33.71 -4.14 -32.05
N ILE A 389 34.85 -3.59 -31.67
CA ILE A 389 34.90 -2.19 -31.23
C ILE A 389 34.44 -1.28 -32.36
N GLN A 390 34.96 -1.52 -33.56
CA GLN A 390 34.60 -0.68 -34.69
C GLN A 390 33.12 -0.75 -35.01
N ARG A 391 32.42 -1.76 -34.51
CA ARG A 391 30.99 -1.76 -34.70
C ARG A 391 30.32 -0.84 -33.69
N CYS A 392 30.75 -0.93 -32.43
CA CYS A 392 30.17 -0.13 -31.36
C CYS A 392 29.97 1.31 -31.82
N LYS A 393 31.07 1.98 -32.11
CA LYS A 393 31.03 3.36 -32.56
C LYS A 393 30.15 3.50 -33.78
N GLN A 394 30.35 2.63 -34.76
CA GLN A 394 29.58 2.74 -35.98
C GLN A 394 28.24 2.05 -35.87
N MET A 395 27.79 1.73 -34.65
CA MET A 395 26.42 1.27 -34.51
C MET A 395 25.72 1.90 -33.32
N PHE A 396 26.48 2.30 -32.31
CA PHE A 396 25.83 2.65 -31.05
C PHE A 396 26.06 4.08 -30.62
N LEU A 397 27.32 4.53 -30.54
CA LEU A 397 27.61 5.71 -29.74
C LEU A 397 27.29 7.00 -30.46
N THR A 398 27.98 7.27 -31.56
CA THR A 398 27.84 8.55 -32.23
C THR A 398 26.48 8.73 -32.85
N GLN A 399 25.68 7.67 -32.92
CA GLN A 399 24.44 7.70 -33.66
C GLN A 399 23.53 8.78 -33.10
N THR A 400 22.98 9.61 -33.98
CA THR A 400 21.99 10.58 -33.54
C THR A 400 20.69 9.90 -33.14
N ASP A 401 20.51 8.63 -33.54
CA ASP A 401 19.38 7.80 -33.13
C ASP A 401 18.06 8.27 -33.73
N THR A 402 18.09 8.77 -34.96
CA THR A 402 16.84 9.11 -35.64
C THR A 402 16.01 7.86 -35.91
N GLY A 403 16.67 6.76 -36.26
CA GLY A 403 15.96 5.52 -36.49
C GLY A 403 16.62 4.33 -35.80
N ASP A 404 17.67 4.59 -35.02
CA ASP A 404 18.41 3.52 -34.35
C ASP A 404 17.60 3.03 -33.16
N ASP A 405 17.09 1.81 -33.26
CA ASP A 405 16.34 1.18 -32.19
C ASP A 405 16.95 -0.12 -31.70
N ARG A 406 18.10 -0.51 -32.23
CA ARG A 406 18.77 -1.74 -31.79
C ARG A 406 19.32 -1.63 -30.39
N VAL A 407 19.07 -0.50 -29.71
CA VAL A 407 19.59 -0.31 -28.36
C VAL A 407 19.15 -1.43 -27.44
N TYR A 408 18.06 -2.11 -27.78
CA TYR A 408 17.63 -3.27 -27.00
C TYR A 408 18.71 -4.33 -26.97
N GLN A 409 19.44 -4.52 -28.07
CA GLN A 409 20.54 -5.46 -28.11
C GLN A 409 21.79 -4.93 -27.46
N MET A 410 21.69 -3.87 -26.67
CA MET A 410 22.89 -3.35 -26.00
C MET A 410 23.59 -4.40 -25.17
N PRO A 411 22.92 -5.12 -24.25
CA PRO A 411 23.65 -5.99 -23.34
C PRO A 411 24.45 -7.06 -24.04
N SER A 412 23.75 -7.90 -24.80
CA SER A 412 24.39 -9.04 -25.44
C SER A 412 25.61 -8.61 -26.21
N PHE A 413 25.46 -7.57 -27.03
CA PHE A 413 26.59 -6.99 -27.73
C PHE A 413 27.73 -6.77 -26.77
N LEU A 414 27.54 -5.89 -25.80
CA LEU A 414 28.58 -5.62 -24.83
C LEU A 414 29.01 -6.90 -24.14
N GLN A 415 28.05 -7.78 -23.84
CA GLN A 415 28.38 -9.04 -23.22
C GLN A 415 29.45 -9.75 -24.01
N SER A 416 29.24 -9.89 -25.31
CA SER A 416 30.24 -10.55 -26.15
C SER A 416 31.55 -9.78 -26.12
N VAL A 417 31.47 -8.45 -26.13
CA VAL A 417 32.68 -7.65 -26.07
C VAL A 417 33.47 -7.99 -24.82
N ALA A 418 32.78 -8.33 -23.74
CA ALA A 418 33.48 -8.74 -22.53
C ALA A 418 34.30 -10.00 -22.78
N SER A 419 33.70 -10.98 -23.45
CA SER A 419 34.32 -12.29 -23.54
C SER A 419 35.69 -12.21 -24.19
N VAL A 420 35.77 -11.60 -25.37
CA VAL A 420 37.05 -11.53 -26.06
C VAL A 420 38.05 -10.71 -25.28
N LEU A 421 37.57 -9.80 -24.44
CA LEU A 421 38.48 -9.04 -23.62
C LEU A 421 39.23 -9.93 -22.64
N LEU A 422 38.63 -11.07 -22.27
CA LEU A 422 39.24 -11.93 -21.27
C LEU A 422 40.58 -12.47 -21.74
N TYR A 423 40.66 -12.86 -23.00
CA TYR A 423 41.84 -13.54 -23.51
C TYR A 423 42.86 -12.59 -24.09
N LEU A 424 42.44 -11.40 -24.51
CA LEU A 424 43.40 -10.42 -24.96
C LEU A 424 44.34 -10.03 -23.83
N ASP A 425 45.64 -10.04 -24.12
CA ASP A 425 46.62 -9.68 -23.12
C ASP A 425 46.78 -8.17 -23.00
N THR A 426 47.00 -7.50 -24.13
CA THR A 426 47.22 -6.06 -24.17
C THR A 426 46.08 -5.42 -24.95
N VAL A 427 45.22 -4.70 -24.25
CA VAL A 427 44.15 -3.97 -24.94
C VAL A 427 44.74 -2.75 -25.63
N PRO A 428 44.42 -2.49 -26.88
CA PRO A 428 44.87 -1.25 -27.52
C PRO A 428 44.34 -0.03 -26.79
N GLU A 429 45.27 0.83 -26.37
CA GLU A 429 44.90 1.97 -25.53
C GLU A 429 43.95 2.90 -26.25
N VAL A 430 44.02 2.95 -27.58
CA VAL A 430 43.16 3.83 -28.33
C VAL A 430 41.70 3.45 -28.17
N TYR A 431 41.42 2.21 -27.81
CA TYR A 431 40.05 1.74 -27.79
C TYR A 431 39.44 1.69 -26.41
N THR A 432 40.24 1.80 -25.35
CA THR A 432 39.64 1.84 -24.02
C THR A 432 38.61 2.95 -23.89
N PRO A 433 38.90 4.22 -24.21
CA PRO A 433 37.91 5.27 -23.96
C PRO A 433 36.58 4.95 -24.57
N VAL A 434 36.60 4.40 -25.78
CA VAL A 434 35.37 3.94 -26.39
C VAL A 434 34.71 2.90 -25.51
N LEU A 435 35.50 1.98 -24.96
CA LEU A 435 34.91 0.91 -24.18
C LEU A 435 34.17 1.47 -22.97
N GLU A 436 34.83 2.27 -22.15
CA GLU A 436 34.10 2.72 -20.97
C GLU A 436 32.98 3.66 -21.34
N HIS A 437 33.14 4.41 -22.42
CA HIS A 437 32.06 5.29 -22.81
C HIS A 437 30.83 4.46 -23.18
N LEU A 438 31.07 3.33 -23.83
CA LEU A 438 29.98 2.42 -24.14
C LEU A 438 29.34 1.88 -22.88
N VAL A 439 30.15 1.49 -21.91
CA VAL A 439 29.60 0.94 -20.68
C VAL A 439 28.72 1.98 -20.00
N VAL A 440 29.18 3.22 -19.97
CA VAL A 440 28.41 4.28 -19.34
C VAL A 440 27.09 4.47 -20.05
N MET A 441 27.13 4.50 -21.39
CA MET A 441 25.87 4.58 -22.13
C MET A 441 24.95 3.43 -21.80
N GLN A 442 25.51 2.24 -21.60
CA GLN A 442 24.66 1.09 -21.30
C GLN A 442 23.98 1.28 -19.95
N ILE A 443 24.73 1.74 -18.95
CA ILE A 443 24.11 2.04 -17.66
C ILE A 443 23.01 3.07 -17.84
N ASP A 444 23.27 4.08 -18.66
CA ASP A 444 22.25 5.09 -18.92
C ASP A 444 21.01 4.47 -19.52
N SER A 445 21.19 3.46 -20.36
CA SER A 445 20.06 2.83 -21.00
C SER A 445 19.38 1.80 -20.13
N PHE A 446 19.99 1.44 -19.00
CA PHE A 446 19.40 0.50 -18.07
C PHE A 446 17.90 0.67 -17.83
N PRO A 447 17.45 1.81 -17.32
CA PRO A 447 16.09 1.86 -16.74
C PRO A 447 14.99 1.50 -17.72
N GLN A 448 15.20 1.68 -19.01
CA GLN A 448 14.16 1.41 -20.01
C GLN A 448 14.28 0.02 -20.58
N TYR A 449 14.69 -0.93 -19.75
CA TYR A 449 14.77 -2.34 -20.13
C TYR A 449 13.55 -3.09 -19.62
N SER A 450 13.43 -4.31 -20.06
CA SER A 450 12.39 -5.09 -19.41
C SER A 450 13.00 -5.83 -18.23
N PRO A 451 12.19 -6.12 -17.21
CA PRO A 451 12.76 -6.67 -15.97
C PRO A 451 13.58 -7.93 -16.19
N LYS A 452 13.13 -8.83 -17.06
CA LYS A 452 13.81 -10.11 -17.20
C LYS A 452 15.22 -9.92 -17.74
N MET A 453 15.35 -9.22 -18.86
CA MET A 453 16.66 -9.02 -19.44
C MET A 453 17.46 -7.95 -18.72
N GLN A 454 16.87 -7.27 -17.74
CA GLN A 454 17.70 -6.48 -16.83
C GLN A 454 18.71 -7.37 -16.12
N LEU A 455 18.34 -8.63 -15.87
CA LEU A 455 19.32 -9.57 -15.33
C LEU A 455 20.46 -9.79 -16.31
N VAL A 456 20.14 -9.87 -17.60
CA VAL A 456 21.18 -9.97 -18.61
C VAL A 456 22.07 -8.74 -18.55
N CYS A 457 21.45 -7.57 -18.43
CA CYS A 457 22.21 -6.33 -18.32
C CYS A 457 23.19 -6.39 -17.16
N CYS A 458 22.70 -6.77 -15.98
CA CYS A 458 23.57 -6.84 -14.82
C CYS A 458 24.69 -7.84 -15.03
N ARG A 459 24.36 -8.99 -15.62
CA ARG A 459 25.39 -9.99 -15.87
C ARG A 459 26.47 -9.43 -16.78
N ALA A 460 26.06 -8.72 -17.82
CA ALA A 460 27.04 -8.15 -18.74
C ALA A 460 27.93 -7.14 -18.02
N ILE A 461 27.32 -6.29 -17.20
CA ILE A 461 28.11 -5.27 -16.51
C ILE A 461 29.12 -5.92 -15.59
N VAL A 462 28.68 -6.88 -14.79
CA VAL A 462 29.61 -7.48 -13.85
C VAL A 462 30.70 -8.22 -14.60
N LYS A 463 30.35 -8.84 -15.72
CA LYS A 463 31.35 -9.55 -16.49
C LYS A 463 32.41 -8.59 -17.02
N VAL A 464 31.98 -7.45 -17.55
CA VAL A 464 32.96 -6.53 -18.12
C VAL A 464 33.82 -5.94 -17.02
N PHE A 465 33.24 -5.67 -15.86
CA PHE A 465 34.05 -5.23 -14.74
C PHE A 465 35.06 -6.29 -14.35
N LEU A 466 34.62 -7.55 -14.32
CA LEU A 466 35.53 -8.63 -13.94
C LEU A 466 36.68 -8.72 -14.91
N ALA A 467 36.40 -8.62 -16.20
CA ALA A 467 37.47 -8.63 -17.19
C ALA A 467 38.40 -7.44 -16.99
N LEU A 468 37.85 -6.26 -16.78
CA LEU A 468 38.67 -5.09 -16.53
C LEU A 468 39.45 -5.21 -15.23
N ALA A 469 39.06 -6.13 -14.38
CA ALA A 469 39.77 -6.37 -13.14
C ALA A 469 40.89 -7.38 -13.29
N ALA A 470 41.17 -7.81 -14.52
CA ALA A 470 42.21 -8.80 -14.77
C ALA A 470 43.49 -8.15 -15.29
N LYS A 471 43.78 -6.93 -14.86
CA LYS A 471 44.92 -6.19 -15.40
C LYS A 471 45.49 -5.31 -14.30
N GLY A 472 46.31 -4.33 -14.66
CA GLY A 472 46.96 -3.49 -13.70
C GLY A 472 46.31 -2.12 -13.61
N PRO A 473 46.93 -1.14 -14.26
CA PRO A 473 46.37 0.22 -14.23
C PRO A 473 44.98 0.29 -14.83
N VAL A 474 44.71 -0.51 -15.85
CA VAL A 474 43.40 -0.52 -16.46
C VAL A 474 42.35 -0.86 -15.43
N LEU A 475 42.70 -1.63 -14.41
CA LEU A 475 41.75 -1.99 -13.39
C LEU A 475 41.22 -0.75 -12.68
N ARG A 476 42.11 -0.03 -12.02
CA ARG A 476 41.65 0.99 -11.08
C ARG A 476 41.07 2.19 -11.80
N ASN A 477 41.88 2.83 -12.66
CA ASN A 477 41.45 4.08 -13.26
C ASN A 477 40.20 3.90 -14.10
N CYS A 478 40.15 2.83 -14.87
CA CYS A 478 39.02 2.69 -15.80
C CYS A 478 37.72 2.49 -15.06
N ILE A 479 37.68 1.56 -14.11
CA ILE A 479 36.44 1.31 -13.39
C ILE A 479 36.08 2.52 -12.54
N SER A 480 37.08 3.17 -11.94
CA SER A 480 36.82 4.38 -11.19
C SER A 480 36.10 5.40 -12.05
N THR A 481 36.66 5.68 -13.23
CA THR A 481 36.04 6.64 -14.13
C THR A 481 34.66 6.18 -14.54
N VAL A 482 34.50 4.88 -14.79
CA VAL A 482 33.20 4.36 -15.21
C VAL A 482 32.14 4.70 -14.19
N VAL A 483 32.34 4.22 -12.96
CA VAL A 483 31.33 4.44 -11.94
C VAL A 483 31.16 5.92 -11.69
N HIS A 484 32.25 6.68 -11.74
CA HIS A 484 32.19 8.11 -11.51
C HIS A 484 31.21 8.76 -12.49
N GLN A 485 31.40 8.50 -13.78
CA GLN A 485 30.55 9.13 -14.76
C GLN A 485 29.12 8.62 -14.65
N GLY A 486 28.95 7.31 -14.46
CA GLY A 486 27.62 6.77 -14.41
C GLY A 486 26.83 7.34 -13.25
N LEU A 487 27.48 7.50 -12.11
CA LEU A 487 26.85 8.16 -10.98
C LEU A 487 26.51 9.60 -11.32
N ILE A 488 27.43 10.29 -12.00
CA ILE A 488 27.16 11.67 -12.36
C ILE A 488 25.93 11.75 -13.26
N ARG A 489 25.81 10.84 -14.21
CA ARG A 489 24.75 10.93 -15.20
C ARG A 489 23.38 10.75 -14.57
N ILE A 490 23.25 9.83 -13.61
CA ILE A 490 21.95 9.73 -12.95
C ILE A 490 21.72 10.89 -11.99
N CYS A 491 22.78 11.60 -11.62
CA CYS A 491 22.60 12.77 -10.79
C CYS A 491 22.14 13.98 -11.57
N SER A 492 22.24 13.95 -12.90
CA SER A 492 21.74 15.03 -13.72
C SER A 492 20.29 14.82 -14.13
N LYS A 493 19.73 13.66 -13.81
CA LYS A 493 18.33 13.42 -14.10
C LYS A 493 17.47 14.39 -13.30
N PRO A 494 16.29 14.74 -13.80
CA PRO A 494 15.50 15.76 -13.11
C PRO A 494 14.77 15.20 -11.89
N VAL A 495 14.88 15.93 -10.81
CA VAL A 495 14.37 15.48 -9.53
C VAL A 495 12.86 15.60 -9.52
N VAL A 496 12.22 14.73 -8.77
CA VAL A 496 10.77 14.69 -8.64
C VAL A 496 10.41 15.20 -7.24
N LEU A 497 9.50 16.15 -7.19
CA LEU A 497 9.08 16.62 -5.88
C LEU A 497 8.12 15.62 -5.25
N PRO A 498 8.29 15.32 -3.95
CA PRO A 498 7.38 14.42 -3.25
C PRO A 498 6.09 15.10 -2.82
N TRP A 519 10.32 9.01 -25.19
CA TRP A 519 10.04 8.05 -24.13
C TRP A 519 9.94 8.75 -22.77
N LYS A 520 9.17 8.17 -21.85
CA LYS A 520 9.01 8.74 -20.52
C LYS A 520 10.34 8.75 -19.77
N VAL A 521 10.66 9.89 -19.19
CA VAL A 521 11.96 10.07 -18.53
C VAL A 521 11.96 9.28 -17.22
N PRO A 522 13.02 8.55 -16.92
CA PRO A 522 13.11 7.90 -15.61
C PRO A 522 13.79 8.79 -14.59
N THR A 523 13.91 8.30 -13.35
CA THR A 523 14.64 9.03 -12.34
C THR A 523 15.61 8.10 -11.63
N TYR A 524 16.23 8.60 -10.56
CA TYR A 524 17.13 7.76 -9.77
C TYR A 524 16.40 6.57 -9.20
N LYS A 525 15.08 6.65 -9.09
CA LYS A 525 14.25 5.60 -8.51
C LYS A 525 14.52 4.24 -9.13
N ASP A 526 15.20 4.21 -10.28
CA ASP A 526 15.35 2.99 -11.04
C ASP A 526 16.73 2.38 -10.93
N TYR A 527 17.76 3.20 -11.14
CA TYR A 527 19.13 2.70 -11.12
C TYR A 527 19.51 2.13 -9.77
N VAL A 528 18.70 2.38 -8.75
CA VAL A 528 18.95 1.79 -7.44
C VAL A 528 18.96 0.28 -7.52
N ASP A 529 18.09 -0.29 -8.37
CA ASP A 529 18.05 -1.74 -8.50
C ASP A 529 19.34 -2.25 -9.13
N LEU A 530 19.76 -1.60 -10.21
CA LEU A 530 21.03 -1.93 -10.84
C LEU A 530 22.15 -1.90 -9.82
N PHE A 531 22.26 -0.80 -9.08
CA PHE A 531 23.39 -0.68 -8.18
C PHE A 531 23.29 -1.64 -7.02
N ARG A 532 22.08 -1.93 -6.55
CA ARG A 532 21.94 -2.88 -5.46
C ARG A 532 22.42 -4.25 -5.89
N HIS A 533 21.92 -4.74 -7.02
CA HIS A 533 22.37 -6.03 -7.48
C HIS A 533 23.84 -6.01 -7.86
N LEU A 534 24.37 -4.84 -8.21
CA LEU A 534 25.77 -4.74 -8.54
C LEU A 534 26.62 -4.89 -7.28
N LEU A 535 26.26 -4.18 -6.23
CA LEU A 535 27.04 -4.19 -5.01
C LEU A 535 26.72 -5.38 -4.13
N SER A 536 25.73 -6.18 -4.49
CA SER A 536 25.49 -7.46 -3.84
C SER A 536 25.75 -8.61 -4.80
N SER A 537 26.68 -8.40 -5.73
CA SER A 537 26.94 -9.36 -6.81
C SER A 537 27.72 -10.54 -6.25
N ASP A 538 27.06 -11.66 -6.09
CA ASP A 538 27.72 -12.91 -5.74
C ASP A 538 27.18 -14.10 -6.50
N GLN A 539 25.95 -14.04 -7.01
CA GLN A 539 25.35 -15.12 -7.77
C GLN A 539 25.64 -15.02 -9.26
N MET A 540 26.43 -14.04 -9.68
CA MET A 540 26.71 -13.85 -11.09
C MET A 540 28.13 -14.26 -11.45
N MET A 541 29.15 -13.69 -10.82
CA MET A 541 30.51 -14.00 -11.22
C MET A 541 30.83 -15.47 -10.98
N ASP A 542 30.21 -16.08 -9.97
CA ASP A 542 30.37 -17.52 -9.79
C ASP A 542 29.92 -18.27 -11.03
N SER A 543 28.74 -17.92 -11.54
CA SER A 543 28.27 -18.54 -12.77
C SER A 543 29.19 -18.22 -13.94
N ILE A 544 29.70 -16.99 -13.99
CA ILE A 544 30.54 -16.59 -15.10
C ILE A 544 31.83 -17.40 -15.12
N LEU A 545 32.50 -17.49 -13.98
CA LEU A 545 33.72 -18.27 -13.89
C LEU A 545 33.43 -19.75 -14.05
N ALA A 546 32.21 -20.20 -13.76
CA ALA A 546 31.86 -21.59 -13.96
C ALA A 546 31.85 -21.95 -15.44
N ASP A 547 31.20 -21.12 -16.26
CA ASP A 547 31.03 -21.46 -17.66
C ASP A 547 32.32 -21.25 -18.46
N GLU A 548 33.06 -20.20 -18.15
CA GLU A 548 34.24 -19.86 -18.92
C GLU A 548 35.35 -20.88 -18.70
N ALA A 549 36.26 -20.95 -19.68
CA ALA A 549 37.52 -21.65 -19.49
C ALA A 549 38.55 -20.78 -18.78
N PHE A 550 38.28 -19.48 -18.65
CA PHE A 550 39.21 -18.56 -18.03
C PHE A 550 39.06 -18.56 -16.52
N PHE A 551 39.12 -19.74 -15.92
CA PHE A 551 39.01 -19.91 -14.48
C PHE A 551 40.28 -20.57 -13.96
N SER A 552 40.79 -20.04 -12.85
CA SER A 552 42.06 -20.44 -12.24
C SER A 552 43.25 -20.07 -13.12
N VAL A 553 42.97 -19.60 -14.34
CA VAL A 553 43.96 -18.92 -15.15
C VAL A 553 43.72 -17.43 -15.18
N ASN A 554 42.52 -16.98 -14.79
CA ASN A 554 42.26 -15.58 -14.52
C ASN A 554 43.08 -15.14 -13.31
N SER A 555 43.42 -13.85 -13.31
CA SER A 555 44.24 -13.24 -12.27
C SER A 555 43.42 -12.26 -11.44
N SER A 556 42.19 -12.64 -11.09
CA SER A 556 41.29 -11.77 -10.36
C SER A 556 41.95 -11.24 -9.10
N SER A 557 42.14 -9.93 -9.04
CA SER A 557 42.83 -9.32 -7.90
C SER A 557 42.04 -9.54 -6.62
N GLU A 558 40.75 -9.25 -6.65
CA GLU A 558 39.95 -9.28 -5.44
C GLU A 558 38.47 -9.37 -5.82
N SER A 559 37.65 -9.65 -4.81
CA SER A 559 36.22 -9.80 -5.05
C SER A 559 35.61 -8.49 -5.53
N LEU A 560 34.66 -8.60 -6.44
CA LEU A 560 34.06 -7.41 -7.01
C LEU A 560 33.05 -6.77 -6.08
N ASN A 561 32.47 -7.52 -5.16
CA ASN A 561 31.61 -6.87 -4.18
C ASN A 561 32.42 -6.02 -3.22
N HIS A 562 33.75 -6.12 -3.27
CA HIS A 562 34.61 -5.25 -2.50
C HIS A 562 35.12 -4.08 -3.31
N LEU A 563 35.70 -4.33 -4.48
CA LEU A 563 36.25 -3.25 -5.27
C LEU A 563 35.19 -2.24 -5.64
N LEU A 564 34.02 -2.71 -6.05
CA LEU A 564 32.97 -1.82 -6.49
C LEU A 564 32.56 -0.86 -5.39
N TYR A 565 32.39 -1.38 -4.18
CA TYR A 565 31.98 -0.55 -3.06
C TYR A 565 32.97 0.57 -2.82
N ASP A 566 34.25 0.24 -2.87
CA ASP A 566 35.27 1.26 -2.68
C ASP A 566 35.12 2.38 -3.68
N GLU A 567 34.98 2.02 -4.96
CA GLU A 567 34.91 3.06 -5.98
C GLU A 567 33.66 3.88 -5.84
N PHE A 568 32.55 3.25 -5.49
CA PHE A 568 31.32 4.00 -5.28
C PHE A 568 31.51 5.03 -4.18
N VAL A 569 32.07 4.59 -3.05
CA VAL A 569 32.29 5.51 -1.95
C VAL A 569 33.20 6.65 -2.38
N LYS A 570 34.29 6.30 -3.05
CA LYS A 570 35.26 7.32 -3.43
C LYS A 570 34.65 8.33 -4.39
N SER A 571 33.84 7.85 -5.33
CA SER A 571 33.19 8.76 -6.26
C SER A 571 32.25 9.69 -5.54
N VAL A 572 31.48 9.17 -4.59
CA VAL A 572 30.57 10.05 -3.85
C VAL A 572 31.36 11.13 -3.14
N LEU A 573 32.43 10.74 -2.46
CA LEU A 573 33.21 11.74 -1.74
C LEU A 573 33.80 12.75 -2.70
N LYS A 574 34.32 12.29 -3.83
CA LYS A 574 34.89 13.23 -4.78
C LYS A 574 33.85 14.22 -5.28
N ILE A 575 32.65 13.74 -5.57
CA ILE A 575 31.62 14.63 -6.09
C ILE A 575 31.25 15.67 -5.05
N VAL A 576 30.95 15.23 -3.83
CA VAL A 576 30.40 16.17 -2.86
C VAL A 576 31.40 17.26 -2.54
N GLU A 577 32.67 16.90 -2.42
CA GLU A 577 33.68 17.90 -2.12
C GLU A 577 33.83 18.92 -3.22
N LYS A 578 33.30 18.64 -4.40
CA LYS A 578 33.54 19.49 -5.56
C LYS A 578 32.35 20.35 -5.94
N LEU A 579 31.14 20.01 -5.48
CA LEU A 579 29.97 20.78 -5.86
C LEU A 579 30.06 22.20 -5.34
N ASP A 580 29.52 23.13 -6.14
CA ASP A 580 29.49 24.55 -5.77
C ASP A 580 28.14 24.83 -5.11
N LEU A 581 28.07 24.53 -3.82
CA LEU A 581 26.81 24.55 -3.10
C LEU A 581 26.60 25.81 -2.29
N THR A 582 27.42 26.84 -2.48
CA THR A 582 27.26 28.04 -1.69
C THR A 582 25.92 28.73 -2.00
N LEU A 583 25.38 29.39 -0.99
CA LEU A 583 24.07 30.01 -1.07
C LEU A 583 24.22 31.52 -1.02
N GLU A 584 23.30 32.21 -1.71
CA GLU A 584 23.41 33.65 -1.87
C GLU A 584 22.13 34.33 -1.43
N ILE A 585 22.28 35.47 -0.76
CA ILE A 585 21.15 36.28 -0.33
C ILE A 585 20.50 36.92 -1.55
N GLN A 586 19.30 37.46 -1.36
CA GLN A 586 18.54 38.16 -2.39
C GLN A 586 18.10 37.23 -3.52
N MET A 602 14.77 44.24 1.15
CA MET A 602 13.89 45.19 1.83
C MET A 602 13.63 44.78 3.26
N ILE A 603 12.71 43.83 3.44
CA ILE A 603 12.29 43.45 4.78
C ILE A 603 13.41 42.65 5.46
N PRO A 604 13.76 42.98 6.69
CA PRO A 604 14.70 42.14 7.42
C PRO A 604 14.01 40.88 7.89
N THR A 605 14.81 39.86 8.18
CA THR A 605 14.26 38.57 8.54
C THR A 605 15.01 37.99 9.73
N SER A 606 14.35 37.11 10.45
CA SER A 606 14.95 36.46 11.60
C SER A 606 15.59 35.14 11.23
N ASP A 607 14.85 34.25 10.59
CA ASP A 607 15.38 32.93 10.30
C ASP A 607 16.47 33.02 9.25
N PRO A 608 17.46 32.17 9.34
CA PRO A 608 18.49 32.15 8.31
C PRO A 608 18.08 31.31 7.13
N ALA A 609 16.85 31.50 6.67
CA ALA A 609 16.32 30.68 5.58
C ALA A 609 15.49 31.48 4.59
N ALA A 610 15.46 32.80 4.70
CA ALA A 610 14.73 33.64 3.79
C ALA A 610 15.69 34.47 2.96
N ASN A 611 15.22 34.86 1.77
CA ASN A 611 15.96 35.72 0.86
C ASN A 611 17.25 35.09 0.36
N LEU A 612 17.46 33.80 0.60
CA LEU A 612 18.68 33.14 0.20
C LEU A 612 18.45 32.28 -1.03
N HIS A 613 19.42 32.29 -1.93
CA HIS A 613 19.30 31.56 -3.18
C HIS A 613 20.60 30.85 -3.52
N PRO A 614 20.51 29.64 -4.05
CA PRO A 614 21.72 28.94 -4.48
C PRO A 614 22.35 29.67 -5.66
N ALA A 615 23.68 29.59 -5.73
CA ALA A 615 24.37 30.20 -6.85
C ALA A 615 23.99 29.54 -8.16
N LYS A 616 24.03 28.22 -8.21
CA LYS A 616 23.72 27.45 -9.40
C LYS A 616 22.68 26.41 -9.05
N PRO A 617 21.40 26.70 -9.29
CA PRO A 617 20.34 25.83 -8.75
C PRO A 617 20.45 24.39 -9.22
N LYS A 618 20.89 24.17 -10.46
CA LYS A 618 21.04 22.81 -10.94
C LYS A 618 21.99 22.03 -10.06
N ASP A 619 22.98 22.70 -9.48
CA ASP A 619 23.88 22.02 -8.58
C ASP A 619 23.13 21.47 -7.38
N PHE A 620 22.24 22.26 -6.80
CA PHE A 620 21.45 21.77 -5.68
C PHE A 620 20.54 20.65 -6.11
N SER A 621 19.94 20.76 -7.29
CA SER A 621 19.07 19.68 -7.75
C SER A 621 19.85 18.38 -7.83
N ALA A 622 21.02 18.42 -8.46
CA ALA A 622 21.83 17.21 -8.58
C ALA A 622 22.26 16.72 -7.21
N PHE A 623 22.62 17.64 -6.31
CA PHE A 623 23.01 17.24 -4.97
C PHE A 623 21.89 16.51 -4.26
N ILE A 624 20.69 17.06 -4.33
CA ILE A 624 19.56 16.45 -3.65
C ILE A 624 19.31 15.07 -4.22
N ASN A 625 19.35 14.96 -5.54
CA ASN A 625 19.13 13.65 -6.15
C ASN A 625 20.20 12.67 -5.71
N LEU A 626 21.45 13.12 -5.64
CA LEU A 626 22.53 12.24 -5.22
C LEU A 626 22.31 11.75 -3.81
N VAL A 627 21.93 12.64 -2.91
CA VAL A 627 21.73 12.23 -1.53
C VAL A 627 20.61 11.22 -1.45
N GLU A 628 19.49 11.52 -2.10
CA GLU A 628 18.38 10.58 -2.05
C GLU A 628 18.66 9.32 -2.83
N PHE A 629 19.72 9.29 -3.62
CA PHE A 629 20.12 8.06 -4.25
C PHE A 629 20.98 7.22 -3.32
N CYS A 630 21.95 7.86 -2.68
CA CYS A 630 22.81 7.14 -1.76
C CYS A 630 22.04 6.63 -0.55
N ARG A 631 20.93 7.27 -0.21
CA ARG A 631 20.21 6.89 1.00
C ARG A 631 19.68 5.47 1.01
N GLU A 632 19.81 4.72 -0.09
CA GLU A 632 19.20 3.40 -0.14
C GLU A 632 20.16 2.38 -0.71
N ILE A 633 21.45 2.62 -0.58
CA ILE A 633 22.42 1.65 -1.04
C ILE A 633 23.35 1.33 0.11
N LEU A 634 23.96 2.36 0.66
CA LEU A 634 24.83 2.18 1.82
C LEU A 634 24.12 1.59 3.02
N PRO A 635 22.92 2.02 3.41
CA PRO A 635 22.35 1.56 4.68
C PRO A 635 22.21 0.05 4.80
N GLU A 636 21.43 -0.54 3.89
CA GLU A 636 21.17 -1.98 3.96
C GLU A 636 22.43 -2.81 3.74
N LYS A 637 23.44 -2.23 3.11
CA LYS A 637 24.64 -2.98 2.78
C LYS A 637 25.34 -3.47 4.03
N GLN A 638 25.88 -4.69 3.93
CA GLN A 638 26.85 -5.15 4.89
C GLN A 638 27.93 -4.09 5.09
N ALA A 639 28.03 -3.57 6.29
CA ALA A 639 28.96 -2.50 6.58
C ALA A 639 30.40 -2.97 6.59
N GLU A 640 30.65 -4.27 6.44
CA GLU A 640 32.01 -4.78 6.50
C GLU A 640 32.92 -4.01 5.57
N PHE A 641 32.43 -3.69 4.38
CA PHE A 641 33.21 -2.87 3.47
C PHE A 641 33.25 -1.43 3.92
N PHE A 642 32.32 -1.02 4.76
CA PHE A 642 32.24 0.37 5.16
C PHE A 642 33.19 0.72 6.29
N GLU A 643 33.54 -0.24 7.13
CA GLU A 643 34.30 0.08 8.33
C GLU A 643 35.58 0.86 8.10
N PRO A 644 36.40 0.58 7.08
CA PRO A 644 37.62 1.38 6.93
C PRO A 644 37.36 2.76 6.35
N TRP A 645 36.10 3.11 6.15
CA TRP A 645 35.75 4.37 5.52
C TRP A 645 35.25 5.42 6.49
N VAL A 646 34.64 4.99 7.59
CA VAL A 646 33.77 5.87 8.34
C VAL A 646 34.51 7.11 8.80
N TYR A 647 35.76 6.95 9.26
CA TYR A 647 36.47 8.13 9.70
C TYR A 647 36.66 9.13 8.59
N SER A 648 37.23 8.68 7.47
CA SER A 648 37.46 9.61 6.37
C SER A 648 36.16 10.21 5.89
N PHE A 649 35.13 9.37 5.76
CA PHE A 649 33.82 9.82 5.33
C PHE A 649 33.31 10.95 6.20
N SER A 650 33.09 10.64 7.47
CA SER A 650 32.53 11.64 8.36
C SER A 650 33.41 12.87 8.42
N TYR A 651 34.73 12.68 8.50
CA TYR A 651 35.61 13.82 8.60
C TYR A 651 35.45 14.73 7.41
N GLU A 652 35.23 14.15 6.23
CA GLU A 652 34.88 14.97 5.09
C GLU A 652 33.57 15.70 5.31
N LEU A 653 32.52 14.96 5.66
CA LEU A 653 31.20 15.57 5.64
C LEU A 653 31.09 16.70 6.65
N ILE A 654 31.57 16.47 7.87
CA ILE A 654 31.45 17.48 8.91
C ILE A 654 32.14 18.76 8.49
N LEU A 655 33.33 18.63 7.91
CA LEU A 655 34.00 19.81 7.38
C LEU A 655 33.09 20.60 6.46
N GLN A 656 32.42 19.91 5.55
CA GLN A 656 31.57 20.63 4.62
C GLN A 656 30.34 21.20 5.30
N SER A 657 29.76 20.48 6.25
CA SER A 657 28.49 20.93 6.81
C SER A 657 28.66 22.11 7.74
N THR A 658 29.80 22.19 8.41
CA THR A 658 30.07 23.33 9.28
C THR A 658 30.19 24.62 8.51
N ARG A 659 30.36 24.57 7.19
CA ARG A 659 30.37 25.79 6.39
C ARG A 659 29.07 26.04 5.68
N LEU A 660 28.26 25.01 5.46
CA LEU A 660 26.95 25.14 4.83
C LEU A 660 25.94 24.48 5.75
N PRO A 661 25.72 25.05 6.92
CA PRO A 661 24.90 24.38 7.93
C PRO A 661 23.41 24.39 7.62
N LEU A 662 23.01 24.91 6.47
CA LEU A 662 21.60 25.10 6.18
C LEU A 662 21.09 24.11 5.15
N ILE A 663 21.80 23.02 4.95
CA ILE A 663 21.46 22.06 3.92
C ILE A 663 21.22 20.72 4.59
N SER A 664 20.00 20.22 4.50
CA SER A 664 19.71 18.93 5.09
C SER A 664 20.43 17.79 4.40
N GLY A 665 20.97 18.03 3.21
CA GLY A 665 21.58 16.96 2.46
C GLY A 665 22.68 16.27 3.24
N PHE A 666 23.58 17.06 3.83
CA PHE A 666 24.65 16.47 4.61
C PHE A 666 24.08 15.67 5.76
N TYR A 667 23.13 16.26 6.49
CA TYR A 667 22.63 15.65 7.70
C TYR A 667 22.05 14.29 7.38
N LYS A 668 21.20 14.21 6.37
CA LYS A 668 20.68 12.91 5.96
C LYS A 668 21.82 12.00 5.54
N LEU A 669 22.76 12.54 4.76
CA LEU A 669 23.91 11.75 4.38
C LEU A 669 24.70 11.34 5.61
N LEU A 670 24.91 12.27 6.53
CA LEU A 670 25.69 11.95 7.70
C LEU A 670 24.95 10.98 8.60
N SER A 671 23.65 10.83 8.42
CA SER A 671 22.89 9.92 9.26
C SER A 671 23.21 8.47 8.96
N ILE A 672 23.44 8.13 7.71
CA ILE A 672 23.67 6.73 7.40
C ILE A 672 25.10 6.32 7.72
N THR A 673 26.05 7.25 7.59
CA THR A 673 27.41 6.91 7.94
C THR A 673 27.58 6.72 9.44
N VAL A 674 26.59 7.07 10.24
CA VAL A 674 26.62 6.72 11.65
C VAL A 674 25.69 5.56 11.96
N ARG A 675 24.61 5.39 11.19
CA ARG A 675 23.78 4.21 11.40
C ARG A 675 24.48 2.96 10.94
N ASN A 676 25.22 3.04 9.85
CA ASN A 676 26.01 1.89 9.45
C ASN A 676 27.09 1.59 10.48
N ALA A 677 27.62 2.63 11.11
CA ALA A 677 28.60 2.40 12.16
C ALA A 677 28.01 1.67 13.34
N LYS A 678 26.70 1.72 13.53
CA LYS A 678 26.10 0.98 14.62
C LYS A 678 25.94 -0.49 14.32
N LYS A 679 25.80 -0.86 13.04
CA LYS A 679 25.80 -2.28 12.72
C LYS A 679 27.16 -2.90 13.00
N ILE A 680 28.23 -2.18 12.67
CA ILE A 680 29.57 -2.73 12.82
C ILE A 680 30.10 -2.57 14.23
N LYS A 681 29.37 -1.90 15.11
CA LYS A 681 29.79 -1.73 16.50
C LYS A 681 31.11 -0.97 16.55
N TYR A 682 31.19 0.10 15.79
CA TYR A 682 32.43 0.84 15.69
C TYR A 682 32.76 1.52 17.01
N PHE A 683 31.94 2.50 17.40
CA PHE A 683 32.14 3.20 18.67
C PHE A 683 31.73 2.28 19.80
N GLU A 684 32.60 1.34 20.12
CA GLU A 684 32.35 0.44 21.24
C GLU A 684 33.61 0.28 22.07
N GLY A 685 33.43 0.26 23.38
CA GLY A 685 34.57 0.09 24.27
C GLY A 685 35.53 1.26 24.26
N VAL A 686 35.12 2.41 23.74
CA VAL A 686 35.97 3.58 23.66
C VAL A 686 35.36 4.69 24.50
N SER A 687 36.16 5.27 25.37
CA SER A 687 35.72 6.36 26.24
C SER A 687 36.91 7.28 26.46
N PRO A 688 36.67 8.57 26.69
CA PRO A 688 37.76 9.51 26.94
C PRO A 688 38.57 9.16 28.18
N ASP A 697 42.80 2.51 19.21
CA ASP A 697 42.92 3.26 17.97
C ASP A 697 42.82 4.76 18.19
N PRO A 698 43.90 5.46 17.85
CA PRO A 698 43.81 6.93 17.78
C PRO A 698 42.75 7.38 16.81
N GLU A 699 42.56 6.66 15.70
CA GLU A 699 41.56 7.06 14.73
C GLU A 699 40.15 6.96 15.31
N LYS A 700 39.85 5.83 15.95
CA LYS A 700 38.53 5.67 16.51
C LYS A 700 38.25 6.74 17.54
N TYR A 701 39.24 7.01 18.41
CA TYR A 701 39.06 8.06 19.39
C TYR A 701 38.87 9.42 18.73
N SER A 702 39.63 9.69 17.67
CA SER A 702 39.49 10.97 16.99
C SER A 702 38.09 11.14 16.41
N CYS A 703 37.60 10.10 15.74
CA CYS A 703 36.26 10.17 15.17
C CYS A 703 35.21 10.35 16.26
N PHE A 704 35.41 9.66 17.38
CA PHE A 704 34.48 9.81 18.49
C PHE A 704 34.44 11.24 18.98
N ALA A 705 35.62 11.84 19.16
CA ALA A 705 35.68 13.22 19.61
C ALA A 705 35.00 14.14 18.61
N LEU A 706 35.23 13.89 17.33
CA LEU A 706 34.59 14.70 16.31
C LEU A 706 33.08 14.63 16.43
N PHE A 707 32.54 13.43 16.60
CA PHE A 707 31.11 13.32 16.72
C PHE A 707 30.60 14.01 17.97
N VAL A 708 31.33 13.91 19.07
CA VAL A 708 30.88 14.60 20.27
C VAL A 708 30.75 16.09 20.00
N LYS A 709 31.79 16.67 19.42
CA LYS A 709 31.78 18.09 19.12
C LYS A 709 30.60 18.44 18.23
N PHE A 710 30.45 17.69 17.14
CA PHE A 710 29.43 18.04 16.18
C PHE A 710 28.04 17.88 16.77
N GLY A 711 27.85 16.84 17.58
CA GLY A 711 26.56 16.66 18.22
C GLY A 711 26.20 17.83 19.11
N LYS A 712 27.15 18.28 19.93
CA LYS A 712 26.86 19.42 20.77
C LYS A 712 26.47 20.64 19.94
N GLU A 713 27.28 20.95 18.93
CA GLU A 713 27.03 22.19 18.20
C GLU A 713 25.72 22.12 17.43
N VAL A 714 25.39 20.97 16.86
CA VAL A 714 24.13 20.89 16.13
C VAL A 714 22.95 20.92 17.08
N ALA A 715 23.11 20.33 18.27
CA ALA A 715 22.04 20.40 19.25
C ALA A 715 21.75 21.84 19.61
N VAL A 716 22.80 22.67 19.68
CA VAL A 716 22.58 24.09 19.87
C VAL A 716 21.88 24.70 18.66
N LYS A 717 22.38 24.40 17.47
CA LYS A 717 21.93 25.12 16.29
C LYS A 717 20.49 24.83 15.95
N MET A 718 20.04 23.61 16.18
CA MET A 718 18.76 23.18 15.63
C MET A 718 17.58 24.01 16.12
N LYS A 719 17.72 24.75 17.21
CA LYS A 719 16.59 25.48 17.77
C LYS A 719 15.96 26.45 16.79
N GLN A 720 16.59 26.71 15.67
CA GLN A 720 16.15 27.77 14.78
C GLN A 720 15.78 27.25 13.40
N TYR A 721 15.32 26.01 13.31
CA TYR A 721 15.18 25.37 12.02
C TYR A 721 13.73 24.99 11.77
N LYS A 722 13.31 25.07 10.52
CA LYS A 722 11.95 24.80 10.13
C LYS A 722 11.82 23.40 9.54
N ASP A 723 10.61 23.08 9.13
CA ASP A 723 10.27 21.73 8.72
C ASP A 723 11.01 21.33 7.45
N GLU A 724 11.15 20.01 7.28
CA GLU A 724 11.83 19.35 6.18
C GLU A 724 13.31 19.70 6.14
N LEU A 725 13.78 20.55 7.04
CA LEU A 725 15.20 20.68 7.38
C LEU A 725 15.45 20.23 8.80
N LEU A 726 14.68 20.77 9.74
CA LEU A 726 14.79 20.32 11.12
C LEU A 726 14.60 18.82 11.23
N ALA A 727 13.80 18.25 10.34
CA ALA A 727 13.60 16.81 10.34
C ALA A 727 14.93 16.07 10.22
N SER A 728 15.77 16.51 9.29
CA SER A 728 17.04 15.83 9.10
C SER A 728 17.92 15.97 10.33
N CYS A 729 17.97 17.16 10.91
CA CYS A 729 18.80 17.35 12.10
C CYS A 729 18.36 16.42 13.21
N LEU A 730 17.05 16.35 13.46
CA LEU A 730 16.57 15.44 14.49
C LEU A 730 16.91 14.00 14.15
N THR A 731 16.66 13.60 12.91
CA THR A 731 16.87 12.21 12.55
C THR A 731 18.31 11.82 12.77
N PHE A 732 19.24 12.68 12.37
CA PHE A 732 20.63 12.39 12.63
C PHE A 732 20.91 12.38 14.13
N LEU A 733 20.38 13.37 14.84
CA LEU A 733 20.74 13.54 16.24
C LEU A 733 20.35 12.33 17.06
N LEU A 734 19.14 11.84 16.89
CA LEU A 734 18.74 10.68 17.65
C LEU A 734 19.37 9.41 17.15
N SER A 735 20.02 9.44 16.00
CA SER A 735 20.71 8.27 15.52
C SER A 735 22.04 8.07 16.21
N LEU A 736 22.36 8.91 17.18
CA LEU A 736 23.65 8.82 17.83
C LEU A 736 23.73 7.57 18.70
N PRO A 737 24.91 6.95 18.77
CA PRO A 737 25.09 5.82 19.68
C PRO A 737 24.98 6.28 21.12
N HIS A 738 24.52 5.37 21.98
CA HIS A 738 24.31 5.74 23.37
C HIS A 738 25.61 6.12 24.05
N ASN A 739 26.72 5.58 23.55
CA ASN A 739 28.01 5.91 24.14
C ASN A 739 28.23 7.41 24.14
N ILE A 740 27.89 8.07 23.04
CA ILE A 740 28.08 9.51 22.96
C ILE A 740 27.08 10.22 23.85
N ILE A 741 25.82 9.80 23.80
CA ILE A 741 24.77 10.54 24.48
C ILE A 741 24.95 10.50 25.98
N GLU A 742 25.40 9.36 26.50
CA GLU A 742 25.57 9.21 27.94
C GLU A 742 26.55 10.23 28.51
N LEU A 743 27.44 10.78 27.69
CA LEU A 743 28.31 11.84 28.17
C LEU A 743 27.51 13.05 28.59
N ASP A 744 26.47 13.39 27.84
CA ASP A 744 25.64 14.54 28.18
C ASP A 744 24.25 14.31 27.63
N VAL A 745 23.27 14.22 28.51
CA VAL A 745 21.91 13.94 28.11
C VAL A 745 21.06 15.20 28.06
N ARG A 746 21.23 16.06 29.06
CA ARG A 746 20.33 17.21 29.20
C ARG A 746 20.35 18.10 27.98
N ALA A 747 21.42 18.07 27.19
CA ALA A 747 21.39 18.82 25.95
C ALA A 747 20.51 18.13 24.92
N TYR A 748 20.54 16.81 24.86
CA TYR A 748 19.77 16.11 23.84
C TYR A 748 18.31 15.98 24.22
N VAL A 749 17.98 16.15 25.48
CA VAL A 749 16.58 16.03 25.89
C VAL A 749 15.69 16.99 25.11
N PRO A 750 16.02 18.27 24.96
CA PRO A 750 15.17 19.13 24.13
C PRO A 750 15.01 18.61 22.73
N ALA A 751 16.06 17.97 22.18
CA ALA A 751 15.93 17.37 20.87
C ALA A 751 14.84 16.31 20.87
N LEU A 752 14.84 15.45 21.89
CA LEU A 752 13.84 14.40 21.93
C LEU A 752 12.45 14.97 22.07
N GLN A 753 12.30 16.00 22.92
CA GLN A 753 10.99 16.62 23.06
C GLN A 753 10.52 17.18 21.73
N MET A 754 11.41 17.87 21.02
CA MET A 754 11.03 18.42 19.73
C MET A 754 10.61 17.31 18.79
N ALA A 755 11.35 16.22 18.80
CA ALA A 755 11.05 15.11 17.90
C ALA A 755 9.66 14.57 18.17
N PHE A 756 9.35 14.27 19.42
CA PHE A 756 8.01 13.77 19.70
C PHE A 756 6.95 14.80 19.39
N LYS A 757 7.25 16.08 19.58
CA LYS A 757 6.23 17.08 19.31
C LYS A 757 5.91 17.13 17.83
N LEU A 758 6.91 16.97 16.98
CA LEU A 758 6.63 17.03 15.56
C LEU A 758 6.05 15.75 15.01
N GLY A 759 6.12 14.66 15.76
CA GLY A 759 5.65 13.39 15.24
C GLY A 759 4.18 13.38 14.91
N LEU A 760 3.40 14.26 15.54
CA LEU A 760 1.99 14.33 15.23
C LEU A 760 1.74 14.64 13.77
N SER A 761 2.69 15.28 13.09
CA SER A 761 2.54 15.61 11.68
C SER A 761 3.33 14.68 10.78
N TYR A 762 4.60 14.46 11.10
CA TYR A 762 5.48 13.66 10.27
C TYR A 762 5.80 12.36 11.00
N THR A 763 5.25 11.26 10.50
CA THR A 763 5.35 9.99 11.22
C THR A 763 6.78 9.50 11.39
N PRO A 764 7.65 9.48 10.38
CA PRO A 764 8.98 8.91 10.59
C PRO A 764 9.74 9.57 11.71
N LEU A 765 9.52 10.87 11.93
CA LEU A 765 10.11 11.50 13.10
C LEU A 765 9.72 10.77 14.36
N ALA A 766 8.42 10.53 14.54
CA ALA A 766 7.98 9.84 15.74
C ALA A 766 8.57 8.45 15.81
N GLU A 767 8.64 7.76 14.67
CA GLU A 767 9.20 6.42 14.66
C GLU A 767 10.63 6.42 15.19
N VAL A 768 11.47 7.29 14.63
CA VAL A 768 12.85 7.31 15.09
C VAL A 768 12.91 7.77 16.54
N GLY A 769 11.96 8.60 16.97
CA GLY A 769 11.94 9.00 18.35
C GLY A 769 11.74 7.82 19.29
N LEU A 770 10.76 6.97 18.97
CA LEU A 770 10.56 5.79 19.79
C LEU A 770 11.78 4.89 19.78
N ASN A 771 12.39 4.70 18.60
CA ASN A 771 13.58 3.86 18.59
C ASN A 771 14.65 4.42 19.52
N ALA A 772 14.87 5.73 19.44
CA ALA A 772 15.89 6.34 20.28
C ALA A 772 15.56 6.20 21.75
N LEU A 773 14.31 6.46 22.12
CA LEU A 773 13.93 6.35 23.51
C LEU A 773 14.14 4.93 24.01
N GLU A 774 13.74 3.95 23.20
CA GLU A 774 13.92 2.57 23.58
C GLU A 774 15.37 2.26 23.86
N GLU A 775 16.24 2.54 22.90
CA GLU A 775 17.63 2.14 23.06
C GLU A 775 18.28 2.89 24.21
N TRP A 776 17.90 4.16 24.42
CA TRP A 776 18.39 4.88 25.58
C TRP A 776 17.98 4.17 26.85
N SER A 777 16.69 3.88 26.97
CA SER A 777 16.18 3.28 28.19
C SER A 777 16.82 1.94 28.46
N ILE A 778 17.30 1.27 27.43
CA ILE A 778 17.86 -0.06 27.66
C ILE A 778 19.35 -0.02 27.92
N TYR A 779 20.12 0.72 27.13
CA TYR A 779 21.55 0.48 27.14
C TYR A 779 22.28 1.24 28.22
N ILE A 780 21.92 2.49 28.46
CA ILE A 780 22.67 3.31 29.38
C ILE A 780 22.07 3.18 30.77
N ASP A 781 22.92 3.43 31.77
CA ASP A 781 22.65 3.02 33.14
C ASP A 781 21.38 3.66 33.68
N ARG A 782 20.60 2.86 34.40
CA ARG A 782 19.28 3.31 34.81
C ARG A 782 19.45 4.22 36.02
N HIS A 783 20.31 5.17 35.90
CA HIS A 783 20.41 6.23 36.89
C HIS A 783 20.37 7.61 36.27
N VAL A 784 20.99 7.77 35.11
CA VAL A 784 21.04 9.10 34.53
C VAL A 784 19.72 9.44 33.84
N MET A 785 18.99 8.45 33.33
CA MET A 785 17.76 8.80 32.65
C MET A 785 16.69 9.25 33.63
N GLN A 786 16.66 8.63 34.80
CA GLN A 786 15.63 8.87 35.79
C GLN A 786 15.37 10.37 35.93
N PRO A 787 16.35 11.19 36.34
CA PRO A 787 16.05 12.60 36.57
C PRO A 787 15.58 13.31 35.33
N TYR A 788 15.58 12.66 34.18
CA TYR A 788 15.18 13.30 32.94
C TYR A 788 13.88 12.80 32.37
N TYR A 789 13.33 11.71 32.90
CA TYR A 789 12.06 11.24 32.35
C TYR A 789 10.99 12.31 32.46
N LYS A 790 11.10 13.19 33.45
CA LYS A 790 10.12 14.25 33.61
C LYS A 790 9.96 15.02 32.32
N ASP A 791 11.03 15.16 31.56
CA ASP A 791 11.01 16.00 30.38
C ASP A 791 10.64 15.24 29.13
N ILE A 792 10.60 13.92 29.18
CA ILE A 792 10.40 13.15 27.96
C ILE A 792 8.97 12.70 27.85
N LEU A 793 8.55 11.89 28.81
CA LEU A 793 7.27 11.22 28.72
C LEU A 793 6.09 12.14 28.46
N PRO A 794 5.97 13.31 29.12
CA PRO A 794 4.78 14.13 28.90
C PRO A 794 4.54 14.45 27.44
N CYS A 795 5.58 14.46 26.62
CA CYS A 795 5.37 14.68 25.20
C CYS A 795 4.70 13.48 24.55
N LEU A 796 4.90 12.28 25.08
CA LEU A 796 4.26 11.12 24.47
C LEU A 796 2.75 11.16 24.57
N ASP A 797 2.22 11.97 25.49
CA ASP A 797 0.79 12.01 25.68
C ASP A 797 0.08 12.42 24.40
N GLY A 798 0.74 13.21 23.56
CA GLY A 798 0.07 13.65 22.35
C GLY A 798 -0.23 12.55 21.35
N TYR A 799 0.30 11.35 21.57
CA TYR A 799 0.10 10.30 20.58
C TYR A 799 -1.13 9.47 20.89
N LEU A 800 -1.14 8.81 22.04
CA LEU A 800 -2.22 7.89 22.36
C LEU A 800 -3.44 8.59 22.95
N LYS A 801 -3.27 9.81 23.47
CA LYS A 801 -4.37 10.47 24.16
C LYS A 801 -5.23 11.29 23.23
N THR A 802 -4.64 11.88 22.20
CA THR A 802 -5.39 12.73 21.29
C THR A 802 -6.20 11.93 20.28
N SER A 803 -5.87 10.66 20.06
CA SER A 803 -6.60 9.82 19.14
C SER A 803 -6.81 8.44 19.75
N ALA A 804 -7.80 7.74 19.24
CA ALA A 804 -8.08 6.38 19.67
C ALA A 804 -7.98 5.41 18.51
N ALA A 845 4.96 2.41 4.07
CA ALA A 845 4.92 3.71 4.74
C ALA A 845 4.33 3.47 6.13
N ILE A 846 5.13 3.71 7.15
CA ILE A 846 4.71 3.37 8.51
C ILE A 846 3.69 4.39 8.99
N SER A 847 2.53 3.92 9.40
CA SER A 847 1.41 4.79 9.74
C SER A 847 1.31 4.97 11.25
N LEU A 848 0.33 5.77 11.65
CA LEU A 848 0.21 6.13 13.06
C LEU A 848 -0.26 4.98 13.93
N GLU A 849 -0.92 3.99 13.35
CA GLU A 849 -1.59 2.99 14.16
C GLU A 849 -0.58 2.17 14.94
N GLU A 850 0.42 1.63 14.26
CA GLU A 850 1.44 0.84 14.91
C GLU A 850 2.33 1.68 15.80
N ILE A 851 2.44 2.97 15.50
CA ILE A 851 3.18 3.87 16.36
C ILE A 851 2.62 3.82 17.77
N ARG A 852 1.30 3.96 17.88
CA ARG A 852 0.68 4.00 19.19
C ARG A 852 0.85 2.65 19.89
N ILE A 853 0.83 1.56 19.12
CA ILE A 853 1.04 0.24 19.71
C ILE A 853 2.42 0.16 20.33
N ARG A 854 3.43 0.57 19.58
CA ARG A 854 4.77 0.56 20.14
C ARG A 854 4.86 1.50 21.32
N VAL A 855 4.11 2.59 21.30
CA VAL A 855 4.13 3.52 22.42
C VAL A 855 3.67 2.82 23.68
N VAL A 856 2.52 2.16 23.59
CA VAL A 856 2.01 1.46 24.76
C VAL A 856 2.97 0.38 25.21
N GLN A 857 3.50 -0.37 24.26
CA GLN A 857 4.41 -1.45 24.62
C GLN A 857 5.63 -0.90 25.34
N MET A 858 6.17 0.20 24.84
CA MET A 858 7.35 0.76 25.48
C MET A 858 7.01 1.30 26.85
N LEU A 859 5.83 1.88 27.00
CA LEU A 859 5.39 2.27 28.34
C LEU A 859 5.43 1.08 29.27
N GLY A 860 4.89 -0.04 28.82
CA GLY A 860 4.96 -1.24 29.63
C GLY A 860 6.38 -1.66 29.89
N SER A 861 7.27 -1.48 28.93
CA SER A 861 8.67 -1.79 29.15
C SER A 861 9.21 -0.97 30.32
N LEU A 862 8.83 0.29 30.38
CA LEU A 862 9.16 1.09 31.55
C LEU A 862 8.39 0.56 32.74
N GLY A 863 9.05 0.51 33.88
CA GLY A 863 8.40 0.03 35.08
C GLY A 863 7.29 0.97 35.52
N GLY A 864 6.45 0.45 36.42
CA GLY A 864 5.38 1.27 36.94
C GLY A 864 5.88 2.47 37.71
N GLN A 865 7.11 2.43 38.19
CA GLN A 865 7.66 3.51 38.98
C GLN A 865 8.28 4.61 38.13
N ILE A 866 8.27 4.46 36.81
CA ILE A 866 8.76 5.48 35.90
C ILE A 866 7.69 5.93 34.93
N ASN A 867 6.96 5.00 34.33
CA ASN A 867 5.90 5.34 33.40
C ASN A 867 4.82 6.19 34.03
N LYS A 868 4.73 6.21 35.35
CA LYS A 868 3.81 7.10 36.02
C LYS A 868 4.15 8.56 35.76
N ASN A 869 5.37 8.85 35.31
CA ASN A 869 5.73 10.22 35.07
C ASN A 869 5.01 10.80 33.87
N LEU A 870 4.32 9.97 33.09
CA LEU A 870 3.56 10.48 31.96
C LEU A 870 2.60 11.58 32.38
N LEU A 871 2.07 11.49 33.58
CA LEU A 871 1.14 12.50 34.06
C LEU A 871 1.80 13.52 34.96
N THR A 872 3.09 13.38 35.23
CA THR A 872 3.80 14.36 36.06
C THR A 872 3.97 15.62 35.23
N VAL A 873 2.85 16.29 35.00
CA VAL A 873 2.78 17.56 34.28
C VAL A 873 2.13 18.57 35.21
N THR A 874 2.81 19.68 35.44
CA THR A 874 2.32 20.68 36.38
C THR A 874 2.57 22.13 35.97
N SER A 875 3.61 22.43 35.18
CA SER A 875 4.13 23.79 35.07
C SER A 875 3.28 24.70 34.21
N SER A 876 2.55 24.17 33.22
CA SER A 876 1.75 24.99 32.32
C SER A 876 0.32 25.12 32.77
N ASP A 877 0.10 25.24 34.09
CA ASP A 877 -1.24 25.20 34.66
C ASP A 877 -2.24 26.06 33.90
N GLU A 878 -1.80 27.17 33.33
CA GLU A 878 -2.71 27.99 32.53
C GLU A 878 -3.16 27.21 31.30
N MET A 879 -2.25 26.46 30.67
CA MET A 879 -2.54 25.78 29.43
C MET A 879 -2.73 24.28 29.59
N MET A 880 -2.41 23.69 30.74
CA MET A 880 -2.97 22.37 31.02
C MET A 880 -4.47 22.40 30.94
N LYS A 881 -5.07 23.55 31.27
CA LYS A 881 -6.50 23.74 31.16
C LYS A 881 -6.87 24.70 30.05
N SER A 882 -6.36 25.93 30.09
CA SER A 882 -6.78 26.98 29.17
C SER A 882 -8.30 27.11 29.21
N TYR A 883 -8.93 26.52 30.22
CA TYR A 883 -10.37 26.57 30.38
C TYR A 883 -10.79 27.78 31.17
N VAL A 884 -9.84 28.62 31.57
CA VAL A 884 -10.18 29.83 32.30
C VAL A 884 -11.01 30.72 31.40
N ALA A 885 -12.13 31.20 31.92
CA ALA A 885 -13.00 32.05 31.14
C ALA A 885 -12.25 33.32 30.76
N TRP A 886 -12.35 33.68 29.48
CA TRP A 886 -11.61 34.84 29.00
C TRP A 886 -12.09 36.14 29.63
N ASP A 887 -13.32 36.17 30.10
CA ASP A 887 -13.87 37.36 30.74
C ASP A 887 -14.47 37.00 32.07
N ARG A 888 -14.66 38.03 32.89
CA ARG A 888 -15.45 37.90 34.09
C ARG A 888 -16.93 38.08 33.81
N GLU A 889 -17.28 38.47 32.58
CA GLU A 889 -18.63 38.86 32.26
C GLU A 889 -18.84 38.71 30.77
N LYS A 890 -20.07 38.40 30.38
CA LYS A 890 -20.38 38.14 28.98
C LYS A 890 -20.90 39.42 28.34
N ARG A 891 -20.21 39.89 27.32
CA ARG A 891 -20.54 41.17 26.72
C ARG A 891 -20.56 41.15 25.20
N LEU A 892 -20.24 40.02 24.56
CA LEU A 892 -20.50 39.87 23.13
C LEU A 892 -21.89 39.28 22.95
N SER A 893 -22.88 40.11 23.24
CA SER A 893 -24.27 39.71 23.13
C SER A 893 -24.71 39.86 21.69
N PHE A 894 -25.30 38.81 21.13
CA PHE A 894 -25.85 38.85 19.79
C PHE A 894 -27.34 38.60 19.84
N ALA A 895 -28.11 39.50 19.23
CA ALA A 895 -29.56 39.37 19.16
C ALA A 895 -29.90 38.73 17.82
N VAL A 896 -29.96 37.41 17.80
CA VAL A 896 -30.28 36.71 16.54
C VAL A 896 -31.67 37.11 16.09
N PRO A 897 -31.85 37.54 14.86
CA PRO A 897 -33.16 38.01 14.40
C PRO A 897 -34.01 36.86 13.90
N PHE A 898 -35.13 36.63 14.57
CA PHE A 898 -36.15 35.73 14.09
C PHE A 898 -37.35 36.56 13.64
N ARG A 899 -38.43 35.87 13.25
CA ARG A 899 -39.63 36.59 12.86
C ARG A 899 -40.34 37.17 14.07
N GLU A 900 -40.46 36.40 15.14
CA GLU A 900 -41.31 36.78 16.26
C GLU A 900 -40.55 37.11 17.52
N MET A 901 -39.40 36.51 17.74
CA MET A 901 -38.71 36.59 19.02
C MET A 901 -37.23 36.78 18.78
N LYS A 902 -36.56 37.43 19.73
CA LYS A 902 -35.19 37.89 19.54
C LYS A 902 -34.33 37.29 20.65
N PRO A 903 -33.90 36.05 20.49
CA PRO A 903 -33.00 35.46 21.48
C PRO A 903 -31.66 36.16 21.45
N VAL A 904 -30.99 36.14 22.59
CA VAL A 904 -29.68 36.75 22.73
C VAL A 904 -28.70 35.65 23.09
N ILE A 905 -27.63 35.54 22.31
CA ILE A 905 -26.59 34.57 22.56
C ILE A 905 -25.28 35.30 22.77
N PHE A 906 -24.47 34.79 23.70
CA PHE A 906 -23.22 35.43 24.06
C PHE A 906 -22.10 34.75 23.28
N LEU A 907 -21.56 35.46 22.30
CA LEU A 907 -20.51 34.90 21.47
C LEU A 907 -19.23 34.65 22.24
N ASP A 908 -19.10 35.22 23.43
CA ASP A 908 -17.87 35.09 24.19
C ASP A 908 -17.49 33.65 24.45
N VAL A 909 -18.48 32.75 24.52
CA VAL A 909 -18.19 31.35 24.82
C VAL A 909 -17.58 30.61 23.65
N PHE A 910 -17.36 31.28 22.53
CA PHE A 910 -16.83 30.63 21.35
C PHE A 910 -15.35 30.83 21.18
N LEU A 911 -14.86 32.02 21.48
CA LEU A 911 -13.48 32.38 21.18
C LEU A 911 -12.47 31.34 21.65
N PRO A 912 -12.54 30.82 22.88
CA PRO A 912 -11.53 29.85 23.29
C PRO A 912 -11.43 28.67 22.36
N ARG A 913 -12.54 28.26 21.76
CA ARG A 913 -12.42 27.10 20.89
C ARG A 913 -12.09 27.50 19.46
N VAL A 914 -12.77 28.50 18.92
CA VAL A 914 -12.55 28.84 17.51
C VAL A 914 -11.16 29.39 17.30
N THR A 915 -10.61 30.11 18.27
CA THR A 915 -9.24 30.58 18.11
C THR A 915 -8.30 29.42 17.90
N GLU A 916 -8.35 28.44 18.80
CA GLU A 916 -7.52 27.26 18.62
C GLU A 916 -7.80 26.59 17.28
N LEU A 917 -9.08 26.45 16.94
CA LEU A 917 -9.43 25.72 15.74
C LEU A 917 -8.81 26.36 14.52
N ALA A 918 -8.91 27.68 14.42
CA ALA A 918 -8.30 28.38 13.29
C ALA A 918 -6.79 28.32 13.38
N LEU A 919 -6.23 28.28 14.58
CA LEU A 919 -4.78 28.13 14.68
C LEU A 919 -4.33 26.81 14.08
N THR A 920 -4.95 25.72 14.50
CA THR A 920 -4.54 24.38 14.09
C THR A 920 -5.77 23.54 13.81
N ALA A 921 -6.05 23.33 12.54
CA ALA A 921 -7.17 22.50 12.12
C ALA A 921 -6.65 21.45 11.16
N SER A 922 -7.57 20.75 10.52
CA SER A 922 -7.24 19.80 9.46
C SER A 922 -8.17 20.04 8.28
N ASP A 923 -7.78 19.45 7.15
CA ASP A 923 -8.59 19.45 5.94
C ASP A 923 -8.64 20.82 5.31
N ARG A 924 -8.13 21.84 6.01
CA ARG A 924 -8.09 23.20 5.49
C ARG A 924 -9.47 23.68 5.10
N GLN A 925 -10.50 22.90 5.41
CA GLN A 925 -11.86 23.35 5.18
C GLN A 925 -12.52 23.82 6.46
N THR A 926 -12.31 23.10 7.55
CA THR A 926 -12.71 23.63 8.83
C THR A 926 -11.90 24.87 9.17
N LYS A 927 -10.61 24.87 8.81
CA LYS A 927 -9.75 25.99 9.18
C LYS A 927 -10.21 27.27 8.53
N VAL A 928 -10.55 27.23 7.24
CA VAL A 928 -10.95 28.45 6.57
C VAL A 928 -12.26 28.96 7.13
N ALA A 929 -13.19 28.05 7.44
CA ALA A 929 -14.45 28.47 8.04
C ALA A 929 -14.20 29.14 9.38
N ALA A 930 -13.32 28.56 10.19
CA ALA A 930 -12.99 29.18 11.46
C ALA A 930 -12.41 30.56 11.24
N CYS A 931 -11.55 30.70 10.23
CA CYS A 931 -10.94 32.00 9.98
C CYS A 931 -11.99 33.04 9.63
N GLU A 932 -12.91 32.69 8.74
CA GLU A 932 -13.96 33.64 8.40
C GLU A 932 -14.78 33.99 9.61
N LEU A 933 -15.13 32.99 10.41
CA LEU A 933 -15.96 33.26 11.56
C LEU A 933 -15.25 34.18 12.53
N LEU A 934 -13.97 33.96 12.76
CA LEU A 934 -13.26 34.80 13.71
C LEU A 934 -13.14 36.21 13.18
N HIS A 935 -12.93 36.35 11.89
CA HIS A 935 -12.99 37.67 11.27
C HIS A 935 -14.30 38.37 11.62
N SER A 936 -15.40 37.68 11.37
CA SER A 936 -16.68 38.31 11.62
C SER A 936 -16.86 38.63 13.09
N MET A 937 -16.38 37.74 13.96
CA MET A 937 -16.53 37.97 15.39
C MET A 937 -15.75 39.20 15.82
N VAL A 938 -14.53 39.36 15.31
CA VAL A 938 -13.77 40.51 15.76
C VAL A 938 -14.39 41.80 15.22
N MET A 939 -14.95 41.75 14.02
CA MET A 939 -15.69 42.91 13.55
C MET A 939 -16.84 43.23 14.50
N PHE A 940 -17.60 42.22 14.87
CA PHE A 940 -18.66 42.40 15.85
C PHE A 940 -18.11 43.02 17.13
N MET A 941 -16.95 42.56 17.55
CA MET A 941 -16.40 43.02 18.81
C MET A 941 -16.04 44.49 18.74
N LEU A 942 -15.43 44.93 17.64
CA LEU A 942 -15.18 46.35 17.48
C LEU A 942 -16.48 47.13 17.52
N GLY A 943 -17.46 46.69 16.72
CA GLY A 943 -18.69 47.43 16.62
C GLY A 943 -19.39 47.57 17.96
N LYS A 944 -19.35 46.50 18.76
CA LYS A 944 -19.93 46.59 20.09
C LYS A 944 -19.07 47.44 21.01
N ALA A 945 -17.76 47.45 20.81
CA ALA A 945 -16.89 48.30 21.61
C ALA A 945 -17.18 49.76 21.35
N THR A 946 -17.69 50.07 20.18
CA THR A 946 -18.02 51.48 19.92
C THR A 946 -19.19 51.96 20.72
N GLN A 947 -19.69 51.16 21.66
CA GLN A 947 -20.87 51.51 22.42
C GLN A 947 -20.69 51.16 23.88
N PRO A 956 -17.99 48.86 26.91
CA PRO A 956 -17.26 48.44 28.11
C PRO A 956 -15.83 48.03 27.79
N PRO A 957 -14.99 47.85 28.80
CA PRO A 957 -13.58 47.54 28.54
C PRO A 957 -13.38 46.13 27.99
N MET A 958 -13.54 45.98 26.68
CA MET A 958 -13.18 44.74 26.00
C MET A 958 -11.68 44.51 26.05
N TYR A 959 -10.96 45.39 26.75
CA TYR A 959 -9.53 45.25 26.93
C TYR A 959 -9.12 43.81 27.16
N GLN A 960 -9.78 43.15 28.11
CA GLN A 960 -9.43 41.77 28.44
C GLN A 960 -9.43 40.89 27.20
N LEU A 961 -10.53 40.92 26.44
CA LEU A 961 -10.58 40.13 25.22
C LEU A 961 -9.45 40.52 24.29
N TYR A 962 -9.24 41.83 24.12
CA TYR A 962 -8.09 42.29 23.36
C TYR A 962 -6.84 41.61 23.86
N LYS A 963 -6.64 41.65 25.17
CA LYS A 963 -5.41 41.17 25.77
C LYS A 963 -5.17 39.70 25.39
N ARG A 964 -6.22 38.96 25.09
CA ARG A 964 -6.05 37.58 24.72
C ARG A 964 -6.43 37.27 23.29
N THR A 965 -7.06 38.20 22.57
CA THR A 965 -7.43 37.90 21.20
C THR A 965 -6.39 38.34 20.20
N PHE A 966 -5.53 39.25 20.56
CA PHE A 966 -4.57 39.77 19.62
C PHE A 966 -3.46 38.78 19.31
N PRO A 967 -2.97 38.00 20.29
CA PRO A 967 -1.99 36.97 19.94
C PRO A 967 -2.44 36.15 18.77
N VAL A 968 -3.68 35.67 18.82
CA VAL A 968 -4.19 34.81 17.78
C VAL A 968 -4.06 35.48 16.42
N LEU A 969 -4.52 36.72 16.32
CA LEU A 969 -4.41 37.45 15.06
C LEU A 969 -2.98 37.42 14.56
N LEU A 970 -2.03 37.75 15.43
CA LEU A 970 -0.65 37.80 14.99
C LEU A 970 -0.16 36.43 14.56
N ARG A 971 -0.62 35.37 15.22
CA ARG A 971 -0.25 34.05 14.75
C ARG A 971 -0.84 33.78 13.38
N LEU A 972 -2.07 34.23 13.14
CA LEU A 972 -2.73 33.88 11.91
C LEU A 972 -2.36 34.79 10.77
N ALA A 973 -2.08 36.06 11.07
CA ALA A 973 -1.74 37.00 10.01
C ALA A 973 -0.40 36.69 9.37
N CYS A 974 0.38 35.76 9.94
CA CYS A 974 1.64 35.34 9.33
C CYS A 974 1.68 33.85 9.09
N ASP A 975 0.52 33.20 9.03
CA ASP A 975 0.52 31.76 8.87
C ASP A 975 0.93 31.36 7.46
N VAL A 976 1.21 30.06 7.30
CA VAL A 976 1.72 29.56 6.03
C VAL A 976 0.64 29.49 4.96
N ASP A 977 -0.62 29.35 5.35
CA ASP A 977 -1.68 29.24 4.37
C ASP A 977 -1.82 30.54 3.60
N GLN A 978 -2.41 30.44 2.42
CA GLN A 978 -2.54 31.59 1.56
C GLN A 978 -3.89 32.28 1.74
N VAL A 979 -4.94 31.50 1.97
CA VAL A 979 -6.24 32.10 2.23
C VAL A 979 -6.21 32.90 3.52
N THR A 980 -5.73 32.28 4.59
CA THR A 980 -5.71 32.96 5.87
C THR A 980 -4.84 34.19 5.83
N ARG A 981 -3.66 34.08 5.25
CA ARG A 981 -2.79 35.23 5.14
C ARG A 981 -3.45 36.32 4.34
N GLN A 982 -3.91 35.98 3.14
CA GLN A 982 -4.49 36.96 2.25
C GLN A 982 -5.72 37.60 2.84
N LEU A 983 -6.31 36.97 3.86
CA LEU A 983 -7.44 37.61 4.52
C LEU A 983 -6.99 38.50 5.67
N TYR A 984 -6.21 37.95 6.60
CA TYR A 984 -5.92 38.70 7.81
C TYR A 984 -4.90 39.80 7.61
N GLU A 985 -3.93 39.60 6.74
CA GLU A 985 -2.91 40.64 6.57
C GLU A 985 -3.52 42.01 6.33
N PRO A 986 -4.55 42.18 5.52
CA PRO A 986 -5.25 43.46 5.52
C PRO A 986 -5.88 43.78 6.85
N LEU A 987 -6.37 42.78 7.58
CA LEU A 987 -7.12 43.06 8.79
C LEU A 987 -6.26 43.74 9.84
N VAL A 988 -5.05 43.22 10.05
CA VAL A 988 -4.19 43.81 11.07
C VAL A 988 -3.85 45.23 10.69
N MET A 989 -3.58 45.48 9.41
CA MET A 989 -3.27 46.82 8.98
C MET A 989 -4.43 47.76 9.26
N GLN A 990 -5.65 47.31 8.96
CA GLN A 990 -6.82 48.13 9.22
C GLN A 990 -6.94 48.42 10.71
N LEU A 991 -6.76 47.40 11.54
CA LEU A 991 -6.79 47.60 12.97
C LEU A 991 -5.82 48.68 13.39
N ILE A 992 -4.58 48.56 12.94
CA ILE A 992 -3.58 49.54 13.33
C ILE A 992 -4.02 50.93 12.93
N HIS A 993 -4.53 51.08 11.72
CA HIS A 993 -5.03 52.37 11.31
C HIS A 993 -6.10 52.85 12.28
N TRP A 994 -6.90 51.94 12.81
CA TRP A 994 -7.96 52.35 13.70
C TRP A 994 -7.42 52.87 15.01
N PHE A 995 -6.51 52.13 15.64
CA PHE A 995 -6.17 52.48 17.01
C PHE A 995 -5.26 53.69 17.13
N THR A 996 -4.64 54.12 16.04
CA THR A 996 -3.90 55.37 16.06
C THR A 996 -4.79 56.55 15.77
N ASN A 997 -6.08 56.33 15.58
CA ASN A 997 -6.96 57.46 15.37
C ASN A 997 -7.06 58.30 16.61
N ASN A 998 -7.34 59.58 16.39
CA ASN A 998 -7.56 60.50 17.50
C ASN A 998 -8.70 60.01 18.38
N LYS A 999 -9.75 59.48 17.76
CA LYS A 999 -10.93 59.06 18.52
C LYS A 999 -10.55 58.06 19.60
N LYS A 1000 -9.92 56.96 19.20
CA LYS A 1000 -9.54 55.90 20.12
C LYS A 1000 -8.03 55.90 20.19
N PHE A 1001 -7.49 56.43 21.28
CA PHE A 1001 -6.06 56.58 21.38
C PHE A 1001 -5.54 56.27 22.78
N GLU A 1002 -6.37 55.69 23.64
CA GLU A 1002 -5.97 55.49 25.03
C GLU A 1002 -6.58 54.21 25.57
N SER A 1003 -5.81 53.54 26.44
CA SER A 1003 -6.26 52.46 27.29
C SER A 1003 -6.57 51.19 26.52
N GLN A 1004 -6.57 51.29 25.22
CA GLN A 1004 -6.84 50.10 24.43
C GLN A 1004 -5.77 49.86 23.37
N ASP A 1005 -5.30 50.93 22.73
CA ASP A 1005 -4.11 50.78 21.91
C ASP A 1005 -2.91 50.39 22.75
N THR A 1006 -3.00 50.54 24.06
CA THR A 1006 -1.93 50.11 24.93
C THR A 1006 -1.78 48.61 24.95
N VAL A 1007 -2.71 47.86 24.39
CA VAL A 1007 -2.53 46.43 24.23
C VAL A 1007 -2.26 46.04 22.78
N ALA A 1008 -2.80 46.77 21.81
CA ALA A 1008 -2.38 46.56 20.44
C ALA A 1008 -0.88 46.78 20.31
N LEU A 1009 -0.33 47.70 21.10
CA LEU A 1009 1.11 47.89 21.18
C LEU A 1009 1.66 47.18 22.40
N LEU A 1010 0.91 46.25 22.94
CA LEU A 1010 1.46 45.32 23.91
C LEU A 1010 1.67 43.96 23.29
N GLU A 1011 0.72 43.51 22.49
CA GLU A 1011 0.88 42.24 21.80
C GLU A 1011 1.84 42.39 20.63
N ALA A 1012 1.70 43.47 19.85
CA ALA A 1012 2.46 43.58 18.62
C ALA A 1012 3.94 43.62 18.88
N ILE A 1013 4.34 44.06 20.06
CA ILE A 1013 5.76 44.16 20.36
C ILE A 1013 6.15 43.28 21.54
N LEU A 1014 5.60 43.55 22.73
CA LEU A 1014 6.16 42.90 23.92
C LEU A 1014 6.07 41.38 23.83
N ASP A 1015 5.18 40.85 23.00
CA ASP A 1015 5.46 39.54 22.43
C ASP A 1015 4.81 39.50 21.06
N GLY A 1016 5.54 39.98 20.07
CA GLY A 1016 5.27 39.61 18.70
C GLY A 1016 6.61 39.37 18.06
N ILE A 1017 7.64 39.83 18.75
CA ILE A 1017 9.01 39.73 18.26
C ILE A 1017 9.92 39.03 19.23
N VAL A 1018 9.61 39.01 20.52
CA VAL A 1018 10.50 38.39 21.48
C VAL A 1018 10.06 36.94 21.66
N ASP A 1019 9.25 36.45 20.75
CA ASP A 1019 8.90 35.05 20.76
C ASP A 1019 10.16 34.21 20.61
N PRO A 1020 10.44 33.30 21.52
CA PRO A 1020 11.63 32.45 21.37
C PRO A 1020 11.59 31.62 20.12
N VAL A 1021 10.41 31.34 19.57
CA VAL A 1021 10.26 30.50 18.41
C VAL A 1021 9.40 31.22 17.39
N ASP A 1022 9.03 30.50 16.31
CA ASP A 1022 8.15 31.01 15.28
C ASP A 1022 8.74 32.24 14.59
N SER A 1023 9.88 32.01 13.94
CA SER A 1023 10.59 33.10 13.30
C SER A 1023 9.72 33.79 12.26
N THR A 1024 8.88 33.02 11.56
CA THR A 1024 8.01 33.65 10.58
C THR A 1024 7.04 34.61 11.23
N LEU A 1025 6.65 34.33 12.48
CA LEU A 1025 5.92 35.35 13.23
C LEU A 1025 6.82 36.52 13.56
N ARG A 1026 8.02 36.23 14.04
CA ARG A 1026 8.93 37.28 14.45
C ARG A 1026 9.24 38.25 13.33
N ASP A 1027 9.13 37.82 12.08
CA ASP A 1027 9.35 38.77 11.00
C ASP A 1027 8.14 39.65 10.78
N PHE A 1028 6.94 39.09 10.88
CA PHE A 1028 5.76 39.86 10.50
C PHE A 1028 5.58 41.07 11.38
N CYS A 1029 5.82 40.92 12.68
CA CYS A 1029 5.62 42.05 13.57
C CYS A 1029 6.55 43.19 13.24
N GLY A 1030 7.61 42.93 12.47
CA GLY A 1030 8.38 44.05 11.95
C GLY A 1030 7.57 44.91 11.02
N ARG A 1031 6.88 44.30 10.07
CA ARG A 1031 5.99 45.07 9.20
C ARG A 1031 4.92 45.74 10.04
N CYS A 1032 4.39 45.03 11.02
CA CYS A 1032 3.37 45.61 11.88
C CYS A 1032 3.88 46.87 12.55
N ILE A 1033 5.05 46.79 13.18
CA ILE A 1033 5.53 47.92 13.96
C ILE A 1033 5.89 49.08 13.06
N ARG A 1034 6.46 48.81 11.89
CA ARG A 1034 6.73 49.89 10.97
C ARG A 1034 5.44 50.59 10.58
N GLU A 1035 4.42 49.81 10.24
CA GLU A 1035 3.16 50.45 9.92
C GLU A 1035 2.47 51.01 11.14
N PHE A 1036 2.99 50.73 12.32
CA PHE A 1036 2.44 51.36 13.51
C PHE A 1036 3.03 52.75 13.69
N LEU A 1037 4.34 52.87 13.57
CA LEU A 1037 4.95 54.18 13.74
C LEU A 1037 4.47 55.14 12.66
N LYS A 1038 4.60 54.73 11.41
CA LYS A 1038 3.82 55.35 10.36
C LYS A 1038 2.36 55.13 10.67
N TRP A 1039 1.50 56.01 10.15
CA TRP A 1039 0.09 56.04 10.50
C TRP A 1039 -0.13 56.49 11.93
N SER A 1040 0.93 56.79 12.68
CA SER A 1040 0.80 57.38 13.99
C SER A 1040 1.35 58.78 14.05
N ILE A 1041 2.53 59.01 13.45
CA ILE A 1041 3.06 60.35 13.41
C ILE A 1041 2.22 61.24 12.50
N LYS A 1042 1.42 60.65 11.63
CA LYS A 1042 0.64 61.41 10.68
C LYS A 1042 -0.82 61.58 11.08
N GLN A 1043 -1.40 60.60 11.75
CA GLN A 1043 -2.78 60.74 12.21
C GLN A 1043 -2.90 61.62 13.43
N ILE A 1044 -1.82 61.85 14.16
CA ILE A 1044 -1.86 62.51 15.45
C ILE A 1044 -0.99 63.76 15.40
N THR A 1045 -1.59 64.91 15.70
CA THR A 1045 -0.84 66.15 15.77
C THR A 1045 0.08 66.12 17.00
N PRO A 1046 1.21 66.82 16.95
CA PRO A 1046 2.12 66.84 18.09
C PRO A 1046 1.45 67.27 19.37
N GLN A 1047 0.51 68.21 19.28
CA GLN A 1047 -0.21 68.67 20.45
C GLN A 1047 -0.92 67.54 21.18
N GLN A 1048 -1.04 66.37 20.57
CA GLN A 1048 -1.55 65.20 21.24
C GLN A 1048 -0.45 64.27 21.69
N GLN A 1049 0.75 64.38 21.11
CA GLN A 1049 1.82 63.43 21.39
C GLN A 1049 2.25 63.51 22.85
N GLU A 1050 2.29 64.72 23.40
CA GLU A 1050 2.63 64.86 24.81
C GLU A 1050 1.60 64.16 25.69
N LYS A 1051 0.33 64.38 25.39
CA LYS A 1051 -0.76 63.78 26.16
C LYS A 1051 -1.09 62.43 25.56
N SER A 1052 -0.17 61.50 25.77
CA SER A 1052 -0.32 60.24 25.07
C SER A 1052 0.40 59.11 25.80
N PRO A 1053 -0.35 58.08 26.23
CA PRO A 1053 0.32 56.88 26.73
C PRO A 1053 1.20 56.25 25.67
N VAL A 1054 0.82 56.38 24.41
CA VAL A 1054 1.61 55.91 23.28
C VAL A 1054 1.97 57.11 22.41
N ASN A 1055 3.24 57.23 22.07
CA ASN A 1055 3.71 58.20 21.09
C ASN A 1055 5.10 57.78 20.70
N THR A 1056 5.71 58.57 19.82
CA THR A 1056 7.06 58.22 19.39
C THR A 1056 8.02 58.21 20.56
N LYS A 1057 7.90 59.19 21.46
CA LYS A 1057 8.80 59.25 22.60
C LYS A 1057 8.67 58.02 23.47
N SER A 1058 7.44 57.66 23.83
CA SER A 1058 7.25 56.51 24.70
C SER A 1058 7.58 55.21 23.99
N LEU A 1059 7.43 55.17 22.67
CA LEU A 1059 7.69 53.93 21.95
C LEU A 1059 9.14 53.54 22.04
N PHE A 1060 10.05 54.49 21.89
CA PHE A 1060 11.45 54.15 21.95
C PHE A 1060 11.88 53.76 23.34
N LYS A 1061 11.16 54.21 24.36
CA LYS A 1061 11.47 53.78 25.71
C LYS A 1061 11.44 52.26 25.80
N ARG A 1062 10.35 51.66 25.32
CA ARG A 1062 10.21 50.22 25.43
C ARG A 1062 11.31 49.51 24.67
N LEU A 1063 11.63 50.03 23.48
CA LEU A 1063 12.68 49.40 22.69
C LEU A 1063 13.99 49.41 23.45
N TYR A 1064 14.35 50.55 24.01
CA TYR A 1064 15.63 50.65 24.70
C TYR A 1064 15.68 49.71 25.88
N SER A 1065 14.60 49.62 26.64
CA SER A 1065 14.59 48.64 27.70
C SER A 1065 14.61 47.22 27.16
N LEU A 1066 14.20 47.02 25.92
CA LEU A 1066 14.33 45.70 25.32
C LEU A 1066 15.76 45.43 24.90
N ALA A 1067 16.41 46.43 24.31
CA ALA A 1067 17.76 46.22 23.82
C ALA A 1067 18.73 45.88 24.94
N LEU A 1068 18.41 46.23 26.17
CA LEU A 1068 19.29 45.95 27.29
C LEU A 1068 18.95 44.66 28.00
N HIS A 1069 17.93 43.96 27.54
CA HIS A 1069 17.52 42.75 28.21
C HIS A 1069 18.63 41.69 28.13
N PRO A 1070 18.87 40.97 29.21
CA PRO A 1070 19.89 39.91 29.16
C PRO A 1070 19.50 38.75 28.27
N ASN A 1071 18.20 38.55 28.03
CA ASN A 1071 17.79 37.48 27.14
C ASN A 1071 18.25 37.75 25.72
N ALA A 1072 18.53 36.68 24.99
CA ALA A 1072 18.96 36.82 23.61
C ALA A 1072 17.80 37.28 22.73
N PHE A 1073 16.66 36.60 22.84
CA PHE A 1073 15.58 36.85 21.91
C PHE A 1073 15.07 38.28 22.03
N LYS A 1074 15.03 38.81 23.23
CA LYS A 1074 14.49 40.15 23.40
C LYS A 1074 15.39 41.16 22.71
N ARG A 1075 16.70 41.01 22.87
CA ARG A 1075 17.63 41.87 22.17
C ARG A 1075 17.49 41.71 20.66
N LEU A 1076 17.35 40.47 20.20
CA LEU A 1076 17.13 40.24 18.78
C LEU A 1076 15.92 41.02 18.29
N GLY A 1077 14.82 40.92 19.04
CA GLY A 1077 13.61 41.60 18.64
C GLY A 1077 13.80 43.11 18.60
N ALA A 1078 14.52 43.65 19.58
CA ALA A 1078 14.77 45.08 19.59
C ALA A 1078 15.50 45.50 18.33
N SER A 1079 16.56 44.78 17.99
CA SER A 1079 17.32 45.13 16.80
C SER A 1079 16.47 45.01 15.56
N LEU A 1080 15.65 43.97 15.47
CA LEU A 1080 14.79 43.78 14.32
C LEU A 1080 13.81 44.94 14.18
N ALA A 1081 13.20 45.33 15.29
CA ALA A 1081 12.28 46.44 15.25
C ALA A 1081 12.97 47.68 14.74
N PHE A 1082 14.20 47.91 15.20
CA PHE A 1082 14.90 49.08 14.70
C PHE A 1082 15.14 48.99 13.20
N ASN A 1083 15.59 47.84 12.74
CA ASN A 1083 15.83 47.68 11.31
C ASN A 1083 14.59 47.91 10.51
N ASN A 1084 13.42 47.76 11.12
CA ASN A 1084 12.20 48.06 10.40
C ASN A 1084 11.75 49.50 10.55
N ILE A 1085 12.04 50.16 11.67
CA ILE A 1085 11.53 51.52 11.84
C ILE A 1085 12.35 52.52 11.05
N TYR A 1086 13.63 52.24 10.84
CA TYR A 1086 14.34 52.95 9.81
C TYR A 1086 13.61 52.77 8.48
N ARG A 1087 13.82 53.71 7.57
CA ARG A 1087 12.92 54.16 6.52
C ARG A 1087 11.89 55.10 7.08
N GLU A 1088 11.80 55.25 8.40
CA GLU A 1088 10.92 56.24 8.98
C GLU A 1088 11.55 57.01 10.12
N PHE A 1089 12.56 56.47 10.78
CA PHE A 1089 13.34 57.29 11.69
C PHE A 1089 14.02 58.42 10.93
N ARG A 1090 14.53 58.10 9.73
CA ARG A 1090 15.29 59.08 8.98
C ARG A 1090 14.42 60.16 8.39
N GLU A 1091 13.18 59.85 8.07
CA GLU A 1091 12.34 60.82 7.36
C GLU A 1091 11.65 61.79 8.31
N GLU A 1092 12.15 61.88 9.53
CA GLU A 1092 11.72 62.87 10.49
C GLU A 1092 12.92 63.67 10.97
N GLU A 1093 12.65 64.83 11.54
CA GLU A 1093 13.68 65.61 12.22
C GLU A 1093 13.60 65.42 13.73
N SER A 1094 12.47 65.73 14.35
CA SER A 1094 12.36 65.82 15.80
C SER A 1094 12.83 64.55 16.49
N LEU A 1095 13.11 63.50 15.73
CA LEU A 1095 13.76 62.30 16.21
C LEU A 1095 15.22 62.23 15.85
N VAL A 1096 15.56 62.62 14.62
CA VAL A 1096 16.90 62.37 14.11
C VAL A 1096 17.93 63.31 14.72
N GLU A 1097 17.52 64.49 15.18
CA GLU A 1097 18.40 65.30 16.02
C GLU A 1097 18.03 65.20 17.48
N GLN A 1098 17.35 64.13 17.88
CA GLN A 1098 16.94 64.02 19.26
C GLN A 1098 17.33 62.66 19.82
N PHE A 1099 17.43 61.66 18.96
CA PHE A 1099 17.52 60.28 19.41
C PHE A 1099 18.72 59.52 18.90
N VAL A 1100 19.32 59.93 17.79
CA VAL A 1100 20.35 59.11 17.16
C VAL A 1100 21.51 58.90 18.13
N PHE A 1101 21.94 59.97 18.78
CA PHE A 1101 23.05 59.84 19.72
C PHE A 1101 22.70 58.92 20.88
N GLU A 1102 21.42 58.71 21.12
CA GLU A 1102 21.02 57.76 22.15
C GLU A 1102 20.85 56.37 21.59
N ALA A 1103 20.22 56.26 20.42
CA ALA A 1103 20.00 54.95 19.81
C ALA A 1103 21.31 54.25 19.53
N LEU A 1104 22.30 55.01 19.04
CA LEU A 1104 23.60 54.43 18.76
C LEU A 1104 24.21 53.83 20.00
N VAL A 1105 24.25 54.59 21.09
CA VAL A 1105 24.85 54.09 22.31
C VAL A 1105 24.12 52.84 22.76
N ILE A 1106 22.80 52.90 22.77
CA ILE A 1106 22.03 51.77 23.27
C ILE A 1106 22.33 50.53 22.44
N TYR A 1107 22.32 50.66 21.13
CA TYR A 1107 22.48 49.46 20.31
C TYR A 1107 23.89 48.92 20.37
N MET A 1108 24.90 49.80 20.39
CA MET A 1108 26.23 49.25 20.47
C MET A 1108 26.44 48.58 21.81
N GLU A 1109 25.83 49.12 22.86
CA GLU A 1109 25.87 48.44 24.14
C GLU A 1109 25.17 47.10 24.05
N SER A 1110 24.07 47.02 23.33
CA SER A 1110 23.37 45.75 23.19
C SER A 1110 24.26 44.73 22.51
N LEU A 1111 24.99 45.16 21.48
CA LEU A 1111 25.95 44.28 20.85
C LEU A 1111 26.98 43.80 21.85
N ALA A 1112 27.50 44.73 22.66
CA ALA A 1112 28.46 44.35 23.69
C ALA A 1112 27.86 43.31 24.61
N LEU A 1113 26.57 43.43 24.92
CA LEU A 1113 25.92 42.45 25.77
C LEU A 1113 25.85 41.09 25.07
N ALA A 1114 25.46 41.09 23.81
CA ALA A 1114 25.35 39.84 23.08
C ALA A 1114 26.69 39.19 22.84
N HIS A 1115 27.79 39.92 23.05
CA HIS A 1115 29.13 39.36 22.88
C HIS A 1115 29.26 37.94 23.42
N ALA A 1116 28.83 37.72 24.65
CA ALA A 1116 29.04 36.43 25.29
C ALA A 1116 28.07 35.36 24.81
N ASP A 1117 27.36 35.61 23.73
CA ASP A 1117 26.34 34.69 23.24
C ASP A 1117 26.98 33.74 22.22
N GLU A 1118 26.15 33.01 21.48
CA GLU A 1118 26.61 32.08 20.47
C GLU A 1118 26.09 32.51 19.11
N LYS A 1119 26.79 32.06 18.06
CA LYS A 1119 26.51 32.56 16.71
C LYS A 1119 25.23 31.99 16.14
N SER A 1120 24.60 31.03 16.81
CA SER A 1120 23.43 30.38 16.26
C SER A 1120 22.32 31.39 15.97
N LEU A 1121 22.04 32.26 16.93
CA LEU A 1121 21.10 33.34 16.69
C LEU A 1121 21.77 34.41 15.85
N GLY A 1122 21.00 35.02 14.96
CA GLY A 1122 21.55 36.05 14.10
C GLY A 1122 21.66 37.37 14.81
N THR A 1123 21.86 37.32 16.12
CA THR A 1123 21.90 38.54 16.92
C THR A 1123 23.00 39.46 16.44
N ILE A 1124 24.16 38.91 16.14
CA ILE A 1124 25.26 39.73 15.66
C ILE A 1124 24.89 40.40 14.35
N GLN A 1125 24.29 39.64 13.43
CA GLN A 1125 23.93 40.22 12.15
C GLN A 1125 22.94 41.36 12.34
N GLN A 1126 21.93 41.14 13.18
CA GLN A 1126 20.88 42.13 13.33
C GLN A 1126 21.44 43.42 13.92
N CYS A 1127 22.19 43.31 15.01
CA CYS A 1127 22.73 44.52 15.61
C CYS A 1127 23.72 45.19 14.67
N CYS A 1128 24.50 44.40 13.93
CA CYS A 1128 25.41 44.98 12.97
C CYS A 1128 24.66 45.83 11.96
N ASP A 1129 23.57 45.29 11.43
CA ASP A 1129 22.80 46.03 10.44
C ASP A 1129 22.18 47.28 11.06
N ALA A 1130 21.71 47.16 12.30
CA ALA A 1130 21.13 48.33 12.95
C ALA A 1130 22.15 49.44 13.07
N ILE A 1131 23.32 49.12 13.60
CA ILE A 1131 24.34 50.14 13.77
C ILE A 1131 24.78 50.69 12.43
N ASP A 1132 24.82 49.83 11.42
CA ASP A 1132 25.19 50.30 10.08
C ASP A 1132 24.19 51.31 9.57
N HIS A 1133 22.90 51.03 9.72
CA HIS A 1133 21.90 52.00 9.30
C HIS A 1133 22.07 53.30 10.06
N LEU A 1134 22.32 53.20 11.37
CA LEU A 1134 22.47 54.40 12.16
C LEU A 1134 23.62 55.26 11.66
N CYS A 1135 24.78 54.66 11.47
CA CYS A 1135 25.92 55.45 11.04
C CYS A 1135 25.72 55.98 9.64
N ARG A 1136 25.06 55.23 8.77
CA ARG A 1136 24.82 55.71 7.42
C ARG A 1136 23.95 56.97 7.44
N ILE A 1137 22.86 56.93 8.20
CA ILE A 1137 22.01 58.11 8.24
C ILE A 1137 22.73 59.25 8.93
N ILE A 1138 23.60 58.95 9.89
CA ILE A 1138 24.36 60.02 10.54
C ILE A 1138 25.28 60.70 9.52
N GLU A 1139 25.96 59.89 8.72
CA GLU A 1139 26.81 60.44 7.67
C GLU A 1139 25.99 61.24 6.68
N LYS A 1140 24.74 60.83 6.46
CA LYS A 1140 23.85 61.59 5.61
C LYS A 1140 23.62 62.98 6.19
N LYS A 1141 22.99 63.06 7.36
CA LYS A 1141 22.74 64.33 8.03
C LYS A 1141 23.82 64.52 9.10
N HIS A 1142 24.89 65.19 8.71
CA HIS A 1142 25.99 65.42 9.63
C HIS A 1142 26.18 66.88 9.99
N VAL A 1143 26.14 67.78 9.02
CA VAL A 1143 26.39 69.20 9.29
C VAL A 1143 25.37 69.73 10.29
N SER A 1144 24.09 69.39 10.09
CA SER A 1144 23.08 69.77 11.07
C SER A 1144 23.32 69.06 12.39
N LEU A 1145 23.93 67.88 12.35
CA LEU A 1145 24.11 67.08 13.54
C LEU A 1145 25.45 67.32 14.20
N ASN A 1146 26.48 67.63 13.41
CA ASN A 1146 27.80 67.85 13.97
C ASN A 1146 27.78 69.05 14.90
N LYS A 1147 27.01 70.07 14.55
CA LYS A 1147 26.80 71.20 15.46
C LYS A 1147 26.14 70.72 16.73
N ALA A 1148 26.65 71.19 17.86
CA ALA A 1148 26.18 70.72 19.16
C ALA A 1148 24.92 71.45 19.57
N LYS A 1149 23.90 70.70 19.96
CA LYS A 1149 22.67 71.28 20.47
C LYS A 1149 22.32 70.55 21.75
N LYS A 1150 21.13 70.79 22.31
CA LYS A 1150 20.68 70.02 23.45
C LYS A 1150 19.82 68.87 22.96
N ARG A 1151 20.20 67.66 23.33
CA ARG A 1151 19.56 66.46 22.84
C ARG A 1151 19.40 65.46 23.97
N ARG A 1152 18.60 64.43 23.73
CA ARG A 1152 18.34 63.43 24.75
C ARG A 1152 19.64 62.79 25.21
N LEU A 1153 19.80 62.67 26.52
CA LEU A 1153 21.05 62.17 27.06
C LEU A 1153 21.15 60.67 26.85
N PRO A 1154 22.23 60.19 26.22
CA PRO A 1154 22.45 58.75 26.15
C PRO A 1154 22.78 58.17 27.51
N ARG A 1155 22.88 56.84 27.54
CA ARG A 1155 23.12 56.15 28.80
C ARG A 1155 24.51 56.48 29.36
N GLY A 1156 25.54 56.32 28.55
CA GLY A 1156 26.89 56.39 29.05
C GLY A 1156 27.51 57.77 28.99
N PHE A 1157 26.79 58.76 29.52
CA PHE A 1157 27.29 60.14 29.54
C PHE A 1157 26.91 60.77 30.88
N PRO A 1158 27.86 60.82 31.81
CA PRO A 1158 27.59 61.45 33.10
C PRO A 1158 27.14 62.90 32.98
N PRO A 1159 27.86 63.77 32.27
CA PRO A 1159 27.52 65.19 32.34
C PRO A 1159 26.27 65.51 31.53
N SER A 1160 25.66 66.63 31.88
CA SER A 1160 24.50 67.15 31.17
C SER A 1160 24.93 68.46 30.49
N ALA A 1161 24.93 68.46 29.17
CA ALA A 1161 25.37 69.62 28.40
C ALA A 1161 24.84 69.48 26.98
N SER A 1162 25.32 70.35 26.09
CA SER A 1162 24.96 70.26 24.68
C SER A 1162 25.76 69.15 24.04
N LEU A 1163 25.09 68.04 23.74
CA LEU A 1163 25.77 66.90 23.15
C LEU A 1163 26.32 67.26 21.78
N CYS A 1164 27.49 66.72 21.46
CA CYS A 1164 28.11 66.98 20.18
C CYS A 1164 28.61 65.67 19.60
N LEU A 1165 28.71 65.65 18.28
CA LEU A 1165 29.38 64.55 17.62
C LEU A 1165 30.76 64.35 18.19
N LEU A 1166 31.43 65.45 18.55
CA LEU A 1166 32.76 65.37 19.12
C LEU A 1166 32.76 64.50 20.38
N ASP A 1167 31.83 64.77 21.28
CA ASP A 1167 31.80 64.02 22.53
C ASP A 1167 31.57 62.55 22.27
N LEU A 1168 30.70 62.24 21.31
CA LEU A 1168 30.46 60.85 21.00
C LEU A 1168 31.72 60.20 20.45
N VAL A 1169 32.49 60.95 19.66
CA VAL A 1169 33.76 60.40 19.16
C VAL A 1169 34.69 60.11 20.32
N LYS A 1170 34.78 61.05 21.26
CA LYS A 1170 35.60 60.83 22.45
C LYS A 1170 35.16 59.56 23.14
N TRP A 1171 33.86 59.38 23.30
CA TRP A 1171 33.36 58.20 23.98
C TRP A 1171 33.67 56.93 23.21
N LEU A 1172 33.51 56.96 21.90
CA LEU A 1172 33.83 55.79 21.09
C LEU A 1172 35.26 55.37 21.31
N LEU A 1173 36.19 56.30 21.11
CA LEU A 1173 37.58 55.94 21.27
C LEU A 1173 37.91 55.65 22.73
N ALA A 1174 37.06 56.10 23.66
CA ALA A 1174 37.22 55.68 25.04
C ALA A 1174 36.84 54.23 25.20
N HIS A 1175 35.84 53.78 24.46
CA HIS A 1175 35.43 52.39 24.46
C HIS A 1175 36.06 51.62 23.32
N CYS A 1176 37.11 52.17 22.72
CA CYS A 1176 37.73 51.55 21.58
C CYS A 1176 38.28 50.17 21.88
N GLY A 1177 38.58 49.88 23.15
CA GLY A 1177 39.03 48.57 23.51
C GLY A 1177 38.22 48.02 24.66
N ARG A 1178 37.52 46.92 24.43
CA ARG A 1178 36.77 46.29 25.50
C ARG A 1178 36.61 44.82 25.14
N PRO A 1179 36.52 43.93 26.13
CA PRO A 1179 36.61 42.50 25.82
C PRO A 1179 35.57 42.03 24.84
N GLN A 1180 34.42 42.69 24.80
CA GLN A 1180 33.36 42.30 23.88
C GLN A 1180 33.85 42.51 22.45
N THR A 1181 34.28 41.42 21.81
CA THR A 1181 35.02 41.55 20.57
C THR A 1181 34.20 42.23 19.48
N GLU A 1182 32.93 41.87 19.35
CA GLU A 1182 32.14 42.46 18.30
C GLU A 1182 31.91 43.94 18.55
N CYS A 1183 31.61 44.29 19.79
CA CYS A 1183 31.53 45.69 20.14
C CYS A 1183 32.81 46.40 19.78
N ARG A 1184 33.94 45.74 20.01
CA ARG A 1184 35.22 46.36 19.72
C ARG A 1184 35.38 46.65 18.24
N HIS A 1185 35.17 45.64 17.40
CA HIS A 1185 35.30 45.85 15.97
C HIS A 1185 34.37 46.95 15.50
N LYS A 1186 33.11 46.87 15.91
CA LYS A 1186 32.13 47.82 15.41
C LYS A 1186 32.48 49.22 15.86
N SER A 1187 32.88 49.37 17.11
CA SER A 1187 33.27 50.68 17.61
C SER A 1187 34.44 51.24 16.84
N ILE A 1188 35.44 50.41 16.57
CA ILE A 1188 36.64 50.89 15.89
C ILE A 1188 36.29 51.39 14.50
N GLU A 1189 35.53 50.58 13.76
CA GLU A 1189 35.23 50.97 12.40
C GLU A 1189 34.31 52.18 12.38
N LEU A 1190 33.45 52.32 13.38
CA LEU A 1190 32.66 53.54 13.49
C LEU A 1190 33.56 54.74 13.72
N PHE A 1191 34.55 54.60 14.59
CA PHE A 1191 35.47 55.69 14.86
C PHE A 1191 36.15 56.15 13.58
N TYR A 1192 36.61 55.18 12.78
CA TYR A 1192 37.27 55.55 11.54
C TYR A 1192 36.30 56.20 10.56
N LYS A 1193 35.09 55.66 10.45
CA LYS A 1193 34.13 56.27 9.55
C LYS A 1193 33.61 57.60 10.06
N PHE A 1194 33.92 57.96 11.30
CA PHE A 1194 33.43 59.19 11.88
C PHE A 1194 34.44 60.32 11.91
N VAL A 1195 35.72 59.99 12.10
CA VAL A 1195 36.72 61.04 12.25
C VAL A 1195 36.63 62.08 11.15
N PRO A 1196 36.57 61.73 9.87
CA PRO A 1196 36.53 62.77 8.83
C PRO A 1196 35.33 63.70 8.95
N LEU A 1197 34.21 63.21 9.47
CA LEU A 1197 33.01 64.05 9.50
C LEU A 1197 33.04 65.08 10.60
N LEU A 1198 34.07 65.07 11.43
CA LEU A 1198 34.24 66.12 12.41
C LEU A 1198 34.50 67.44 11.68
N PRO A 1199 34.21 68.57 12.32
CA PRO A 1199 34.24 69.85 11.60
C PRO A 1199 35.59 70.18 11.01
N GLY A 1200 36.68 69.66 11.59
CA GLY A 1200 37.99 69.94 11.04
C GLY A 1200 38.28 69.23 9.73
N ASN A 1201 37.56 68.14 9.44
CA ASN A 1201 37.87 67.28 8.29
C ASN A 1201 39.30 66.77 8.39
N ARG A 1202 39.64 66.28 9.58
CA ARG A 1202 40.99 65.85 9.90
C ARG A 1202 41.30 64.49 9.30
N SER A 1203 42.53 64.15 9.29
CA SER A 1203 42.75 62.75 9.02
C SER A 1203 42.90 62.00 10.34
N PRO A 1204 42.49 60.73 10.38
CA PRO A 1204 42.46 60.03 11.67
C PRO A 1204 43.79 60.05 12.38
N ASN A 1205 44.87 59.79 11.65
CA ASN A 1205 46.20 59.92 12.22
C ASN A 1205 46.45 61.35 12.67
N LEU A 1206 46.16 62.30 11.78
CA LEU A 1206 46.44 63.70 12.10
C LEU A 1206 45.53 64.18 13.21
N TRP A 1207 44.25 63.82 13.14
CA TRP A 1207 43.33 64.16 14.23
C TRP A 1207 43.84 63.62 15.56
N LEU A 1208 44.25 62.36 15.57
CA LEU A 1208 44.70 61.76 16.81
C LEU A 1208 45.94 62.45 17.34
N LYS A 1209 46.92 62.70 16.47
CA LYS A 1209 48.13 63.36 16.92
C LYS A 1209 47.81 64.76 17.44
N ASP A 1210 46.80 65.40 16.88
CA ASP A 1210 46.36 66.68 17.40
C ASP A 1210 45.79 66.52 18.80
N VAL A 1211 44.91 65.55 18.98
CA VAL A 1211 44.20 65.43 20.26
C VAL A 1211 45.07 64.83 21.36
N LEU A 1212 46.20 64.23 21.00
CA LEU A 1212 47.08 63.63 21.99
C LEU A 1212 48.22 64.53 22.40
N LYS A 1213 48.29 65.75 21.87
CA LYS A 1213 49.45 66.60 22.10
C LYS A 1213 49.67 66.87 23.58
N GLU A 1214 48.64 66.72 24.40
CA GLU A 1214 48.68 67.15 25.77
C GLU A 1214 48.27 66.09 26.78
N GLU A 1215 47.75 64.96 26.33
CA GLU A 1215 47.46 63.86 27.25
C GLU A 1215 47.80 62.50 26.66
N GLY A 1216 48.24 62.43 25.41
CA GLY A 1216 48.24 61.17 24.69
C GLY A 1216 49.09 60.10 25.35
N VAL A 1217 50.22 60.49 25.95
CA VAL A 1217 51.18 59.51 26.44
C VAL A 1217 50.51 58.53 27.39
N SER A 1218 49.70 59.04 28.32
CA SER A 1218 48.92 58.17 29.19
C SER A 1218 47.50 57.98 28.71
N PHE A 1219 47.04 58.81 27.77
CA PHE A 1219 45.69 58.67 27.27
C PHE A 1219 45.54 57.38 26.49
N LEU A 1220 46.54 57.04 25.69
CA LEU A 1220 46.56 55.80 24.96
C LEU A 1220 46.91 54.61 25.86
N ILE A 1221 47.19 54.86 27.12
CA ILE A 1221 47.29 53.79 28.10
C ILE A 1221 45.95 53.55 28.77
N ASN A 1222 45.29 54.64 29.16
CA ASN A 1222 43.87 54.60 29.50
C ASN A 1222 43.12 53.77 28.47
N THR A 1223 43.13 54.25 27.24
CA THR A 1223 42.64 53.46 26.15
C THR A 1223 43.63 52.33 25.88
N PHE A 1224 43.17 51.31 25.18
CA PHE A 1224 44.01 50.24 24.66
C PHE A 1224 44.47 49.30 25.76
N GLU A 1225 44.30 49.68 27.02
CA GLU A 1225 44.79 48.86 28.12
C GLU A 1225 43.86 48.81 29.32
N GLY A 1226 42.88 49.70 29.42
CA GLY A 1226 41.85 49.60 30.43
C GLY A 1226 40.60 49.09 29.77
N GLY A 1227 39.72 50.02 29.39
CA GLY A 1227 38.61 49.68 28.53
C GLY A 1227 37.42 49.09 29.28
N GLY A 1228 36.23 49.56 28.94
CA GLY A 1228 35.04 49.10 29.62
C GLY A 1228 34.76 49.98 30.83
N CYS A 1229 33.60 50.64 30.80
CA CYS A 1229 33.20 51.60 31.83
C CYS A 1229 34.38 52.46 32.28
N GLY A 1230 34.95 53.15 31.31
CA GLY A 1230 36.18 53.87 31.59
C GLY A 1230 37.26 52.87 31.92
N GLN A 1231 37.99 53.13 33.01
CA GLN A 1231 39.00 52.20 33.50
C GLN A 1231 38.86 52.00 34.99
N PRO A 1232 38.04 51.06 35.42
CA PRO A 1232 38.21 50.53 36.78
C PRO A 1232 39.40 49.61 36.81
N SER A 1233 39.56 48.82 35.74
CA SER A 1233 40.65 47.86 35.63
C SER A 1233 40.77 47.34 34.20
N GLY A 1234 41.96 47.42 33.63
CA GLY A 1234 42.25 46.72 32.40
C GLY A 1234 43.48 45.87 32.56
N ILE A 1235 44.13 45.50 31.46
CA ILE A 1235 45.37 44.74 31.58
C ILE A 1235 46.48 45.62 32.10
N LEU A 1236 46.35 46.94 31.95
CA LEU A 1236 47.22 47.84 32.69
C LEU A 1236 47.07 47.62 34.19
N ALA A 1237 45.88 47.24 34.63
CA ALA A 1237 45.60 47.07 36.05
C ALA A 1237 45.71 45.62 36.52
N GLN A 1238 45.62 44.66 35.61
CA GLN A 1238 45.82 43.25 35.94
C GLN A 1238 46.90 42.71 35.03
N PRO A 1239 48.15 43.11 35.27
CA PRO A 1239 49.21 42.87 34.27
C PRO A 1239 49.46 41.41 33.95
N THR A 1240 49.28 40.50 34.90
CA THR A 1240 49.48 39.09 34.61
C THR A 1240 48.30 38.29 35.13
N LEU A 1241 48.26 37.02 34.71
CA LEU A 1241 47.25 36.11 35.23
C LEU A 1241 47.41 35.86 36.70
N LEU A 1242 48.57 36.19 37.28
CA LEU A 1242 48.79 35.96 38.70
C LEU A 1242 47.81 36.75 39.54
N TYR A 1243 47.45 37.96 39.10
CA TYR A 1243 46.59 38.83 39.87
C TYR A 1243 45.13 38.54 39.56
N LEU A 1244 44.34 38.30 40.59
CA LEU A 1244 42.95 37.96 40.44
C LEU A 1244 42.27 38.09 41.80
N ARG A 1245 41.04 37.62 41.89
CA ARG A 1245 40.36 37.41 43.15
C ARG A 1245 40.32 35.92 43.46
N GLY A 1246 40.80 35.57 44.64
CA GLY A 1246 40.68 34.22 45.14
C GLY A 1246 41.39 33.20 44.28
N PRO A 1247 40.86 31.98 44.28
CA PRO A 1247 41.53 30.89 43.56
C PRO A 1247 41.18 30.85 42.09
N PHE A 1248 41.59 29.79 41.42
CA PHE A 1248 41.37 29.56 40.01
C PHE A 1248 39.91 29.72 39.59
N SER A 1249 39.70 29.99 38.31
CA SER A 1249 38.35 30.07 37.76
C SER A 1249 38.42 29.82 36.27
N LEU A 1250 37.44 29.07 35.77
CA LEU A 1250 37.31 28.95 34.32
C LEU A 1250 36.84 30.24 33.70
N GLN A 1251 36.73 31.30 34.47
CA GLN A 1251 36.14 32.55 34.00
C GLN A 1251 37.09 33.72 34.11
N ALA A 1252 37.82 33.81 35.22
CA ALA A 1252 38.80 34.88 35.36
C ALA A 1252 39.88 34.75 34.30
N THR A 1253 40.35 33.53 34.07
CA THR A 1253 41.34 33.30 33.03
C THR A 1253 40.80 33.75 31.68
N LEU A 1254 39.57 33.38 31.38
CA LEU A 1254 38.98 33.76 30.10
C LEU A 1254 38.86 35.26 29.98
N CYS A 1255 38.43 35.93 31.04
CA CYS A 1255 38.33 37.38 31.00
C CYS A 1255 39.68 38.01 30.77
N TRP A 1256 40.70 37.52 31.46
CA TRP A 1256 42.04 38.03 31.26
C TRP A 1256 42.46 37.88 29.81
N LEU A 1257 42.24 36.68 29.27
CA LEU A 1257 42.65 36.41 27.90
C LEU A 1257 41.93 37.34 26.94
N ASP A 1258 40.64 37.54 27.16
CA ASP A 1258 39.88 38.41 26.27
C ASP A 1258 40.37 39.84 26.36
N LEU A 1259 40.69 40.31 27.56
CA LEU A 1259 41.24 41.66 27.68
C LEU A 1259 42.51 41.76 26.88
N LEU A 1260 43.38 40.76 27.00
CA LEU A 1260 44.62 40.78 26.25
C LEU A 1260 44.35 40.81 24.76
N LEU A 1261 43.42 39.99 24.30
CA LEU A 1261 43.11 39.94 22.89
C LEU A 1261 42.59 41.28 22.39
N ALA A 1262 41.74 41.92 23.19
CA ALA A 1262 41.22 43.21 22.82
C ALA A 1262 42.36 44.20 22.63
N ALA A 1263 43.28 44.24 23.59
CA ALA A 1263 44.41 45.16 23.48
C ALA A 1263 45.21 44.87 22.22
N LEU A 1264 45.46 43.59 21.95
CA LEU A 1264 46.22 43.22 20.77
C LEU A 1264 45.55 43.72 19.51
N GLU A 1265 44.27 43.41 19.35
CA GLU A 1265 43.59 43.81 18.12
C GLU A 1265 43.56 45.32 17.99
N CYS A 1266 43.42 46.03 19.10
CA CYS A 1266 43.32 47.48 18.99
C CYS A 1266 44.65 48.09 18.56
N TYR A 1267 45.75 47.66 19.20
CA TYR A 1267 47.05 48.08 18.71
C TYR A 1267 47.25 47.71 17.26
N ASN A 1268 46.82 46.52 16.87
CA ASN A 1268 46.98 46.10 15.49
C ASN A 1268 46.29 47.06 14.55
N THR A 1269 45.06 47.42 14.87
CA THR A 1269 44.34 48.32 13.98
C THR A 1269 44.99 49.68 13.95
N PHE A 1270 45.44 50.18 15.10
CA PHE A 1270 45.96 51.53 15.14
C PHE A 1270 47.44 51.61 14.79
N ILE A 1271 48.06 50.49 14.47
CA ILE A 1271 49.43 50.46 14.00
C ILE A 1271 49.48 50.12 12.52
N GLY A 1272 48.80 49.04 12.12
CA GLY A 1272 48.74 48.70 10.71
C GLY A 1272 48.18 49.84 9.89
N GLU A 1273 47.08 50.43 10.35
CA GLU A 1273 46.73 51.74 9.85
C GLU A 1273 47.78 52.74 10.33
N ARG A 1274 48.17 53.62 9.43
CA ARG A 1274 49.20 54.60 9.77
C ARG A 1274 48.60 55.62 10.73
N THR A 1275 48.24 55.17 11.93
CA THR A 1275 47.58 56.01 12.90
C THR A 1275 48.61 56.67 13.82
N VAL A 1276 49.38 55.86 14.51
CA VAL A 1276 50.40 56.33 15.45
C VAL A 1276 51.71 55.62 15.14
N GLY A 1277 52.81 56.34 15.24
CA GLY A 1277 54.10 55.69 15.18
C GLY A 1277 54.23 54.66 16.28
N ALA A 1278 54.71 53.47 15.94
CA ALA A 1278 54.89 52.44 16.95
C ALA A 1278 55.88 52.91 18.01
N LEU A 1279 56.96 53.56 17.57
CA LEU A 1279 57.91 54.13 18.51
C LEU A 1279 57.26 55.19 19.39
N GLN A 1280 56.15 55.77 18.94
CA GLN A 1280 55.46 56.76 19.76
C GLN A 1280 54.80 56.11 20.96
N VAL A 1281 53.90 55.16 20.69
CA VAL A 1281 53.05 54.64 21.76
C VAL A 1281 53.77 53.59 22.60
N LEU A 1282 54.30 52.55 21.97
CA LEU A 1282 54.97 51.48 22.69
C LEU A 1282 56.48 51.49 22.41
N GLY A 1283 57.05 52.65 22.15
CA GLY A 1283 58.46 52.72 21.89
C GLY A 1283 59.22 52.77 23.19
N THR A 1284 60.04 53.81 23.39
CA THR A 1284 60.77 53.93 24.65
C THR A 1284 59.81 54.11 25.81
N GLU A 1285 58.75 54.90 25.62
CA GLU A 1285 57.70 55.03 26.61
C GLU A 1285 56.75 53.86 26.45
N ALA A 1286 56.80 52.90 27.36
CA ALA A 1286 56.11 51.62 27.23
C ALA A 1286 55.42 51.24 28.52
N GLN A 1287 54.63 52.16 29.07
CA GLN A 1287 53.90 51.86 30.30
C GLN A 1287 52.91 50.71 30.11
N SER A 1288 52.59 50.39 28.87
CA SER A 1288 51.73 49.24 28.58
C SER A 1288 52.32 47.97 29.15
N SER A 1289 51.49 47.17 29.80
CA SER A 1289 51.88 45.86 30.29
C SER A 1289 51.88 44.81 29.20
N LEU A 1290 51.66 45.22 27.96
CA LEU A 1290 51.49 44.28 26.86
C LEU A 1290 52.67 43.33 26.76
N LEU A 1291 53.87 43.88 26.64
CA LEU A 1291 55.04 43.04 26.47
C LEU A 1291 55.17 42.08 27.62
N LYS A 1292 54.80 42.51 28.83
CA LYS A 1292 54.86 41.64 29.98
C LYS A 1292 53.88 40.48 29.82
N ALA A 1293 52.69 40.76 29.31
CA ALA A 1293 51.70 39.71 29.15
C ALA A 1293 52.03 38.81 27.98
N VAL A 1294 52.53 39.39 26.89
CA VAL A 1294 53.05 38.57 25.81
C VAL A 1294 54.16 37.68 26.32
N ALA A 1295 55.08 38.26 27.09
CA ALA A 1295 56.10 37.48 27.75
C ALA A 1295 55.49 36.42 28.65
N PHE A 1296 54.36 36.75 29.29
CA PHE A 1296 53.72 35.79 30.17
C PHE A 1296 53.29 34.54 29.44
N PHE A 1297 53.20 34.60 28.11
CA PHE A 1297 52.95 33.42 27.31
C PHE A 1297 54.18 32.56 27.13
N LEU A 1298 55.26 32.83 27.85
CA LEU A 1298 56.36 31.88 27.88
C LEU A 1298 55.86 30.54 28.40
N GLU A 1299 55.11 30.57 29.50
CA GLU A 1299 54.24 29.46 29.81
C GLU A 1299 52.88 29.99 30.24
N SER A 1300 52.05 30.23 29.25
CA SER A 1300 50.61 30.16 29.40
C SER A 1300 49.99 29.38 28.27
N ILE A 1301 50.78 29.00 27.27
CA ILE A 1301 50.30 28.43 26.03
C ILE A 1301 51.28 27.36 25.58
N ALA A 1302 50.77 26.40 24.83
CA ALA A 1302 51.58 25.49 24.03
C ALA A 1302 52.37 24.51 24.88
N MET A 1303 52.34 24.66 26.19
CA MET A 1303 52.79 23.57 27.04
C MET A 1303 51.89 23.34 28.24
N HIS A 1304 51.17 24.34 28.72
CA HIS A 1304 50.19 24.12 29.78
C HIS A 1304 48.81 24.52 29.28
N ASP A 1305 47.91 23.55 29.28
CA ASP A 1305 46.50 23.75 29.02
C ASP A 1305 45.62 22.98 29.99
N ILE A 1306 46.14 21.93 30.62
CA ILE A 1306 45.39 21.19 31.62
C ILE A 1306 45.45 21.83 33.00
N ILE A 1307 46.29 22.85 33.18
CA ILE A 1307 46.40 23.54 34.45
C ILE A 1307 46.28 25.03 34.20
N ALA A 1308 45.57 25.71 35.10
CA ALA A 1308 45.54 27.16 35.06
C ALA A 1308 46.95 27.71 35.20
N ALA A 1309 47.71 27.20 36.16
CA ALA A 1309 49.09 27.60 36.38
C ALA A 1309 49.20 29.11 36.52
N GLU A 1310 48.21 29.71 37.20
CA GLU A 1310 48.22 31.14 37.41
C GLU A 1310 49.37 31.60 38.28
N LYS A 1311 50.04 30.67 38.93
CA LYS A 1311 51.26 30.93 39.69
C LYS A 1311 51.02 31.88 40.85
N CYS A 1312 49.77 31.93 41.32
CA CYS A 1312 49.45 32.50 42.62
C CYS A 1312 48.95 31.42 43.57
N PHE A 1313 47.86 30.76 43.22
CA PHE A 1313 47.43 29.46 43.71
C PHE A 1313 46.10 29.12 43.04
N GLY A 1314 45.77 27.84 43.03
CA GLY A 1314 44.49 27.38 42.52
C GLY A 1314 43.69 26.64 43.58
N GLY A 1319 41.34 28.33 36.49
CA GLY A 1319 40.66 27.40 35.62
C GLY A 1319 41.31 26.03 35.54
N ASN A 1320 40.94 25.27 34.51
CA ASN A 1320 41.49 23.93 34.24
C ASN A 1320 41.29 22.99 35.43
N ARG A 1321 40.02 22.70 35.70
CA ARG A 1321 39.66 21.67 36.68
C ARG A 1321 39.07 20.42 36.04
N THR A 1322 38.14 20.58 35.11
CA THR A 1322 37.54 19.46 34.38
C THR A 1322 37.91 19.62 32.92
N SER A 1323 38.76 18.73 32.42
CA SER A 1323 39.31 18.91 31.07
C SER A 1323 38.24 18.96 29.98
N PRO A 1324 37.23 18.10 29.94
CA PRO A 1324 36.17 18.28 28.94
C PRO A 1324 35.27 19.42 29.39
N GLN A 1325 34.20 19.63 28.64
CA GLN A 1325 33.16 20.59 29.03
C GLN A 1325 33.78 21.98 29.22
N GLU A 1326 34.16 22.57 28.08
CA GLU A 1326 34.69 23.91 27.95
C GLU A 1326 36.16 24.01 28.34
N GLY A 1327 36.84 22.89 28.54
CA GLY A 1327 38.28 22.92 28.39
C GLY A 1327 38.64 23.27 26.97
N GLU A 1328 37.88 22.72 26.02
CA GLU A 1328 38.04 23.12 24.63
C GLU A 1328 37.73 24.60 24.45
N ARG A 1329 36.86 25.15 25.29
CA ARG A 1329 36.65 26.59 25.29
C ARG A 1329 37.95 27.30 25.59
N TYR A 1330 38.66 26.85 26.62
CA TYR A 1330 39.98 27.39 26.91
C TYR A 1330 40.90 27.25 25.72
N ASN A 1331 40.89 26.08 25.08
CA ASN A 1331 41.75 25.88 23.93
C ASN A 1331 41.44 26.88 22.84
N TYR A 1332 40.17 26.99 22.47
CA TYR A 1332 39.76 27.92 21.44
C TYR A 1332 40.22 29.32 21.75
N SER A 1333 40.03 29.73 23.01
CA SER A 1333 40.38 31.09 23.39
C SER A 1333 41.88 31.31 23.22
N LYS A 1334 42.69 30.41 23.77
CA LYS A 1334 44.12 30.62 23.65
C LYS A 1334 44.56 30.57 22.21
N CYS A 1335 43.88 29.77 21.38
CA CYS A 1335 44.27 29.68 19.98
C CYS A 1335 44.06 31.01 19.27
N THR A 1336 42.85 31.57 19.39
CA THR A 1336 42.61 32.83 18.72
C THR A 1336 43.52 33.91 19.29
N VAL A 1337 43.84 33.82 20.58
CA VAL A 1337 44.80 34.75 21.13
C VAL A 1337 46.13 34.61 20.40
N VAL A 1338 46.55 33.36 20.19
CA VAL A 1338 47.83 33.11 19.53
C VAL A 1338 47.84 33.75 18.16
N VAL A 1339 46.77 33.56 17.41
CA VAL A 1339 46.80 34.05 16.05
C VAL A 1339 46.79 35.58 16.02
N ARG A 1340 46.12 36.20 16.97
CA ARG A 1340 46.22 37.66 17.00
C ARG A 1340 47.61 38.12 17.41
N ILE A 1341 48.30 37.40 18.30
CA ILE A 1341 49.69 37.75 18.58
C ILE A 1341 50.51 37.64 17.32
N MET A 1342 50.31 36.56 16.61
CA MET A 1342 50.95 36.30 15.33
C MET A 1342 50.83 37.54 14.45
N GLU A 1343 49.59 37.92 14.17
CA GLU A 1343 49.35 39.03 13.25
C GLU A 1343 49.88 40.35 13.78
N PHE A 1344 49.74 40.59 15.08
CA PHE A 1344 50.24 41.84 15.62
C PHE A 1344 51.74 41.94 15.45
N THR A 1345 52.46 40.88 15.76
CA THR A 1345 53.90 40.88 15.56
C THR A 1345 54.23 41.17 14.11
N THR A 1346 53.53 40.49 13.20
CA THR A 1346 53.80 40.69 11.78
C THR A 1346 53.62 42.15 11.40
N THR A 1347 52.46 42.71 11.74
CA THR A 1347 52.22 44.11 11.44
C THR A 1347 53.29 44.99 12.06
N LEU A 1348 53.69 44.66 13.28
CA LEU A 1348 54.65 45.49 13.99
C LEU A 1348 55.96 45.58 13.22
N LEU A 1349 56.52 44.44 12.83
CA LEU A 1349 57.78 44.62 12.13
C LEU A 1349 57.58 44.97 10.67
N ASN A 1350 56.34 44.94 10.20
CA ASN A 1350 56.02 45.46 8.89
C ASN A 1350 55.39 46.83 8.95
N THR A 1351 55.41 47.46 10.12
CA THR A 1351 54.81 48.79 10.27
C THR A 1351 55.47 49.84 9.37
N SER A 1352 56.71 49.55 8.96
CA SER A 1352 57.48 50.44 8.11
C SER A 1352 58.66 49.70 7.51
N PRO A 1353 59.74 50.43 7.21
CA PRO A 1353 60.97 49.86 6.64
C PRO A 1353 61.94 49.46 7.75
N GLU A 1354 61.49 48.56 8.63
CA GLU A 1354 62.29 48.08 9.75
C GLU A 1354 62.91 49.25 10.54
N GLY A 1355 62.06 50.15 11.01
CA GLY A 1355 62.52 51.30 11.75
C GLY A 1355 63.32 50.91 12.99
N TRP A 1356 62.66 50.27 13.94
CA TRP A 1356 63.31 49.83 15.17
C TRP A 1356 63.20 48.32 15.33
N LYS A 1357 64.31 47.62 15.12
CA LYS A 1357 64.34 46.17 15.24
C LYS A 1357 63.89 45.72 16.62
N LEU A 1358 64.43 46.35 17.66
CA LEU A 1358 64.24 45.87 19.04
C LEU A 1358 63.17 46.70 19.72
N LEU A 1359 61.92 46.49 19.32
CA LEU A 1359 60.78 47.06 20.03
C LEU A 1359 60.47 46.20 21.26
N LYS A 1360 61.44 46.15 22.16
CA LYS A 1360 61.44 45.14 23.21
C LYS A 1360 61.29 43.76 22.59
N LYS A 1361 61.88 43.58 21.42
CA LYS A 1361 61.88 42.30 20.75
C LYS A 1361 62.93 41.38 21.31
N ASP A 1362 63.42 41.70 22.50
CA ASP A 1362 64.30 40.82 23.23
C ASP A 1362 63.60 39.50 23.52
N LEU A 1363 62.36 39.56 23.98
CA LEU A 1363 61.59 38.35 24.20
C LEU A 1363 60.76 37.99 22.98
N CYS A 1364 61.43 38.04 21.83
CA CYS A 1364 60.92 37.48 20.59
C CYS A 1364 61.34 36.03 20.42
N ASN A 1365 62.19 35.54 21.32
CA ASN A 1365 62.73 34.21 21.23
C ASN A 1365 62.26 33.30 22.35
N THR A 1366 61.77 33.87 23.44
CA THR A 1366 61.43 33.09 24.62
C THR A 1366 60.48 31.96 24.26
N HIS A 1367 59.29 32.31 23.80
CA HIS A 1367 58.34 31.34 23.31
C HIS A 1367 57.91 31.60 21.88
N LEU A 1368 58.14 32.81 21.36
CA LEU A 1368 57.61 33.16 20.05
C LEU A 1368 58.12 32.22 18.98
N MET A 1369 59.42 31.99 18.95
CA MET A 1369 59.94 30.99 18.03
C MET A 1369 59.41 29.61 18.39
N ARG A 1370 59.42 29.29 19.68
CA ARG A 1370 59.03 27.97 20.15
C ARG A 1370 57.57 27.66 19.88
N VAL A 1371 56.73 28.68 19.72
CA VAL A 1371 55.33 28.43 19.47
C VAL A 1371 55.07 28.55 17.98
N LEU A 1372 55.77 29.47 17.33
CA LEU A 1372 55.60 29.65 15.89
C LEU A 1372 55.98 28.39 15.15
N VAL A 1373 57.16 27.85 15.45
CA VAL A 1373 57.57 26.65 14.76
C VAL A 1373 56.63 25.51 15.09
N GLN A 1374 56.19 25.42 16.34
CA GLN A 1374 55.28 24.34 16.71
C GLN A 1374 53.99 24.41 15.93
N THR A 1375 53.38 25.59 15.86
CA THR A 1375 52.14 25.70 15.11
C THR A 1375 52.35 25.55 13.63
N LEU A 1376 53.59 25.71 13.15
CA LEU A 1376 53.89 25.28 11.81
C LEU A 1376 54.40 23.85 11.76
N CYS A 1377 55.25 23.43 12.70
CA CYS A 1377 55.73 22.06 12.68
C CYS A 1377 54.58 21.08 12.84
N GLU A 1378 53.77 21.27 13.88
CA GLU A 1378 52.54 20.51 13.99
C GLU A 1378 51.57 21.25 14.89
N PRO A 1379 50.45 21.65 14.39
CA PRO A 1379 49.47 22.31 15.26
C PRO A 1379 48.79 21.30 16.16
N ALA A 1380 49.23 21.25 17.41
CA ALA A 1380 48.50 20.61 18.48
C ALA A 1380 48.04 21.59 19.53
N SER A 1381 48.71 22.73 19.64
CA SER A 1381 48.29 23.79 20.55
C SER A 1381 47.28 24.73 19.91
N ILE A 1382 46.97 24.58 18.62
CA ILE A 1382 46.00 25.43 17.94
C ILE A 1382 44.93 24.51 17.37
N GLY A 1383 43.88 24.29 18.14
CA GLY A 1383 42.83 23.40 17.71
C GLY A 1383 43.31 21.96 17.68
N PHE A 1384 42.39 21.02 17.74
CA PHE A 1384 42.71 19.60 17.67
C PHE A 1384 42.18 18.98 16.39
N ASN A 1385 42.25 19.73 15.29
CA ASN A 1385 41.58 19.36 14.05
C ASN A 1385 40.11 19.11 14.32
N ILE A 1386 39.56 19.82 15.29
CA ILE A 1386 38.18 19.65 15.74
C ILE A 1386 37.46 20.98 15.53
N GLY A 1387 36.24 20.90 15.05
CA GLY A 1387 35.50 22.10 14.68
C GLY A 1387 35.87 22.56 13.29
N ASP A 1388 37.16 22.47 12.95
CA ASP A 1388 37.65 22.78 11.62
C ASP A 1388 37.20 24.17 11.17
N VAL A 1389 37.12 25.08 12.13
CA VAL A 1389 36.75 26.43 11.80
C VAL A 1389 37.80 27.02 10.86
N GLN A 1390 37.33 27.90 9.98
CA GLN A 1390 38.16 28.57 9.00
C GLN A 1390 39.45 29.07 9.62
N VAL A 1391 39.47 29.14 10.95
CA VAL A 1391 40.65 29.59 11.68
C VAL A 1391 41.85 28.66 11.48
N MET A 1392 41.58 27.36 11.36
CA MET A 1392 42.63 26.38 11.12
C MET A 1392 43.22 26.61 9.73
N ALA A 1393 42.36 26.95 8.78
CA ALA A 1393 42.79 27.24 7.42
C ALA A 1393 43.39 28.64 7.39
N HIS A 1394 42.86 29.53 8.24
CA HIS A 1394 43.37 30.89 8.31
C HIS A 1394 44.74 30.86 8.94
N LEU A 1395 45.02 29.84 9.75
CA LEU A 1395 46.35 29.75 10.34
C LEU A 1395 47.49 29.80 9.34
N PRO A 1396 47.50 29.00 8.27
CA PRO A 1396 48.66 29.05 7.36
C PRO A 1396 48.91 30.43 6.82
N ASP A 1397 47.86 31.21 6.61
CA ASP A 1397 48.02 32.52 6.00
C ASP A 1397 48.89 33.42 6.87
N VAL A 1398 48.52 33.56 8.13
CA VAL A 1398 49.29 34.40 9.03
C VAL A 1398 50.66 33.81 9.25
N CYS A 1399 50.76 32.48 9.27
CA CYS A 1399 52.04 31.81 9.48
C CYS A 1399 52.92 31.94 8.24
N VAL A 1400 52.31 32.32 7.12
CA VAL A 1400 53.02 32.48 5.87
C VAL A 1400 53.54 33.90 5.71
N ASN A 1401 52.74 34.88 6.13
CA ASN A 1401 53.13 36.29 6.03
C ASN A 1401 54.08 36.68 7.16
N LEU A 1402 54.01 35.98 8.28
CA LEU A 1402 54.88 36.26 9.41
C LEU A 1402 56.30 35.85 9.05
N MET A 1403 56.43 34.71 8.39
CA MET A 1403 57.74 34.22 7.97
C MET A 1403 58.31 35.16 6.92
N LYS A 1404 57.44 35.62 6.01
CA LYS A 1404 57.85 36.54 4.96
C LYS A 1404 58.47 37.77 5.62
N ALA A 1405 57.83 38.24 6.69
CA ALA A 1405 58.33 39.40 7.42
C ALA A 1405 59.65 39.09 8.10
N LEU A 1406 59.81 37.87 8.60
CA LEU A 1406 61.02 37.54 9.32
C LEU A 1406 62.20 37.35 8.37
N LYS A 1407 61.96 36.75 7.22
CA LYS A 1407 63.02 36.60 6.23
C LYS A 1407 63.52 37.96 5.78
N MET A 1408 62.61 38.89 5.51
CA MET A 1408 63.07 40.22 5.16
C MET A 1408 63.67 40.94 6.37
N SER A 1409 63.37 40.48 7.56
CA SER A 1409 63.79 41.14 8.77
C SER A 1409 65.22 40.77 9.14
N PRO A 1410 65.91 41.62 9.93
CA PRO A 1410 67.23 41.28 10.46
C PRO A 1410 67.17 40.28 11.62
N TYR A 1411 66.32 39.26 11.46
CA TYR A 1411 66.17 38.22 12.45
C TYR A 1411 66.23 36.84 11.82
N LYS A 1412 66.58 36.76 10.54
CA LYS A 1412 66.54 35.49 9.82
C LYS A 1412 67.31 34.40 10.56
N ASP A 1413 68.38 34.79 11.24
CA ASP A 1413 69.23 33.84 11.93
C ASP A 1413 68.43 32.96 12.88
N ILE A 1414 67.65 33.56 13.77
CA ILE A 1414 66.95 32.77 14.77
C ILE A 1414 65.95 31.84 14.10
N LEU A 1415 65.27 32.34 13.07
CA LEU A 1415 64.30 31.52 12.38
C LEU A 1415 64.96 30.29 11.79
N GLU A 1416 66.02 30.49 11.03
CA GLU A 1416 66.63 29.35 10.36
C GLU A 1416 67.24 28.39 11.36
N THR A 1417 67.86 28.92 12.43
CA THR A 1417 68.36 28.05 13.48
C THR A 1417 67.24 27.18 14.03
N HIS A 1418 66.16 27.81 14.48
CA HIS A 1418 65.10 27.06 15.12
C HIS A 1418 64.50 26.04 14.17
N LEU A 1419 64.31 26.44 12.92
CA LEU A 1419 63.65 25.55 11.97
C LEU A 1419 64.53 24.35 11.65
N ARG A 1420 65.80 24.60 11.34
CA ARG A 1420 66.73 23.50 11.15
C ARG A 1420 66.81 22.63 12.40
N GLU A 1421 66.61 23.22 13.57
CA GLU A 1421 66.54 22.45 14.80
C GLU A 1421 65.36 21.48 14.76
N LYS A 1422 64.19 22.00 14.37
CA LYS A 1422 62.99 21.19 14.46
C LYS A 1422 62.89 20.22 13.28
N ILE A 1423 62.86 20.76 12.06
CA ILE A 1423 62.96 19.96 10.87
C ILE A 1423 64.42 19.94 10.43
N THR A 1424 64.94 18.75 10.17
CA THR A 1424 66.37 18.56 9.97
C THR A 1424 66.74 18.35 8.52
N ALA A 1425 65.77 18.36 7.60
CA ALA A 1425 65.99 17.98 6.20
C ALA A 1425 66.46 16.55 6.11
N GLN A 1426 66.50 15.86 7.25
CA GLN A 1426 66.89 14.48 7.34
C GLN A 1426 65.84 13.60 7.98
N SER A 1427 64.94 14.18 8.78
CA SER A 1427 63.91 13.38 9.42
C SER A 1427 63.10 12.61 8.40
N ILE A 1428 62.98 13.16 7.19
CA ILE A 1428 62.09 12.62 6.18
C ILE A 1428 62.45 11.18 5.87
N GLU A 1429 63.74 10.91 5.68
CA GLU A 1429 64.17 9.60 5.20
C GLU A 1429 63.83 8.50 6.19
N GLU A 1430 64.09 8.71 7.48
CA GLU A 1430 63.73 7.65 8.41
C GLU A 1430 62.23 7.63 8.67
N LEU A 1431 61.56 8.77 8.62
CA LEU A 1431 60.11 8.76 8.80
C LEU A 1431 59.45 7.93 7.73
N CYS A 1432 59.85 8.11 6.47
CA CYS A 1432 59.24 7.37 5.38
C CYS A 1432 59.74 5.93 5.33
N ALA A 1433 61.02 5.72 5.60
CA ALA A 1433 61.65 4.44 5.29
C ALA A 1433 61.03 3.30 6.10
N VAL A 1434 60.75 3.55 7.38
CA VAL A 1434 60.39 2.46 8.29
C VAL A 1434 59.18 1.71 7.77
N ASN A 1435 58.13 2.43 7.40
CA ASN A 1435 56.96 1.80 6.82
C ASN A 1435 56.27 2.79 5.91
N LEU A 1436 55.54 2.25 4.95
CA LEU A 1436 54.73 3.06 4.07
C LEU A 1436 53.72 2.15 3.41
N TYR A 1437 52.49 2.64 3.28
CA TYR A 1437 51.37 1.90 2.70
C TYR A 1437 51.03 0.66 3.52
N GLY A 1438 51.65 0.48 4.67
CA GLY A 1438 51.25 -0.53 5.62
C GLY A 1438 50.13 -0.01 6.48
N PRO A 1439 49.00 -0.71 6.48
CA PRO A 1439 47.81 -0.20 7.16
C PRO A 1439 47.92 -0.28 8.67
N ASP A 1440 49.10 -0.61 9.17
CA ASP A 1440 49.32 -0.81 10.59
C ASP A 1440 49.87 0.43 11.28
N ALA A 1441 50.70 1.21 10.61
CA ALA A 1441 51.23 2.45 11.15
C ALA A 1441 50.54 3.62 10.46
N GLN A 1442 50.10 4.59 11.26
CA GLN A 1442 49.46 5.78 10.71
C GLN A 1442 50.04 7.03 11.33
N VAL A 1443 50.53 6.91 12.56
CA VAL A 1443 51.14 8.05 13.23
C VAL A 1443 52.34 8.55 12.44
N ASP A 1444 53.08 7.63 11.84
CA ASP A 1444 54.12 8.03 10.90
C ASP A 1444 53.52 8.76 9.70
N ARG A 1445 52.39 8.27 9.17
CA ARG A 1445 51.72 9.00 8.11
C ARG A 1445 51.40 10.42 8.56
N SER A 1446 50.81 10.55 9.74
CA SER A 1446 50.41 11.87 10.21
C SER A 1446 51.61 12.78 10.38
N ARG A 1447 52.69 12.26 10.96
CA ARG A 1447 53.88 13.07 11.17
C ARG A 1447 54.46 13.52 9.85
N LEU A 1448 54.57 12.60 8.90
CA LEU A 1448 55.11 12.96 7.61
C LEU A 1448 54.23 13.98 6.90
N ALA A 1449 52.91 13.84 7.06
CA ALA A 1449 52.00 14.80 6.44
C ALA A 1449 52.17 16.17 7.06
N ALA A 1450 52.32 16.23 8.38
CA ALA A 1450 52.61 17.51 9.02
C ALA A 1450 53.91 18.07 8.46
N VAL A 1451 54.90 17.22 8.25
CA VAL A 1451 56.17 17.67 7.71
C VAL A 1451 55.97 18.30 6.34
N VAL A 1452 55.23 17.61 5.47
CA VAL A 1452 55.11 18.09 4.10
C VAL A 1452 54.29 19.37 4.07
N SER A 1453 53.26 19.47 4.91
CA SER A 1453 52.54 20.73 4.99
C SER A 1453 53.45 21.86 5.44
N ALA A 1454 54.29 21.58 6.44
CA ALA A 1454 55.23 22.58 6.90
C ALA A 1454 56.11 23.04 5.76
N CYS A 1455 56.70 22.08 5.04
CA CYS A 1455 57.60 22.43 3.95
C CYS A 1455 56.88 23.22 2.88
N LYS A 1456 55.62 22.87 2.61
CA LYS A 1456 54.85 23.64 1.64
C LYS A 1456 54.71 25.08 2.08
N GLN A 1457 54.44 25.29 3.36
CA GLN A 1457 54.34 26.65 3.87
C GLN A 1457 55.69 27.35 3.76
N LEU A 1458 56.78 26.64 4.02
CA LEU A 1458 58.09 27.23 3.79
C LEU A 1458 58.24 27.67 2.36
N HIS A 1459 57.83 26.83 1.42
CA HIS A 1459 57.99 27.15 0.01
C HIS A 1459 57.17 28.37 -0.37
N ARG A 1460 55.93 28.45 0.13
CA ARG A 1460 55.16 29.66 -0.07
C ARG A 1460 55.90 30.86 0.50
N ALA A 1461 56.47 30.69 1.70
CA ALA A 1461 57.39 31.68 2.20
C ALA A 1461 58.63 31.77 1.33
N GLY A 1462 59.11 30.63 0.85
CA GLY A 1462 60.30 30.59 0.03
C GLY A 1462 61.58 30.31 0.76
N LEU A 1463 61.52 29.98 2.04
CA LEU A 1463 62.73 29.73 2.82
C LEU A 1463 63.27 28.34 2.61
N LEU A 1464 62.59 27.51 1.82
CA LEU A 1464 62.87 26.08 1.81
C LEU A 1464 64.33 25.80 1.47
N HIS A 1465 64.95 26.66 0.67
CA HIS A 1465 66.34 26.43 0.31
C HIS A 1465 67.27 26.67 1.49
N ASN A 1466 66.85 27.50 2.45
CA ASN A 1466 67.64 27.65 3.66
C ASN A 1466 67.70 26.35 4.44
N ILE A 1467 66.74 25.44 4.22
CA ILE A 1467 66.81 24.10 4.76
C ILE A 1467 67.53 23.14 3.83
N LEU A 1468 67.72 23.53 2.57
CA LEU A 1468 68.44 22.68 1.64
C LEU A 1468 69.92 22.65 1.97
N PRO A 1469 70.51 21.49 2.23
CA PRO A 1469 71.95 21.42 2.33
C PRO A 1469 72.58 21.53 0.97
N SER A 1470 73.83 21.97 0.95
CA SER A 1470 74.57 22.05 -0.32
C SER A 1470 74.65 20.67 -0.95
N GLN A 1471 74.33 20.60 -2.23
CA GLN A 1471 74.37 19.37 -2.99
C GLN A 1471 75.51 19.39 -3.99
N SER A 1472 75.59 18.35 -4.80
CA SER A 1472 76.69 18.18 -5.75
C SER A 1472 76.33 18.59 -7.16
N THR A 1473 75.07 18.42 -7.56
CA THR A 1473 74.61 18.72 -8.90
C THR A 1473 73.49 19.74 -8.81
N ASP A 1474 73.20 20.38 -9.94
CA ASP A 1474 72.10 21.34 -10.00
C ASP A 1474 70.80 20.71 -9.55
N LEU A 1475 70.65 19.41 -9.74
CA LEU A 1475 69.56 18.69 -9.12
C LEU A 1475 69.77 18.59 -7.62
N HIS A 1476 68.78 19.04 -6.84
CA HIS A 1476 68.91 19.05 -5.38
C HIS A 1476 68.54 17.68 -4.87
N HIS A 1477 69.56 16.85 -4.72
CA HIS A 1477 69.37 15.44 -4.42
C HIS A 1477 68.66 15.25 -3.09
N SER A 1478 68.72 16.25 -2.23
CA SER A 1478 68.00 16.28 -0.96
C SER A 1478 66.61 15.67 -1.11
N VAL A 1479 65.98 15.97 -2.23
CA VAL A 1479 64.60 15.57 -2.45
C VAL A 1479 64.51 14.80 -3.77
N GLY A 1480 65.44 15.08 -4.68
CA GLY A 1480 65.48 14.31 -5.90
C GLY A 1480 65.71 12.84 -5.64
N THR A 1481 66.33 12.50 -4.52
CA THR A 1481 66.52 11.11 -4.17
C THR A 1481 65.30 10.52 -3.49
N GLU A 1482 64.65 11.29 -2.61
CA GLU A 1482 63.48 10.76 -1.94
C GLU A 1482 62.36 10.51 -2.93
N LEU A 1483 62.27 11.33 -3.98
CA LEU A 1483 61.31 11.06 -5.03
C LEU A 1483 61.47 9.63 -5.53
N LEU A 1484 62.63 9.32 -6.08
CA LEU A 1484 62.83 8.02 -6.72
C LEU A 1484 62.71 6.90 -5.71
N SER A 1485 63.31 7.07 -4.53
CA SER A 1485 63.35 5.99 -3.58
C SER A 1485 62.02 5.76 -2.89
N LEU A 1486 61.20 6.80 -2.81
CA LEU A 1486 60.03 6.79 -1.94
C LEU A 1486 58.76 6.42 -2.69
N VAL A 1487 58.41 7.21 -3.71
CA VAL A 1487 57.17 7.01 -4.43
C VAL A 1487 57.38 6.19 -5.68
N TYR A 1488 58.45 6.46 -6.41
CA TYR A 1488 58.72 5.66 -7.61
C TYR A 1488 58.83 4.19 -7.26
N LYS A 1489 59.56 3.89 -6.19
CA LYS A 1489 59.72 2.52 -5.76
C LYS A 1489 58.62 2.06 -4.82
N GLY A 1490 58.03 2.99 -4.07
CA GLY A 1490 57.11 2.60 -3.02
C GLY A 1490 55.94 1.79 -3.52
N ILE A 1491 55.35 2.20 -4.65
CA ILE A 1491 54.24 1.43 -5.18
C ILE A 1491 54.71 0.08 -5.67
N ALA A 1492 55.96 -0.04 -6.05
CA ALA A 1492 56.42 -1.25 -6.71
C ALA A 1492 56.44 -2.41 -5.72
N PRO A 1493 55.75 -3.51 -6.01
CA PRO A 1493 55.96 -4.74 -5.24
C PRO A 1493 57.29 -5.39 -5.51
N GLY A 1494 58.07 -4.87 -6.45
CA GLY A 1494 59.41 -5.34 -6.66
C GLY A 1494 60.28 -5.06 -5.45
N ASP A 1495 61.45 -5.70 -5.44
CA ASP A 1495 62.45 -5.73 -4.38
C ASP A 1495 62.02 -6.67 -3.25
N GLU A 1496 60.78 -7.17 -3.25
CA GLU A 1496 60.37 -8.20 -2.31
C GLU A 1496 59.61 -9.34 -2.98
N ARG A 1497 59.19 -9.18 -4.23
CA ARG A 1497 58.43 -10.20 -4.95
C ARG A 1497 57.22 -10.64 -4.16
N GLN A 1498 56.45 -9.67 -3.71
CA GLN A 1498 55.20 -9.87 -3.01
C GLN A 1498 54.07 -9.27 -3.84
N CYS A 1499 52.86 -9.34 -3.31
CA CYS A 1499 51.72 -8.77 -4.01
C CYS A 1499 51.88 -7.25 -4.11
N LEU A 1500 51.25 -6.67 -5.12
CA LEU A 1500 51.36 -5.24 -5.33
C LEU A 1500 50.72 -4.51 -4.17
N PRO A 1501 51.44 -3.59 -3.52
CA PRO A 1501 50.83 -2.86 -2.42
C PRO A 1501 49.76 -1.92 -2.93
N SER A 1502 48.50 -2.26 -2.68
CA SER A 1502 47.42 -1.35 -3.00
C SER A 1502 47.43 -0.20 -1.99
N LEU A 1503 46.94 0.95 -2.43
CA LEU A 1503 46.99 2.16 -1.62
C LEU A 1503 45.58 2.66 -1.36
N ASP A 1504 45.44 3.50 -0.34
CA ASP A 1504 44.16 4.09 0.01
C ASP A 1504 44.23 5.60 -0.14
N LEU A 1505 43.10 6.25 0.14
CA LEU A 1505 42.98 7.68 -0.06
C LEU A 1505 44.03 8.44 0.75
N SER A 1506 44.24 8.02 1.98
CA SER A 1506 45.34 8.59 2.75
C SER A 1506 46.66 8.42 2.01
N CYS A 1507 46.91 7.22 1.49
CA CYS A 1507 48.13 6.98 0.75
C CYS A 1507 48.18 7.85 -0.50
N LYS A 1508 47.05 7.96 -1.20
CA LYS A 1508 46.99 8.82 -2.39
C LYS A 1508 47.43 10.22 -2.06
N GLN A 1509 46.70 10.88 -1.16
CA GLN A 1509 47.03 12.25 -0.80
C GLN A 1509 48.41 12.39 -0.20
N LEU A 1510 48.87 11.38 0.52
CA LEU A 1510 50.21 11.43 1.10
C LEU A 1510 51.26 11.48 0.00
N ALA A 1511 51.18 10.56 -0.94
CA ALA A 1511 52.12 10.56 -2.04
C ALA A 1511 51.99 11.84 -2.84
N SER A 1512 50.79 12.36 -2.97
CA SER A 1512 50.59 13.58 -3.73
C SER A 1512 51.32 14.75 -3.08
N GLY A 1513 51.14 14.90 -1.78
CA GLY A 1513 51.87 15.94 -1.06
C GLY A 1513 53.36 15.74 -1.19
N LEU A 1514 53.81 14.48 -1.12
CA LEU A 1514 55.23 14.21 -1.25
C LEU A 1514 55.74 14.68 -2.59
N LEU A 1515 54.99 14.36 -3.65
CA LEU A 1515 55.40 14.76 -4.99
C LEU A 1515 55.45 16.27 -5.11
N GLU A 1516 54.46 16.94 -4.54
CA GLU A 1516 54.45 18.40 -4.62
C GLU A 1516 55.66 18.98 -3.89
N LEU A 1517 55.99 18.40 -2.74
CA LEU A 1517 57.20 18.81 -2.06
C LEU A 1517 58.41 18.59 -2.94
N ALA A 1518 58.46 17.45 -3.62
CA ALA A 1518 59.59 17.17 -4.49
C ALA A 1518 59.71 18.24 -5.55
N PHE A 1519 58.59 18.63 -6.14
CA PHE A 1519 58.61 19.61 -7.21
C PHE A 1519 58.78 21.03 -6.71
N ALA A 1520 58.63 21.25 -5.40
CA ALA A 1520 58.89 22.57 -4.86
C ALA A 1520 60.34 22.99 -5.06
N PHE A 1521 61.22 22.02 -5.33
CA PHE A 1521 62.60 22.31 -5.68
C PHE A 1521 62.73 22.32 -7.18
N GLY A 1522 63.25 23.42 -7.72
CA GLY A 1522 63.47 23.49 -9.14
C GLY A 1522 64.52 22.49 -9.60
N GLY A 1523 64.34 21.99 -10.82
CA GLY A 1523 65.27 21.05 -11.38
C GLY A 1523 64.84 19.61 -11.35
N LEU A 1524 63.55 19.33 -11.49
CA LEU A 1524 63.07 17.96 -11.48
C LEU A 1524 62.28 17.57 -12.72
N CYS A 1525 61.82 18.55 -13.51
CA CYS A 1525 60.95 18.23 -14.64
C CYS A 1525 61.63 17.27 -15.59
N GLU A 1526 62.85 17.60 -16.02
CA GLU A 1526 63.59 16.72 -16.91
C GLU A 1526 63.81 15.37 -16.28
N ARG A 1527 64.14 15.35 -15.00
CA ARG A 1527 64.33 14.09 -14.30
C ARG A 1527 63.05 13.27 -14.34
N LEU A 1528 61.92 13.93 -14.18
CA LEU A 1528 60.64 13.23 -14.18
C LEU A 1528 60.42 12.47 -15.48
N VAL A 1529 60.55 13.17 -16.61
CA VAL A 1529 60.39 12.51 -17.90
C VAL A 1529 61.42 11.40 -18.03
N SER A 1530 62.66 11.69 -17.66
CA SER A 1530 63.66 10.63 -17.58
C SER A 1530 63.17 9.52 -16.68
N LEU A 1531 62.62 9.87 -15.51
CA LEU A 1531 62.09 8.87 -14.62
C LEU A 1531 60.75 8.34 -15.10
N LEU A 1532 60.15 8.93 -16.11
CA LEU A 1532 58.88 8.47 -16.63
C LEU A 1532 59.00 7.78 -17.98
N LEU A 1533 60.01 8.11 -18.77
CA LEU A 1533 60.29 7.39 -20.00
C LEU A 1533 61.34 6.31 -19.75
N ASN A 1534 60.88 5.28 -19.04
CA ASN A 1534 61.74 4.14 -18.81
C ASN A 1534 60.98 2.85 -19.11
N PRO A 1535 61.67 1.84 -19.60
CA PRO A 1535 61.01 0.58 -19.95
C PRO A 1535 60.93 -0.44 -18.82
N ALA A 1536 61.15 -0.03 -17.57
CA ALA A 1536 61.14 -0.99 -16.48
C ALA A 1536 59.75 -1.61 -16.33
N VAL A 1537 59.62 -2.88 -16.70
CA VAL A 1537 58.34 -3.54 -16.61
C VAL A 1537 58.14 -4.03 -15.18
N LEU A 1538 57.02 -3.64 -14.59
CA LEU A 1538 56.66 -4.14 -13.27
C LEU A 1538 55.98 -5.49 -13.43
N SER A 1539 56.25 -6.38 -12.50
CA SER A 1539 55.58 -7.68 -12.51
C SER A 1539 54.25 -7.56 -11.80
N THR A 1540 53.65 -8.69 -11.49
CA THR A 1540 52.37 -8.71 -10.81
C THR A 1540 52.31 -9.85 -9.82
N SER A 1549 47.68 -12.67 -10.59
CA SER A 1549 48.31 -11.51 -11.22
C SER A 1549 49.66 -11.90 -11.82
N VAL A 1550 49.65 -12.19 -13.13
CA VAL A 1550 50.85 -12.58 -13.84
C VAL A 1550 51.19 -11.62 -14.98
N ILE A 1551 50.26 -10.76 -15.39
CA ILE A 1551 50.50 -9.86 -16.49
C ILE A 1551 51.63 -8.90 -16.14
N HIS A 1552 52.16 -8.24 -17.17
CA HIS A 1552 53.27 -7.33 -17.02
C HIS A 1552 52.86 -5.96 -17.52
N PHE A 1553 53.54 -4.93 -17.00
CA PHE A 1553 53.23 -3.58 -17.41
C PHE A 1553 54.39 -2.67 -17.04
N SER A 1554 54.45 -1.52 -17.70
CA SER A 1554 55.55 -0.60 -17.47
C SER A 1554 55.43 0.08 -16.12
N HIS A 1555 56.58 0.25 -15.46
CA HIS A 1555 56.61 0.99 -14.21
C HIS A 1555 56.06 2.39 -14.40
N GLY A 1556 56.53 3.08 -15.43
CA GLY A 1556 56.08 4.43 -15.67
C GLY A 1556 54.58 4.50 -15.86
N GLU A 1557 54.00 3.47 -16.48
CA GLU A 1557 52.57 3.50 -16.73
C GLU A 1557 51.78 3.52 -15.44
N TYR A 1558 52.06 2.59 -14.54
CA TYR A 1558 51.36 2.58 -13.27
C TYR A 1558 51.60 3.87 -12.52
N PHE A 1559 52.87 4.30 -12.48
CA PHE A 1559 53.21 5.49 -11.73
C PHE A 1559 52.44 6.70 -12.23
N TYR A 1560 52.33 6.83 -13.54
CA TYR A 1560 51.51 7.90 -14.09
C TYR A 1560 50.05 7.71 -13.74
N SER A 1561 49.57 6.47 -13.87
CA SER A 1561 48.15 6.23 -13.68
C SER A 1561 47.70 6.69 -12.32
N LEU A 1562 48.54 6.52 -11.31
CA LEU A 1562 48.13 6.96 -9.98
C LEU A 1562 48.14 8.47 -9.86
N PHE A 1563 49.32 9.07 -9.90
CA PHE A 1563 49.48 10.46 -9.48
C PHE A 1563 49.36 11.43 -10.63
N SER A 1564 48.31 11.28 -11.43
CA SER A 1564 48.25 11.99 -12.69
C SER A 1564 48.24 13.49 -12.49
N GLU A 1565 47.35 13.97 -11.63
CA GLU A 1565 47.07 15.39 -11.54
C GLU A 1565 48.30 16.16 -11.06
N THR A 1566 48.91 15.71 -9.97
CA THR A 1566 50.08 16.41 -9.47
C THR A 1566 51.19 16.41 -10.50
N ILE A 1567 51.44 15.26 -11.11
CA ILE A 1567 52.50 15.16 -12.12
C ILE A 1567 52.26 16.19 -13.21
N ASN A 1568 51.16 16.05 -13.94
CA ASN A 1568 50.96 16.92 -15.08
C ASN A 1568 50.85 18.38 -14.66
N THR A 1569 50.43 18.64 -13.43
CA THR A 1569 50.44 20.02 -12.94
C THR A 1569 51.86 20.55 -12.92
N GLU A 1570 52.75 19.80 -12.29
CA GLU A 1570 54.16 20.18 -12.32
C GLU A 1570 54.64 20.33 -13.75
N LEU A 1571 54.21 19.43 -14.61
CA LEU A 1571 54.64 19.47 -16.01
C LEU A 1571 54.24 20.78 -16.66
N LEU A 1572 53.02 21.25 -16.38
CA LEU A 1572 52.60 22.54 -16.87
C LEU A 1572 53.41 23.66 -16.26
N LYS A 1573 53.86 23.49 -15.01
CA LYS A 1573 54.57 24.57 -14.34
C LYS A 1573 55.83 24.95 -15.09
N ASN A 1574 56.52 23.96 -15.66
CA ASN A 1574 57.60 24.21 -16.61
C ASN A 1574 57.28 23.31 -17.81
N LEU A 1575 56.62 23.88 -18.80
CA LEU A 1575 56.06 23.09 -19.89
C LEU A 1575 56.97 22.98 -21.10
N ASP A 1576 57.72 24.03 -21.43
CA ASP A 1576 58.46 24.04 -22.68
C ASP A 1576 59.50 22.92 -22.69
N LEU A 1577 60.33 22.86 -21.66
CA LEU A 1577 61.37 21.85 -21.60
C LEU A 1577 60.77 20.46 -21.56
N ALA A 1578 59.67 20.31 -20.82
CA ALA A 1578 59.01 19.02 -20.71
C ALA A 1578 58.57 18.54 -22.08
N VAL A 1579 57.89 19.38 -22.84
CA VAL A 1579 57.45 18.99 -24.17
C VAL A 1579 58.66 18.68 -25.05
N LEU A 1580 59.68 19.54 -24.98
CA LEU A 1580 60.90 19.29 -25.76
C LEU A 1580 61.39 17.88 -25.51
N GLU A 1581 61.49 17.50 -24.26
CA GLU A 1581 61.93 16.15 -23.94
C GLU A 1581 60.96 15.12 -24.47
N LEU A 1582 59.67 15.35 -24.30
CA LEU A 1582 58.67 14.44 -24.82
C LEU A 1582 58.74 14.38 -26.34
N MET A 1583 58.70 15.54 -26.98
CA MET A 1583 58.56 15.56 -28.41
C MET A 1583 59.80 15.03 -29.11
N GLN A 1584 60.95 15.17 -28.46
CA GLN A 1584 62.23 14.78 -29.06
C GLN A 1584 62.51 13.29 -28.95
N SER A 1585 61.76 12.58 -28.11
CA SER A 1585 61.96 11.15 -27.92
C SER A 1585 60.64 10.43 -28.04
N SER A 1586 59.82 10.85 -29.00
CA SER A 1586 58.48 10.32 -29.13
C SER A 1586 58.36 9.23 -30.17
N VAL A 1587 59.29 9.14 -31.11
CA VAL A 1587 59.21 8.11 -32.13
C VAL A 1587 59.49 6.74 -31.54
N ASP A 1588 60.53 6.64 -30.71
CA ASP A 1588 60.92 5.35 -30.15
C ASP A 1588 59.89 4.86 -29.13
N ASN A 1589 59.49 5.74 -28.22
CA ASN A 1589 58.47 5.46 -27.24
C ASN A 1589 57.21 6.19 -27.66
N THR A 1590 56.18 5.44 -28.00
CA THR A 1590 54.92 6.02 -28.43
C THR A 1590 53.85 5.96 -27.37
N LYS A 1591 54.00 5.09 -26.37
CA LYS A 1591 52.90 4.87 -25.45
C LYS A 1591 52.76 6.04 -24.49
N MET A 1592 53.82 6.31 -23.72
CA MET A 1592 53.75 7.42 -22.78
C MET A 1592 53.41 8.71 -23.50
N VAL A 1593 54.08 8.97 -24.62
CA VAL A 1593 53.83 10.21 -25.34
C VAL A 1593 52.36 10.33 -25.69
N SER A 1594 51.80 9.26 -26.24
CA SER A 1594 50.37 9.26 -26.52
C SER A 1594 49.56 9.41 -25.25
N ALA A 1595 50.11 9.02 -24.10
CA ALA A 1595 49.38 9.12 -22.84
C ALA A 1595 49.72 10.40 -22.10
N VAL A 1596 51.00 10.73 -21.98
CA VAL A 1596 51.37 11.94 -21.26
C VAL A 1596 50.83 13.16 -21.97
N LEU A 1597 50.78 13.14 -23.30
CA LEU A 1597 50.23 14.29 -23.98
C LEU A 1597 48.77 14.48 -23.64
N ASN A 1598 48.01 13.39 -23.62
CA ASN A 1598 46.60 13.50 -23.27
C ASN A 1598 46.44 13.99 -21.84
N GLY A 1599 47.21 13.43 -20.92
CA GLY A 1599 47.12 13.89 -19.55
C GLY A 1599 47.47 15.35 -19.40
N MET A 1600 48.51 15.78 -20.10
CA MET A 1600 48.92 17.18 -20.03
C MET A 1600 47.83 18.08 -20.57
N LEU A 1601 47.21 17.69 -21.68
CA LEU A 1601 46.20 18.54 -22.29
C LEU A 1601 44.95 18.59 -21.43
N ASP A 1602 44.34 17.43 -21.20
CA ASP A 1602 43.05 17.40 -20.52
C ASP A 1602 43.11 18.11 -19.19
N GLN A 1603 44.26 18.06 -18.52
CA GLN A 1603 44.42 18.84 -17.31
C GLN A 1603 44.29 20.33 -17.61
N SER A 1604 44.86 20.78 -18.72
CA SER A 1604 44.79 22.19 -19.03
C SER A 1604 43.41 22.61 -19.50
N PHE A 1605 42.64 21.70 -20.08
CA PHE A 1605 41.28 22.07 -20.44
C PHE A 1605 40.37 22.14 -19.23
N ARG A 1606 40.53 21.21 -18.30
CA ARG A 1606 39.69 21.25 -17.10
C ARG A 1606 39.89 22.56 -16.35
N GLU A 1607 41.09 23.13 -16.44
CA GLU A 1607 41.42 24.36 -15.74
C GLU A 1607 41.67 25.44 -16.78
N ARG A 1608 40.60 26.07 -17.22
CA ARG A 1608 40.69 27.19 -18.13
C ARG A 1608 40.06 28.45 -17.57
N ALA A 1609 39.03 28.34 -16.76
CA ALA A 1609 38.48 29.51 -16.09
C ALA A 1609 39.51 30.15 -15.19
N ASN A 1610 40.30 29.32 -14.49
CA ASN A 1610 41.31 29.83 -13.58
C ASN A 1610 42.37 30.62 -14.35
N GLN A 1611 42.84 30.08 -15.47
CA GLN A 1611 43.83 30.77 -16.27
C GLN A 1611 43.69 30.33 -17.72
N LYS A 1612 44.09 31.22 -18.62
CA LYS A 1612 44.11 30.93 -20.04
C LYS A 1612 45.52 30.80 -20.59
N HIS A 1613 46.49 31.40 -19.92
CA HIS A 1613 47.86 31.44 -20.40
C HIS A 1613 48.60 30.16 -20.10
N GLN A 1614 47.88 29.12 -19.70
CA GLN A 1614 48.47 27.82 -19.51
C GLN A 1614 47.94 26.78 -20.46
N GLY A 1615 46.95 27.11 -21.27
CA GLY A 1615 46.54 26.25 -22.35
C GLY A 1615 47.05 26.78 -23.67
N LEU A 1616 47.09 28.12 -23.77
CA LEU A 1616 47.51 28.74 -25.02
C LEU A 1616 48.97 28.45 -25.31
N LYS A 1617 49.84 28.67 -24.33
CA LYS A 1617 51.25 28.42 -24.54
C LYS A 1617 51.49 26.96 -24.86
N LEU A 1618 50.84 26.06 -24.12
CA LEU A 1618 50.98 24.65 -24.40
C LEU A 1618 50.57 24.35 -25.83
N ALA A 1619 49.42 24.87 -26.25
CA ALA A 1619 48.95 24.61 -27.60
C ALA A 1619 49.95 25.09 -28.62
N THR A 1620 50.47 26.29 -28.43
CA THR A 1620 51.41 26.84 -29.40
C THR A 1620 52.69 26.01 -29.46
N THR A 1621 53.19 25.59 -28.30
CA THR A 1621 54.46 24.87 -28.29
C THR A 1621 54.33 23.48 -28.87
N ILE A 1622 53.18 22.82 -28.66
CA ILE A 1622 53.00 21.52 -29.27
C ILE A 1622 53.13 21.62 -30.78
N LEU A 1623 52.43 22.57 -31.38
CA LEU A 1623 52.56 22.77 -32.81
C LEU A 1623 53.94 23.30 -33.16
N GLN A 1624 54.51 24.11 -32.27
CA GLN A 1624 55.83 24.67 -32.55
C GLN A 1624 56.85 23.58 -32.83
N HIS A 1625 56.67 22.42 -32.24
CA HIS A 1625 57.51 21.27 -32.52
C HIS A 1625 56.68 20.12 -33.06
N TRP A 1626 55.52 20.44 -33.63
CA TRP A 1626 54.67 19.39 -34.18
C TRP A 1626 55.37 18.58 -35.25
N LYS A 1627 56.36 19.16 -35.91
CA LYS A 1627 57.09 18.44 -36.95
C LYS A 1627 57.67 17.14 -36.42
N LYS A 1628 57.98 17.09 -35.14
CA LYS A 1628 58.91 16.11 -34.64
C LYS A 1628 58.29 14.73 -34.51
N CYS A 1629 57.12 14.48 -35.07
CA CYS A 1629 56.54 13.14 -35.06
C CYS A 1629 56.04 12.81 -36.45
N ASP A 1630 56.91 12.28 -37.28
CA ASP A 1630 56.50 11.77 -38.57
C ASP A 1630 56.35 10.27 -38.58
N SER A 1631 56.84 9.59 -37.54
CA SER A 1631 56.54 8.17 -37.42
C SER A 1631 55.05 7.94 -37.37
N TRP A 1632 54.31 8.88 -36.80
CA TRP A 1632 52.87 8.83 -36.85
C TRP A 1632 52.41 9.42 -38.18
N TRP A 1633 51.10 9.36 -38.41
CA TRP A 1633 50.44 9.96 -39.56
C TRP A 1633 51.15 9.64 -40.87
N ALA A 1634 51.92 8.56 -40.88
CA ALA A 1634 52.63 8.13 -42.07
C ALA A 1634 51.95 6.88 -42.61
N LYS A 1635 51.97 6.74 -43.94
CA LYS A 1635 51.19 5.70 -44.59
C LYS A 1635 51.58 4.31 -44.11
N ASP A 1636 52.77 4.14 -43.57
CA ASP A 1636 53.16 2.88 -42.98
C ASP A 1636 52.80 2.78 -41.51
N SER A 1637 52.36 3.86 -40.89
CA SER A 1637 52.08 3.83 -39.46
C SER A 1637 50.93 2.87 -39.19
N PRO A 1638 50.96 2.17 -38.06
CA PRO A 1638 49.90 1.21 -37.75
C PRO A 1638 48.57 1.92 -37.59
N LEU A 1639 47.51 1.13 -37.72
CA LEU A 1639 46.17 1.70 -37.78
C LEU A 1639 45.85 2.52 -36.54
N GLU A 1640 46.19 2.00 -35.36
CA GLU A 1640 45.84 2.69 -34.13
C GLU A 1640 46.60 4.00 -33.98
N THR A 1641 47.83 4.07 -34.50
CA THR A 1641 48.58 5.29 -34.44
C THR A 1641 47.84 6.43 -35.11
N LYS A 1642 47.11 6.10 -36.17
CA LYS A 1642 46.34 7.12 -36.87
C LYS A 1642 45.28 7.73 -35.96
N MET A 1643 44.49 6.91 -35.29
CA MET A 1643 43.51 7.47 -34.36
C MET A 1643 44.20 8.21 -33.23
N ALA A 1644 45.34 7.70 -32.78
CA ALA A 1644 46.05 8.37 -31.70
C ALA A 1644 46.38 9.80 -32.10
N VAL A 1645 47.01 9.95 -33.26
CA VAL A 1645 47.43 11.28 -33.67
C VAL A 1645 46.23 12.14 -33.99
N LEU A 1646 45.15 11.54 -34.51
CA LEU A 1646 43.96 12.34 -34.79
C LEU A 1646 43.35 12.87 -33.51
N ALA A 1647 43.27 12.05 -32.49
CA ALA A 1647 42.75 12.51 -31.21
C ALA A 1647 43.64 13.59 -30.63
N LEU A 1648 44.96 13.40 -30.74
CA LEU A 1648 45.88 14.42 -30.29
C LEU A 1648 45.62 15.74 -31.00
N LEU A 1649 45.40 15.68 -32.30
CA LEU A 1649 45.14 16.88 -33.07
C LEU A 1649 43.84 17.53 -32.64
N ALA A 1650 42.79 16.74 -32.47
CA ALA A 1650 41.51 17.31 -32.09
C ALA A 1650 41.61 18.01 -30.75
N LYS A 1651 42.27 17.38 -29.79
CA LYS A 1651 42.42 18.02 -28.49
C LYS A 1651 43.28 19.26 -28.59
N ILE A 1652 44.38 19.19 -29.33
CA ILE A 1652 45.26 20.35 -29.42
C ILE A 1652 44.58 21.51 -30.10
N LEU A 1653 43.56 21.24 -30.90
CA LEU A 1653 42.88 22.36 -31.53
C LEU A 1653 41.73 22.90 -30.71
N GLN A 1654 40.88 22.02 -30.16
CA GLN A 1654 39.71 22.52 -29.47
C GLN A 1654 40.09 23.38 -28.29
N ILE A 1655 41.07 22.96 -27.51
CA ILE A 1655 41.52 23.78 -26.39
C ILE A 1655 42.16 25.06 -26.90
N ASP A 1656 42.61 25.07 -28.14
CA ASP A 1656 43.23 26.25 -28.71
C ASP A 1656 42.18 27.18 -29.28
N SER A 1657 42.40 28.47 -29.10
CA SER A 1657 41.65 29.46 -29.86
C SER A 1657 42.17 29.49 -31.29
N SER A 1658 41.33 29.95 -32.19
CA SER A 1658 41.75 30.02 -33.59
C SER A 1658 42.78 31.09 -33.81
N VAL A 1659 43.27 31.67 -32.72
CA VAL A 1659 44.21 32.77 -32.81
C VAL A 1659 45.45 32.37 -33.62
N SER A 1660 45.96 31.17 -33.39
CA SER A 1660 47.16 30.71 -34.07
C SER A 1660 46.87 29.39 -34.76
N PHE A 1661 47.88 28.92 -35.50
CA PHE A 1661 47.75 27.71 -36.31
C PHE A 1661 46.59 27.84 -37.28
N ASN A 1662 46.27 29.07 -37.67
CA ASN A 1662 45.18 29.25 -38.63
C ASN A 1662 45.58 30.13 -39.80
N THR A 1663 46.34 31.19 -39.55
CA THR A 1663 46.66 32.10 -40.64
C THR A 1663 48.09 31.96 -41.13
N SER A 1664 49.04 32.35 -40.29
CA SER A 1664 50.45 32.26 -40.64
C SER A 1664 51.22 31.62 -39.50
N HIS A 1665 50.85 31.95 -38.28
CA HIS A 1665 51.61 31.57 -37.12
C HIS A 1665 51.37 30.11 -36.78
N GLY A 1666 52.40 29.45 -36.28
CA GLY A 1666 52.33 28.02 -36.08
C GLY A 1666 52.49 27.33 -37.41
N SER A 1667 53.28 26.27 -37.47
CA SER A 1667 53.49 25.63 -38.76
C SER A 1667 52.20 24.92 -39.17
N PHE A 1668 51.18 25.70 -39.48
CA PHE A 1668 49.93 25.18 -40.00
C PHE A 1668 50.16 24.41 -41.30
N PRO A 1669 51.20 24.68 -42.11
CA PRO A 1669 51.44 23.79 -43.25
C PRO A 1669 51.51 22.33 -42.89
N GLU A 1670 52.33 21.96 -41.91
CA GLU A 1670 52.53 20.53 -41.64
C GLU A 1670 51.27 19.90 -41.07
N VAL A 1671 50.62 20.56 -40.13
CA VAL A 1671 49.39 19.99 -39.57
C VAL A 1671 48.34 19.89 -40.65
N PHE A 1672 48.27 20.89 -41.52
CA PHE A 1672 47.34 20.83 -42.63
C PHE A 1672 47.64 19.63 -43.51
N THR A 1673 48.90 19.41 -43.83
CA THR A 1673 49.26 18.25 -44.64
C THR A 1673 48.87 16.97 -43.94
N THR A 1674 49.03 16.92 -42.63
CA THR A 1674 48.63 15.74 -41.90
C THR A 1674 47.13 15.51 -41.99
N TYR A 1675 46.34 16.57 -41.85
CA TYR A 1675 44.90 16.43 -41.98
C TYR A 1675 44.53 15.95 -43.37
N ILE A 1676 45.17 16.52 -44.40
CA ILE A 1676 44.92 16.09 -45.76
C ILE A 1676 45.26 14.63 -45.93
N SER A 1677 46.40 14.21 -45.40
CA SER A 1677 46.82 12.82 -45.53
C SER A 1677 45.85 11.90 -44.83
N LEU A 1678 45.39 12.29 -43.65
CA LEU A 1678 44.46 11.46 -42.90
C LEU A 1678 43.15 11.31 -43.65
N LEU A 1679 42.63 12.40 -44.20
CA LEU A 1679 41.40 12.30 -44.96
C LEU A 1679 41.61 11.55 -46.26
N ALA A 1680 42.81 11.61 -46.83
CA ALA A 1680 43.12 10.96 -48.07
C ALA A 1680 43.44 9.49 -47.90
N ASP A 1681 43.66 9.04 -46.67
CA ASP A 1681 43.89 7.63 -46.43
C ASP A 1681 42.64 6.83 -46.76
N THR A 1682 42.84 5.56 -47.05
CA THR A 1682 41.74 4.63 -47.29
C THR A 1682 41.74 3.45 -46.33
N LYS A 1683 42.75 3.30 -45.48
CA LYS A 1683 42.86 2.18 -44.57
C LYS A 1683 42.21 2.48 -43.22
N LEU A 1684 41.26 3.40 -43.17
CA LEU A 1684 40.62 3.79 -41.93
C LEU A 1684 39.12 3.64 -42.05
N ASP A 1685 38.47 3.55 -40.91
CA ASP A 1685 37.02 3.41 -40.87
C ASP A 1685 36.34 4.70 -41.29
N LEU A 1686 35.07 4.57 -41.69
CA LEU A 1686 34.27 5.75 -41.96
C LEU A 1686 34.11 6.58 -40.69
N HIS A 1687 34.11 5.93 -39.53
CA HIS A 1687 33.93 6.65 -38.29
C HIS A 1687 35.06 7.65 -38.07
N LEU A 1688 36.31 7.20 -38.24
CA LEU A 1688 37.41 8.13 -38.13
C LEU A 1688 37.34 9.19 -39.21
N LYS A 1689 36.97 8.79 -40.42
CA LYS A 1689 36.69 9.78 -41.44
C LYS A 1689 35.64 10.76 -40.97
N GLY A 1690 34.72 10.33 -40.12
CA GLY A 1690 33.80 11.24 -39.50
C GLY A 1690 34.44 11.93 -38.32
N GLN A 1691 35.27 11.20 -37.57
CA GLN A 1691 35.94 11.82 -36.44
C GLN A 1691 36.88 12.93 -36.88
N ALA A 1692 37.34 12.89 -38.12
CA ALA A 1692 38.26 13.90 -38.61
C ALA A 1692 37.56 15.14 -39.13
N VAL A 1693 36.40 14.97 -39.77
CA VAL A 1693 35.77 16.11 -40.42
C VAL A 1693 35.25 17.13 -39.42
N THR A 1694 35.07 16.74 -38.17
CA THR A 1694 34.63 17.68 -37.16
C THR A 1694 35.71 18.70 -36.81
N LEU A 1695 36.80 18.72 -37.57
CA LEU A 1695 37.86 19.70 -37.41
C LEU A 1695 37.81 20.79 -38.47
N LEU A 1696 36.98 20.60 -39.48
CA LEU A 1696 36.98 21.50 -40.62
C LEU A 1696 36.82 22.97 -40.26
N PRO A 1697 35.96 23.37 -39.31
CA PRO A 1697 35.82 24.80 -39.04
C PRO A 1697 37.13 25.48 -38.69
N PHE A 1698 38.04 24.76 -38.04
CA PHE A 1698 39.35 25.31 -37.81
C PHE A 1698 40.11 25.51 -39.10
N PHE A 1699 39.76 24.75 -40.13
CA PHE A 1699 40.25 25.01 -41.47
C PHE A 1699 39.27 25.95 -42.16
N THR A 1700 39.44 26.13 -43.46
CA THR A 1700 38.52 26.93 -44.28
C THR A 1700 38.51 28.38 -43.83
N SER A 1701 39.26 28.68 -42.78
CA SER A 1701 39.29 30.02 -42.20
C SER A 1701 40.64 30.63 -42.48
N LEU A 1702 40.64 31.80 -43.11
CA LEU A 1702 41.86 32.47 -43.52
C LEU A 1702 42.71 31.59 -44.42
N THR A 1703 42.09 30.59 -45.04
CA THR A 1703 42.80 29.66 -45.91
C THR A 1703 42.75 30.21 -47.32
N GLY A 1704 43.53 31.26 -47.55
CA GLY A 1704 43.60 31.86 -48.86
C GLY A 1704 44.36 30.97 -49.81
N GLY A 1705 43.66 30.41 -50.78
CA GLY A 1705 44.24 29.38 -51.61
C GLY A 1705 44.31 28.07 -50.86
N SER A 1706 44.82 27.06 -51.54
CA SER A 1706 45.01 25.72 -51.00
C SER A 1706 43.70 25.04 -50.62
N LEU A 1707 42.56 25.66 -50.89
CA LEU A 1707 41.30 25.01 -50.61
C LEU A 1707 41.05 23.89 -51.60
N GLU A 1708 41.52 24.09 -52.82
CA GLU A 1708 41.30 23.15 -53.91
C GLU A 1708 41.79 21.75 -53.55
N GLU A 1709 42.85 21.67 -52.75
CA GLU A 1709 43.27 20.38 -52.23
C GLU A 1709 42.16 19.79 -51.40
N LEU A 1710 41.58 20.60 -50.52
CA LEU A 1710 40.52 20.10 -49.67
C LEU A 1710 39.26 19.87 -50.50
N ARG A 1711 39.04 20.71 -51.51
CA ARG A 1711 38.05 20.41 -52.54
C ARG A 1711 38.14 18.99 -53.05
N ARG A 1712 39.26 18.63 -53.67
CA ARG A 1712 39.31 17.34 -54.31
C ARG A 1712 39.34 16.20 -53.31
N VAL A 1713 39.91 16.42 -52.12
CA VAL A 1713 39.92 15.33 -51.16
C VAL A 1713 38.51 15.08 -50.64
N LEU A 1714 37.74 16.14 -50.43
CA LEU A 1714 36.34 15.96 -50.07
C LEU A 1714 35.58 15.29 -51.20
N GLU A 1715 35.91 15.64 -52.44
CA GLU A 1715 35.22 15.06 -53.57
C GLU A 1715 35.46 13.56 -53.63
N GLN A 1716 36.73 13.15 -53.62
CA GLN A 1716 37.05 11.75 -53.63
C GLN A 1716 36.53 11.06 -52.38
N LEU A 1717 36.40 11.81 -51.28
CA LEU A 1717 35.80 11.26 -50.08
C LEU A 1717 34.35 10.89 -50.32
N ILE A 1718 33.57 11.84 -50.82
CA ILE A 1718 32.14 11.59 -50.94
C ILE A 1718 31.88 10.53 -51.98
N VAL A 1719 32.60 10.59 -53.11
CA VAL A 1719 32.42 9.54 -54.10
C VAL A 1719 32.88 8.20 -53.56
N ALA A 1720 33.75 8.21 -52.56
CA ALA A 1720 34.22 6.95 -52.01
C ALA A 1720 33.15 6.26 -51.17
N HIS A 1721 32.18 7.02 -50.65
CA HIS A 1721 31.24 6.42 -49.72
C HIS A 1721 29.80 6.90 -49.85
N PHE A 1722 29.49 7.76 -50.81
CA PHE A 1722 28.11 8.26 -50.91
C PHE A 1722 27.49 7.85 -52.23
N PRO A 1723 26.72 6.77 -52.24
CA PRO A 1723 26.02 6.38 -53.46
C PRO A 1723 25.01 7.45 -53.86
N MET A 1724 24.81 7.58 -55.17
CA MET A 1724 23.91 8.60 -55.67
C MET A 1724 22.49 8.36 -55.18
N GLN A 1725 22.06 7.11 -55.13
CA GLN A 1725 20.75 6.77 -54.61
C GLN A 1725 20.85 6.43 -53.14
N SER A 1726 19.98 7.02 -52.34
CA SER A 1726 19.98 6.79 -50.90
C SER A 1726 18.88 5.84 -50.45
N ARG A 1727 17.68 5.97 -51.03
CA ARG A 1727 16.57 5.13 -50.60
C ARG A 1727 16.78 3.67 -50.96
N GLU A 1728 17.77 3.36 -51.79
CA GLU A 1728 18.12 1.98 -52.09
C GLU A 1728 18.53 1.21 -50.85
N PHE A 1729 18.94 1.89 -49.81
CA PHE A 1729 19.42 1.19 -48.64
C PHE A 1729 18.31 1.03 -47.62
N PRO A 1730 18.07 -0.18 -47.14
CA PRO A 1730 16.95 -0.39 -46.24
C PRO A 1730 17.18 0.32 -44.93
N PRO A 1731 16.11 0.78 -44.26
CA PRO A 1731 16.27 1.38 -42.94
C PRO A 1731 16.83 0.37 -41.95
N GLY A 1732 17.57 0.88 -40.97
CA GLY A 1732 18.23 0.04 -40.01
C GLY A 1732 19.52 -0.57 -40.48
N THR A 1733 19.94 -0.30 -41.71
CA THR A 1733 21.23 -0.76 -42.17
C THR A 1733 22.32 -0.05 -41.38
N PRO A 1734 23.28 -0.78 -40.81
CA PRO A 1734 24.41 -0.09 -40.18
C PRO A 1734 25.13 0.84 -41.13
N ARG A 1735 25.25 0.45 -42.39
CA ARG A 1735 25.82 1.35 -43.39
C ARG A 1735 24.92 2.56 -43.58
N PHE A 1736 23.60 2.36 -43.55
CA PHE A 1736 22.69 3.50 -43.57
C PHE A 1736 22.96 4.44 -42.42
N ASN A 1737 23.18 3.89 -41.23
CA ASN A 1737 23.47 4.74 -40.08
C ASN A 1737 24.80 5.46 -40.26
N ASN A 1738 25.80 4.78 -40.83
CA ASN A 1738 27.07 5.45 -41.10
C ASN A 1738 26.86 6.61 -42.05
N TYR A 1739 26.11 6.37 -43.11
CA TYR A 1739 25.69 7.40 -44.04
C TYR A 1739 25.17 8.62 -43.29
N VAL A 1740 24.10 8.41 -42.52
CA VAL A 1740 23.41 9.54 -41.92
C VAL A 1740 24.29 10.21 -40.88
N ASP A 1741 25.12 9.46 -40.17
CA ASP A 1741 26.02 10.09 -39.21
C ASP A 1741 27.02 11.00 -39.92
N CYS A 1742 27.57 10.53 -41.04
CA CYS A 1742 28.51 11.37 -41.76
C CYS A 1742 27.82 12.61 -42.29
N MET A 1743 26.57 12.46 -42.71
CA MET A 1743 25.76 13.62 -43.08
C MET A 1743 25.69 14.60 -41.92
N LYS A 1744 25.41 14.09 -40.73
CA LYS A 1744 25.31 14.94 -39.55
C LYS A 1744 26.61 15.68 -39.32
N LYS A 1745 27.73 14.98 -39.47
CA LYS A 1745 29.01 15.61 -39.25
C LYS A 1745 29.23 16.75 -40.22
N PHE A 1746 28.93 16.52 -41.49
CA PHE A 1746 29.06 17.58 -42.48
C PHE A 1746 28.17 18.76 -42.12
N LEU A 1747 26.94 18.49 -41.72
CA LEU A 1747 26.02 19.58 -41.44
C LEU A 1747 26.54 20.43 -40.29
N ASP A 1748 27.01 19.78 -39.23
CA ASP A 1748 27.49 20.56 -38.10
C ASP A 1748 28.76 21.32 -38.47
N ALA A 1749 29.62 20.71 -39.28
CA ALA A 1749 30.84 21.39 -39.71
C ALA A 1749 30.49 22.65 -40.47
N LEU A 1750 29.57 22.54 -41.42
CA LEU A 1750 29.13 23.72 -42.17
C LEU A 1750 28.52 24.74 -41.25
N GLU A 1751 27.67 24.29 -40.32
CA GLU A 1751 27.02 25.20 -39.39
C GLU A 1751 28.04 26.04 -38.66
N LEU A 1752 29.07 25.40 -38.11
CA LEU A 1752 30.06 26.16 -37.37
C LEU A 1752 30.94 26.99 -38.29
N SER A 1753 31.16 26.54 -39.51
CA SER A 1753 32.10 27.20 -40.40
C SER A 1753 31.45 28.31 -41.21
N GLN A 1754 30.24 28.07 -41.71
CA GLN A 1754 29.61 28.96 -42.68
C GLN A 1754 30.54 29.15 -43.89
N SER A 1755 31.32 28.16 -44.16
CA SER A 1755 32.19 28.27 -45.32
C SER A 1755 31.36 28.09 -46.58
N PRO A 1756 31.60 28.92 -47.60
CA PRO A 1756 30.89 28.73 -48.87
C PRO A 1756 31.13 27.36 -49.45
N MET A 1757 32.31 26.82 -49.19
CA MET A 1757 32.77 25.58 -49.78
C MET A 1757 31.88 24.39 -49.45
N LEU A 1758 31.75 24.10 -48.15
CA LEU A 1758 30.88 23.02 -47.72
C LEU A 1758 29.45 23.25 -48.18
N LEU A 1759 29.04 24.51 -48.27
CA LEU A 1759 27.70 24.80 -48.78
C LEU A 1759 27.55 24.30 -50.20
N GLU A 1760 28.50 24.66 -51.06
CA GLU A 1760 28.45 24.20 -52.44
C GLU A 1760 28.44 22.68 -52.49
N LEU A 1761 29.32 22.03 -51.74
CA LEU A 1761 29.43 20.59 -51.81
C LEU A 1761 28.17 19.90 -51.31
N MET A 1762 27.62 20.36 -50.19
CA MET A 1762 26.42 19.75 -49.65
C MET A 1762 25.25 19.96 -50.60
N THR A 1763 25.14 21.13 -51.21
CA THR A 1763 24.09 21.30 -52.21
C THR A 1763 24.24 20.28 -53.31
N GLU A 1764 25.45 20.16 -53.86
CA GLU A 1764 25.63 19.23 -54.96
C GLU A 1764 25.30 17.80 -54.53
N VAL A 1765 25.54 17.47 -53.26
CA VAL A 1765 25.19 16.14 -52.77
C VAL A 1765 23.69 16.00 -52.66
N LEU A 1766 23.06 16.91 -51.93
CA LEU A 1766 21.61 16.92 -51.78
C LEU A 1766 20.92 17.00 -53.13
N CYS A 1767 21.34 17.95 -53.95
CA CYS A 1767 20.65 18.20 -55.22
C CYS A 1767 21.12 17.19 -56.26
N ARG A 1768 20.73 15.95 -56.04
CA ARG A 1768 20.75 14.94 -57.10
C ARG A 1768 19.39 14.30 -57.31
N GLU A 1769 18.66 14.00 -56.24
CA GLU A 1769 17.29 13.53 -56.31
C GLU A 1769 16.45 14.34 -55.33
N GLN A 1770 15.16 14.03 -55.28
CA GLN A 1770 14.21 14.78 -54.50
C GLN A 1770 13.73 13.97 -53.31
N GLN A 1771 13.69 14.63 -52.15
CA GLN A 1771 13.19 14.06 -50.89
C GLN A 1771 13.66 12.62 -50.77
N HIS A 1772 14.97 12.47 -50.68
CA HIS A 1772 15.58 11.15 -50.67
C HIS A 1772 16.76 11.00 -49.74
N VAL A 1773 17.33 12.09 -49.24
CA VAL A 1773 18.60 12.01 -48.52
C VAL A 1773 18.45 12.63 -47.14
N MET A 1774 17.28 12.50 -46.54
CA MET A 1774 16.99 13.07 -45.22
C MET A 1774 17.13 14.59 -45.26
N GLU A 1775 16.30 15.18 -46.11
CA GLU A 1775 16.33 16.60 -46.38
C GLU A 1775 15.95 17.44 -45.18
N GLU A 1776 15.33 16.82 -44.17
CA GLU A 1776 14.90 17.58 -43.00
C GLU A 1776 16.09 18.20 -42.30
N LEU A 1777 17.15 17.42 -42.14
CA LEU A 1777 18.35 17.93 -41.50
C LEU A 1777 18.93 19.06 -42.30
N PHE A 1778 18.95 18.92 -43.62
CA PHE A 1778 19.47 19.97 -44.48
C PHE A 1778 18.69 21.26 -44.27
N GLN A 1779 17.37 21.15 -44.26
CA GLN A 1779 16.55 22.34 -44.12
C GLN A 1779 16.75 22.98 -42.76
N SER A 1780 16.83 22.16 -41.72
CA SER A 1780 17.02 22.71 -40.39
C SER A 1780 18.35 23.44 -40.28
N SER A 1781 19.41 22.85 -40.83
CA SER A 1781 20.70 23.52 -40.82
C SER A 1781 20.63 24.82 -41.60
N PHE A 1782 20.00 24.79 -42.76
CA PHE A 1782 19.94 25.98 -43.57
C PHE A 1782 19.15 27.08 -42.88
N ARG A 1783 18.04 26.74 -42.23
CA ARG A 1783 17.33 27.75 -41.46
C ARG A 1783 18.18 28.26 -40.32
N ARG A 1784 19.24 27.55 -39.98
CA ARG A 1784 20.07 27.94 -38.86
C ARG A 1784 21.39 28.55 -39.28
N ILE A 1785 21.86 28.25 -40.49
CA ILE A 1785 23.09 28.90 -40.94
C ILE A 1785 22.86 30.37 -41.25
N ALA A 1786 21.74 30.70 -41.88
CA ALA A 1786 21.57 32.05 -42.39
C ALA A 1786 21.10 33.03 -41.33
N ARG A 1787 20.40 32.56 -40.31
CA ARG A 1787 19.91 33.46 -39.28
C ARG A 1787 21.00 33.93 -38.35
N ARG A 1788 22.25 33.56 -38.61
CA ARG A 1788 23.37 33.96 -37.80
C ARG A 1788 24.50 34.40 -38.73
N GLY A 1789 25.39 35.23 -38.21
CA GLY A 1789 26.56 35.65 -38.94
C GLY A 1789 26.40 37.02 -39.57
N SER A 1790 27.53 37.59 -39.95
CA SER A 1790 27.52 38.91 -40.54
C SER A 1790 26.77 38.91 -41.87
N CYS A 1791 26.22 40.07 -42.20
CA CYS A 1791 25.51 40.19 -43.47
C CYS A 1791 26.41 39.87 -44.64
N VAL A 1792 27.66 40.35 -44.60
CA VAL A 1792 28.54 40.14 -45.73
C VAL A 1792 28.92 38.66 -45.84
N THR A 1793 29.09 37.98 -44.72
CA THR A 1793 29.25 36.53 -44.77
C THR A 1793 28.04 35.89 -45.42
N GLN A 1794 26.84 36.32 -45.03
CA GLN A 1794 25.63 35.79 -45.65
C GLN A 1794 25.58 36.15 -47.12
N VAL A 1795 26.09 37.32 -47.49
CA VAL A 1795 26.18 37.68 -48.90
C VAL A 1795 27.07 36.69 -49.62
N GLY A 1796 28.21 36.38 -49.02
CA GLY A 1796 29.08 35.38 -49.61
C GLY A 1796 28.36 34.05 -49.76
N LEU A 1797 27.58 33.67 -48.75
CA LEU A 1797 26.84 32.43 -48.82
C LEU A 1797 25.90 32.41 -50.01
N LEU A 1798 25.09 33.46 -50.14
CA LEU A 1798 24.10 33.50 -51.21
C LEU A 1798 24.78 33.47 -52.56
N GLU A 1799 25.77 34.34 -52.75
CA GLU A 1799 26.46 34.35 -54.02
C GLU A 1799 27.09 32.99 -54.31
N SER A 1800 27.72 32.40 -53.31
CA SER A 1800 28.42 31.14 -53.49
C SER A 1800 27.46 30.06 -53.94
N VAL A 1801 26.30 29.97 -53.29
CA VAL A 1801 25.32 28.99 -53.72
C VAL A 1801 24.65 29.41 -55.00
N TYR A 1802 24.87 30.64 -55.45
CA TYR A 1802 24.17 31.11 -56.63
C TYR A 1802 24.95 30.92 -57.92
N GLU A 1803 26.27 31.01 -57.91
CA GLU A 1803 27.00 31.02 -59.19
C GLU A 1803 26.64 29.79 -60.02
N MET A 1804 26.77 28.61 -59.42
CA MET A 1804 26.54 27.40 -60.19
C MET A 1804 25.12 27.28 -60.70
N PHE A 1805 24.19 28.06 -60.15
CA PHE A 1805 22.85 28.02 -60.71
C PHE A 1805 22.82 28.58 -62.12
N ARG A 1806 23.53 29.67 -62.37
CA ARG A 1806 23.66 30.16 -63.74
C ARG A 1806 24.80 29.50 -64.47
N LYS A 1807 25.47 28.53 -63.84
CA LYS A 1807 26.67 27.96 -64.42
C LYS A 1807 26.36 27.29 -65.74
N ASP A 1808 27.26 27.47 -66.70
CA ASP A 1808 27.14 26.87 -68.02
C ASP A 1808 27.55 25.40 -68.04
N ASP A 1809 28.04 24.87 -66.92
CA ASP A 1809 28.38 23.46 -66.88
C ASP A 1809 27.14 22.62 -67.18
N PRO A 1810 27.22 21.70 -68.12
CA PRO A 1810 26.05 20.87 -68.42
C PRO A 1810 25.69 19.96 -67.27
N ARG A 1811 24.58 20.28 -66.60
CA ARG A 1811 24.05 19.46 -65.53
C ARG A 1811 22.56 19.33 -65.75
N LEU A 1812 22.00 18.23 -65.25
CA LEU A 1812 20.58 17.98 -65.45
C LEU A 1812 19.75 19.16 -64.96
N SER A 1813 18.83 19.60 -65.80
CA SER A 1813 17.99 20.75 -65.45
C SER A 1813 17.23 20.49 -64.17
N PHE A 1814 16.90 19.23 -63.89
CA PHE A 1814 16.27 18.88 -62.63
C PHE A 1814 17.15 19.26 -61.45
N THR A 1815 18.44 18.96 -61.54
CA THR A 1815 19.38 19.35 -60.48
C THR A 1815 19.46 20.86 -60.34
N ARG A 1816 19.60 21.56 -61.46
CA ARG A 1816 19.75 23.00 -61.39
C ARG A 1816 18.51 23.63 -60.78
N GLN A 1817 17.34 23.12 -61.14
CA GLN A 1817 16.11 23.52 -60.46
C GLN A 1817 16.21 23.27 -58.96
N SER A 1818 16.57 22.04 -58.58
CA SER A 1818 16.57 21.69 -57.17
C SER A 1818 17.50 22.59 -56.38
N PHE A 1819 18.51 23.16 -57.05
CA PHE A 1819 19.38 24.12 -56.38
C PHE A 1819 18.58 25.18 -55.67
N VAL A 1820 17.86 26.00 -56.44
CA VAL A 1820 17.05 27.04 -55.84
C VAL A 1820 15.81 26.47 -55.19
N ASP A 1821 15.44 25.25 -55.54
CA ASP A 1821 14.23 24.66 -54.98
C ASP A 1821 14.40 24.36 -53.51
N ARG A 1822 15.29 23.43 -53.18
CA ARG A 1822 15.42 22.99 -51.82
C ARG A 1822 16.57 23.64 -51.07
N SER A 1823 17.43 24.37 -51.77
CA SER A 1823 18.60 24.94 -51.11
C SER A 1823 18.58 26.45 -51.08
N LEU A 1824 18.54 27.12 -52.24
CA LEU A 1824 18.72 28.55 -52.23
C LEU A 1824 17.55 29.27 -51.61
N LEU A 1825 16.32 28.85 -51.94
CA LEU A 1825 15.16 29.61 -51.50
C LEU A 1825 15.04 29.59 -49.99
N THR A 1826 15.08 28.41 -49.39
CA THR A 1826 14.98 28.31 -47.94
C THR A 1826 16.11 29.05 -47.27
N LEU A 1827 17.28 29.03 -47.88
CA LEU A 1827 18.40 29.78 -47.35
C LEU A 1827 18.11 31.27 -47.37
N LEU A 1828 17.56 31.76 -48.48
CA LEU A 1828 17.29 33.17 -48.63
C LEU A 1828 16.19 33.61 -47.70
N TRP A 1829 15.30 32.69 -47.36
CA TRP A 1829 14.11 33.04 -46.61
C TRP A 1829 14.43 33.57 -45.23
N HIS A 1830 15.66 33.38 -44.74
CA HIS A 1830 15.97 33.73 -43.38
C HIS A 1830 17.20 34.61 -43.26
N CYS A 1831 17.62 35.25 -44.34
CA CYS A 1831 18.72 36.20 -44.24
C CYS A 1831 18.30 37.40 -43.43
N SER A 1832 19.29 38.13 -42.93
CA SER A 1832 19.01 39.30 -42.13
C SER A 1832 18.50 40.45 -43.01
N LEU A 1833 17.95 41.46 -42.35
CA LEU A 1833 17.34 42.57 -43.05
C LEU A 1833 18.36 43.31 -43.90
N ASP A 1834 17.98 43.59 -45.14
CA ASP A 1834 18.79 44.38 -46.07
C ASP A 1834 20.07 43.67 -46.47
N ALA A 1835 20.37 42.54 -45.83
CA ALA A 1835 21.36 41.64 -46.38
C ALA A 1835 20.88 41.05 -47.68
N LEU A 1836 19.58 41.14 -47.94
CA LEU A 1836 19.02 40.71 -49.20
C LEU A 1836 19.34 41.69 -50.31
N ARG A 1837 19.42 42.98 -49.97
CA ARG A 1837 19.55 44.02 -50.98
C ARG A 1837 20.78 43.80 -51.84
N GLU A 1838 21.90 43.45 -51.21
CA GLU A 1838 23.16 43.37 -51.94
C GLU A 1838 23.10 42.30 -53.00
N PHE A 1839 22.59 41.12 -52.63
CA PHE A 1839 22.42 40.06 -53.60
C PHE A 1839 21.52 40.52 -54.74
N PHE A 1840 20.48 41.27 -54.40
CA PHE A 1840 19.57 41.77 -55.43
C PHE A 1840 20.31 42.68 -56.38
N SER A 1841 21.12 43.59 -55.85
CA SER A 1841 21.92 44.46 -56.68
C SER A 1841 22.81 43.64 -57.59
N THR A 1842 23.38 42.56 -57.06
CA THR A 1842 24.25 41.72 -57.86
C THR A 1842 23.49 41.09 -59.01
N ILE A 1843 22.30 40.56 -58.74
CA ILE A 1843 21.65 39.68 -59.69
C ILE A 1843 20.79 40.42 -60.70
N VAL A 1844 20.27 41.59 -60.31
CA VAL A 1844 19.11 42.16 -60.98
C VAL A 1844 19.35 42.30 -62.48
N VAL A 1845 20.48 42.85 -62.87
CA VAL A 1845 20.73 43.10 -64.28
C VAL A 1845 20.75 41.78 -65.04
N ASP A 1846 21.45 40.79 -64.50
CA ASP A 1846 21.57 39.51 -65.19
C ASP A 1846 20.21 38.82 -65.30
N ALA A 1847 19.44 38.84 -64.22
CA ALA A 1847 18.13 38.18 -64.26
C ALA A 1847 17.21 38.87 -65.26
N ILE A 1848 17.20 40.21 -65.26
CA ILE A 1848 16.38 40.93 -66.23
C ILE A 1848 16.83 40.58 -67.64
N ASP A 1849 18.13 40.51 -67.85
CA ASP A 1849 18.65 40.12 -69.16
C ASP A 1849 18.12 38.76 -69.56
N VAL A 1850 18.19 37.78 -68.65
CA VAL A 1850 17.73 36.44 -68.97
C VAL A 1850 16.25 36.48 -69.31
N LEU A 1851 15.49 37.31 -68.60
CA LEU A 1851 14.07 37.43 -68.85
C LEU A 1851 13.75 38.20 -70.11
N LYS A 1852 14.70 38.95 -70.66
CA LYS A 1852 14.44 39.70 -71.89
C LYS A 1852 14.05 38.76 -73.03
N SER A 1853 14.86 37.75 -73.27
CA SER A 1853 14.74 36.99 -74.51
C SER A 1853 15.39 35.63 -74.32
N ARG A 1854 15.74 35.01 -75.44
CA ARG A 1854 16.35 33.70 -75.60
C ARG A 1854 15.30 32.62 -75.54
N PHE A 1855 14.06 32.95 -75.20
CA PHE A 1855 12.99 31.98 -75.23
C PHE A 1855 12.70 31.50 -76.64
N THR A 1856 13.22 32.21 -77.65
CA THR A 1856 12.79 31.99 -79.03
C THR A 1856 13.18 30.61 -79.54
N LYS A 1857 14.34 30.10 -79.15
CA LYS A 1857 14.83 28.83 -79.66
C LYS A 1857 14.17 27.69 -78.92
N LEU A 1858 13.72 26.67 -79.65
CA LEU A 1858 13.07 25.54 -79.02
C LEU A 1858 13.51 24.20 -79.58
N ASN A 1859 14.42 24.16 -80.54
CA ASN A 1859 14.71 22.94 -81.27
C ASN A 1859 15.51 21.93 -80.45
N GLU A 1860 15.97 22.29 -79.26
CA GLU A 1860 16.93 21.49 -78.54
C GLU A 1860 16.42 21.16 -77.15
N SER A 1861 16.79 19.99 -76.66
CA SER A 1861 16.50 19.63 -75.27
C SER A 1861 17.25 20.54 -74.31
N THR A 1862 18.41 21.05 -74.72
CA THR A 1862 19.17 21.95 -73.87
C THR A 1862 18.38 23.19 -73.50
N PHE A 1863 17.39 23.55 -74.30
CA PHE A 1863 16.54 24.69 -73.94
C PHE A 1863 15.89 24.51 -72.59
N ASP A 1864 15.72 23.27 -72.14
CA ASP A 1864 15.18 23.04 -70.82
C ASP A 1864 15.93 23.85 -69.79
N THR A 1865 17.25 23.92 -69.93
CA THR A 1865 18.05 24.70 -68.99
C THR A 1865 17.66 26.17 -69.03
N GLN A 1866 17.55 26.73 -70.24
CA GLN A 1866 17.26 28.15 -70.36
C GLN A 1866 15.98 28.51 -69.63
N ILE A 1867 14.88 27.85 -69.96
CA ILE A 1867 13.65 28.10 -69.23
C ILE A 1867 13.85 27.79 -67.76
N THR A 1868 14.57 26.70 -67.47
CA THR A 1868 14.86 26.39 -66.08
C THR A 1868 15.57 27.54 -65.41
N LYS A 1869 16.55 28.12 -66.10
CA LYS A 1869 17.27 29.25 -65.53
C LYS A 1869 16.32 30.40 -65.26
N LYS A 1870 15.35 30.61 -66.13
CA LYS A 1870 14.35 31.63 -65.87
C LYS A 1870 13.54 31.27 -64.64
N MET A 1871 13.18 29.99 -64.50
CA MET A 1871 12.37 29.53 -63.38
C MET A 1871 12.86 30.12 -62.07
N GLY A 1872 14.09 29.77 -61.70
CA GLY A 1872 14.62 30.22 -60.43
C GLY A 1872 14.56 31.73 -60.30
N TYR A 1873 14.88 32.44 -61.38
CA TYR A 1873 14.80 33.89 -61.33
C TYR A 1873 13.43 34.35 -60.85
N TYR A 1874 12.37 33.86 -61.48
CA TYR A 1874 11.05 34.21 -60.96
C TYR A 1874 10.98 33.85 -59.50
N LYS A 1875 11.32 32.61 -59.18
CA LYS A 1875 11.25 32.14 -57.81
C LYS A 1875 12.13 32.95 -56.88
N ILE A 1876 13.17 33.58 -57.39
CA ILE A 1876 14.02 34.37 -56.50
C ILE A 1876 13.62 35.84 -56.49
N LEU A 1877 12.94 36.31 -57.53
CA LEU A 1877 12.61 37.72 -57.54
C LEU A 1877 11.45 38.01 -56.61
N ASP A 1878 10.39 37.22 -56.71
CA ASP A 1878 9.24 37.40 -55.84
C ASP A 1878 9.64 37.27 -54.38
N VAL A 1879 10.46 36.29 -54.06
CA VAL A 1879 10.85 36.10 -52.68
C VAL A 1879 11.68 37.28 -52.22
N MET A 1880 12.29 38.00 -53.15
CA MET A 1880 12.89 39.26 -52.76
C MET A 1880 11.82 40.28 -52.40
N TYR A 1881 10.83 40.47 -53.27
CA TYR A 1881 9.78 41.42 -52.97
C TYR A 1881 9.08 41.07 -51.68
N SER A 1882 8.68 39.81 -51.53
CA SER A 1882 8.25 39.36 -50.23
C SER A 1882 9.41 39.48 -49.26
N ARG A 1883 9.09 39.75 -48.00
CA ARG A 1883 10.05 40.11 -46.96
C ARG A 1883 10.67 41.48 -47.21
N LEU A 1884 10.38 42.11 -48.32
CA LEU A 1884 10.93 43.44 -48.53
C LEU A 1884 9.86 44.48 -48.25
N PRO A 1885 10.16 45.49 -47.45
CA PRO A 1885 9.19 46.58 -47.25
C PRO A 1885 8.87 47.25 -48.58
N LYS A 1886 7.61 47.65 -48.73
CA LYS A 1886 7.15 48.16 -50.01
C LYS A 1886 7.50 49.62 -50.17
N ASP A 1887 8.75 49.96 -49.92
CA ASP A 1887 9.26 51.30 -50.16
C ASP A 1887 10.54 51.28 -50.98
N ASP A 1888 11.47 50.40 -50.66
CA ASP A 1888 12.70 50.32 -51.43
C ASP A 1888 12.48 49.62 -52.76
N VAL A 1889 11.35 48.96 -52.94
CA VAL A 1889 10.97 48.45 -54.23
C VAL A 1889 10.24 49.50 -55.06
N HIS A 1890 9.61 50.49 -54.43
CA HIS A 1890 9.02 51.60 -55.17
C HIS A 1890 8.92 52.77 -54.23
N ALA A 1891 9.55 53.88 -54.61
CA ALA A 1891 9.51 55.11 -53.81
C ALA A 1891 10.09 56.22 -54.66
N LYS A 1892 10.10 57.43 -54.10
CA LYS A 1892 10.81 58.53 -54.74
C LYS A 1892 12.29 58.23 -54.83
N GLU A 1893 12.85 57.61 -53.80
CA GLU A 1893 14.20 57.09 -53.84
C GLU A 1893 14.14 55.65 -54.33
N SER A 1894 15.02 55.30 -55.28
CA SER A 1894 15.08 53.97 -55.86
C SER A 1894 16.49 53.42 -55.67
N LYS A 1895 16.69 52.66 -54.58
CA LYS A 1895 17.99 52.04 -54.38
C LYS A 1895 18.31 51.09 -55.52
N ILE A 1896 17.38 50.20 -55.84
CA ILE A 1896 17.55 49.27 -56.95
C ILE A 1896 16.89 49.92 -58.14
N ASN A 1897 17.63 50.81 -58.78
CA ASN A 1897 17.25 51.41 -60.05
C ASN A 1897 18.12 50.87 -61.18
N GLN A 1898 18.61 49.66 -60.99
CA GLN A 1898 19.66 49.11 -61.82
C GLN A 1898 19.12 48.31 -63.00
N VAL A 1899 17.81 48.20 -63.14
CA VAL A 1899 17.25 47.77 -64.42
C VAL A 1899 17.66 48.76 -65.49
N PHE A 1900 17.47 50.05 -65.20
CA PHE A 1900 18.14 51.09 -65.93
C PHE A 1900 19.55 51.26 -65.38
N HIS A 1901 20.34 52.09 -66.03
CA HIS A 1901 21.63 52.42 -65.47
C HIS A 1901 21.49 53.12 -64.12
N GLY A 1902 20.33 53.70 -63.85
CA GLY A 1902 20.03 54.24 -62.54
C GLY A 1902 20.80 55.49 -62.17
N SER A 1903 21.67 55.97 -63.04
CA SER A 1903 22.40 57.21 -62.74
C SER A 1903 21.44 58.40 -62.67
N CYS A 1904 20.51 58.48 -63.62
CA CYS A 1904 19.55 59.56 -63.64
C CYS A 1904 18.22 59.19 -63.02
N ILE A 1905 17.80 57.94 -63.12
CA ILE A 1905 16.53 57.51 -62.54
C ILE A 1905 16.84 57.09 -61.10
N THR A 1906 16.96 58.09 -60.25
CA THR A 1906 16.96 57.90 -58.81
C THR A 1906 15.75 58.55 -58.16
N GLU A 1907 15.11 59.49 -58.84
CA GLU A 1907 13.94 60.20 -58.33
C GLU A 1907 12.70 59.48 -58.82
N GLY A 1908 12.03 58.77 -57.91
CA GLY A 1908 10.90 57.94 -58.29
C GLY A 1908 11.36 56.59 -58.81
N ASN A 1909 10.82 55.52 -58.24
CA ASN A 1909 11.14 54.16 -58.66
C ASN A 1909 10.00 53.65 -59.52
N GLU A 1910 10.26 53.47 -60.81
CA GLU A 1910 9.20 53.00 -61.70
C GLU A 1910 9.63 51.88 -62.62
N LEU A 1911 10.91 51.57 -62.71
CA LEU A 1911 11.30 50.40 -63.48
C LEU A 1911 11.23 49.13 -62.66
N THR A 1912 10.98 49.25 -61.36
CA THR A 1912 10.67 48.06 -60.59
C THR A 1912 9.38 47.43 -61.05
N LYS A 1913 8.48 48.20 -61.66
CA LYS A 1913 7.22 47.62 -62.08
C LYS A 1913 7.38 46.89 -63.40
N THR A 1914 8.14 47.45 -64.34
CA THR A 1914 8.19 46.89 -65.69
C THR A 1914 8.55 45.42 -65.68
N LEU A 1915 9.09 44.92 -64.56
CA LEU A 1915 9.17 43.49 -64.36
C LEU A 1915 7.83 42.82 -64.57
N ILE A 1916 6.75 43.42 -64.05
CA ILE A 1916 5.47 42.74 -64.15
C ILE A 1916 5.06 42.58 -65.61
N LYS A 1917 5.41 43.55 -66.44
CA LYS A 1917 5.22 43.36 -67.88
C LYS A 1917 6.05 42.21 -68.37
N LEU A 1918 7.30 42.13 -67.90
CA LEU A 1918 8.19 41.06 -68.31
C LEU A 1918 7.75 39.72 -67.79
N CYS A 1919 6.80 39.68 -66.87
CA CYS A 1919 6.21 38.44 -66.40
C CYS A 1919 4.93 38.10 -67.13
N TYR A 1920 4.09 39.11 -67.35
CA TYR A 1920 2.87 38.91 -68.11
C TYR A 1920 3.17 38.47 -69.53
N ASP A 1921 4.31 38.90 -70.07
CA ASP A 1921 4.62 38.68 -71.48
C ASP A 1921 4.58 37.20 -71.84
N ALA A 1922 5.31 36.37 -71.10
CA ALA A 1922 5.25 34.93 -71.30
C ALA A 1922 4.22 34.27 -70.41
N PHE A 1923 3.85 34.95 -69.33
CA PHE A 1923 2.84 34.43 -68.41
C PHE A 1923 1.53 34.14 -69.12
N THR A 1924 1.06 35.07 -69.93
CA THR A 1924 -0.13 34.84 -70.75
C THR A 1924 0.36 34.32 -72.10
N GLU A 1925 0.59 33.03 -72.16
CA GLU A 1925 1.12 32.38 -73.35
C GLU A 1925 0.00 31.65 -74.06
N ASN A 1926 -0.29 32.09 -75.29
CA ASN A 1926 -1.21 31.33 -76.11
C ASN A 1926 -0.56 30.00 -76.48
N MET A 1927 -1.21 28.91 -76.11
CA MET A 1927 -0.61 27.58 -76.26
C MET A 1927 -0.19 27.33 -77.70
N ALA A 1928 1.07 26.96 -77.87
CA ALA A 1928 1.53 26.50 -79.16
C ALA A 1928 0.85 25.19 -79.50
N GLY A 1929 0.68 24.94 -80.80
CA GLY A 1929 0.06 23.71 -81.23
C GLY A 1929 0.81 22.49 -80.73
N GLU A 1930 2.12 22.51 -80.83
CA GLU A 1930 2.96 21.46 -80.28
C GLU A 1930 3.73 21.98 -79.07
N ASN A 1931 4.08 21.05 -78.19
CA ASN A 1931 5.02 21.32 -77.12
C ASN A 1931 5.70 20.01 -76.76
N GLN A 1932 6.94 20.12 -76.30
CA GLN A 1932 7.70 18.97 -75.85
C GLN A 1932 8.21 19.17 -74.42
N LEU A 1933 7.66 20.16 -73.73
CA LEU A 1933 8.03 20.54 -72.38
C LEU A 1933 6.79 20.95 -71.61
N LEU A 1934 5.71 20.18 -71.81
CA LEU A 1934 4.39 20.57 -71.35
C LEU A 1934 4.40 20.95 -69.87
N GLU A 1935 4.72 19.98 -69.02
CA GLU A 1935 4.83 20.24 -67.60
C GLU A 1935 5.91 21.26 -67.31
N ARG A 1936 6.97 21.29 -68.10
CA ARG A 1936 8.01 22.28 -67.90
C ARG A 1936 7.44 23.68 -68.08
N ARG A 1937 6.78 23.92 -69.22
CA ARG A 1937 6.14 25.21 -69.43
C ARG A 1937 5.08 25.47 -68.37
N ARG A 1938 4.39 24.42 -67.93
CA ARG A 1938 3.35 24.59 -66.93
C ARG A 1938 3.92 25.13 -65.64
N LEU A 1939 4.93 24.47 -65.11
CA LEU A 1939 5.57 24.94 -63.90
C LEU A 1939 6.22 26.29 -64.13
N TYR A 1940 6.71 26.52 -65.35
CA TYR A 1940 7.29 27.80 -65.70
C TYR A 1940 6.28 28.92 -65.47
N HIS A 1941 5.11 28.78 -66.05
CA HIS A 1941 4.09 29.79 -65.88
C HIS A 1941 3.60 29.85 -64.46
N CYS A 1942 3.55 28.71 -63.77
CA CYS A 1942 3.16 28.74 -62.37
C CYS A 1942 4.07 29.64 -61.58
N ALA A 1943 5.37 29.44 -61.74
CA ALA A 1943 6.34 30.27 -61.02
C ALA A 1943 6.20 31.73 -61.44
N ALA A 1944 6.04 31.97 -62.74
CA ALA A 1944 5.91 33.34 -63.20
C ALA A 1944 4.71 34.01 -62.55
N TYR A 1945 3.61 33.30 -62.48
CA TYR A 1945 2.42 33.85 -61.84
C TYR A 1945 2.62 34.07 -60.36
N ASN A 1946 3.39 33.21 -59.70
CA ASN A 1946 3.71 33.47 -58.30
C ASN A 1946 4.47 34.77 -58.18
N CYS A 1947 5.42 34.99 -59.08
CA CYS A 1947 6.16 36.25 -59.07
C CYS A 1947 5.23 37.42 -59.28
N ALA A 1948 4.30 37.28 -60.21
CA ALA A 1948 3.33 38.34 -60.44
C ALA A 1948 2.52 38.61 -59.19
N ILE A 1949 2.10 37.55 -58.51
CA ILE A 1949 1.32 37.71 -57.30
C ILE A 1949 2.11 38.52 -56.29
N SER A 1950 3.37 38.16 -56.10
CA SER A 1950 4.18 38.85 -55.12
C SER A 1950 4.32 40.32 -55.47
N VAL A 1951 4.68 40.59 -56.73
CA VAL A 1951 4.95 41.97 -57.10
C VAL A 1951 3.67 42.80 -57.02
N ILE A 1952 2.51 42.19 -57.23
CA ILE A 1952 1.29 42.97 -57.15
C ILE A 1952 0.83 43.13 -55.71
N CYS A 1953 1.05 42.13 -54.87
CA CYS A 1953 0.77 42.34 -53.46
C CYS A 1953 1.73 43.36 -52.86
N CYS A 1954 2.84 43.62 -53.54
CA CYS A 1954 3.72 44.70 -53.11
C CYS A 1954 3.23 46.06 -53.59
N VAL A 1955 3.16 46.25 -54.90
CA VAL A 1955 2.85 47.54 -55.48
C VAL A 1955 1.67 47.38 -56.44
N PHE A 1956 1.16 48.51 -56.91
CA PHE A 1956 -0.14 48.58 -57.58
C PHE A 1956 -1.22 48.01 -56.67
N ASN A 1957 -1.30 48.56 -55.46
CA ASN A 1957 -2.36 48.20 -54.53
C ASN A 1957 -3.73 48.69 -54.98
N GLU A 1958 -3.79 49.46 -56.07
CA GLU A 1958 -5.07 49.84 -56.66
C GLU A 1958 -5.82 48.60 -57.12
N LEU A 1959 -7.14 48.77 -57.27
CA LEU A 1959 -8.00 47.67 -57.66
C LEU A 1959 -7.67 47.18 -59.06
N LYS A 1960 -8.36 46.10 -59.45
CA LYS A 1960 -8.32 45.47 -60.76
C LYS A 1960 -7.01 44.75 -61.03
N PHE A 1961 -6.00 45.04 -60.21
CA PHE A 1961 -4.86 44.17 -59.98
C PHE A 1961 -4.47 43.33 -61.19
N TYR A 1962 -4.29 43.97 -62.34
CA TYR A 1962 -3.96 43.25 -63.57
C TYR A 1962 -4.98 42.15 -63.79
N GLN A 1963 -6.23 42.56 -64.04
CA GLN A 1963 -7.40 41.68 -64.06
C GLN A 1963 -7.07 40.30 -64.59
N GLY A 1964 -7.57 39.29 -63.88
CA GLY A 1964 -7.13 37.91 -64.00
C GLY A 1964 -6.78 37.41 -65.38
N PHE A 1965 -7.58 37.73 -66.38
CA PHE A 1965 -7.41 37.13 -67.70
C PHE A 1965 -7.84 38.12 -68.78
N LEU A 1966 -7.95 37.62 -70.00
CA LEU A 1966 -8.45 38.36 -71.15
C LEU A 1966 -8.96 37.33 -72.16
N PHE A 1967 -9.22 37.76 -73.39
CA PHE A 1967 -9.61 36.85 -74.46
C PHE A 1967 -8.42 36.31 -75.23
N SER A 1968 -7.23 36.39 -74.65
CA SER A 1968 -6.02 35.95 -75.36
C SER A 1968 -5.81 34.44 -75.20
N GLU A 1969 -5.54 34.00 -73.98
CA GLU A 1969 -5.24 32.59 -73.77
C GLU A 1969 -5.84 32.00 -72.51
N LYS A 1970 -6.64 32.75 -71.74
CA LYS A 1970 -7.23 32.26 -70.50
C LYS A 1970 -6.17 31.72 -69.55
N PRO A 1971 -5.43 32.61 -68.88
CA PRO A 1971 -4.35 32.19 -67.95
C PRO A 1971 -4.63 30.92 -67.19
N GLU A 1972 -5.85 30.80 -66.66
CA GLU A 1972 -6.19 29.64 -65.85
C GLU A 1972 -6.01 28.35 -66.64
N LYS A 1973 -6.04 28.40 -67.96
CA LYS A 1973 -5.71 27.22 -68.74
C LYS A 1973 -4.22 26.92 -68.65
N ASN A 1974 -3.38 27.94 -68.82
CA ASN A 1974 -1.94 27.72 -68.75
C ASN A 1974 -1.51 27.31 -67.36
N LEU A 1975 -2.02 27.98 -66.33
CA LEU A 1975 -1.61 27.66 -64.96
C LEU A 1975 -1.87 26.20 -64.64
N LEU A 1976 -2.94 25.64 -65.17
CA LEU A 1976 -3.33 24.30 -64.77
C LEU A 1976 -2.87 23.26 -65.78
N ILE A 1977 -2.88 22.02 -65.32
CA ILE A 1977 -2.63 20.87 -66.16
C ILE A 1977 -3.95 20.15 -66.35
N PHE A 1978 -3.96 19.20 -67.26
CA PHE A 1978 -5.14 18.42 -67.58
C PHE A 1978 -4.73 16.95 -67.70
N GLU A 1979 -5.74 16.10 -67.88
CA GLU A 1979 -5.53 14.66 -68.00
C GLU A 1979 -4.80 14.11 -66.78
N ASN A 1980 -5.14 14.63 -65.60
CA ASN A 1980 -4.52 14.19 -64.36
C ASN A 1980 -5.61 13.81 -63.39
N LEU A 1981 -5.47 12.63 -62.78
CA LEU A 1981 -6.48 12.15 -61.83
C LEU A 1981 -6.32 12.93 -60.54
N ILE A 1982 -6.89 14.10 -60.54
CA ILE A 1982 -6.90 14.97 -59.38
C ILE A 1982 -8.11 14.60 -58.53
N ASP A 1983 -7.98 14.79 -57.22
CA ASP A 1983 -9.06 14.59 -56.25
C ASP A 1983 -9.57 13.14 -56.29
N LEU A 1984 -8.71 12.24 -55.84
CA LEU A 1984 -9.10 10.86 -55.67
C LEU A 1984 -10.02 10.75 -54.46
N LYS A 1985 -10.28 9.53 -54.02
CA LYS A 1985 -11.23 9.32 -52.95
C LYS A 1985 -10.63 9.66 -51.59
N ARG A 1986 -11.51 9.81 -50.61
CA ARG A 1986 -11.10 10.06 -49.24
C ARG A 1986 -10.63 8.79 -48.57
N MET A 2085 -3.72 19.42 -46.93
CA MET A 2085 -4.23 18.08 -47.20
C MET A 2085 -3.30 17.35 -48.15
N ASP A 2086 -3.83 16.87 -49.28
CA ASP A 2086 -3.03 16.04 -50.18
C ASP A 2086 -3.27 16.37 -51.65
N GLU A 2087 -3.79 17.55 -51.97
CA GLU A 2087 -3.76 18.01 -53.35
C GLU A 2087 -3.31 19.46 -53.40
N LEU A 2088 -3.57 20.20 -52.34
CA LEU A 2088 -3.02 21.54 -52.22
C LEU A 2088 -1.50 21.47 -52.21
N ASN A 2089 -0.95 20.50 -51.48
CA ASN A 2089 0.49 20.30 -51.52
C ASN A 2089 0.96 19.93 -52.92
N ARG A 2090 0.21 19.08 -53.60
CA ARG A 2090 0.61 18.62 -54.91
C ARG A 2090 0.44 19.68 -55.98
N HIS A 2091 -0.18 20.81 -55.67
CA HIS A 2091 -0.18 21.94 -56.58
C HIS A 2091 0.61 23.08 -55.96
N GLU A 2092 1.14 23.94 -56.81
CA GLU A 2092 2.10 24.94 -56.39
C GLU A 2092 1.49 26.31 -56.16
N CYS A 2093 0.44 26.65 -56.91
CA CYS A 2093 -0.16 27.98 -56.83
C CYS A 2093 -1.26 28.06 -55.78
N MET A 2094 -1.19 27.23 -54.74
CA MET A 2094 -2.24 27.19 -53.74
C MET A 2094 -2.09 28.32 -52.73
N ALA A 2095 -1.04 28.23 -51.93
CA ALA A 2095 -0.73 29.29 -50.97
C ALA A 2095 -0.62 30.66 -51.63
N PRO A 2096 0.01 30.84 -52.79
CA PRO A 2096 0.03 32.17 -53.38
C PRO A 2096 -1.35 32.74 -53.54
N LEU A 2097 -2.27 31.98 -54.15
CA LEU A 2097 -3.60 32.49 -54.39
C LEU A 2097 -4.34 32.75 -53.08
N THR A 2098 -4.18 31.85 -52.12
CA THR A 2098 -4.87 32.01 -50.85
C THR A 2098 -4.43 33.27 -50.16
N ALA A 2099 -3.12 33.46 -50.04
CA ALA A 2099 -2.60 34.67 -49.42
C ALA A 2099 -3.06 35.89 -50.19
N LEU A 2100 -3.08 35.78 -51.51
CA LEU A 2100 -3.50 36.91 -52.33
C LEU A 2100 -4.93 37.32 -52.04
N VAL A 2101 -5.83 36.34 -51.99
CA VAL A 2101 -7.24 36.65 -51.84
C VAL A 2101 -7.52 37.16 -50.43
N LYS A 2102 -6.91 36.54 -49.43
CA LYS A 2102 -7.11 37.06 -48.08
C LYS A 2102 -6.48 38.45 -47.94
N HIS A 2103 -5.41 38.72 -48.68
CA HIS A 2103 -4.80 40.03 -48.64
C HIS A 2103 -5.73 41.08 -49.21
N MET A 2104 -6.26 40.84 -50.41
CA MET A 2104 -7.17 41.85 -50.95
C MET A 2104 -8.43 41.96 -50.10
N HIS A 2105 -8.82 40.87 -49.45
CA HIS A 2105 -9.89 40.95 -48.48
C HIS A 2105 -9.52 41.90 -47.35
N ARG A 2106 -8.22 42.07 -47.10
CA ARG A 2106 -7.72 43.01 -46.13
C ARG A 2106 -7.27 44.31 -46.77
N SER A 2107 -7.76 44.60 -47.97
CA SER A 2107 -7.25 45.73 -48.74
C SER A 2107 -8.38 46.49 -49.44
N LEU A 2108 -9.58 46.46 -48.88
CA LEU A 2108 -10.72 47.14 -49.49
C LEU A 2108 -10.71 48.64 -49.16
N PRO A 2119 -25.28 45.93 -49.23
CA PRO A 2119 -25.20 45.78 -50.68
C PRO A 2119 -23.88 45.17 -51.13
N ARG A 2120 -23.87 43.88 -51.42
CA ARG A 2120 -22.68 43.19 -51.92
C ARG A 2120 -22.77 43.15 -53.45
N ASP A 2121 -21.88 43.87 -54.10
CA ASP A 2121 -21.98 44.14 -55.52
C ASP A 2121 -21.08 43.25 -56.37
N LEU A 2122 -20.47 42.23 -55.78
CA LEU A 2122 -19.68 41.26 -56.52
C LEU A 2122 -18.56 41.90 -57.33
N PRO A 2123 -17.47 42.35 -56.71
CA PRO A 2123 -16.38 42.96 -57.48
C PRO A 2123 -15.88 42.05 -58.59
N SER A 2124 -15.33 42.64 -59.66
CA SER A 2124 -15.04 41.88 -60.87
C SER A 2124 -13.94 40.87 -60.66
N TRP A 2125 -12.97 41.18 -59.81
CA TRP A 2125 -11.99 40.21 -59.36
C TRP A 2125 -12.63 38.99 -58.74
N MET A 2126 -13.78 39.17 -58.11
CA MET A 2126 -14.61 38.03 -57.73
C MET A 2126 -15.56 37.66 -58.84
N LYS A 2127 -15.87 38.61 -59.73
CA LYS A 2127 -16.69 38.28 -60.88
C LYS A 2127 -15.92 37.46 -61.91
N PHE A 2128 -14.60 37.70 -62.04
CA PHE A 2128 -13.81 36.88 -62.94
C PHE A 2128 -13.94 35.41 -62.57
N LEU A 2129 -14.17 35.13 -61.30
CA LEU A 2129 -14.33 33.77 -60.82
C LEU A 2129 -15.78 33.32 -60.84
N HIS A 2130 -16.69 34.25 -60.55
CA HIS A 2130 -18.11 33.95 -60.56
C HIS A 2130 -18.51 33.37 -61.91
N GLY A 2131 -17.66 33.60 -62.90
CA GLY A 2131 -17.90 33.09 -64.24
C GLY A 2131 -17.42 31.64 -64.30
N LYS A 2132 -16.36 31.35 -63.56
CA LYS A 2132 -15.81 30.01 -63.49
C LYS A 2132 -16.62 29.18 -62.50
N LEU A 2133 -16.50 27.86 -62.60
CA LEU A 2133 -17.24 26.94 -61.73
C LEU A 2133 -18.73 27.25 -61.70
N GLY A 2134 -19.32 27.41 -62.88
CA GLY A 2134 -20.73 27.72 -63.03
C GLY A 2134 -21.15 27.55 -64.47
N ASN A 2135 -20.17 27.64 -65.37
CA ASN A 2135 -20.40 27.48 -66.81
C ASN A 2135 -19.56 26.31 -67.29
N PRO A 2136 -20.07 25.08 -67.10
CA PRO A 2136 -19.38 23.85 -67.50
C PRO A 2136 -19.08 23.83 -68.99
N ILE A 2137 -18.01 24.50 -69.39
CA ILE A 2137 -17.60 24.56 -70.79
C ILE A 2137 -16.18 24.04 -70.94
N VAL A 2138 -15.42 24.10 -69.86
CA VAL A 2138 -14.04 23.62 -69.85
C VAL A 2138 -13.91 22.33 -69.05
N PRO A 2139 -12.67 21.85 -68.89
CA PRO A 2139 -12.38 20.61 -68.16
C PRO A 2139 -12.63 20.74 -66.66
N LEU A 2140 -12.98 19.62 -66.03
CA LEU A 2140 -13.24 19.58 -64.59
C LEU A 2140 -12.11 20.21 -63.80
N ASN A 2141 -10.85 19.89 -64.14
CA ASN A 2141 -9.73 20.23 -63.26
C ASN A 2141 -9.78 21.69 -62.85
N ILE A 2142 -10.14 22.57 -63.78
CA ILE A 2142 -10.24 23.98 -63.45
C ILE A 2142 -11.29 24.21 -62.39
N ARG A 2143 -12.46 23.61 -62.55
CA ARG A 2143 -13.53 23.84 -61.61
C ARG A 2143 -13.19 23.27 -60.24
N LEU A 2144 -12.61 22.08 -60.19
CA LEU A 2144 -12.18 21.55 -58.89
C LEU A 2144 -11.14 22.46 -58.26
N PHE A 2145 -10.20 22.94 -59.06
CA PHE A 2145 -9.22 23.90 -58.59
C PHE A 2145 -9.91 25.04 -57.88
N LEU A 2146 -10.81 25.71 -58.59
CA LEU A 2146 -11.46 26.90 -58.05
C LEU A 2146 -12.30 26.56 -56.82
N ALA A 2147 -12.97 25.41 -56.86
CA ALA A 2147 -13.81 25.02 -55.74
C ALA A 2147 -12.96 24.81 -54.49
N LYS A 2148 -11.83 24.13 -54.64
CA LYS A 2148 -10.96 23.91 -53.50
C LYS A 2148 -10.38 25.24 -53.01
N LEU A 2149 -10.10 26.14 -53.94
CA LEU A 2149 -9.72 27.50 -53.54
C LEU A 2149 -10.78 28.10 -52.62
N VAL A 2150 -12.02 28.06 -53.07
CA VAL A 2150 -13.11 28.63 -52.29
C VAL A 2150 -13.22 27.93 -50.95
N ILE A 2151 -13.06 26.62 -50.94
CA ILE A 2151 -13.12 25.86 -49.70
C ILE A 2151 -12.12 26.42 -48.71
N ASN A 2152 -10.89 26.63 -49.16
CA ASN A 2152 -9.92 27.22 -48.27
C ASN A 2152 -10.22 28.67 -47.95
N THR A 2153 -11.19 29.27 -48.65
CA THR A 2153 -11.50 30.69 -48.49
C THR A 2153 -12.98 30.88 -48.22
N GLU A 2154 -13.52 30.10 -47.27
CA GLU A 2154 -14.94 30.18 -46.95
C GLU A 2154 -15.31 31.55 -46.40
N GLU A 2155 -14.41 32.15 -45.61
CA GLU A 2155 -14.67 33.46 -45.06
C GLU A 2155 -14.65 34.55 -46.12
N VAL A 2156 -14.04 34.28 -47.26
CA VAL A 2156 -13.97 35.27 -48.33
C VAL A 2156 -15.36 35.58 -48.85
N PHE A 2157 -16.17 34.56 -49.08
CA PHE A 2157 -17.46 34.73 -49.72
C PHE A 2157 -18.60 34.75 -48.72
N ARG A 2158 -18.28 34.88 -47.43
CA ARG A 2158 -19.32 34.94 -46.41
C ARG A 2158 -20.42 35.93 -46.76
N PRO A 2159 -20.13 37.13 -47.27
CA PRO A 2159 -21.24 37.93 -47.82
C PRO A 2159 -21.73 37.41 -49.16
N TYR A 2160 -20.81 37.03 -50.05
CA TYR A 2160 -21.17 36.68 -51.42
C TYR A 2160 -21.45 35.18 -51.51
N ALA A 2161 -22.53 34.78 -50.84
CA ALA A 2161 -22.91 33.39 -50.79
C ALA A 2161 -24.04 33.04 -51.75
N LYS A 2162 -25.16 33.76 -51.65
CA LYS A 2162 -26.28 33.52 -52.56
C LYS A 2162 -25.82 33.63 -54.00
N HIS A 2163 -24.95 34.61 -54.27
CA HIS A 2163 -24.40 34.74 -55.60
C HIS A 2163 -23.55 33.52 -55.95
N TRP A 2164 -22.72 33.08 -55.01
CA TRP A 2164 -21.83 31.96 -55.29
C TRP A 2164 -22.50 30.61 -55.10
N LEU A 2165 -23.66 30.58 -54.44
CA LEU A 2165 -24.24 29.30 -54.05
C LEU A 2165 -24.58 28.45 -55.27
N SER A 2166 -25.32 29.02 -56.21
CA SER A 2166 -25.68 28.24 -57.40
C SER A 2166 -24.47 27.81 -58.22
N PRO A 2167 -23.47 28.66 -58.49
CA PRO A 2167 -22.25 28.10 -59.10
C PRO A 2167 -21.60 27.09 -58.19
N LEU A 2168 -21.64 27.32 -56.88
CA LEU A 2168 -21.07 26.37 -55.96
C LEU A 2168 -21.78 25.03 -56.05
N LEU A 2169 -23.10 25.06 -56.11
CA LEU A 2169 -23.83 23.80 -56.20
C LEU A 2169 -23.69 23.17 -57.57
N GLN A 2170 -23.41 23.97 -58.59
CA GLN A 2170 -23.28 23.40 -59.94
C GLN A 2170 -22.20 22.34 -59.97
N LEU A 2171 -21.02 22.66 -59.48
CA LEU A 2171 -20.06 21.63 -59.14
C LEU A 2171 -20.20 21.31 -57.66
N ALA A 2172 -21.28 20.59 -57.35
CA ALA A 2172 -21.40 19.93 -56.07
C ALA A 2172 -21.37 18.43 -56.24
N ALA A 2173 -22.28 17.89 -57.04
CA ALA A 2173 -22.24 16.48 -57.42
C ALA A 2173 -22.61 16.25 -58.86
N SER A 2174 -23.18 17.24 -59.54
CA SER A 2174 -23.71 17.01 -60.87
C SER A 2174 -22.62 16.55 -61.82
N GLU A 2175 -21.44 17.15 -61.71
CA GLU A 2175 -20.34 16.69 -62.53
C GLU A 2175 -19.82 15.34 -62.03
N ASN A 2176 -19.25 14.59 -62.95
CA ASN A 2176 -18.53 13.37 -62.60
C ASN A 2176 -17.14 13.82 -62.15
N ASN A 2177 -17.09 14.26 -60.90
CA ASN A 2177 -15.92 14.97 -60.38
C ASN A 2177 -14.67 14.09 -60.38
N GLY A 2178 -14.82 12.79 -60.52
CA GLY A 2178 -13.66 11.92 -60.50
C GLY A 2178 -13.78 10.90 -59.39
N GLY A 2179 -13.75 9.62 -59.76
CA GLY A 2179 -14.01 8.59 -58.79
C GLY A 2179 -15.48 8.54 -58.45
N GLU A 2180 -15.80 7.71 -57.47
CA GLU A 2180 -17.18 7.53 -57.03
C GLU A 2180 -17.22 7.39 -55.52
N GLY A 2181 -18.38 7.68 -54.97
CA GLY A 2181 -18.57 7.71 -53.53
C GLY A 2181 -18.76 9.15 -53.13
N ILE A 2182 -18.36 9.50 -51.93
CA ILE A 2182 -18.29 10.89 -51.52
C ILE A 2182 -16.83 11.21 -51.29
N HIS A 2183 -16.28 12.03 -52.16
CA HIS A 2183 -14.86 12.33 -52.09
C HIS A 2183 -14.59 13.39 -51.03
N TYR A 2184 -13.31 13.54 -50.70
CA TYR A 2184 -12.92 14.48 -49.67
C TYR A 2184 -13.06 15.90 -50.18
N MET A 2185 -13.80 16.08 -51.26
CA MET A 2185 -14.15 17.39 -51.78
C MET A 2185 -15.64 17.69 -51.73
N VAL A 2186 -16.49 16.72 -52.08
CA VAL A 2186 -17.92 16.93 -51.93
C VAL A 2186 -18.26 17.27 -50.49
N VAL A 2187 -17.68 16.53 -49.55
CA VAL A 2187 -17.92 16.79 -48.14
C VAL A 2187 -17.58 18.23 -47.81
N GLU A 2188 -16.41 18.70 -48.25
CA GLU A 2188 -16.02 20.06 -47.96
C GLU A 2188 -16.94 21.05 -48.64
N ILE A 2189 -17.33 20.76 -49.88
CA ILE A 2189 -18.21 21.67 -50.60
C ILE A 2189 -19.51 21.86 -49.84
N VAL A 2190 -20.15 20.77 -49.47
CA VAL A 2190 -21.45 20.86 -48.84
C VAL A 2190 -21.32 21.45 -47.45
N ALA A 2191 -20.28 21.08 -46.71
CA ALA A 2191 -20.08 21.65 -45.40
C ALA A 2191 -19.88 23.16 -45.51
N THR A 2192 -19.16 23.59 -46.54
CA THR A 2192 -19.01 25.01 -46.79
C THR A 2192 -20.35 25.66 -47.06
N ILE A 2193 -21.18 24.99 -47.85
CA ILE A 2193 -22.51 25.51 -48.13
C ILE A 2193 -23.27 25.73 -46.83
N LEU A 2194 -23.29 24.70 -45.99
CA LEU A 2194 -24.03 24.83 -44.75
C LEU A 2194 -23.26 25.65 -43.73
N SER A 2195 -22.01 25.98 -44.00
CA SER A 2195 -21.29 26.88 -43.11
C SER A 2195 -21.96 28.23 -43.04
N TRP A 2196 -22.75 28.59 -44.04
CA TRP A 2196 -23.65 29.74 -43.96
C TRP A 2196 -25.07 29.22 -44.07
N THR A 2197 -25.62 28.80 -42.93
CA THR A 2197 -26.99 28.33 -42.88
C THR A 2197 -27.97 29.47 -42.63
N GLY A 2198 -27.69 30.31 -41.65
CA GLY A 2198 -28.53 31.48 -41.43
C GLY A 2198 -28.25 32.61 -42.38
N LEU A 2199 -27.25 32.43 -43.26
CA LEU A 2199 -26.83 33.48 -44.18
C LEU A 2199 -27.24 33.21 -45.61
N ALA A 2200 -27.50 31.95 -45.97
CA ALA A 2200 -27.82 31.61 -47.34
C ALA A 2200 -28.78 30.44 -47.35
N THR A 2201 -29.43 30.24 -48.49
CA THR A 2201 -30.39 29.15 -48.65
C THR A 2201 -30.60 28.91 -50.14
N PRO A 2202 -30.81 27.67 -50.54
CA PRO A 2202 -31.12 27.37 -51.94
C PRO A 2202 -32.62 27.46 -52.24
N THR A 2203 -33.23 28.57 -51.81
CA THR A 2203 -34.62 28.86 -52.18
C THR A 2203 -34.78 30.17 -52.91
N GLY A 2204 -33.83 31.10 -52.78
CA GLY A 2204 -33.90 32.33 -53.54
C GLY A 2204 -33.90 32.09 -55.04
N VAL A 2205 -33.20 31.05 -55.48
CA VAL A 2205 -33.25 30.60 -56.87
C VAL A 2205 -34.36 29.55 -56.96
N PRO A 2206 -35.45 29.83 -57.67
CA PRO A 2206 -36.54 28.84 -57.74
C PRO A 2206 -36.16 27.57 -58.46
N LYS A 2207 -35.07 27.55 -59.23
CA LYS A 2207 -34.70 26.35 -59.97
C LYS A 2207 -33.59 25.55 -59.29
N ASP A 2208 -32.76 26.19 -58.47
CA ASP A 2208 -31.59 25.52 -57.93
C ASP A 2208 -31.92 24.27 -57.14
N GLU A 2209 -33.15 24.17 -56.64
CA GLU A 2209 -33.55 23.02 -55.85
C GLU A 2209 -33.40 21.74 -56.65
N VAL A 2210 -33.55 21.81 -57.98
CA VAL A 2210 -33.38 20.61 -58.79
C VAL A 2210 -31.99 20.03 -58.60
N LEU A 2211 -31.00 20.91 -58.47
CA LEU A 2211 -29.67 20.45 -58.13
C LEU A 2211 -29.65 19.81 -56.75
N ALA A 2212 -30.27 20.48 -55.78
CA ALA A 2212 -30.21 20.01 -54.39
C ALA A 2212 -30.71 18.58 -54.29
N ASN A 2213 -31.89 18.31 -54.81
CA ASN A 2213 -32.39 16.94 -54.87
C ASN A 2213 -31.41 16.07 -55.63
N ARG A 2214 -30.98 16.52 -56.81
CA ARG A 2214 -29.94 15.82 -57.54
C ARG A 2214 -28.75 15.57 -56.64
N LEU A 2215 -28.33 16.59 -55.91
CA LEU A 2215 -27.25 16.41 -54.95
C LEU A 2215 -27.63 15.39 -53.90
N LEU A 2216 -28.81 15.57 -53.29
CA LEU A 2216 -29.23 14.70 -52.21
C LEU A 2216 -29.20 13.24 -52.66
N ASN A 2217 -29.84 12.95 -53.77
CA ASN A 2217 -29.85 11.60 -54.29
C ASN A 2217 -28.43 11.13 -54.56
N PHE A 2218 -27.59 12.01 -55.10
CA PHE A 2218 -26.22 11.63 -55.41
C PHE A 2218 -25.51 11.11 -54.18
N LEU A 2219 -25.89 11.61 -53.00
CA LEU A 2219 -25.31 11.09 -51.77
C LEU A 2219 -25.77 9.68 -51.51
N MET A 2220 -27.06 9.44 -51.61
CA MET A 2220 -27.64 8.23 -51.07
C MET A 2220 -27.35 7.01 -51.92
N LYS A 2221 -27.06 7.15 -53.21
CA LYS A 2221 -26.57 5.99 -53.93
C LYS A 2221 -25.25 5.54 -53.36
N HIS A 2222 -24.36 6.48 -53.08
CA HIS A 2222 -22.98 6.17 -52.79
C HIS A 2222 -22.67 6.19 -51.30
N VAL A 2223 -23.66 6.39 -50.45
CA VAL A 2223 -23.35 6.53 -49.03
C VAL A 2223 -23.28 5.17 -48.37
N PHE A 2224 -22.12 4.52 -48.51
CA PHE A 2224 -21.82 3.33 -47.74
C PHE A 2224 -20.36 2.94 -47.84
N HIS A 2225 -19.74 2.66 -46.70
CA HIS A 2225 -18.38 2.22 -46.68
C HIS A 2225 -18.30 1.09 -45.66
N PRO A 2226 -17.52 0.07 -45.94
CA PRO A 2226 -17.28 -0.97 -44.93
C PRO A 2226 -16.62 -0.46 -43.65
N LYS A 2227 -16.39 0.84 -43.56
CA LYS A 2227 -15.82 1.43 -42.36
C LYS A 2227 -16.93 2.14 -41.58
N ARG A 2228 -17.07 1.77 -40.30
CA ARG A 2228 -18.14 2.33 -39.48
C ARG A 2228 -17.97 3.82 -39.28
N ALA A 2229 -16.75 4.29 -39.01
CA ALA A 2229 -16.55 5.67 -38.61
C ALA A 2229 -16.95 6.62 -39.75
N VAL A 2230 -16.38 6.40 -40.93
CA VAL A 2230 -16.74 7.24 -42.07
C VAL A 2230 -18.21 7.09 -42.38
N PHE A 2231 -18.77 5.92 -42.11
CA PHE A 2231 -20.19 5.72 -42.37
C PHE A 2231 -21.03 6.64 -41.50
N ARG A 2232 -20.81 6.61 -40.19
CA ARG A 2232 -21.54 7.51 -39.32
C ARG A 2232 -21.23 8.96 -39.66
N HIS A 2233 -20.03 9.25 -40.13
CA HIS A 2233 -19.72 10.62 -40.50
C HIS A 2233 -20.58 11.06 -41.68
N ASN A 2234 -20.68 10.20 -42.70
CA ASN A 2234 -21.54 10.48 -43.83
C ASN A 2234 -22.97 10.66 -43.38
N LEU A 2235 -23.42 9.80 -42.47
CA LEU A 2235 -24.79 9.86 -42.01
C LEU A 2235 -25.04 11.16 -41.28
N GLU A 2236 -24.08 11.61 -40.50
CA GLU A 2236 -24.19 12.91 -39.86
C GLU A 2236 -24.29 14.01 -40.90
N ILE A 2237 -23.52 13.88 -41.97
CA ILE A 2237 -23.58 14.86 -43.05
C ILE A 2237 -24.99 14.95 -43.59
N ILE A 2238 -25.57 13.80 -43.93
CA ILE A 2238 -26.91 13.78 -44.49
C ILE A 2238 -27.90 14.35 -43.50
N LYS A 2239 -27.71 14.00 -42.23
CA LYS A 2239 -28.61 14.50 -41.20
C LYS A 2239 -28.57 16.01 -41.16
N THR A 2240 -27.38 16.58 -41.13
CA THR A 2240 -27.30 18.04 -41.06
C THR A 2240 -27.87 18.68 -42.31
N LEU A 2241 -27.67 18.04 -43.46
CA LEU A 2241 -28.25 18.55 -44.69
C LEU A 2241 -29.75 18.64 -44.58
N VAL A 2242 -30.40 17.52 -44.21
CA VAL A 2242 -31.84 17.55 -44.14
C VAL A 2242 -32.30 18.47 -43.03
N GLU A 2243 -31.47 18.66 -42.00
CA GLU A 2243 -31.82 19.61 -40.95
C GLU A 2243 -31.90 21.02 -41.51
N CYS A 2244 -30.85 21.46 -42.20
CA CYS A 2244 -30.75 22.85 -42.58
C CYS A 2244 -31.83 23.24 -43.57
N TRP A 2245 -31.95 22.47 -44.65
CA TRP A 2245 -32.88 22.88 -45.70
C TRP A 2245 -34.30 22.45 -45.34
N LYS A 2246 -34.54 21.14 -45.30
CA LYS A 2246 -35.69 20.54 -44.64
C LYS A 2246 -37.00 20.85 -45.39
N ASP A 2247 -36.94 21.77 -46.35
CA ASP A 2247 -38.04 21.98 -47.27
C ASP A 2247 -37.54 22.35 -48.65
N CYS A 2248 -36.24 22.44 -48.85
CA CYS A 2248 -35.65 22.89 -50.10
C CYS A 2248 -35.50 21.75 -51.08
N LEU A 2249 -36.16 20.63 -50.82
CA LEU A 2249 -35.75 19.35 -51.36
C LEU A 2249 -36.91 18.38 -51.21
N SER A 2250 -36.67 17.13 -51.60
CA SER A 2250 -37.71 16.12 -51.55
C SER A 2250 -37.05 14.75 -51.41
N ILE A 2251 -37.32 14.10 -50.29
CA ILE A 2251 -36.76 12.77 -50.03
C ILE A 2251 -37.33 11.77 -51.03
N PRO A 2252 -36.55 10.83 -51.55
CA PRO A 2252 -37.08 9.90 -52.55
C PRO A 2252 -38.15 8.96 -52.02
N TYR A 2253 -37.87 8.34 -50.87
CA TYR A 2253 -38.69 7.28 -50.30
C TYR A 2253 -38.66 6.04 -51.18
N ARG A 2254 -38.05 6.15 -52.35
CA ARG A 2254 -38.01 5.00 -53.25
C ARG A 2254 -36.71 4.24 -53.12
N LEU A 2255 -35.58 4.93 -53.29
CA LEU A 2255 -34.31 4.28 -53.08
C LEU A 2255 -34.24 3.70 -51.69
N ILE A 2256 -34.93 4.31 -50.73
CA ILE A 2256 -34.94 3.80 -49.37
C ILE A 2256 -35.57 2.41 -49.33
N PHE A 2257 -36.77 2.30 -49.91
CA PHE A 2257 -37.44 1.00 -49.96
C PHE A 2257 -36.61 0.01 -50.74
N GLU A 2258 -35.97 0.48 -51.80
CA GLU A 2258 -35.00 -0.33 -52.51
C GLU A 2258 -33.95 -0.88 -51.56
N LYS A 2259 -33.50 -0.04 -50.64
CA LYS A 2259 -32.38 -0.40 -49.79
C LYS A 2259 -32.78 -1.42 -48.73
N PHE A 2260 -33.70 -1.04 -47.85
CA PHE A 2260 -33.98 -1.92 -46.73
C PHE A 2260 -34.68 -3.21 -47.15
N SER A 2261 -35.28 -3.22 -48.33
CA SER A 2261 -35.93 -4.43 -48.83
C SER A 2261 -34.86 -5.40 -49.31
N GLY A 2262 -35.29 -6.46 -49.98
CA GLY A 2262 -34.38 -7.47 -50.46
C GLY A 2262 -34.28 -8.63 -49.50
N LYS A 2263 -34.54 -9.83 -50.00
CA LYS A 2263 -34.53 -11.04 -49.17
C LYS A 2263 -33.08 -11.41 -48.86
N ASP A 2264 -32.66 -11.15 -47.63
CA ASP A 2264 -31.33 -11.51 -47.17
C ASP A 2264 -31.45 -12.44 -45.99
N PRO A 2265 -31.03 -13.69 -46.10
CA PRO A 2265 -31.18 -14.63 -44.98
C PRO A 2265 -30.37 -14.16 -43.79
N ASN A 2266 -29.08 -13.97 -44.02
CA ASN A 2266 -28.18 -13.52 -42.96
C ASN A 2266 -27.21 -12.48 -43.48
N SER A 2267 -27.46 -11.91 -44.65
CA SER A 2267 -26.60 -10.87 -45.17
C SER A 2267 -26.69 -9.62 -44.30
N LYS A 2268 -25.57 -8.94 -44.13
CA LYS A 2268 -25.48 -7.87 -43.15
C LYS A 2268 -26.09 -6.58 -43.66
N ASP A 2269 -26.84 -6.63 -44.76
CA ASP A 2269 -27.21 -5.43 -45.50
C ASP A 2269 -28.62 -5.00 -45.15
N ASN A 2270 -29.13 -4.00 -45.88
CA ASN A 2270 -30.42 -3.36 -45.71
C ASN A 2270 -30.41 -2.50 -44.46
N SER A 2271 -29.35 -2.66 -43.66
CA SER A 2271 -29.20 -1.86 -42.46
C SER A 2271 -28.97 -0.40 -42.80
N VAL A 2272 -28.21 -0.14 -43.87
CA VAL A 2272 -27.94 1.23 -44.26
C VAL A 2272 -29.23 1.97 -44.56
N GLY A 2273 -30.14 1.33 -45.29
CA GLY A 2273 -31.43 1.94 -45.51
C GLY A 2273 -32.15 2.18 -44.21
N ILE A 2274 -32.00 1.26 -43.25
CA ILE A 2274 -32.68 1.41 -41.98
C ILE A 2274 -32.20 2.68 -41.29
N GLN A 2275 -30.89 2.86 -41.19
CA GLN A 2275 -30.39 4.03 -40.48
C GLN A 2275 -30.68 5.31 -41.24
N LEU A 2276 -30.66 5.25 -42.57
CA LEU A 2276 -31.08 6.41 -43.33
C LEU A 2276 -32.51 6.79 -43.00
N LEU A 2277 -33.37 5.79 -42.89
CA LEU A 2277 -34.74 6.05 -42.49
C LEU A 2277 -34.80 6.65 -41.10
N GLY A 2278 -33.99 6.12 -40.19
CA GLY A 2278 -33.97 6.68 -38.86
C GLY A 2278 -33.61 8.15 -38.88
N ILE A 2279 -32.64 8.52 -39.72
CA ILE A 2279 -32.23 9.91 -39.80
C ILE A 2279 -33.35 10.76 -40.39
N VAL A 2280 -33.97 10.30 -41.48
CA VAL A 2280 -35.01 11.12 -42.07
C VAL A 2280 -36.18 11.24 -41.13
N MET A 2281 -36.32 10.32 -40.19
CA MET A 2281 -37.37 10.43 -39.20
C MET A 2281 -36.94 11.20 -37.97
N ALA A 2282 -35.64 11.46 -37.81
CA ALA A 2282 -35.21 12.35 -36.74
C ALA A 2282 -35.86 13.72 -36.91
N ASN A 2283 -35.97 14.18 -38.15
CA ASN A 2283 -36.79 15.33 -38.43
C ASN A 2283 -38.26 14.92 -38.49
N ASP A 2284 -39.12 15.93 -38.55
CA ASP A 2284 -40.56 15.69 -38.62
C ASP A 2284 -40.95 15.34 -40.04
N LEU A 2285 -40.28 14.35 -40.61
CA LEU A 2285 -40.66 14.03 -41.96
C LEU A 2285 -41.68 12.92 -41.96
N PRO A 2286 -42.62 12.93 -42.90
CA PRO A 2286 -43.50 11.80 -43.06
C PRO A 2286 -42.69 10.56 -43.34
N PRO A 2287 -42.92 9.48 -42.60
CA PRO A 2287 -42.21 8.23 -42.88
C PRO A 2287 -42.53 7.70 -44.26
N TYR A 2288 -43.63 8.14 -44.83
CA TYR A 2288 -43.99 7.74 -46.18
C TYR A 2288 -45.09 8.65 -46.71
N ASP A 2289 -44.92 9.16 -47.92
CA ASP A 2289 -46.02 9.70 -48.68
C ASP A 2289 -46.02 9.06 -50.06
N PRO A 2290 -47.18 8.68 -50.57
CA PRO A 2290 -47.26 8.15 -51.94
C PRO A 2290 -46.59 9.11 -52.91
N GLN A 2291 -45.50 8.63 -53.51
CA GLN A 2291 -44.65 9.47 -54.35
C GLN A 2291 -44.73 9.05 -55.81
N CYS A 2292 -44.45 7.79 -56.11
CA CYS A 2292 -44.61 7.24 -57.44
C CYS A 2292 -45.12 5.81 -57.40
N GLY A 2293 -45.43 5.27 -56.23
CA GLY A 2293 -46.06 3.97 -56.14
C GLY A 2293 -45.19 2.89 -55.55
N ILE A 2294 -45.44 2.55 -54.30
CA ILE A 2294 -44.81 1.40 -53.65
C ILE A 2294 -45.89 0.59 -52.95
N GLN A 2295 -47.13 0.73 -53.43
CA GLN A 2295 -48.30 0.02 -52.91
C GLN A 2295 -48.69 0.55 -51.54
N SER A 2296 -47.83 1.39 -50.97
CA SER A 2296 -48.15 2.16 -49.78
C SER A 2296 -48.37 1.30 -48.54
N SER A 2297 -48.34 -0.02 -48.71
CA SER A 2297 -48.34 -0.91 -47.56
C SER A 2297 -47.35 -2.06 -47.68
N GLU A 2298 -46.99 -2.47 -48.90
CA GLU A 2298 -45.85 -3.36 -49.05
C GLU A 2298 -44.59 -2.69 -48.55
N TYR A 2299 -44.53 -1.37 -48.65
CA TYR A 2299 -43.46 -0.60 -48.04
C TYR A 2299 -43.29 -0.98 -46.59
N PHE A 2300 -44.35 -0.82 -45.81
CA PHE A 2300 -44.27 -1.10 -44.38
C PHE A 2300 -43.96 -2.57 -44.14
N GLN A 2301 -44.58 -3.48 -44.89
CA GLN A 2301 -44.35 -4.89 -44.64
C GLN A 2301 -42.90 -5.25 -44.90
N ALA A 2302 -42.34 -4.76 -46.00
CA ALA A 2302 -40.95 -5.01 -46.29
C ALA A 2302 -40.07 -4.46 -45.18
N LEU A 2303 -40.43 -3.27 -44.68
CA LEU A 2303 -39.68 -2.71 -43.56
C LEU A 2303 -39.68 -3.65 -42.39
N VAL A 2304 -40.85 -4.16 -42.01
CA VAL A 2304 -40.93 -5.02 -40.86
C VAL A 2304 -40.19 -6.32 -41.09
N ASN A 2305 -40.29 -6.86 -42.30
CA ASN A 2305 -39.74 -8.19 -42.58
C ASN A 2305 -38.28 -8.32 -42.16
N ASN A 2306 -37.61 -7.19 -41.92
CA ASN A 2306 -36.24 -7.25 -41.45
C ASN A 2306 -36.12 -7.96 -40.11
N MET A 2307 -37.17 -7.96 -39.30
CA MET A 2307 -37.05 -8.47 -37.94
C MET A 2307 -36.57 -9.90 -37.91
N SER A 2308 -37.02 -10.73 -38.85
CA SER A 2308 -36.75 -12.15 -38.79
C SER A 2308 -35.25 -12.43 -38.86
N PHE A 2309 -34.49 -11.49 -39.38
CA PHE A 2309 -33.07 -11.68 -39.57
C PHE A 2309 -32.36 -11.61 -38.23
N VAL A 2310 -31.38 -12.49 -38.05
CA VAL A 2310 -30.57 -12.55 -36.84
C VAL A 2310 -29.12 -12.70 -37.27
N ARG A 2311 -28.25 -12.97 -36.31
CA ARG A 2311 -26.80 -13.02 -36.51
C ARG A 2311 -26.24 -11.68 -36.91
N TYR A 2312 -27.05 -10.63 -36.82
CA TYR A 2312 -26.58 -9.26 -36.94
C TYR A 2312 -27.57 -8.42 -36.16
N LYS A 2313 -27.23 -8.11 -34.92
CA LYS A 2313 -28.14 -7.32 -34.09
C LYS A 2313 -28.49 -6.01 -34.77
N GLU A 2314 -27.57 -5.49 -35.57
CA GLU A 2314 -27.64 -4.18 -36.16
C GLU A 2314 -28.76 -4.05 -37.18
N VAL A 2315 -29.47 -5.12 -37.50
CA VAL A 2315 -30.56 -4.99 -38.46
C VAL A 2315 -31.89 -4.94 -37.73
N TYR A 2316 -32.23 -6.00 -36.99
CA TYR A 2316 -33.52 -6.03 -36.33
C TYR A 2316 -33.58 -5.03 -35.19
N ALA A 2317 -32.48 -4.83 -34.48
CA ALA A 2317 -32.48 -3.83 -33.42
C ALA A 2317 -32.80 -2.46 -33.99
N ALA A 2318 -32.12 -2.08 -35.05
CA ALA A 2318 -32.39 -0.80 -35.68
C ALA A 2318 -33.80 -0.75 -36.24
N ALA A 2319 -34.29 -1.89 -36.74
CA ALA A 2319 -35.65 -1.90 -37.25
C ALA A 2319 -36.64 -1.59 -36.13
N ALA A 2320 -36.43 -2.17 -34.97
CA ALA A 2320 -37.29 -1.86 -33.84
C ALA A 2320 -37.17 -0.39 -33.45
N GLU A 2321 -35.95 0.14 -33.47
CA GLU A 2321 -35.76 1.56 -33.20
C GLU A 2321 -36.63 2.41 -34.12
N VAL A 2322 -36.52 2.16 -35.42
CA VAL A 2322 -37.23 2.97 -36.39
C VAL A 2322 -38.73 2.82 -36.22
N LEU A 2323 -39.19 1.59 -36.05
CA LEU A 2323 -40.62 1.35 -35.90
C LEU A 2323 -41.16 2.07 -34.69
N GLY A 2324 -40.42 2.02 -33.59
CA GLY A 2324 -40.85 2.73 -32.40
C GLY A 2324 -40.94 4.22 -32.64
N LEU A 2325 -39.96 4.77 -33.35
CA LEU A 2325 -39.95 6.19 -33.67
C LEU A 2325 -41.24 6.57 -34.36
N ILE A 2326 -41.72 5.68 -35.22
CA ILE A 2326 -42.96 5.90 -35.95
C ILE A 2326 -44.15 5.32 -35.18
N LEU A 2327 -43.85 4.63 -34.08
CA LEU A 2327 -44.88 4.04 -33.23
C LEU A 2327 -45.31 4.99 -32.13
N ARG A 2328 -44.37 5.82 -31.67
CA ARG A 2328 -44.66 6.79 -30.62
C ARG A 2328 -45.83 7.66 -31.03
N TYR A 2329 -45.68 8.38 -32.14
CA TYR A 2329 -46.74 9.22 -32.67
C TYR A 2329 -47.54 8.39 -33.65
N VAL A 2330 -48.84 8.29 -33.42
CA VAL A 2330 -49.72 7.49 -34.29
C VAL A 2330 -49.52 7.52 -35.82
N MET A 2331 -48.43 6.89 -36.28
CA MET A 2331 -48.09 6.81 -37.70
C MET A 2331 -48.24 8.14 -38.43
N GLU A 2332 -48.23 9.22 -37.65
CA GLU A 2332 -48.40 10.56 -38.17
C GLU A 2332 -47.97 11.51 -37.07
N ARG A 2333 -47.47 12.69 -37.44
CA ARG A 2333 -46.80 13.55 -36.46
C ARG A 2333 -47.76 14.00 -35.37
N LYS A 2334 -49.02 14.24 -35.71
CA LYS A 2334 -50.01 14.71 -34.74
C LYS A 2334 -51.30 13.92 -34.80
N ASN A 2335 -51.40 12.93 -35.68
CA ASN A 2335 -52.65 12.25 -35.97
C ASN A 2335 -52.29 10.81 -36.31
N ILE A 2336 -53.21 10.10 -36.96
CA ILE A 2336 -52.98 8.76 -37.44
C ILE A 2336 -53.48 8.68 -38.88
N LEU A 2337 -53.14 7.57 -39.54
CA LEU A 2337 -53.75 7.28 -40.82
C LEU A 2337 -54.30 5.86 -40.81
N GLU A 2338 -53.67 4.99 -40.02
CA GLU A 2338 -54.04 3.59 -39.98
C GLU A 2338 -53.54 2.99 -38.68
N GLU A 2339 -54.00 1.78 -38.42
CA GLU A 2339 -53.49 1.00 -37.30
C GLU A 2339 -52.96 -0.36 -37.71
N SER A 2340 -53.27 -0.82 -38.92
CA SER A 2340 -52.92 -2.17 -39.33
C SER A 2340 -51.45 -2.45 -39.20
N LEU A 2341 -50.62 -1.41 -39.31
CA LEU A 2341 -49.20 -1.58 -39.08
C LEU A 2341 -48.94 -2.16 -37.70
N CYS A 2342 -49.70 -1.72 -36.70
CA CYS A 2342 -49.51 -2.22 -35.35
C CYS A 2342 -49.71 -3.73 -35.30
N GLU A 2343 -50.82 -4.21 -35.87
CA GLU A 2343 -51.08 -5.64 -35.84
C GLU A 2343 -50.09 -6.41 -36.70
N LEU A 2344 -49.60 -5.78 -37.76
CA LEU A 2344 -48.52 -6.37 -38.53
C LEU A 2344 -47.31 -6.59 -37.63
N VAL A 2345 -46.97 -5.59 -36.84
CA VAL A 2345 -45.84 -5.71 -35.91
C VAL A 2345 -46.10 -6.84 -34.94
N ALA A 2346 -47.32 -6.89 -34.40
CA ALA A 2346 -47.66 -7.94 -33.45
C ALA A 2346 -47.47 -9.31 -34.09
N LYS A 2347 -47.98 -9.48 -35.29
CA LYS A 2347 -47.86 -10.76 -35.97
C LYS A 2347 -46.39 -11.12 -36.18
N GLN A 2348 -45.57 -10.14 -36.53
CA GLN A 2348 -44.14 -10.44 -36.70
C GLN A 2348 -43.52 -10.86 -35.39
N LEU A 2349 -43.71 -10.06 -34.34
CA LEU A 2349 -43.14 -10.39 -33.05
C LEU A 2349 -43.74 -11.68 -32.52
N LYS A 2350 -45.06 -11.73 -32.48
CA LYS A 2350 -45.74 -12.95 -32.07
C LYS A 2350 -45.54 -13.95 -33.21
N GLN A 2351 -44.30 -14.39 -33.33
CA GLN A 2351 -43.96 -15.41 -34.30
C GLN A 2351 -44.40 -16.66 -33.57
N HIS A 2352 -43.92 -16.80 -32.33
CA HIS A 2352 -44.25 -17.90 -31.45
C HIS A 2352 -43.78 -17.65 -30.01
N GLN A 2353 -42.83 -16.73 -29.82
CA GLN A 2353 -42.21 -16.48 -28.53
C GLN A 2353 -41.84 -17.80 -27.86
N ASN A 2354 -41.32 -18.74 -28.64
CA ASN A 2354 -40.71 -19.94 -28.07
C ASN A 2354 -39.22 -20.01 -28.36
N THR A 2355 -38.85 -20.01 -29.64
CA THR A 2355 -37.46 -19.81 -30.03
C THR A 2355 -37.18 -18.37 -30.38
N MET A 2356 -38.18 -17.65 -30.86
CA MET A 2356 -38.18 -16.20 -30.89
C MET A 2356 -38.55 -15.69 -29.49
N GLU A 2357 -37.73 -16.12 -28.52
CA GLU A 2357 -37.88 -15.70 -27.14
C GLU A 2357 -36.75 -14.81 -26.68
N ASP A 2358 -35.55 -14.99 -27.22
CA ASP A 2358 -34.41 -14.23 -26.78
C ASP A 2358 -34.33 -12.89 -27.49
N LYS A 2359 -34.21 -12.94 -28.81
CA LYS A 2359 -34.25 -11.70 -29.58
C LYS A 2359 -35.58 -11.00 -29.43
N PHE A 2360 -36.63 -11.74 -29.09
CA PHE A 2360 -37.94 -11.12 -28.95
C PHE A 2360 -37.93 -10.06 -27.88
N ILE A 2361 -37.27 -10.34 -26.75
CA ILE A 2361 -37.23 -9.37 -25.68
C ILE A 2361 -36.54 -8.10 -26.15
N VAL A 2362 -35.41 -8.25 -26.84
CA VAL A 2362 -34.68 -7.08 -27.30
C VAL A 2362 -35.55 -6.26 -28.24
N CYS A 2363 -36.22 -6.92 -29.16
CA CYS A 2363 -37.05 -6.21 -30.11
C CYS A 2363 -38.16 -5.46 -29.39
N LEU A 2364 -38.81 -6.12 -28.45
CA LEU A 2364 -39.89 -5.47 -27.72
C LEU A 2364 -39.37 -4.27 -26.95
N ASN A 2365 -38.23 -4.42 -26.30
CA ASN A 2365 -37.65 -3.33 -25.56
C ASN A 2365 -37.43 -2.13 -26.46
N LYS A 2366 -36.76 -2.34 -27.59
CA LYS A 2366 -36.46 -1.23 -28.47
C LYS A 2366 -37.74 -0.57 -28.96
N VAL A 2367 -38.68 -1.37 -29.46
CA VAL A 2367 -39.85 -0.78 -30.09
C VAL A 2367 -40.72 -0.07 -29.09
N THR A 2368 -40.73 -0.53 -27.85
CA THR A 2368 -41.53 0.15 -26.85
C THR A 2368 -40.80 1.31 -26.20
N LYS A 2369 -39.51 1.47 -26.48
CA LYS A 2369 -38.77 2.55 -25.84
C LYS A 2369 -39.38 3.90 -26.14
N SER A 2370 -40.19 3.99 -27.18
CA SER A 2370 -40.87 5.24 -27.48
C SER A 2370 -42.33 5.02 -27.87
N PHE A 2371 -42.91 3.87 -27.54
CA PHE A 2371 -44.32 3.62 -27.81
C PHE A 2371 -44.85 2.60 -26.82
N PRO A 2372 -45.47 3.06 -25.74
CA PRO A 2372 -45.93 2.15 -24.68
C PRO A 2372 -47.00 1.17 -25.15
N PRO A 2373 -48.04 1.61 -25.92
CA PRO A 2373 -49.22 0.74 -26.08
C PRO A 2373 -48.96 -0.68 -26.55
N LEU A 2374 -47.81 -0.94 -27.15
CA LEU A 2374 -47.53 -2.30 -27.61
C LEU A 2374 -47.46 -3.29 -26.47
N ALA A 2375 -47.06 -2.86 -25.29
CA ALA A 2375 -46.96 -3.78 -24.17
C ALA A 2375 -48.33 -4.33 -23.77
N ASP A 2376 -49.41 -3.70 -24.24
CA ASP A 2376 -50.74 -4.17 -23.89
C ASP A 2376 -50.92 -5.63 -24.27
N ARG A 2377 -50.49 -5.99 -25.47
CA ARG A 2377 -50.63 -7.37 -25.90
C ARG A 2377 -49.75 -8.30 -25.08
N PHE A 2378 -48.55 -7.85 -24.75
CA PHE A 2378 -47.47 -8.76 -24.44
C PHE A 2378 -47.16 -8.81 -22.95
N MET A 2379 -47.98 -8.17 -22.13
CA MET A 2379 -47.78 -8.21 -20.69
C MET A 2379 -47.68 -9.64 -20.18
N ASN A 2380 -48.61 -10.49 -20.59
CA ASN A 2380 -48.52 -11.89 -20.19
C ASN A 2380 -47.23 -12.50 -20.70
N ALA A 2381 -46.85 -12.16 -21.93
CA ALA A 2381 -45.64 -12.72 -22.49
C ALA A 2381 -44.44 -12.37 -21.62
N VAL A 2382 -44.25 -11.09 -21.33
CA VAL A 2382 -43.05 -10.70 -20.61
C VAL A 2382 -43.06 -11.28 -19.21
N PHE A 2383 -44.21 -11.26 -18.53
CA PHE A 2383 -44.23 -11.86 -17.20
C PHE A 2383 -43.88 -13.33 -17.27
N PHE A 2384 -44.41 -14.04 -18.25
CA PHE A 2384 -44.16 -15.47 -18.29
C PHE A 2384 -42.68 -15.77 -18.46
N LEU A 2385 -42.02 -15.04 -19.33
CA LEU A 2385 -40.61 -15.30 -19.56
C LEU A 2385 -39.71 -14.66 -18.53
N LEU A 2386 -40.27 -13.88 -17.61
CA LEU A 2386 -39.43 -13.06 -16.75
C LEU A 2386 -38.39 -13.84 -15.98
N PRO A 2387 -38.71 -14.94 -15.29
CA PRO A 2387 -37.69 -15.62 -14.50
C PRO A 2387 -36.69 -16.40 -15.33
N LYS A 2388 -36.95 -16.60 -16.61
CA LYS A 2388 -36.08 -17.45 -17.41
C LYS A 2388 -34.81 -16.75 -17.83
N PHE A 2389 -34.66 -15.47 -17.53
CA PHE A 2389 -33.41 -14.77 -17.79
C PHE A 2389 -32.74 -14.42 -16.48
N HIS A 2390 -31.44 -14.22 -16.57
CA HIS A 2390 -30.67 -13.76 -15.42
C HIS A 2390 -29.57 -12.80 -15.80
N GLY A 2391 -29.45 -12.43 -17.07
CA GLY A 2391 -28.52 -11.41 -17.49
C GLY A 2391 -29.20 -10.07 -17.67
N VAL A 2392 -28.52 -9.18 -18.38
CA VAL A 2392 -29.09 -7.85 -18.63
C VAL A 2392 -30.43 -7.99 -19.33
N LEU A 2393 -30.61 -9.06 -20.10
CA LEU A 2393 -31.88 -9.31 -20.74
C LEU A 2393 -33.02 -9.23 -19.74
N LYS A 2394 -32.81 -9.78 -18.56
CA LYS A 2394 -33.84 -9.71 -17.54
C LYS A 2394 -34.08 -8.28 -17.11
N THR A 2395 -33.05 -7.46 -17.11
CA THR A 2395 -33.21 -6.05 -16.82
C THR A 2395 -34.08 -5.38 -17.89
N LEU A 2396 -33.85 -5.72 -19.15
CA LEU A 2396 -34.71 -5.20 -20.20
C LEU A 2396 -36.15 -5.65 -20.00
N CYS A 2397 -36.34 -6.89 -19.59
CA CYS A 2397 -37.69 -7.36 -19.29
C CYS A 2397 -38.34 -6.49 -18.23
N LEU A 2398 -37.61 -6.24 -17.15
CA LEU A 2398 -38.18 -5.42 -16.09
C LEU A 2398 -38.53 -4.04 -16.60
N GLU A 2399 -37.62 -3.42 -17.35
CA GLU A 2399 -37.89 -2.05 -17.75
C GLU A 2399 -38.99 -1.98 -18.78
N VAL A 2400 -39.16 -3.01 -19.61
CA VAL A 2400 -40.26 -2.97 -20.55
C VAL A 2400 -41.56 -3.16 -19.82
N VAL A 2401 -41.54 -3.89 -18.72
CA VAL A 2401 -42.71 -3.87 -17.84
C VAL A 2401 -42.94 -2.46 -17.36
N LEU A 2402 -41.86 -1.78 -16.99
CA LEU A 2402 -41.98 -0.42 -16.48
C LEU A 2402 -42.64 0.51 -17.47
N CYS A 2403 -42.21 0.44 -18.74
CA CYS A 2403 -42.59 1.47 -19.70
C CYS A 2403 -44.10 1.64 -19.75
N ARG A 2404 -44.84 0.54 -19.73
CA ARG A 2404 -46.27 0.57 -19.51
C ARG A 2404 -46.51 -0.19 -18.21
N VAL A 2405 -46.51 0.54 -17.10
CA VAL A 2405 -46.84 0.00 -15.80
C VAL A 2405 -48.13 0.58 -15.25
N GLU A 2406 -48.35 1.87 -15.44
CA GLU A 2406 -49.54 2.50 -14.89
C GLU A 2406 -50.70 2.23 -15.83
N GLY A 2407 -51.66 1.43 -15.38
CA GLY A 2407 -52.81 1.14 -16.19
C GLY A 2407 -53.32 -0.27 -16.07
N MET A 2408 -52.45 -1.22 -15.73
CA MET A 2408 -52.94 -2.58 -15.59
C MET A 2408 -53.81 -2.71 -14.34
N THR A 2409 -54.59 -3.78 -14.31
CA THR A 2409 -55.54 -4.04 -13.25
C THR A 2409 -54.85 -4.05 -11.90
N GLU A 2410 -54.03 -5.07 -11.67
CA GLU A 2410 -53.17 -5.11 -10.51
C GLU A 2410 -52.04 -6.07 -10.84
N LEU A 2411 -50.86 -5.53 -11.01
CA LEU A 2411 -49.70 -6.35 -11.32
C LEU A 2411 -48.91 -6.72 -10.08
N TYR A 2412 -49.34 -6.26 -8.91
CA TYR A 2412 -48.68 -6.69 -7.69
C TYR A 2412 -48.71 -8.19 -7.54
N PHE A 2413 -49.90 -8.78 -7.65
CA PHE A 2413 -49.99 -10.23 -7.62
C PHE A 2413 -49.16 -10.81 -8.74
N GLN A 2414 -49.26 -10.23 -9.93
CA GLN A 2414 -48.39 -10.62 -11.03
C GLN A 2414 -46.94 -10.49 -10.61
N LEU A 2415 -46.59 -9.36 -10.01
CA LEU A 2415 -45.21 -9.09 -9.63
C LEU A 2415 -44.93 -9.50 -8.19
N LYS A 2416 -45.61 -10.51 -7.71
CA LYS A 2416 -45.19 -11.12 -6.46
C LYS A 2416 -44.87 -12.59 -6.62
N SER A 2417 -45.67 -13.29 -7.41
CA SER A 2417 -45.36 -14.68 -7.73
C SER A 2417 -44.08 -14.78 -8.54
N LYS A 2418 -43.73 -13.75 -9.28
CA LYS A 2418 -42.52 -13.79 -10.10
C LYS A 2418 -41.28 -13.45 -9.31
N ASP A 2419 -41.31 -13.65 -7.99
CA ASP A 2419 -40.14 -13.49 -7.15
C ASP A 2419 -39.52 -12.12 -7.35
N PHE A 2420 -40.37 -11.09 -7.29
CA PHE A 2420 -39.89 -9.76 -7.54
C PHE A 2420 -39.03 -9.23 -6.42
N VAL A 2421 -39.34 -9.61 -5.18
CA VAL A 2421 -38.61 -9.07 -4.05
C VAL A 2421 -37.14 -9.43 -4.11
N GLN A 2422 -36.86 -10.70 -4.43
CA GLN A 2422 -35.47 -11.13 -4.48
C GLN A 2422 -34.68 -10.38 -5.54
N VAL A 2423 -35.36 -9.79 -6.51
CA VAL A 2423 -34.66 -9.09 -7.58
C VAL A 2423 -33.88 -7.92 -7.02
N MET A 2424 -34.53 -7.08 -6.23
CA MET A 2424 -33.89 -5.87 -5.76
C MET A 2424 -32.69 -6.19 -4.89
N ARG A 2425 -32.82 -7.16 -3.99
CA ARG A 2425 -31.75 -7.43 -3.06
C ARG A 2425 -30.49 -7.89 -3.76
N HIS A 2426 -30.62 -8.43 -4.97
CA HIS A 2426 -29.43 -8.74 -5.74
C HIS A 2426 -28.67 -7.47 -6.09
N ARG A 2427 -27.36 -7.58 -6.09
CA ARG A 2427 -26.48 -6.43 -6.27
C ARG A 2427 -26.30 -6.15 -7.75
N ASP A 2428 -27.04 -5.17 -8.27
CA ASP A 2428 -26.78 -4.62 -9.60
C ASP A 2428 -27.55 -3.32 -9.79
N ASP A 2429 -26.84 -2.28 -10.22
CA ASP A 2429 -27.37 -0.92 -10.11
C ASP A 2429 -28.60 -0.72 -10.98
N GLU A 2430 -28.50 -1.02 -12.27
CA GLU A 2430 -29.49 -0.55 -13.21
C GLU A 2430 -30.83 -1.25 -13.00
N ARG A 2431 -30.79 -2.57 -12.88
CA ARG A 2431 -32.00 -3.32 -12.65
C ARG A 2431 -32.63 -2.93 -11.32
N GLN A 2432 -31.81 -2.69 -10.30
CA GLN A 2432 -32.36 -2.24 -9.03
C GLN A 2432 -33.07 -0.90 -9.20
N LYS A 2433 -32.44 0.01 -9.94
CA LYS A 2433 -33.05 1.33 -10.11
C LYS A 2433 -34.38 1.22 -10.83
N VAL A 2434 -34.43 0.43 -11.89
CA VAL A 2434 -35.69 0.37 -12.61
C VAL A 2434 -36.74 -0.33 -11.77
N CYS A 2435 -36.34 -1.28 -10.93
CA CYS A 2435 -37.31 -1.86 -10.02
C CYS A 2435 -37.88 -0.79 -9.09
N LEU A 2436 -37.01 0.05 -8.56
CA LEU A 2436 -37.49 1.12 -7.69
C LEU A 2436 -38.48 1.99 -8.44
N ASP A 2437 -38.17 2.30 -9.68
CA ASP A 2437 -39.08 3.14 -10.46
C ASP A 2437 -40.40 2.44 -10.69
N ILE A 2438 -40.36 1.13 -10.90
CA ILE A 2438 -41.60 0.37 -11.03
C ILE A 2438 -42.44 0.55 -9.79
N ILE A 2439 -41.82 0.42 -8.63
CA ILE A 2439 -42.57 0.60 -7.40
C ILE A 2439 -43.14 2.00 -7.35
N TYR A 2440 -42.33 2.98 -7.73
CA TYR A 2440 -42.80 4.36 -7.69
C TYR A 2440 -44.06 4.54 -8.51
N LYS A 2441 -44.02 4.14 -9.77
CA LYS A 2441 -45.19 4.31 -10.62
C LYS A 2441 -46.36 3.49 -10.10
N MET A 2442 -46.08 2.29 -9.64
CA MET A 2442 -47.13 1.42 -9.13
C MET A 2442 -47.72 1.95 -7.84
N MET A 2443 -46.89 2.55 -7.00
CA MET A 2443 -47.28 2.82 -5.61
C MET A 2443 -48.59 3.58 -5.44
N PRO A 2444 -48.89 4.65 -6.17
CA PRO A 2444 -50.05 5.46 -5.78
C PRO A 2444 -51.35 4.77 -6.12
N LYS A 2445 -51.39 3.47 -5.98
CA LYS A 2445 -52.66 2.77 -5.96
C LYS A 2445 -52.60 1.55 -5.06
N LEU A 2446 -51.50 1.33 -4.35
CA LEU A 2446 -51.26 0.07 -3.69
C LEU A 2446 -51.97 0.02 -2.34
N LYS A 2447 -52.45 -1.16 -2.00
CA LYS A 2447 -53.10 -1.32 -0.70
C LYS A 2447 -52.04 -1.45 0.39
N PRO A 2448 -52.28 -0.86 1.56
CA PRO A 2448 -51.23 -0.82 2.58
C PRO A 2448 -50.73 -2.18 2.98
N VAL A 2449 -51.63 -3.16 3.13
CA VAL A 2449 -51.20 -4.49 3.52
C VAL A 2449 -50.31 -5.10 2.46
N GLU A 2450 -50.43 -4.65 1.22
CA GLU A 2450 -49.50 -5.05 0.19
C GLU A 2450 -48.29 -4.14 0.12
N LEU A 2451 -48.31 -3.02 0.84
CA LEU A 2451 -47.21 -2.08 0.78
C LEU A 2451 -46.12 -2.43 1.76
N ARG A 2452 -46.49 -2.75 2.99
CA ARG A 2452 -45.51 -3.12 4.01
C ARG A 2452 -44.59 -4.22 3.50
N GLU A 2453 -45.14 -5.17 2.77
CA GLU A 2453 -44.32 -6.25 2.25
C GLU A 2453 -43.30 -5.74 1.26
N LEU A 2454 -43.65 -4.72 0.49
CA LEU A 2454 -42.69 -4.15 -0.43
C LEU A 2454 -41.81 -3.12 0.23
N LEU A 2455 -42.16 -2.68 1.42
CA LEU A 2455 -41.36 -1.66 2.07
C LEU A 2455 -40.18 -2.27 2.81
N ASN A 2456 -40.37 -3.45 3.38
CA ASN A 2456 -39.28 -4.11 4.09
C ASN A 2456 -38.04 -4.30 3.23
N PRO A 2457 -38.13 -4.70 1.95
CA PRO A 2457 -36.92 -4.80 1.14
C PRO A 2457 -36.47 -3.48 0.53
N VAL A 2458 -37.23 -2.40 0.69
CA VAL A 2458 -36.80 -1.13 0.14
C VAL A 2458 -35.76 -0.47 1.04
N VAL A 2459 -36.05 -0.40 2.34
CA VAL A 2459 -35.22 0.37 3.25
C VAL A 2459 -33.79 -0.12 3.29
N GLU A 2460 -33.48 -1.23 2.65
CA GLU A 2460 -32.10 -1.70 2.64
C GLU A 2460 -31.20 -0.86 1.75
N PHE A 2461 -31.77 -0.03 0.90
CA PHE A 2461 -30.95 0.72 -0.02
C PHE A 2461 -30.21 1.88 0.63
N VAL A 2462 -30.45 2.14 1.91
CA VAL A 2462 -29.55 3.01 2.62
C VAL A 2462 -28.19 2.35 2.60
N SER A 2463 -27.14 3.17 2.59
CA SER A 2463 -25.77 2.67 2.52
C SER A 2463 -25.58 1.80 1.29
N HIS A 2464 -26.26 2.15 0.21
CA HIS A 2464 -26.06 1.45 -1.04
C HIS A 2464 -25.27 2.33 -1.97
N PRO A 2465 -24.09 1.93 -2.38
CA PRO A 2465 -23.20 2.84 -3.11
C PRO A 2465 -23.71 3.14 -4.50
N SER A 2466 -24.79 3.86 -4.58
CA SER A 2466 -25.40 4.15 -5.86
C SER A 2466 -25.54 5.63 -6.14
N THR A 2467 -25.91 6.42 -5.14
CA THR A 2467 -26.08 7.86 -5.29
C THR A 2467 -27.15 8.20 -6.31
N THR A 2468 -27.76 7.19 -6.92
CA THR A 2468 -28.88 7.46 -7.80
C THR A 2468 -30.06 6.57 -7.45
N CYS A 2469 -29.78 5.36 -6.98
CA CYS A 2469 -30.86 4.57 -6.41
C CYS A 2469 -31.35 5.18 -5.12
N ARG A 2470 -30.43 5.65 -4.29
CA ARG A 2470 -30.81 6.29 -3.06
C ARG A 2470 -31.71 7.48 -3.32
N GLU A 2471 -31.48 8.16 -4.43
CA GLU A 2471 -32.44 9.17 -4.86
C GLU A 2471 -33.85 8.61 -4.95
N GLN A 2472 -34.01 7.50 -5.65
CA GLN A 2472 -35.34 6.97 -5.85
C GLN A 2472 -35.96 6.56 -4.53
N MET A 2473 -35.16 5.98 -3.64
CA MET A 2473 -35.69 5.60 -2.34
C MET A 2473 -36.28 6.82 -1.65
N TYR A 2474 -35.53 7.92 -1.66
CA TYR A 2474 -36.01 9.10 -0.95
C TYR A 2474 -37.23 9.69 -1.63
N ASN A 2475 -37.32 9.58 -2.96
CA ASN A 2475 -38.56 9.96 -3.61
C ASN A 2475 -39.72 9.16 -3.06
N ILE A 2476 -39.53 7.84 -2.97
CA ILE A 2476 -40.58 6.97 -2.46
C ILE A 2476 -40.98 7.40 -1.06
N LEU A 2477 -39.99 7.59 -0.20
CA LEU A 2477 -40.30 7.86 1.20
C LEU A 2477 -40.94 9.22 1.37
N MET A 2478 -40.51 10.21 0.61
CA MET A 2478 -41.21 11.48 0.67
C MET A 2478 -42.66 11.29 0.29
N TRP A 2479 -42.91 10.53 -0.77
CA TRP A 2479 -44.29 10.28 -1.13
C TRP A 2479 -45.05 9.65 0.02
N ILE A 2480 -44.47 8.62 0.62
CA ILE A 2480 -45.20 7.88 1.65
C ILE A 2480 -45.52 8.79 2.82
N HIS A 2481 -44.50 9.50 3.31
CA HIS A 2481 -44.70 10.43 4.40
C HIS A 2481 -45.68 11.52 4.06
N ASP A 2482 -45.87 11.81 2.77
CA ASP A 2482 -46.88 12.80 2.41
C ASP A 2482 -48.26 12.39 2.89
N ASN A 2483 -48.65 11.14 2.66
CA ASN A 2483 -50.07 10.81 2.69
C ASN A 2483 -50.38 9.52 3.44
N TYR A 2484 -49.47 9.03 4.25
CA TYR A 2484 -49.84 8.20 5.39
C TYR A 2484 -49.56 8.89 6.70
N ARG A 2485 -49.09 10.14 6.66
CA ARG A 2485 -48.75 10.82 7.89
C ARG A 2485 -49.98 11.10 8.73
N ASP A 2486 -51.11 11.32 8.10
CA ASP A 2486 -52.31 11.67 8.84
C ASP A 2486 -52.84 10.46 9.59
N PRO A 2487 -52.93 10.50 10.91
CA PRO A 2487 -53.57 9.41 11.62
C PRO A 2487 -55.08 9.59 11.69
N GLU A 2488 -55.65 9.99 10.57
CA GLU A 2488 -57.10 10.18 10.43
C GLU A 2488 -57.65 9.46 9.21
N SER A 2489 -56.92 9.50 8.08
CA SER A 2489 -57.28 8.70 6.92
C SER A 2489 -57.14 7.21 7.19
N GLU A 2490 -56.44 6.86 8.28
CA GLU A 2490 -56.27 5.48 8.67
C GLU A 2490 -56.24 5.39 10.18
N THR A 2491 -56.65 4.24 10.69
CA THR A 2491 -56.49 3.92 12.09
C THR A 2491 -55.79 2.59 12.29
N ASP A 2492 -55.54 1.86 11.21
CA ASP A 2492 -54.81 0.61 11.31
C ASP A 2492 -53.38 0.86 11.76
N ASN A 2493 -52.91 0.00 12.66
CA ASN A 2493 -51.52 0.07 13.09
C ASN A 2493 -50.57 -0.07 11.92
N ASP A 2494 -50.91 -0.92 10.95
CA ASP A 2494 -49.99 -1.20 9.86
C ASP A 2494 -49.74 0.04 9.03
N SER A 2495 -50.80 0.80 8.73
CA SER A 2495 -50.59 2.09 8.14
C SER A 2495 -49.72 2.95 9.05
N GLN A 2496 -50.04 2.96 10.34
CA GLN A 2496 -49.19 3.67 11.28
C GLN A 2496 -47.80 3.06 11.32
N GLU A 2497 -47.71 1.74 11.24
CA GLU A 2497 -46.40 1.09 11.23
C GLU A 2497 -45.59 1.56 10.03
N ILE A 2498 -46.21 1.56 8.85
CA ILE A 2498 -45.50 1.95 7.64
C ILE A 2498 -45.05 3.39 7.76
N PHE A 2499 -45.95 4.26 8.22
CA PHE A 2499 -45.57 5.67 8.36
C PHE A 2499 -44.42 5.83 9.32
N LYS A 2500 -44.45 5.13 10.45
CA LYS A 2500 -43.35 5.24 11.39
C LYS A 2500 -42.05 4.80 10.76
N LEU A 2501 -42.07 3.68 10.04
CA LEU A 2501 -40.84 3.17 9.45
C LEU A 2501 -40.28 4.13 8.42
N ALA A 2502 -41.16 4.68 7.59
CA ALA A 2502 -40.70 5.63 6.59
C ALA A 2502 -40.10 6.85 7.27
N LYS A 2503 -40.75 7.33 8.32
CA LYS A 2503 -40.18 8.46 9.06
C LYS A 2503 -38.81 8.10 9.57
N ASP A 2504 -38.64 6.88 10.06
CA ASP A 2504 -37.36 6.45 10.59
C ASP A 2504 -36.28 6.56 9.54
N VAL A 2505 -36.52 5.96 8.38
CA VAL A 2505 -35.46 5.91 7.38
C VAL A 2505 -35.21 7.30 6.81
N LEU A 2506 -36.26 8.09 6.62
CA LEU A 2506 -36.06 9.45 6.16
C LEU A 2506 -35.15 10.20 7.11
N ILE A 2507 -35.47 10.17 8.40
CA ILE A 2507 -34.65 10.86 9.38
C ILE A 2507 -33.22 10.37 9.27
N GLN A 2508 -33.03 9.05 9.17
CA GLN A 2508 -31.69 8.53 8.96
C GLN A 2508 -31.04 9.15 7.73
N GLY A 2509 -31.83 9.51 6.75
CA GLY A 2509 -31.23 10.02 5.54
C GLY A 2509 -30.57 11.36 5.66
N LEU A 2510 -30.70 12.05 6.78
CA LEU A 2510 -30.20 13.41 6.87
C LEU A 2510 -28.69 13.50 6.73
N ILE A 2511 -27.97 12.40 6.96
CA ILE A 2511 -26.53 12.45 7.08
C ILE A 2511 -25.86 11.72 5.94
N ASP A 2512 -26.49 11.73 4.78
CA ASP A 2512 -25.94 11.00 3.65
C ASP A 2512 -24.66 11.65 3.15
N GLU A 2513 -24.03 10.98 2.18
CA GLU A 2513 -22.71 11.38 1.73
C GLU A 2513 -22.76 12.41 0.61
N ASN A 2514 -23.67 12.28 -0.33
CA ASN A 2514 -23.81 13.32 -1.33
C ASN A 2514 -24.30 14.59 -0.66
N PRO A 2515 -23.56 15.68 -0.76
CA PRO A 2515 -24.08 16.95 -0.22
C PRO A 2515 -25.41 17.32 -0.83
N GLY A 2516 -25.56 17.13 -2.14
CA GLY A 2516 -26.83 17.45 -2.76
C GLY A 2516 -27.96 16.57 -2.25
N LEU A 2517 -27.67 15.29 -2.04
CA LEU A 2517 -28.72 14.39 -1.59
C LEU A 2517 -29.28 14.82 -0.25
N GLN A 2518 -28.43 14.97 0.75
CA GLN A 2518 -28.93 15.38 2.04
C GLN A 2518 -29.42 16.82 1.99
N LEU A 2519 -28.96 17.61 1.02
CA LEU A 2519 -29.57 18.89 0.78
C LEU A 2519 -31.05 18.73 0.47
N ILE A 2520 -31.36 17.82 -0.45
CA ILE A 2520 -32.75 17.58 -0.80
C ILE A 2520 -33.52 17.10 0.41
N ILE A 2521 -32.91 16.19 1.17
CA ILE A 2521 -33.60 15.66 2.34
C ILE A 2521 -33.95 16.78 3.30
N ARG A 2522 -32.98 17.62 3.61
CA ARG A 2522 -33.21 18.72 4.54
C ARG A 2522 -34.29 19.64 4.00
N ASN A 2523 -34.16 20.03 2.74
CA ASN A 2523 -35.15 20.91 2.15
C ASN A 2523 -36.54 20.29 2.23
N PHE A 2524 -36.60 18.97 2.18
CA PHE A 2524 -37.86 18.28 2.40
C PHE A 2524 -38.34 18.48 3.82
N TRP A 2525 -37.45 18.28 4.79
CA TRP A 2525 -37.86 18.42 6.18
C TRP A 2525 -38.14 19.86 6.54
N SER A 2526 -37.40 20.79 5.96
CA SER A 2526 -37.53 22.17 6.40
C SER A 2526 -38.74 22.85 5.82
N HIS A 2527 -39.70 22.07 5.32
CA HIS A 2527 -40.89 22.68 4.78
C HIS A 2527 -41.71 23.32 5.89
N GLU A 2528 -42.71 24.10 5.48
CA GLU A 2528 -43.53 24.84 6.42
C GLU A 2528 -44.64 24.00 7.01
N THR A 2529 -44.81 22.77 6.57
CA THR A 2529 -45.84 21.89 7.13
C THR A 2529 -45.28 20.72 7.89
N ARG A 2530 -44.23 20.09 7.36
CA ARG A 2530 -43.65 18.93 8.00
C ARG A 2530 -42.91 19.30 9.26
N LEU A 2531 -42.65 20.57 9.49
CA LEU A 2531 -41.97 21.05 10.66
C LEU A 2531 -42.40 22.49 10.88
N PRO A 2532 -43.19 22.76 11.91
CA PRO A 2532 -43.89 24.03 11.99
C PRO A 2532 -42.92 25.20 11.95
N SER A 2533 -43.34 26.27 11.31
CA SER A 2533 -42.47 27.40 11.07
C SER A 2533 -42.29 28.30 12.28
N ASN A 2534 -43.06 28.11 13.33
CA ASN A 2534 -42.89 28.94 14.51
C ASN A 2534 -41.66 28.48 15.28
N THR A 2535 -40.78 29.44 15.60
CA THR A 2535 -39.48 29.09 16.14
C THR A 2535 -39.60 28.25 17.39
N LEU A 2536 -40.41 28.70 18.34
CA LEU A 2536 -40.61 27.92 19.56
C LEU A 2536 -41.21 26.56 19.26
N ASP A 2537 -42.23 26.54 18.42
CA ASP A 2537 -42.82 25.25 18.05
C ASP A 2537 -41.84 24.42 17.25
N ARG A 2538 -41.02 25.06 16.42
CA ARG A 2538 -40.00 24.32 15.72
C ARG A 2538 -39.08 23.62 16.70
N LEU A 2539 -38.66 24.34 17.73
CA LEU A 2539 -37.79 23.75 18.73
C LEU A 2539 -38.48 22.61 19.46
N LEU A 2540 -39.75 22.78 19.79
CA LEU A 2540 -40.47 21.72 20.49
C LEU A 2540 -40.54 20.46 19.64
N ALA A 2541 -40.96 20.60 18.39
CA ALA A 2541 -41.16 19.43 17.55
C ALA A 2541 -39.86 18.84 17.04
N LEU A 2542 -38.78 19.62 17.07
CA LEU A 2542 -37.54 19.17 16.48
C LEU A 2542 -37.06 17.88 17.12
N ASN A 2543 -37.35 17.68 18.40
CA ASN A 2543 -36.88 16.48 19.06
C ASN A 2543 -37.53 15.23 18.51
N SER A 2544 -38.71 15.35 17.91
CA SER A 2544 -39.31 14.19 17.30
C SER A 2544 -38.48 13.67 16.14
N LEU A 2545 -37.56 14.46 15.63
CA LEU A 2545 -36.68 14.06 14.54
C LEU A 2545 -35.45 13.34 15.04
N TYR A 2546 -35.49 12.74 16.22
CA TYR A 2546 -34.31 12.14 16.80
C TYR A 2546 -34.37 10.64 16.71
N SER A 2547 -33.30 10.04 16.22
CA SER A 2547 -33.14 8.61 16.23
C SER A 2547 -31.72 8.26 16.67
N PRO A 2548 -31.54 7.09 17.25
CA PRO A 2548 -30.20 6.69 17.68
C PRO A 2548 -29.20 6.67 16.56
N LYS A 2549 -29.61 6.33 15.35
CA LYS A 2549 -28.63 6.17 14.28
C LYS A 2549 -28.01 7.47 13.84
N ILE A 2550 -28.53 8.62 14.29
CA ILE A 2550 -27.98 9.89 13.89
C ILE A 2550 -27.53 10.73 15.07
N GLU A 2551 -27.47 10.14 16.28
CA GLU A 2551 -26.92 10.90 17.39
C GLU A 2551 -25.52 11.40 17.10
N VAL A 2552 -24.88 10.89 16.04
CA VAL A 2552 -23.56 11.38 15.67
C VAL A 2552 -23.63 12.84 15.28
N HIS A 2553 -24.56 13.20 14.39
CA HIS A 2553 -24.61 14.53 13.84
C HIS A 2553 -25.79 15.34 14.34
N PHE A 2554 -26.61 14.78 15.23
CA PHE A 2554 -27.88 15.43 15.53
C PHE A 2554 -27.69 16.88 15.94
N LEU A 2555 -26.64 17.16 16.68
CA LEU A 2555 -26.46 18.51 17.21
C LEU A 2555 -26.33 19.52 16.09
N SER A 2556 -25.53 19.21 15.08
CA SER A 2556 -25.39 20.13 13.96
C SER A 2556 -26.74 20.37 13.30
N LEU A 2557 -27.50 19.31 13.10
CA LEU A 2557 -28.69 19.43 12.28
C LEU A 2557 -29.76 20.25 12.97
N ALA A 2558 -29.85 20.13 14.29
CA ALA A 2558 -30.79 20.97 15.01
C ALA A 2558 -30.48 22.44 14.78
N THR A 2559 -29.21 22.81 14.93
CA THR A 2559 -28.83 24.18 14.67
C THR A 2559 -29.15 24.57 13.23
N ASN A 2560 -28.87 23.67 12.30
CA ASN A 2560 -29.16 23.97 10.91
C ASN A 2560 -30.62 24.31 10.71
N PHE A 2561 -31.50 23.58 11.36
CA PHE A 2561 -32.91 23.86 11.17
C PHE A 2561 -33.30 25.16 11.85
N LEU A 2562 -32.74 25.43 13.02
CA LEU A 2562 -33.08 26.69 13.68
C LEU A 2562 -32.61 27.89 12.89
N LEU A 2563 -31.44 27.79 12.28
CA LEU A 2563 -30.80 29.00 11.76
C LEU A 2563 -31.38 29.43 10.43
N GLU A 2564 -31.58 28.50 9.51
CA GLU A 2564 -32.07 28.96 8.22
C GLU A 2564 -33.49 29.44 8.30
N MET A 2565 -34.01 29.50 9.52
CA MET A 2565 -35.19 30.29 9.81
C MET A 2565 -34.88 31.78 9.72
N THR A 2566 -33.72 32.20 10.23
CA THR A 2566 -33.38 33.62 10.23
C THR A 2566 -33.33 34.17 8.81
N SER A 2567 -32.94 33.33 7.86
CA SER A 2567 -32.91 33.78 6.47
C SER A 2567 -34.27 34.27 6.03
N MET A 2568 -35.33 33.83 6.68
CA MET A 2568 -36.66 34.30 6.36
C MET A 2568 -37.01 35.59 7.09
N SER A 2569 -36.13 36.09 7.95
CA SER A 2569 -36.42 37.30 8.67
C SER A 2569 -36.34 38.50 7.74
N PRO A 2570 -37.05 39.59 8.07
CA PRO A 2570 -36.90 40.80 7.27
C PRO A 2570 -35.52 41.42 7.42
N ASP A 2571 -34.96 41.42 8.62
CA ASP A 2571 -33.70 42.09 8.90
C ASP A 2571 -32.50 41.20 8.67
N TYR A 2572 -32.70 40.07 8.00
CA TYR A 2572 -31.58 39.21 7.65
C TYR A 2572 -30.44 39.94 6.95
N PRO A 2573 -30.66 40.76 5.94
CA PRO A 2573 -29.54 41.44 5.29
C PRO A 2573 -29.24 42.83 5.80
N ASN A 2574 -29.92 43.30 6.83
CA ASN A 2574 -29.57 44.63 7.27
C ASN A 2574 -28.27 44.63 8.07
N PRO A 2575 -27.48 45.68 7.94
CA PRO A 2575 -26.24 45.75 8.72
C PRO A 2575 -26.53 45.80 10.21
N MET A 2576 -25.58 45.26 10.97
CA MET A 2576 -25.70 45.16 12.42
C MET A 2576 -25.29 46.43 13.14
N PHE A 2577 -24.65 47.38 12.46
CA PHE A 2577 -24.45 48.72 12.99
C PHE A 2577 -24.71 49.72 11.89
N GLU A 2578 -24.88 50.98 12.29
CA GLU A 2578 -25.30 52.01 11.36
C GLU A 2578 -24.35 53.18 11.28
N HIS A 2579 -23.15 53.07 11.87
CA HIS A 2579 -22.18 54.16 11.86
C HIS A 2579 -20.80 53.54 11.76
N PRO A 2580 -20.22 53.51 10.57
CA PRO A 2580 -18.87 52.94 10.43
C PRO A 2580 -17.89 53.67 11.33
N LEU A 2581 -16.77 52.99 11.61
CA LEU A 2581 -15.80 53.51 12.57
C LEU A 2581 -15.43 54.94 12.25
N SER A 2582 -15.18 55.22 10.98
CA SER A 2582 -14.93 56.58 10.53
C SER A 2582 -15.18 56.60 9.03
N GLU A 2583 -15.34 57.80 8.49
CA GLU A 2583 -15.54 57.92 7.05
C GLU A 2583 -14.32 57.44 6.29
N CYS A 2584 -14.54 56.56 5.33
CA CYS A 2584 -13.52 56.03 4.45
C CYS A 2584 -14.22 55.30 3.31
N GLU A 2585 -13.47 54.55 2.53
CA GLU A 2585 -14.00 53.86 1.37
C GLU A 2585 -13.76 52.37 1.49
N PHE A 2586 -14.72 51.57 1.05
CA PHE A 2586 -14.53 50.14 0.94
C PHE A 2586 -14.88 49.68 -0.46
N GLN A 2587 -13.91 49.07 -1.13
CA GLN A 2587 -14.14 48.47 -2.44
C GLN A 2587 -14.28 46.97 -2.27
N GLU A 2588 -14.85 46.34 -3.29
CA GLU A 2588 -15.12 44.91 -3.23
C GLU A 2588 -13.81 44.15 -3.42
N TYR A 2589 -13.04 44.09 -2.35
CA TYR A 2589 -11.88 43.22 -2.31
C TYR A 2589 -12.31 41.78 -2.60
N THR A 2590 -11.52 41.09 -3.40
CA THR A 2590 -11.84 39.73 -3.81
C THR A 2590 -10.71 38.80 -3.40
N ILE A 2591 -11.06 37.68 -2.82
CA ILE A 2591 -10.09 36.70 -2.37
C ILE A 2591 -9.99 35.61 -3.41
N ASP A 2592 -8.82 35.00 -3.49
CA ASP A 2592 -8.54 33.97 -4.49
C ASP A 2592 -8.88 32.58 -3.97
N SER A 2593 -8.44 31.55 -4.69
CA SER A 2593 -8.53 30.18 -4.23
C SER A 2593 -7.45 29.40 -4.96
N ASP A 2594 -6.40 29.01 -4.25
CA ASP A 2594 -5.20 28.49 -4.87
C ASP A 2594 -4.94 27.05 -4.44
N TRP A 2595 -4.20 26.34 -5.28
CA TRP A 2595 -3.69 25.02 -4.93
C TRP A 2595 -2.59 25.14 -3.89
N ARG A 2596 -2.34 24.04 -3.20
CA ARG A 2596 -1.35 24.01 -2.15
C ARG A 2596 -0.80 22.61 -1.94
N ALA A 2767 -11.44 18.74 -1.90
CA ALA A 2767 -11.43 19.64 -3.05
C ALA A 2767 -10.89 21.01 -2.68
N GLN A 2768 -11.62 22.06 -3.07
CA GLN A 2768 -11.19 23.43 -2.86
C GLN A 2768 -12.16 24.12 -1.92
N VAL A 2769 -11.63 25.06 -1.14
CA VAL A 2769 -12.42 25.68 -0.09
C VAL A 2769 -13.50 26.57 -0.69
N VAL A 2770 -14.45 26.97 0.15
CA VAL A 2770 -15.53 27.86 -0.24
C VAL A 2770 -15.67 28.95 0.81
N LEU A 2771 -15.79 30.19 0.36
CA LEU A 2771 -15.99 31.31 1.26
C LEU A 2771 -17.46 31.45 1.58
N TYR A 2772 -17.79 32.40 2.46
CA TYR A 2772 -19.18 32.61 2.82
C TYR A 2772 -19.55 34.08 2.99
N ARG A 2773 -18.69 35.01 2.60
CA ARG A 2773 -19.01 36.42 2.79
C ARG A 2773 -18.19 37.25 1.79
N SER A 2774 -18.29 38.56 1.90
CA SER A 2774 -17.89 39.48 0.85
C SER A 2774 -16.51 40.07 1.04
N TYR A 2775 -16.20 40.52 2.26
CA TYR A 2775 -14.89 41.07 2.59
C TYR A 2775 -14.60 42.35 1.79
N ARG A 2776 -15.42 43.36 2.01
CA ARG A 2776 -15.05 44.68 1.55
C ARG A 2776 -13.75 45.10 2.22
N HIS A 2777 -13.04 46.00 1.58
CA HIS A 2777 -11.72 46.39 2.03
C HIS A 2777 -11.55 47.90 1.99
N GLY A 2778 -10.92 48.44 3.02
CA GLY A 2778 -10.68 49.86 3.05
C GLY A 2778 -9.65 50.22 4.11
N ASP A 2779 -9.54 51.52 4.37
CA ASP A 2779 -8.56 52.00 5.33
C ASP A 2779 -8.84 51.43 6.71
N LEU A 2780 -10.10 51.40 7.10
CA LEU A 2780 -10.49 50.98 8.43
C LEU A 2780 -11.35 49.73 8.33
N PRO A 2781 -11.45 48.96 9.40
CA PRO A 2781 -12.36 47.82 9.41
C PRO A 2781 -13.78 48.29 9.16
N ASP A 2782 -14.54 47.50 8.41
CA ASP A 2782 -15.91 47.86 8.06
C ASP A 2782 -16.86 47.06 8.94
N ILE A 2783 -17.36 47.68 9.99
CA ILE A 2783 -18.30 47.01 10.86
C ILE A 2783 -19.73 47.09 10.37
N GLN A 2784 -19.96 47.76 9.25
CA GLN A 2784 -21.30 47.84 8.67
C GLN A 2784 -21.60 46.60 7.83
N ILE A 2785 -21.59 45.44 8.51
CA ILE A 2785 -21.80 44.18 7.83
C ILE A 2785 -23.11 43.56 8.29
N LYS A 2786 -23.67 42.72 7.43
CA LYS A 2786 -25.00 42.18 7.60
C LYS A 2786 -24.99 41.00 8.55
N HIS A 2787 -26.14 40.75 9.17
CA HIS A 2787 -26.26 39.62 10.08
C HIS A 2787 -25.99 38.31 9.38
N SER A 2788 -26.25 38.25 8.08
CA SER A 2788 -26.00 37.01 7.37
C SER A 2788 -24.53 36.64 7.44
N SER A 2789 -23.64 37.61 7.25
CA SER A 2789 -22.23 37.29 7.24
C SER A 2789 -21.74 36.87 8.61
N LEU A 2790 -22.54 37.05 9.65
CA LEU A 2790 -22.21 36.45 10.93
C LEU A 2790 -22.84 35.08 11.08
N ILE A 2791 -24.09 34.94 10.68
CA ILE A 2791 -24.83 33.72 10.98
C ILE A 2791 -24.33 32.58 10.12
N THR A 2792 -24.22 32.81 8.81
CA THR A 2792 -23.86 31.72 7.92
C THR A 2792 -22.55 31.04 8.30
N PRO A 2793 -21.44 31.74 8.51
CA PRO A 2793 -20.23 31.03 8.89
C PRO A 2793 -20.40 30.27 10.18
N LEU A 2794 -21.26 30.78 11.07
CA LEU A 2794 -21.47 30.10 12.34
C LEU A 2794 -22.00 28.70 12.11
N GLN A 2795 -23.07 28.57 11.35
CA GLN A 2795 -23.58 27.24 11.04
C GLN A 2795 -22.57 26.43 10.27
N ALA A 2796 -21.86 27.08 9.35
CA ALA A 2796 -20.92 26.34 8.51
C ALA A 2796 -19.85 25.67 9.35
N VAL A 2797 -19.31 26.39 10.32
CA VAL A 2797 -18.29 25.79 11.16
C VAL A 2797 -18.89 24.83 12.16
N ALA A 2798 -20.07 25.16 12.70
CA ALA A 2798 -20.66 24.31 13.72
C ALA A 2798 -20.94 22.93 13.16
N GLN A 2799 -21.39 22.86 11.91
CA GLN A 2799 -21.62 21.55 11.34
C GLN A 2799 -20.34 20.78 11.10
N ARG A 2800 -19.19 21.36 11.40
CA ARG A 2800 -17.93 20.69 11.14
C ARG A 2800 -17.11 20.41 12.38
N ASP A 2801 -17.40 21.04 13.51
CA ASP A 2801 -16.71 20.76 14.76
C ASP A 2801 -17.73 20.51 15.86
N PRO A 2802 -17.84 19.28 16.34
CA PRO A 2802 -18.96 18.95 17.23
C PRO A 2802 -19.01 19.80 18.48
N ILE A 2803 -17.86 20.17 19.03
CA ILE A 2803 -17.89 20.90 20.30
C ILE A 2803 -18.54 22.26 20.10
N ILE A 2804 -18.23 22.94 19.00
CA ILE A 2804 -18.93 24.18 18.71
C ILE A 2804 -20.40 23.93 18.50
N ALA A 2805 -20.73 22.79 17.89
CA ALA A 2805 -22.14 22.47 17.74
C ALA A 2805 -22.81 22.42 19.10
N LYS A 2806 -22.17 21.77 20.06
CA LYS A 2806 -22.74 21.70 21.40
C LYS A 2806 -22.91 23.09 21.98
N GLN A 2807 -21.87 23.92 21.84
CA GLN A 2807 -21.95 25.27 22.39
C GLN A 2807 -23.11 26.02 21.78
N LEU A 2808 -23.24 25.96 20.47
CA LEU A 2808 -24.29 26.69 19.79
C LEU A 2808 -25.66 26.19 20.20
N PHE A 2809 -25.83 24.87 20.24
CA PHE A 2809 -27.13 24.34 20.60
C PHE A 2809 -27.51 24.74 22.00
N SER A 2810 -26.58 24.63 22.94
CA SER A 2810 -26.87 25.02 24.30
C SER A 2810 -27.27 26.48 24.36
N SER A 2811 -26.50 27.34 23.69
CA SER A 2811 -26.78 28.76 23.79
C SER A 2811 -28.12 29.10 23.19
N LEU A 2812 -28.40 28.59 21.98
CA LEU A 2812 -29.67 28.85 21.36
C LEU A 2812 -30.81 28.37 22.23
N PHE A 2813 -30.68 27.16 22.75
CA PHE A 2813 -31.76 26.58 23.53
C PHE A 2813 -32.06 27.44 24.74
N SER A 2814 -31.02 27.78 25.50
CA SER A 2814 -31.23 28.56 26.70
C SER A 2814 -31.81 29.92 26.37
N GLY A 2815 -31.31 30.55 25.31
CA GLY A 2815 -31.85 31.85 24.94
C GLY A 2815 -33.32 31.77 24.58
N ILE A 2816 -33.70 30.76 23.81
CA ILE A 2816 -35.09 30.62 23.42
C ILE A 2816 -35.97 30.41 24.64
N LEU A 2817 -35.51 29.58 25.56
CA LEU A 2817 -36.31 29.36 26.76
C LEU A 2817 -36.43 30.63 27.57
N LYS A 2818 -35.35 31.42 27.64
CA LYS A 2818 -35.43 32.66 28.39
C LYS A 2818 -36.40 33.63 27.74
N GLU A 2819 -36.43 33.67 26.41
CA GLU A 2819 -37.27 34.63 25.73
C GLU A 2819 -38.73 34.22 25.76
N MET A 2820 -39.02 32.93 25.64
CA MET A 2820 -40.41 32.51 25.58
C MET A 2820 -41.16 32.82 26.87
N ASP A 2821 -40.44 32.98 27.98
CA ASP A 2821 -41.07 33.37 29.23
C ASP A 2821 -41.77 34.71 29.13
N LYS A 2822 -41.34 35.57 28.22
CA LYS A 2822 -41.88 36.93 28.19
C LYS A 2822 -43.28 36.99 27.62
N PHE A 2823 -43.73 35.97 26.91
CA PHE A 2823 -45.02 36.07 26.25
C PHE A 2823 -45.82 34.78 26.32
N LYS A 2824 -45.49 33.88 27.22
CA LYS A 2824 -46.28 32.68 27.44
C LYS A 2824 -46.53 32.51 28.92
N THR A 2825 -47.77 32.18 29.27
CA THR A 2825 -48.12 32.08 30.68
C THR A 2825 -47.74 30.70 31.22
N LEU A 2826 -48.02 30.51 32.51
CA LEU A 2826 -47.42 29.41 33.25
C LEU A 2826 -47.90 28.05 32.74
N SER A 2827 -49.18 27.95 32.38
CA SER A 2827 -49.74 26.65 32.04
C SER A 2827 -49.01 26.00 30.89
N GLU A 2828 -49.08 26.63 29.71
CA GLU A 2828 -48.42 26.07 28.55
C GLU A 2828 -46.92 26.01 28.75
N LYS A 2829 -46.36 26.95 29.50
CA LYS A 2829 -44.92 26.93 29.76
C LYS A 2829 -44.53 25.64 30.47
N ASN A 2830 -45.25 25.31 31.53
CA ASN A 2830 -44.97 24.10 32.28
C ASN A 2830 -45.22 22.88 31.41
N ASN A 2831 -46.26 22.93 30.58
CA ASN A 2831 -46.51 21.82 29.69
C ASN A 2831 -45.33 21.61 28.74
N ILE A 2832 -44.81 22.70 28.19
CA ILE A 2832 -43.67 22.62 27.29
C ILE A 2832 -42.46 22.05 28.00
N THR A 2833 -42.19 22.54 29.21
CA THR A 2833 -41.04 22.04 29.93
C THR A 2833 -41.20 20.55 30.21
N GLN A 2834 -42.39 20.13 30.60
CA GLN A 2834 -42.62 18.70 30.83
C GLN A 2834 -42.41 17.91 29.56
N LYS A 2835 -42.90 18.44 28.43
CA LYS A 2835 -42.72 17.74 27.17
C LYS A 2835 -41.24 17.58 26.86
N LEU A 2836 -40.47 18.65 27.08
CA LEU A 2836 -39.03 18.54 26.89
C LEU A 2836 -38.45 17.48 27.80
N LEU A 2837 -38.92 17.42 29.04
CA LEU A 2837 -38.39 16.45 29.98
C LEU A 2837 -38.60 15.04 29.49
N GLN A 2838 -39.82 14.73 29.06
CA GLN A 2838 -40.09 13.38 28.58
C GLN A 2838 -39.29 13.11 27.32
N ASP A 2839 -39.13 14.12 26.47
CA ASP A 2839 -38.32 13.93 25.27
C ASP A 2839 -36.89 13.58 25.63
N PHE A 2840 -36.34 14.27 26.62
CA PHE A 2840 -34.95 14.03 26.96
C PHE A 2840 -34.77 12.67 27.61
N ASN A 2841 -35.73 12.26 28.44
CA ASN A 2841 -35.69 10.92 28.98
C ASN A 2841 -35.69 9.90 27.85
N ARG A 2842 -36.53 10.12 26.85
CA ARG A 2842 -36.53 9.23 25.71
C ARG A 2842 -35.17 9.25 25.03
N PHE A 2843 -34.58 10.44 24.86
CA PHE A 2843 -33.27 10.55 24.25
C PHE A 2843 -32.27 9.66 24.95
N LEU A 2844 -32.18 9.81 26.26
CA LEU A 2844 -31.13 9.13 26.99
C LEU A 2844 -31.40 7.64 27.11
N ASN A 2845 -32.67 7.24 27.04
CA ASN A 2845 -32.92 5.81 27.06
C ASN A 2845 -32.64 5.17 25.72
N THR A 2846 -32.92 5.86 24.63
CA THR A 2846 -32.80 5.27 23.31
C THR A 2846 -31.41 5.36 22.73
N THR A 2847 -30.53 6.19 23.26
CA THR A 2847 -29.20 6.30 22.69
C THR A 2847 -28.45 4.99 22.85
N PHE A 2848 -27.65 4.65 21.84
CA PHE A 2848 -26.94 3.40 21.83
C PHE A 2848 -25.47 3.61 21.51
N SER A 2849 -25.17 4.66 20.73
CA SER A 2849 -23.79 4.95 20.43
C SER A 2849 -23.14 5.81 21.50
N PHE A 2850 -23.93 6.57 22.26
CA PHE A 2850 -23.45 7.34 23.39
C PHE A 2850 -22.41 8.37 22.94
N PHE A 2851 -22.82 9.22 22.04
CA PHE A 2851 -21.92 10.22 21.52
C PHE A 2851 -21.55 11.19 22.63
N PRO A 2852 -20.27 11.33 22.97
CA PRO A 2852 -19.89 12.11 24.14
C PRO A 2852 -20.37 13.54 24.06
N PRO A 2853 -20.10 14.28 22.97
CA PRO A 2853 -20.57 15.67 22.94
C PRO A 2853 -22.07 15.75 23.08
N PHE A 2854 -22.79 14.80 22.48
CA PHE A 2854 -24.24 14.84 22.54
C PHE A 2854 -24.74 14.69 23.96
N VAL A 2855 -24.28 13.68 24.67
CA VAL A 2855 -24.74 13.48 26.04
C VAL A 2855 -24.31 14.66 26.90
N SER A 2856 -23.12 15.20 26.62
CA SER A 2856 -22.69 16.38 27.33
C SER A 2856 -23.72 17.49 27.18
N CYS A 2857 -24.11 17.78 25.94
CA CYS A 2857 -25.05 18.86 25.72
C CYS A 2857 -26.38 18.58 26.38
N ILE A 2858 -26.86 17.34 26.25
CA ILE A 2858 -28.16 17.00 26.80
C ILE A 2858 -28.18 17.23 28.30
N GLN A 2859 -27.19 16.70 29.00
CA GLN A 2859 -27.19 16.87 30.44
C GLN A 2859 -26.90 18.31 30.82
N ASP A 2860 -26.14 19.03 30.00
CA ASP A 2860 -25.79 20.39 30.36
C ASP A 2860 -26.99 21.31 30.28
N ILE A 2861 -27.84 21.13 29.28
CA ILE A 2861 -28.97 22.04 29.11
C ILE A 2861 -29.84 22.02 30.35
N SER A 2862 -30.13 20.84 30.88
CA SER A 2862 -30.98 20.73 32.05
C SER A 2862 -30.35 21.37 33.27
N CYS A 2863 -29.04 21.60 33.25
CA CYS A 2863 -28.38 22.16 34.41
C CYS A 2863 -28.79 23.60 34.68
N GLN A 2864 -29.48 24.25 33.76
CA GLN A 2864 -29.69 25.68 33.85
C GLN A 2864 -31.16 26.08 33.99
N HIS A 2865 -32.09 25.14 34.01
CA HIS A 2865 -33.50 25.49 34.04
C HIS A 2865 -34.23 24.56 34.98
N ALA A 2866 -34.88 25.13 35.99
CA ALA A 2866 -35.33 24.34 37.13
C ALA A 2866 -36.27 23.22 36.69
N ALA A 2867 -37.19 23.52 35.78
CA ALA A 2867 -38.16 22.51 35.37
C ALA A 2867 -37.50 21.33 34.70
N LEU A 2868 -36.30 21.50 34.17
CA LEU A 2868 -35.60 20.43 33.49
C LEU A 2868 -34.68 19.66 34.42
N LEU A 2869 -34.65 20.00 35.69
CA LEU A 2869 -33.67 19.39 36.57
C LEU A 2869 -34.08 18.00 37.02
N SER A 2870 -35.22 17.49 36.59
CA SER A 2870 -35.76 16.25 37.10
C SER A 2870 -35.62 15.11 36.11
N LEU A 2871 -34.48 15.04 35.42
CA LEU A 2871 -34.22 13.89 34.59
C LEU A 2871 -34.24 12.60 35.41
N ASP A 2872 -34.32 11.50 34.71
CA ASP A 2872 -34.22 10.20 35.38
C ASP A 2872 -32.79 9.97 35.82
N PRO A 2873 -32.53 9.84 37.12
CA PRO A 2873 -31.15 9.66 37.57
C PRO A 2873 -30.48 8.43 36.97
N ALA A 2874 -31.15 7.29 36.99
CA ALA A 2874 -30.49 6.06 36.55
C ALA A 2874 -30.09 6.16 35.09
N ALA A 2875 -30.96 6.70 34.24
CA ALA A 2875 -30.62 6.87 32.85
C ALA A 2875 -29.41 7.77 32.69
N VAL A 2876 -29.35 8.84 33.47
CA VAL A 2876 -28.22 9.75 33.41
C VAL A 2876 -26.94 9.02 33.77
N SER A 2877 -26.98 8.25 34.85
CA SER A 2877 -25.78 7.55 35.27
C SER A 2877 -25.32 6.57 34.20
N ALA A 2878 -26.26 5.82 33.64
CA ALA A 2878 -25.90 4.87 32.60
C ALA A 2878 -25.30 5.59 31.40
N GLY A 2879 -25.89 6.73 31.01
CA GLY A 2879 -25.35 7.46 29.89
C GLY A 2879 -23.94 7.94 30.13
N CYS A 2880 -23.69 8.52 31.31
CA CYS A 2880 -22.36 9.03 31.59
C CYS A 2880 -21.34 7.90 31.60
N LEU A 2881 -21.63 6.83 32.33
CA LEU A 2881 -20.65 5.76 32.45
C LEU A 2881 -20.34 5.11 31.11
N ALA A 2882 -21.24 5.22 30.16
CA ALA A 2882 -20.98 4.74 28.81
C ALA A 2882 -20.28 5.78 27.96
N SER A 2883 -19.95 6.94 28.52
CA SER A 2883 -19.39 8.02 27.74
C SER A 2883 -18.19 8.68 28.36
N LEU A 2884 -17.80 8.29 29.58
CA LEU A 2884 -16.73 8.95 30.29
C LEU A 2884 -16.98 10.45 30.38
N GLN A 2885 -18.22 10.81 30.69
CA GLN A 2885 -18.61 12.19 30.93
C GLN A 2885 -19.11 12.35 32.34
N GLN A 2886 -18.43 11.71 33.27
CA GLN A 2886 -18.79 11.77 34.68
C GLN A 2886 -18.93 13.19 35.21
N PRO A 2887 -18.03 14.12 34.92
CA PRO A 2887 -18.19 15.45 35.52
C PRO A 2887 -19.52 16.10 35.18
N VAL A 2888 -19.99 15.94 33.96
CA VAL A 2888 -21.23 16.60 33.58
C VAL A 2888 -22.40 16.04 34.38
N GLY A 2889 -22.48 14.71 34.42
CA GLY A 2889 -23.55 14.10 35.19
C GLY A 2889 -23.50 14.52 36.65
N ILE A 2890 -22.29 14.60 37.20
CA ILE A 2890 -22.18 14.96 38.60
C ILE A 2890 -22.68 16.37 38.81
N ARG A 2891 -22.29 17.28 37.91
CA ARG A 2891 -22.78 18.65 38.02
C ARG A 2891 -24.29 18.69 38.02
N LEU A 2892 -24.89 18.00 37.05
CA LEU A 2892 -26.35 18.01 36.94
C LEU A 2892 -26.98 17.48 38.22
N LEU A 2893 -26.51 16.33 38.68
CA LEU A 2893 -27.17 15.71 39.83
C LEU A 2893 -26.98 16.54 41.08
N GLU A 2894 -25.80 17.10 41.25
CA GLU A 2894 -25.54 17.92 42.42
C GLU A 2894 -26.43 19.15 42.42
N GLU A 2895 -26.64 19.75 41.26
CA GLU A 2895 -27.59 20.85 41.20
C GLU A 2895 -28.99 20.39 41.53
N ALA A 2896 -29.38 19.23 41.01
CA ALA A 2896 -30.74 18.76 41.24
C ALA A 2896 -30.99 18.49 42.71
N LEU A 2897 -29.96 18.02 43.42
CA LEU A 2897 -30.17 17.63 44.80
C LEU A 2897 -30.66 18.79 45.65
N LEU A 2898 -30.10 19.98 45.43
CA LEU A 2898 -30.49 21.09 46.28
C LEU A 2898 -31.50 22.01 45.64
N ARG A 2899 -31.40 22.27 44.33
CA ARG A 2899 -32.20 23.33 43.75
C ARG A 2899 -33.69 23.02 43.81
N LEU A 2900 -34.06 21.78 43.56
CA LEU A 2900 -35.48 21.43 43.57
C LEU A 2900 -36.08 21.70 44.94
N LEU A 2901 -35.34 21.38 45.99
CA LEU A 2901 -35.87 21.29 47.35
C LEU A 2901 -37.09 20.38 47.26
N PRO A 2902 -36.88 19.07 47.10
CA PRO A 2902 -37.94 18.09 46.83
C PRO A 2902 -38.57 17.57 48.10
N LEU A 2916 -38.09 3.70 47.08
CA LEU A 2916 -36.96 4.60 46.93
C LEU A 2916 -37.42 6.01 46.59
N PRO A 2917 -37.38 6.91 47.57
CA PRO A 2917 -37.65 8.31 47.30
C PRO A 2917 -36.66 8.84 46.28
N PRO A 2918 -37.08 9.75 45.41
CA PRO A 2918 -36.16 10.22 44.36
C PRO A 2918 -35.17 11.22 44.91
N ASP A 2919 -34.67 10.94 46.11
CA ASP A 2919 -33.57 11.68 46.68
C ASP A 2919 -32.41 10.74 46.96
N VAL A 2920 -32.66 9.70 47.78
CA VAL A 2920 -31.66 8.67 47.97
C VAL A 2920 -31.35 7.99 46.66
N LEU A 2921 -32.32 7.95 45.75
CA LEU A 2921 -32.03 7.49 44.40
C LEU A 2921 -30.98 8.37 43.74
N ARG A 2922 -31.14 9.68 43.86
CA ARG A 2922 -30.12 10.57 43.34
C ARG A 2922 -28.79 10.34 44.05
N TRP A 2923 -28.84 10.10 45.35
CA TRP A 2923 -27.61 9.88 46.09
C TRP A 2923 -26.88 8.65 45.57
N VAL A 2924 -27.60 7.55 45.37
CA VAL A 2924 -26.90 6.37 44.92
C VAL A 2924 -26.39 6.54 43.51
N GLU A 2925 -27.14 7.24 42.65
CA GLU A 2925 -26.61 7.48 41.32
C GLU A 2925 -25.32 8.27 41.37
N LEU A 2926 -25.31 9.33 42.19
CA LEU A 2926 -24.10 10.12 42.35
C LEU A 2926 -22.96 9.28 42.89
N ALA A 2927 -23.27 8.41 43.85
CA ALA A 2927 -22.23 7.57 44.41
C ALA A 2927 -21.65 6.65 43.36
N LYS A 2928 -22.51 6.09 42.51
CA LYS A 2928 -22.00 5.28 41.42
C LYS A 2928 -21.09 6.09 40.53
N LEU A 2929 -21.45 7.34 40.28
CA LEU A 2929 -20.60 8.18 39.44
C LEU A 2929 -19.21 8.34 40.05
N TYR A 2930 -19.17 8.74 41.32
CA TYR A 2930 -17.86 8.91 41.95
C TYR A 2930 -17.07 7.63 41.97
N ARG A 2931 -17.73 6.52 42.28
CA ARG A 2931 -17.05 5.24 42.22
C ARG A 2931 -16.45 5.02 40.86
N SER A 2932 -17.15 5.44 39.81
CA SER A 2932 -16.61 5.32 38.48
C SER A 2932 -15.37 6.20 38.31
N ILE A 2933 -15.40 7.41 38.85
CA ILE A 2933 -14.24 8.28 38.74
C ILE A 2933 -13.01 7.61 39.35
N GLY A 2934 -13.20 6.95 40.48
CA GLY A 2934 -12.08 6.47 41.25
C GLY A 2934 -11.76 7.32 42.45
N GLU A 2935 -12.52 8.38 42.69
CA GLU A 2935 -12.44 9.12 43.94
C GLU A 2935 -13.29 8.40 44.98
N TYR A 2936 -12.68 8.01 46.08
CA TYR A 2936 -13.40 7.25 47.09
C TYR A 2936 -13.79 8.06 48.31
N ASP A 2937 -13.04 9.12 48.63
CA ASP A 2937 -13.27 9.81 49.89
C ASP A 2937 -14.67 10.39 49.94
N VAL A 2938 -15.04 11.15 48.91
CA VAL A 2938 -16.36 11.73 48.88
C VAL A 2938 -17.42 10.64 48.85
N LEU A 2939 -17.09 9.52 48.21
CA LEU A 2939 -18.00 8.39 48.23
C LEU A 2939 -18.32 7.97 49.65
N ARG A 2940 -17.28 7.79 50.45
CA ARG A 2940 -17.50 7.41 51.84
C ARG A 2940 -18.30 8.48 52.56
N GLY A 2941 -17.95 9.75 52.34
CA GLY A 2941 -18.67 10.81 53.01
C GLY A 2941 -20.14 10.78 52.70
N ILE A 2942 -20.50 10.51 51.44
CA ILE A 2942 -21.91 10.38 51.10
C ILE A 2942 -22.53 9.20 51.83
N PHE A 2943 -21.86 8.05 51.78
CA PHE A 2943 -22.44 6.87 52.40
C PHE A 2943 -22.62 7.08 53.89
N THR A 2944 -21.63 7.64 54.55
CA THR A 2944 -21.73 7.73 55.99
C THR A 2944 -22.63 8.85 56.46
N SER A 2945 -23.00 9.77 55.59
CA SER A 2945 -23.70 10.96 56.01
C SER A 2945 -25.10 11.08 55.47
N GLU A 2946 -25.37 10.57 54.28
CA GLU A 2946 -26.62 10.90 53.61
C GLU A 2946 -27.59 9.73 53.59
N ILE A 2947 -27.17 8.59 53.06
CA ILE A 2947 -28.08 7.46 53.04
C ILE A 2947 -27.85 6.52 54.21
N GLY A 2948 -26.59 6.29 54.57
CA GLY A 2948 -26.28 5.45 55.70
C GLY A 2948 -26.87 6.02 56.97
N THR A 2949 -27.63 5.21 57.69
CA THR A 2949 -28.29 5.66 58.90
C THR A 2949 -27.96 4.82 60.12
N LYS A 2950 -27.83 3.51 59.96
CA LYS A 2950 -27.54 2.68 61.10
C LYS A 2950 -26.12 2.90 61.57
N GLN A 2951 -25.89 2.62 62.84
CA GLN A 2951 -24.59 2.93 63.44
C GLN A 2951 -23.52 1.97 62.97
N ILE A 2952 -23.88 0.70 62.75
CA ILE A 2952 -22.88 -0.29 62.39
C ILE A 2952 -22.22 0.08 61.07
N THR A 2953 -22.99 0.60 60.13
CA THR A 2953 -22.40 1.05 58.87
C THR A 2953 -21.40 2.16 59.12
N GLN A 2954 -21.75 3.10 59.98
CA GLN A 2954 -20.83 4.17 60.34
C GLN A 2954 -19.53 3.60 60.88
N SER A 2955 -19.63 2.67 61.82
CA SER A 2955 -18.42 2.13 62.44
C SER A 2955 -17.58 1.40 61.40
N ALA A 2956 -18.22 0.64 60.53
CA ALA A 2956 -17.47 -0.08 59.52
C ALA A 2956 -16.74 0.88 58.61
N LEU A 2957 -17.39 1.96 58.21
CA LEU A 2957 -16.71 2.93 57.35
C LEU A 2957 -15.53 3.56 58.05
N LEU A 2958 -15.70 3.94 59.31
CA LEU A 2958 -14.58 4.50 60.05
C LEU A 2958 -13.42 3.51 60.10
N ALA A 2959 -13.75 2.22 60.25
CA ALA A 2959 -12.70 1.22 60.15
C ALA A 2959 -12.05 1.24 58.78
N GLU A 2960 -12.85 1.41 57.74
CA GLU A 2960 -12.33 1.39 56.38
C GLU A 2960 -11.29 2.47 56.16
N ALA A 2961 -11.40 3.58 56.87
CA ALA A 2961 -10.42 4.64 56.68
C ALA A 2961 -9.02 4.15 57.01
N ARG A 2962 -8.87 3.37 58.07
CA ARG A 2962 -7.57 2.85 58.44
C ARG A 2962 -7.03 1.85 57.44
N SER A 2963 -7.81 1.50 56.41
CA SER A 2963 -7.41 0.51 55.42
C SER A 2963 -7.04 -0.81 56.11
N ASP A 2964 -8.03 -1.38 56.78
CA ASP A 2964 -7.91 -2.64 57.51
C ASP A 2964 -9.08 -3.54 57.18
N TYR A 2965 -9.38 -3.62 55.88
CA TYR A 2965 -10.64 -4.10 55.37
C TYR A 2965 -11.17 -5.32 56.08
N SER A 2966 -10.27 -6.19 56.53
CA SER A 2966 -10.64 -7.44 57.16
C SER A 2966 -11.71 -7.21 58.21
N GLU A 2967 -11.34 -6.49 59.26
CA GLU A 2967 -12.31 -6.23 60.31
C GLU A 2967 -13.52 -5.51 59.76
N ALA A 2968 -13.30 -4.57 58.85
CA ALA A 2968 -14.42 -3.86 58.25
C ALA A 2968 -15.33 -4.84 57.52
N ALA A 2969 -14.75 -5.72 56.71
CA ALA A 2969 -15.57 -6.75 56.08
C ALA A 2969 -16.33 -7.52 57.14
N LYS A 2970 -15.65 -7.84 58.24
CA LYS A 2970 -16.29 -8.53 59.35
C LYS A 2970 -17.61 -7.88 59.73
N GLN A 2971 -17.63 -6.56 59.81
CA GLN A 2971 -18.84 -5.89 60.24
C GLN A 2971 -19.96 -6.10 59.23
N TYR A 2972 -19.66 -5.99 57.95
CA TYR A 2972 -20.71 -5.93 56.95
C TYR A 2972 -21.53 -7.21 56.95
N ASP A 2973 -20.87 -8.34 56.76
CA ASP A 2973 -21.59 -9.60 56.82
C ASP A 2973 -22.21 -9.79 58.18
N GLU A 2974 -21.60 -9.22 59.21
CA GLU A 2974 -22.23 -9.19 60.51
C GLU A 2974 -23.59 -8.51 60.43
N ALA A 2975 -23.62 -7.30 59.90
CA ALA A 2975 -24.89 -6.61 59.74
C ALA A 2975 -25.69 -7.16 58.59
N LEU A 2976 -25.03 -7.64 57.54
CA LEU A 2976 -25.77 -8.15 56.39
C LEU A 2976 -26.59 -9.37 56.77
N ASN A 2977 -26.01 -10.27 57.56
CA ASN A 2977 -26.75 -11.45 57.98
C ASN A 2977 -27.61 -11.18 59.20
N LYS A 2978 -27.66 -9.94 59.67
CA LYS A 2978 -28.62 -9.60 60.69
C LYS A 2978 -30.04 -9.82 60.17
N GLN A 2979 -30.90 -10.26 61.06
CA GLN A 2979 -32.30 -10.49 60.75
C GLN A 2979 -33.20 -9.76 61.73
N ASP A 2980 -32.64 -9.01 62.65
CA ASP A 2980 -33.39 -8.26 63.64
C ASP A 2980 -32.79 -6.86 63.71
N TRP A 2981 -33.62 -5.90 64.13
CA TRP A 2981 -33.13 -4.53 64.21
C TRP A 2981 -33.86 -3.83 65.35
N VAL A 2982 -33.11 -3.47 66.39
CA VAL A 2982 -33.69 -2.83 67.56
C VAL A 2982 -34.31 -1.50 67.18
N ASP A 2983 -33.83 -0.87 66.12
CA ASP A 2983 -34.36 0.40 65.66
C ASP A 2983 -35.35 0.26 64.51
N GLY A 2984 -35.13 -0.68 63.62
CA GLY A 2984 -35.98 -0.85 62.46
C GLY A 2984 -35.16 -1.32 61.28
N GLU A 2985 -35.86 -1.84 60.29
CA GLU A 2985 -35.18 -2.43 59.16
C GLU A 2985 -34.46 -1.37 58.36
N PRO A 2986 -33.19 -1.57 58.03
CA PRO A 2986 -32.47 -0.59 57.22
C PRO A 2986 -33.03 -0.48 55.83
N THR A 2987 -32.79 0.68 55.21
CA THR A 2987 -33.25 0.94 53.86
C THR A 2987 -32.56 -0.01 52.88
N GLU A 2988 -33.26 -0.28 51.76
CA GLU A 2988 -32.70 -1.16 50.75
C GLU A 2988 -31.37 -0.64 50.23
N ALA A 2989 -31.25 0.69 50.12
CA ALA A 2989 -29.98 1.27 49.70
C ALA A 2989 -28.87 0.80 50.62
N GLU A 2990 -29.15 0.72 51.92
CA GLU A 2990 -28.16 0.17 52.82
C GLU A 2990 -27.86 -1.28 52.47
N LYS A 2991 -28.85 -2.03 52.00
CA LYS A 2991 -28.63 -3.43 51.69
C LYS A 2991 -27.64 -3.58 50.53
N ASP A 2992 -27.92 -2.90 49.42
CA ASP A 2992 -27.02 -2.96 48.28
C ASP A 2992 -25.67 -2.40 48.64
N PHE A 2993 -25.67 -1.33 49.41
CA PHE A 2993 -24.40 -0.74 49.83
C PHE A 2993 -23.58 -1.76 50.61
N TRP A 2994 -24.22 -2.48 51.52
CA TRP A 2994 -23.50 -3.48 52.29
C TRP A 2994 -22.96 -4.57 51.38
N GLU A 2995 -23.79 -5.05 50.44
CA GLU A 2995 -23.31 -6.07 49.53
C GLU A 2995 -22.07 -5.59 48.79
N LEU A 2996 -22.16 -4.44 48.15
CA LEU A 2996 -21.07 -3.99 47.32
C LEU A 2996 -19.84 -3.67 48.15
N ALA A 2997 -20.03 -3.08 49.33
CA ALA A 2997 -18.89 -2.74 50.16
C ALA A 2997 -18.20 -3.99 50.66
N SER A 2998 -18.96 -5.01 51.05
CA SER A 2998 -18.33 -6.26 51.46
C SER A 2998 -17.54 -6.88 50.31
N LEU A 2999 -18.13 -6.86 49.11
CA LEU A 2999 -17.38 -7.35 47.96
C LEU A 2999 -16.09 -6.58 47.78
N ASP A 3000 -16.16 -5.26 47.87
CA ASP A 3000 -14.96 -4.47 47.68
C ASP A 3000 -13.91 -4.79 48.73
N CYS A 3001 -14.33 -4.93 49.98
CA CYS A 3001 -13.38 -5.25 51.03
C CYS A 3001 -12.71 -6.58 50.76
N TYR A 3002 -13.49 -7.58 50.37
CA TYR A 3002 -12.90 -8.87 50.06
C TYR A 3002 -11.91 -8.73 48.91
N ASN A 3003 -12.24 -7.90 47.92
CA ASN A 3003 -11.34 -7.71 46.80
C ASN A 3003 -10.06 -7.02 47.25
N HIS A 3004 -10.15 -6.10 48.20
CA HIS A 3004 -8.94 -5.52 48.77
C HIS A 3004 -8.12 -6.57 49.48
N LEU A 3005 -8.79 -7.48 50.17
CA LEU A 3005 -8.12 -8.65 50.70
C LEU A 3005 -7.92 -9.61 49.55
N ALA A 3006 -7.55 -10.86 49.83
CA ALA A 3006 -7.27 -11.78 48.75
C ALA A 3006 -8.09 -13.06 48.84
N GLU A 3007 -9.21 -13.04 49.57
CA GLU A 3007 -9.98 -14.26 49.77
C GLU A 3007 -10.88 -14.48 48.55
N TRP A 3008 -10.22 -14.83 47.44
CA TRP A 3008 -10.94 -15.02 46.19
C TRP A 3008 -12.04 -16.05 46.35
N LYS A 3009 -11.82 -17.07 47.19
CA LYS A 3009 -12.88 -18.02 47.46
C LYS A 3009 -14.03 -17.35 48.19
N SER A 3010 -13.73 -16.56 49.22
CA SER A 3010 -14.78 -15.87 49.93
C SER A 3010 -15.48 -14.87 49.02
N LEU A 3011 -14.72 -14.18 48.19
CA LEU A 3011 -15.30 -13.25 47.25
C LEU A 3011 -16.24 -13.96 46.29
N GLU A 3012 -15.80 -15.11 45.77
CA GLU A 3012 -16.65 -15.89 44.89
C GLU A 3012 -17.93 -16.31 45.59
N TYR A 3013 -17.79 -16.82 46.81
CA TYR A 3013 -18.96 -17.31 47.53
C TYR A 3013 -19.97 -16.20 47.77
N CYS A 3014 -19.51 -15.06 48.27
CA CYS A 3014 -20.44 -13.98 48.55
C CYS A 3014 -20.90 -13.28 47.28
N SER A 3015 -20.20 -13.47 46.18
CA SER A 3015 -20.52 -12.70 44.98
C SER A 3015 -21.78 -13.24 44.31
N THR A 3016 -21.97 -14.55 44.33
CA THR A 3016 -23.06 -15.16 43.59
C THR A 3016 -24.40 -15.01 44.28
N ALA A 3017 -24.44 -14.50 45.51
CA ALA A 3017 -25.69 -14.44 46.24
C ALA A 3017 -26.51 -13.24 45.79
N SER A 3018 -26.67 -13.08 44.48
CA SER A 3018 -27.59 -12.12 43.91
C SER A 3018 -28.85 -12.79 43.37
N ILE A 3019 -28.89 -14.11 43.40
CA ILE A 3019 -30.01 -14.89 42.88
C ILE A 3019 -30.54 -15.76 44.00
N ASP A 3020 -31.51 -16.61 43.69
CA ASP A 3020 -31.94 -17.64 44.60
C ASP A 3020 -30.74 -18.45 45.08
N SER A 3021 -30.42 -18.34 46.37
CA SER A 3021 -29.19 -18.91 46.91
C SER A 3021 -29.34 -20.34 47.41
N GLU A 3022 -30.56 -20.87 47.42
CA GLU A 3022 -30.76 -22.24 47.89
C GLU A 3022 -30.05 -23.25 47.02
N ASN A 3023 -29.76 -22.90 45.78
CA ASN A 3023 -29.15 -23.78 44.81
C ASN A 3023 -27.68 -23.47 44.64
N PRO A 3024 -26.89 -24.42 44.18
CA PRO A 3024 -25.57 -24.08 43.67
C PRO A 3024 -25.70 -23.06 42.56
N PRO A 3025 -24.94 -21.98 42.61
CA PRO A 3025 -25.18 -20.88 41.68
C PRO A 3025 -25.01 -21.32 40.23
N ASP A 3026 -26.04 -21.07 39.43
CA ASP A 3026 -26.00 -21.34 38.00
C ASP A 3026 -25.42 -20.13 37.30
N LEU A 3027 -24.10 -20.02 37.36
CA LEU A 3027 -23.38 -18.98 36.63
C LEU A 3027 -23.43 -19.36 35.16
N ASN A 3028 -24.59 -19.16 34.55
CA ASN A 3028 -24.80 -19.56 33.18
C ASN A 3028 -25.00 -18.37 32.27
N LYS A 3029 -26.09 -17.66 32.42
CA LYS A 3029 -26.24 -16.34 31.81
C LYS A 3029 -27.04 -15.43 32.71
N ILE A 3030 -27.47 -15.88 33.88
CA ILE A 3030 -28.46 -15.12 34.63
C ILE A 3030 -27.86 -13.85 35.17
N TRP A 3031 -26.60 -13.89 35.58
CA TRP A 3031 -25.94 -12.65 35.92
C TRP A 3031 -25.57 -11.84 34.69
N SER A 3032 -25.99 -12.28 33.51
CA SER A 3032 -26.02 -11.41 32.34
C SER A 3032 -27.44 -10.97 32.01
N GLU A 3033 -28.43 -11.37 32.79
CA GLU A 3033 -29.81 -10.97 32.52
C GLU A 3033 -30.12 -9.56 33.01
N PRO A 3034 -29.98 -9.24 34.32
CA PRO A 3034 -30.37 -7.90 34.78
C PRO A 3034 -29.29 -6.88 34.45
N PHE A 3035 -29.45 -5.66 34.94
CA PHE A 3035 -28.49 -4.61 34.65
C PHE A 3035 -27.72 -4.14 35.87
N TYR A 3036 -28.39 -3.98 37.01
CA TYR A 3036 -27.65 -3.79 38.24
C TYR A 3036 -26.71 -4.95 38.52
N GLN A 3037 -27.05 -6.13 38.01
CA GLN A 3037 -26.12 -7.25 38.10
C GLN A 3037 -24.99 -7.16 37.09
N GLU A 3038 -25.10 -6.28 36.09
CA GLU A 3038 -23.99 -6.10 35.18
C GLU A 3038 -22.81 -5.44 35.85
N THR A 3039 -22.98 -4.93 37.06
CA THR A 3039 -21.86 -4.41 37.83
C THR A 3039 -21.25 -5.45 38.76
N TYR A 3040 -21.97 -6.53 39.07
CA TYR A 3040 -21.32 -7.60 39.80
C TYR A 3040 -20.21 -8.24 39.02
N LEU A 3041 -20.31 -8.25 37.69
CA LEU A 3041 -19.51 -9.16 36.88
C LEU A 3041 -18.04 -9.18 37.23
N PRO A 3042 -17.34 -8.05 37.35
CA PRO A 3042 -15.87 -8.11 37.48
C PRO A 3042 -15.42 -8.92 38.67
N TYR A 3043 -16.13 -8.82 39.78
CA TYR A 3043 -15.74 -9.60 40.94
C TYR A 3043 -15.88 -11.09 40.70
N MET A 3044 -16.97 -11.52 40.05
CA MET A 3044 -17.01 -12.94 39.72
C MET A 3044 -15.87 -13.32 38.80
N ILE A 3045 -15.58 -12.48 37.81
CA ILE A 3045 -14.53 -12.84 36.87
C ILE A 3045 -13.21 -12.99 37.60
N ARG A 3046 -12.84 -11.99 38.38
CA ARG A 3046 -11.55 -11.99 39.04
C ARG A 3046 -11.46 -13.08 40.09
N SER A 3047 -12.54 -13.29 40.84
CA SER A 3047 -12.52 -14.27 41.92
C SER A 3047 -12.12 -15.63 41.38
N LYS A 3048 -12.79 -16.08 40.33
CA LYS A 3048 -12.39 -17.33 39.72
C LYS A 3048 -10.99 -17.18 39.14
N LEU A 3049 -10.77 -16.17 38.32
CA LEU A 3049 -9.55 -16.13 37.52
C LEU A 3049 -8.33 -16.20 38.40
N LYS A 3050 -8.36 -15.54 39.56
CA LYS A 3050 -7.25 -15.63 40.47
C LYS A 3050 -7.06 -17.07 40.96
N LEU A 3051 -8.15 -17.77 41.23
CA LEU A 3051 -8.03 -19.15 41.67
C LEU A 3051 -7.43 -20.01 40.58
N LEU A 3052 -7.96 -19.90 39.36
CA LEU A 3052 -7.46 -20.70 38.25
C LEU A 3052 -6.00 -20.42 37.97
N LEU A 3053 -5.60 -19.15 37.95
CA LEU A 3053 -4.18 -18.85 37.76
C LEU A 3053 -3.36 -19.36 38.93
N GLN A 3054 -3.91 -19.29 40.14
CA GLN A 3054 -3.29 -19.90 41.30
C GLN A 3054 -3.28 -21.42 41.19
N GLY A 3055 -4.06 -21.98 40.28
CA GLY A 3055 -4.06 -23.40 40.05
C GLY A 3055 -5.24 -24.08 40.69
N GLU A 3056 -6.30 -24.30 39.90
CA GLU A 3056 -7.53 -24.91 40.37
C GLU A 3056 -8.23 -25.53 39.18
N ALA A 3057 -8.97 -26.60 39.44
CA ALA A 3057 -9.75 -27.28 38.42
C ALA A 3057 -11.23 -27.05 38.73
N ASP A 3058 -11.80 -26.00 38.14
CA ASP A 3058 -13.22 -25.71 38.29
C ASP A 3058 -14.02 -25.93 37.02
N GLN A 3059 -13.50 -25.47 35.89
CA GLN A 3059 -14.25 -25.45 34.63
C GLN A 3059 -15.60 -24.77 34.83
N SER A 3060 -15.60 -23.67 35.57
CA SER A 3060 -16.82 -22.94 35.85
C SER A 3060 -16.82 -21.58 35.17
N LEU A 3061 -15.84 -20.74 35.49
CA LEU A 3061 -15.67 -19.51 34.74
C LEU A 3061 -15.34 -19.81 33.29
N LEU A 3062 -14.46 -20.78 33.06
CA LEU A 3062 -14.14 -21.14 31.70
C LEU A 3062 -15.37 -21.63 30.97
N THR A 3063 -16.21 -22.41 31.65
CA THR A 3063 -17.46 -22.84 31.06
C THR A 3063 -18.32 -21.66 30.68
N PHE A 3064 -18.54 -20.76 31.62
CA PHE A 3064 -19.34 -19.56 31.36
C PHE A 3064 -18.80 -18.84 30.13
N ILE A 3065 -17.49 -18.67 30.05
CA ILE A 3065 -16.93 -17.87 28.98
C ILE A 3065 -17.06 -18.60 27.65
N ASP A 3066 -16.67 -19.87 27.62
CA ASP A 3066 -16.64 -20.59 26.35
C ASP A 3066 -18.03 -20.70 25.76
N LYS A 3067 -19.03 -20.97 26.59
CA LYS A 3067 -20.38 -20.90 26.06
C LYS A 3067 -20.83 -19.46 25.87
N ALA A 3068 -20.15 -18.51 26.50
CA ALA A 3068 -20.54 -17.12 26.46
C ALA A 3068 -20.00 -16.38 25.26
N MET A 3069 -19.04 -16.95 24.54
CA MET A 3069 -18.70 -16.36 23.26
C MET A 3069 -19.83 -16.51 22.26
N HIS A 3070 -20.89 -17.18 22.64
CA HIS A 3070 -22.15 -17.20 21.92
C HIS A 3070 -23.08 -16.16 22.52
N GLY A 3071 -23.93 -15.58 21.69
CA GLY A 3071 -24.79 -14.52 22.15
C GLY A 3071 -24.14 -13.18 21.93
N GLU A 3072 -24.70 -12.38 21.02
CA GLU A 3072 -24.05 -11.16 20.59
C GLU A 3072 -23.76 -10.23 21.76
N LEU A 3073 -24.70 -10.11 22.69
CA LEU A 3073 -24.46 -9.28 23.86
C LEU A 3073 -23.24 -9.76 24.62
N GLN A 3074 -23.19 -11.03 24.95
CA GLN A 3074 -22.00 -11.59 25.57
C GLN A 3074 -20.81 -11.58 24.61
N LYS A 3075 -21.07 -11.56 23.31
CA LYS A 3075 -19.98 -11.53 22.35
C LYS A 3075 -19.21 -10.22 22.39
N ALA A 3076 -19.84 -9.14 22.85
CA ALA A 3076 -19.22 -7.83 22.80
C ALA A 3076 -18.99 -7.24 24.18
N ILE A 3077 -20.02 -7.19 25.02
CA ILE A 3077 -19.87 -6.55 26.31
C ILE A 3077 -18.82 -7.28 27.14
N LEU A 3078 -18.78 -8.60 27.03
CA LEU A 3078 -17.82 -9.37 27.80
C LEU A 3078 -16.40 -9.00 27.43
N GLU A 3079 -16.06 -9.04 26.14
CA GLU A 3079 -14.71 -8.69 25.76
C GLU A 3079 -14.42 -7.22 25.97
N LEU A 3080 -15.46 -6.38 25.99
CA LEU A 3080 -15.27 -4.95 25.94
C LEU A 3080 -14.38 -4.45 27.08
N HIS A 3081 -14.42 -5.12 28.22
CA HIS A 3081 -13.65 -4.70 29.37
C HIS A 3081 -12.74 -5.76 29.91
N TYR A 3082 -13.00 -7.03 29.63
CA TYR A 3082 -12.25 -8.13 30.21
C TYR A 3082 -11.42 -8.86 29.18
N SER A 3083 -10.92 -8.15 28.18
CA SER A 3083 -10.13 -8.79 27.13
C SER A 3083 -8.89 -9.44 27.72
N GLN A 3084 -8.25 -8.75 28.66
CA GLN A 3084 -7.14 -9.35 29.41
C GLN A 3084 -7.56 -10.69 29.99
N GLU A 3085 -8.73 -10.74 30.60
CA GLU A 3085 -9.21 -11.97 31.19
C GLU A 3085 -9.37 -13.06 30.14
N LEU A 3086 -9.91 -12.69 28.98
CA LEU A 3086 -10.01 -13.63 27.88
C LEU A 3086 -8.65 -14.23 27.56
N SER A 3087 -7.66 -13.35 27.40
CA SER A 3087 -6.34 -13.81 27.01
C SER A 3087 -5.73 -14.69 28.08
N LEU A 3088 -5.99 -14.39 29.35
CA LEU A 3088 -5.55 -15.29 30.40
C LEU A 3088 -6.21 -16.65 30.25
N LEU A 3089 -7.51 -16.67 29.97
CA LEU A 3089 -8.19 -17.94 29.83
C LEU A 3089 -7.57 -18.77 28.73
N TYR A 3090 -7.45 -18.19 27.54
CA TYR A 3090 -6.93 -18.95 26.41
C TYR A 3090 -5.49 -19.37 26.64
N LEU A 3091 -4.69 -18.47 27.22
CA LEU A 3091 -3.35 -18.91 27.59
C LEU A 3091 -3.41 -19.95 28.67
N LEU A 3092 -4.33 -19.80 29.63
CA LEU A 3092 -4.58 -20.89 30.55
C LEU A 3092 -5.10 -22.13 29.83
N GLN A 3093 -5.72 -21.95 28.67
CA GLN A 3093 -6.10 -23.06 27.83
C GLN A 3093 -5.02 -23.40 26.81
N ASP A 3094 -3.89 -22.71 26.87
CA ASP A 3094 -2.69 -23.09 26.13
C ASP A 3094 -2.93 -23.04 24.61
N ASP A 3095 -3.52 -21.94 24.15
CA ASP A 3095 -3.62 -21.67 22.71
C ASP A 3095 -3.30 -20.19 22.49
N VAL A 3096 -2.02 -19.91 22.30
CA VAL A 3096 -1.53 -18.54 22.26
C VAL A 3096 -2.17 -17.78 21.11
N ASP A 3097 -2.57 -18.49 20.06
CA ASP A 3097 -3.24 -17.84 18.94
C ASP A 3097 -4.52 -17.15 19.40
N ARG A 3098 -5.31 -17.83 20.23
CA ARG A 3098 -6.57 -17.25 20.65
C ARG A 3098 -6.35 -16.05 21.55
N ALA A 3099 -5.46 -16.19 22.53
CA ALA A 3099 -5.20 -15.10 23.45
C ALA A 3099 -4.57 -13.90 22.76
N LYS A 3100 -3.85 -14.13 21.66
CA LYS A 3100 -3.16 -13.03 20.99
C LYS A 3100 -4.15 -12.02 20.44
N TYR A 3101 -5.19 -12.50 19.78
CA TYR A 3101 -6.19 -11.60 19.24
C TYR A 3101 -6.85 -10.80 20.34
N TYR A 3102 -7.18 -11.45 21.45
CA TYR A 3102 -7.85 -10.75 22.53
C TYR A 3102 -6.93 -9.76 23.23
N ILE A 3103 -5.64 -10.06 23.34
CA ILE A 3103 -4.75 -9.10 23.97
C ILE A 3103 -4.59 -7.89 23.07
N GLN A 3104 -4.53 -8.12 21.75
CA GLN A 3104 -4.56 -7.01 20.82
C GLN A 3104 -5.79 -6.15 21.06
N ASN A 3105 -6.95 -6.79 21.13
CA ASN A 3105 -8.19 -6.05 21.31
C ASN A 3105 -8.20 -5.30 22.63
N GLY A 3106 -7.64 -5.91 23.67
CA GLY A 3106 -7.59 -5.23 24.95
C GLY A 3106 -6.75 -3.98 24.88
N ILE A 3107 -5.63 -4.05 24.18
CA ILE A 3107 -4.79 -2.87 24.02
C ILE A 3107 -5.55 -1.78 23.27
N GLN A 3108 -6.23 -2.17 22.20
CA GLN A 3108 -6.99 -1.18 21.44
C GLN A 3108 -8.07 -0.54 22.29
N SER A 3109 -8.83 -1.35 23.02
CA SER A 3109 -9.85 -0.81 23.89
C SER A 3109 -9.23 0.08 24.94
N PHE A 3110 -8.01 -0.25 25.37
CA PHE A 3110 -7.34 0.59 26.33
C PHE A 3110 -7.16 1.99 25.80
N MET A 3111 -6.38 2.14 24.71
CA MET A 3111 -6.10 3.53 24.37
C MET A 3111 -7.35 4.21 23.84
N GLN A 3112 -8.35 3.43 23.43
CA GLN A 3112 -9.65 4.07 23.22
C GLN A 3112 -10.17 4.66 24.51
N ASN A 3113 -10.07 3.90 25.61
CA ASN A 3113 -10.53 4.41 26.88
C ASN A 3113 -9.71 5.61 27.31
N TYR A 3114 -8.39 5.46 27.30
CA TYR A 3114 -7.54 6.52 27.82
C TYR A 3114 -7.74 7.80 27.05
N SER A 3115 -7.85 7.71 25.73
CA SER A 3115 -8.03 8.92 24.94
C SER A 3115 -9.33 9.63 25.27
N SER A 3116 -10.34 8.90 25.67
CA SER A 3116 -11.65 9.51 25.86
C SER A 3116 -11.77 10.27 27.16
N ILE A 3117 -10.82 10.13 28.05
CA ILE A 3117 -10.88 10.81 29.33
C ILE A 3117 -10.37 12.23 29.16
N ASP A 3118 -10.87 13.14 29.98
CA ASP A 3118 -10.33 14.48 29.99
C ASP A 3118 -8.98 14.51 30.69
N VAL A 3119 -8.18 15.52 30.36
CA VAL A 3119 -6.89 15.67 30.99
C VAL A 3119 -7.03 15.98 32.47
N LEU A 3120 -8.12 16.67 32.84
CA LEU A 3120 -8.21 17.18 34.20
C LEU A 3120 -8.48 16.08 35.20
N LEU A 3121 -9.15 15.02 34.81
CA LEU A 3121 -9.46 13.98 35.77
C LEU A 3121 -8.19 13.21 36.08
N HIS A 3122 -7.28 13.86 36.80
CA HIS A 3122 -5.98 13.26 37.03
C HIS A 3122 -6.10 11.90 37.69
N GLN A 3123 -6.98 11.78 38.67
CA GLN A 3123 -7.08 10.54 39.41
C GLN A 3123 -7.50 9.40 38.51
N SER A 3124 -8.53 9.61 37.70
CA SER A 3124 -8.98 8.54 36.83
C SER A 3124 -7.92 8.17 35.83
N ARG A 3125 -7.24 9.16 35.27
CA ARG A 3125 -6.22 8.86 34.28
C ARG A 3125 -5.10 8.04 34.88
N LEU A 3126 -4.65 8.42 36.07
CA LEU A 3126 -3.61 7.64 36.72
C LEU A 3126 -4.09 6.23 37.01
N THR A 3127 -5.34 6.10 37.45
CA THR A 3127 -5.87 4.78 37.73
C THR A 3127 -5.86 3.92 36.47
N LYS A 3128 -6.29 4.49 35.35
CA LYS A 3128 -6.26 3.76 34.10
C LYS A 3128 -4.83 3.39 33.73
N LEU A 3129 -3.90 4.32 33.90
CA LEU A 3129 -2.53 4.07 33.48
C LEU A 3129 -1.91 2.93 34.26
N GLN A 3130 -2.15 2.88 35.56
CA GLN A 3130 -1.52 1.84 36.37
C GLN A 3130 -1.83 0.45 35.84
N SER A 3131 -2.93 0.30 35.13
CA SER A 3131 -3.39 -1.00 34.68
C SER A 3131 -2.91 -1.32 33.27
N VAL A 3132 -1.72 -0.87 32.89
CA VAL A 3132 -1.17 -1.24 31.60
C VAL A 3132 0.01 -2.18 31.72
N GLN A 3133 0.74 -2.14 32.84
CA GLN A 3133 1.93 -2.97 32.99
C GLN A 3133 1.60 -4.43 32.73
N ALA A 3134 0.43 -4.88 33.18
CA ALA A 3134 0.04 -6.26 32.95
C ALA A 3134 -0.03 -6.57 31.46
N LEU A 3135 -0.65 -5.68 30.68
CA LEU A 3135 -0.82 -5.93 29.26
C LEU A 3135 0.51 -6.19 28.59
N THR A 3136 1.51 -5.40 28.91
CA THR A 3136 2.82 -5.60 28.32
C THR A 3136 3.40 -6.94 28.73
N GLU A 3137 3.18 -7.34 29.99
CA GLU A 3137 3.67 -8.64 30.41
C GLU A 3137 3.04 -9.76 29.61
N ILE A 3138 1.74 -9.68 29.35
CA ILE A 3138 1.09 -10.71 28.56
C ILE A 3138 1.65 -10.73 27.15
N GLN A 3139 1.80 -9.55 26.54
CA GLN A 3139 2.31 -9.53 25.18
C GLN A 3139 3.72 -10.09 25.12
N GLU A 3140 4.55 -9.74 26.10
CA GLU A 3140 5.90 -10.27 26.12
C GLU A 3140 5.89 -11.78 26.32
N PHE A 3141 5.02 -12.27 27.19
CA PHE A 3141 4.99 -13.71 27.44
C PHE A 3141 4.57 -14.47 26.19
N ILE A 3142 3.58 -13.95 25.47
CA ILE A 3142 3.23 -14.57 24.20
C ILE A 3142 4.43 -14.53 23.27
N SER A 3143 5.05 -13.36 23.14
CA SER A 3143 6.17 -13.21 22.22
C SER A 3143 7.32 -14.14 22.59
N PHE A 3144 7.43 -14.48 23.86
CA PHE A 3144 8.53 -15.29 24.36
C PHE A 3144 8.26 -16.78 24.20
N ILE A 3145 7.17 -17.25 24.81
CA ILE A 3145 6.87 -18.68 24.74
C ILE A 3145 6.64 -19.12 23.31
N SER A 3146 6.22 -18.19 22.44
CA SER A 3146 6.08 -18.54 21.04
C SER A 3146 7.44 -18.67 20.36
N LYS A 3147 8.50 -18.15 20.97
CA LYS A 3147 9.84 -18.29 20.41
C LYS A 3147 10.38 -19.66 20.75
N GLN A 3148 10.56 -20.50 19.73
CA GLN A 3148 10.95 -21.88 19.95
C GLN A 3148 12.39 -22.00 20.42
N GLY A 3149 13.30 -21.26 19.80
CA GLY A 3149 14.70 -21.33 20.20
C GLY A 3149 14.94 -20.85 21.61
N ASN A 3150 14.07 -19.98 22.13
CA ASN A 3150 14.23 -19.47 23.48
C ASN A 3150 13.56 -20.34 24.52
N LEU A 3151 12.46 -21.00 24.17
CA LEU A 3151 11.91 -22.01 25.07
C LEU A 3151 12.78 -23.26 25.12
N SER A 3152 13.77 -23.36 24.23
CA SER A 3152 14.68 -24.49 24.22
C SER A 3152 15.98 -24.22 24.94
N SER A 3153 16.33 -22.94 25.14
CA SER A 3153 17.58 -22.56 25.78
C SER A 3153 17.28 -21.71 27.00
N GLN A 3154 18.10 -21.90 28.04
CA GLN A 3154 17.94 -21.17 29.29
C GLN A 3154 18.63 -19.81 29.28
N VAL A 3155 19.42 -19.51 28.25
CA VAL A 3155 20.08 -18.21 28.19
C VAL A 3155 19.08 -17.05 28.17
N PRO A 3156 18.04 -17.05 27.34
CA PRO A 3156 17.07 -15.96 27.42
C PRO A 3156 16.34 -15.90 28.73
N LEU A 3157 16.24 -17.01 29.45
CA LEU A 3157 15.39 -17.04 30.64
C LEU A 3157 16.01 -16.26 31.78
N LYS A 3158 17.31 -16.43 32.02
CA LYS A 3158 17.97 -15.65 33.06
C LYS A 3158 17.87 -14.16 32.75
N ARG A 3159 18.04 -13.81 31.47
CA ARG A 3159 17.79 -12.44 31.03
C ARG A 3159 16.39 -11.97 31.39
N LEU A 3160 15.39 -12.79 31.06
CA LEU A 3160 14.01 -12.38 31.30
C LEU A 3160 13.74 -12.20 32.79
N LEU A 3161 14.25 -13.08 33.62
CA LEU A 3161 13.99 -12.94 35.04
C LEU A 3161 14.73 -11.75 35.61
N ASN A 3162 15.93 -11.46 35.10
CA ASN A 3162 16.57 -10.20 35.41
C ASN A 3162 15.64 -9.04 35.10
N THR A 3163 15.03 -9.08 33.92
CA THR A 3163 14.10 -8.01 33.55
C THR A 3163 12.95 -7.92 34.54
N TRP A 3164 12.28 -9.04 34.77
CA TRP A 3164 11.05 -9.03 35.54
C TRP A 3164 11.29 -8.78 37.01
N THR A 3165 12.54 -8.91 37.46
CA THR A 3165 12.90 -8.43 38.78
C THR A 3165 13.34 -6.98 38.76
N ASN A 3166 13.75 -6.48 37.59
CA ASN A 3166 14.15 -5.09 37.51
C ASN A 3166 12.95 -4.16 37.60
N ARG A 3167 11.87 -4.47 36.87
CA ARG A 3167 10.70 -3.61 36.88
C ARG A 3167 9.71 -4.09 37.92
N TYR A 3168 8.97 -3.14 38.48
CA TYR A 3168 8.06 -3.42 39.56
C TYR A 3168 7.08 -2.26 39.67
N PRO A 3169 5.99 -2.44 40.37
CA PRO A 3169 5.19 -1.30 40.79
C PRO A 3169 5.97 -0.47 41.80
N ASP A 3170 5.55 0.78 41.95
CA ASP A 3170 6.12 1.61 43.01
C ASP A 3170 5.90 0.95 44.36
N ALA A 3171 6.90 1.06 45.22
CA ALA A 3171 6.79 0.45 46.53
C ALA A 3171 5.73 1.10 47.40
N LYS A 3172 5.32 2.32 47.08
CA LYS A 3172 4.40 3.02 47.96
C LYS A 3172 3.32 3.80 47.23
N MET A 3173 3.18 3.65 45.92
CA MET A 3173 2.18 4.39 45.19
C MET A 3173 1.05 3.53 44.65
N ASP A 3174 1.35 2.34 44.26
CA ASP A 3174 0.36 1.55 43.54
C ASP A 3174 -0.57 0.87 44.52
N PRO A 3175 -1.88 1.02 44.35
CA PRO A 3175 -2.81 0.32 45.21
C PRO A 3175 -2.64 -1.17 45.00
N MET A 3176 -2.93 -1.93 46.06
CA MET A 3176 -2.48 -3.31 46.09
C MET A 3176 -3.13 -4.16 45.01
N ASN A 3177 -4.18 -3.66 44.38
CA ASN A 3177 -4.79 -4.39 43.29
C ASN A 3177 -3.78 -4.70 42.20
N ILE A 3178 -3.09 -3.66 41.73
CA ILE A 3178 -2.13 -3.88 40.66
C ILE A 3178 -1.01 -4.75 41.15
N TRP A 3179 -0.63 -4.58 42.41
CA TRP A 3179 0.40 -5.42 42.98
C TRP A 3179 0.04 -6.89 42.79
N ASP A 3180 -1.11 -7.29 43.33
CA ASP A 3180 -1.47 -8.70 43.28
C ASP A 3180 -1.63 -9.16 41.85
N ASP A 3181 -2.21 -8.32 41.00
CA ASP A 3181 -2.44 -8.73 39.62
C ASP A 3181 -1.14 -9.11 38.96
N ILE A 3182 -0.16 -8.22 39.00
CA ILE A 3182 1.03 -8.55 38.24
C ILE A 3182 1.85 -9.61 38.95
N ILE A 3183 1.78 -9.68 40.27
CA ILE A 3183 2.49 -10.73 40.98
C ILE A 3183 1.97 -12.10 40.56
N THR A 3184 0.64 -12.25 40.58
CA THR A 3184 0.07 -13.51 40.16
C THR A 3184 0.41 -13.81 38.71
N ASN A 3185 0.34 -12.80 37.85
CA ASN A 3185 0.63 -13.04 36.44
C ASN A 3185 2.06 -13.54 36.26
N ARG A 3186 3.02 -12.85 36.87
CA ARG A 3186 4.40 -13.27 36.73
C ARG A 3186 4.61 -14.66 37.34
N CYS A 3187 4.05 -14.90 38.52
CA CYS A 3187 4.28 -16.17 39.18
C CYS A 3187 3.72 -17.32 38.38
N PHE A 3188 2.50 -17.15 37.86
CA PHE A 3188 1.93 -18.19 37.01
C PHE A 3188 2.75 -18.37 35.76
N PHE A 3189 3.21 -17.28 35.17
CA PHE A 3189 4.11 -17.38 34.03
C PHE A 3189 5.31 -18.24 34.36
N LEU A 3190 5.82 -18.13 35.58
CA LEU A 3190 6.88 -19.02 36.01
C LEU A 3190 6.42 -20.46 36.12
N SER A 3191 5.11 -20.70 36.17
CA SER A 3191 4.61 -22.05 36.24
C SER A 3191 4.37 -22.66 34.87
N LYS A 3192 3.97 -21.84 33.90
CA LYS A 3192 3.77 -22.33 32.55
C LYS A 3192 5.06 -22.35 31.76
N ILE A 3193 6.17 -21.95 32.36
CA ILE A 3193 7.44 -21.93 31.66
C ILE A 3193 8.45 -22.92 32.26
N GLU A 3194 8.21 -23.41 33.48
CA GLU A 3194 9.12 -24.40 34.05
C GLU A 3194 9.19 -25.65 33.17
N GLU A 3195 8.13 -25.89 32.41
CA GLU A 3195 8.08 -26.97 31.43
C GLU A 3195 8.36 -26.37 30.07
N LYS A 3196 8.29 -27.20 29.04
CA LYS A 3196 8.59 -26.77 27.67
C LYS A 3196 9.96 -26.13 27.59
N LEU A 3197 10.87 -26.56 28.46
CA LEU A 3197 12.24 -26.07 28.51
C LEU A 3197 13.07 -26.97 29.40
N ASP A 3226 20.04 -24.04 37.85
CA ASP A 3226 19.08 -24.86 37.14
C ASP A 3226 17.67 -24.29 37.27
N ILE A 3227 16.71 -24.98 36.66
CA ILE A 3227 15.34 -24.46 36.58
C ILE A 3227 14.77 -24.25 37.98
N SER A 3228 14.85 -25.27 38.82
CA SER A 3228 14.29 -25.14 40.17
C SER A 3228 15.03 -24.08 40.97
N SER A 3229 16.36 -24.09 40.89
CA SER A 3229 17.13 -23.02 41.53
C SER A 3229 16.81 -21.68 40.90
N LEU A 3230 16.34 -21.68 39.66
CA LEU A 3230 15.98 -20.45 38.98
C LEU A 3230 14.61 -19.97 39.42
N ILE A 3231 13.59 -20.78 39.19
CA ILE A 3231 12.22 -20.29 39.29
C ILE A 3231 11.76 -20.24 40.74
N ARG A 3232 12.15 -21.22 41.54
CA ARG A 3232 11.76 -21.20 42.95
C ARG A 3232 12.29 -19.93 43.63
N SER A 3233 13.55 -19.59 43.36
CA SER A 3233 14.11 -18.38 43.95
C SER A 3233 13.36 -17.14 43.46
N CYS A 3234 13.01 -17.12 42.18
CA CYS A 3234 12.30 -15.96 41.65
C CYS A 3234 10.96 -15.78 42.33
N LYS A 3235 10.20 -16.87 42.46
CA LYS A 3235 8.90 -16.77 43.11
C LYS A 3235 9.05 -16.32 44.55
N PHE A 3236 10.02 -16.88 45.25
CA PHE A 3236 10.24 -16.49 46.64
C PHE A 3236 10.58 -15.02 46.74
N SER A 3237 11.47 -14.53 45.88
CA SER A 3237 11.84 -13.13 45.91
C SER A 3237 10.64 -12.25 45.65
N MET A 3238 9.90 -12.52 44.59
CA MET A 3238 8.75 -11.69 44.26
C MET A 3238 7.76 -11.66 45.41
N LYS A 3239 7.36 -12.83 45.89
CA LYS A 3239 6.41 -12.79 47.00
C LYS A 3239 7.05 -12.34 48.30
N MET A 3240 8.34 -12.02 48.29
CA MET A 3240 8.92 -11.32 49.41
C MET A 3240 8.91 -9.82 49.24
N LYS A 3241 9.12 -9.33 48.02
CA LYS A 3241 9.13 -7.90 47.80
C LYS A 3241 7.73 -7.32 47.83
N MET A 3242 6.72 -8.13 47.56
CA MET A 3242 5.35 -7.69 47.79
C MET A 3242 5.14 -7.29 49.24
N ILE A 3243 5.59 -8.12 50.16
CA ILE A 3243 5.11 -8.00 51.52
C ILE A 3243 5.57 -6.69 52.15
N ASP A 3244 6.79 -6.26 51.86
CA ASP A 3244 7.15 -4.97 52.41
C ASP A 3244 6.42 -3.83 51.74
N SER A 3245 5.79 -4.05 50.59
CA SER A 3245 4.94 -3.02 50.04
C SER A 3245 3.67 -2.90 50.87
N ALA A 3246 2.93 -3.99 51.00
CA ALA A 3246 1.72 -3.95 51.82
C ALA A 3246 2.03 -3.53 53.23
N ARG A 3247 3.21 -3.86 53.74
CA ARG A 3247 3.64 -3.32 55.02
C ARG A 3247 3.78 -1.81 54.93
N LYS A 3248 4.38 -1.33 53.85
CA LYS A 3248 4.55 0.11 53.71
C LYS A 3248 3.21 0.79 53.49
N GLN A 3249 2.36 0.19 52.67
CA GLN A 3249 1.04 0.73 52.41
C GLN A 3249 0.08 0.53 53.57
N ASN A 3250 0.57 0.09 54.72
CA ASN A 3250 -0.23 -0.03 55.91
C ASN A 3250 -1.39 -1.00 55.73
N ASN A 3251 -1.29 -1.88 54.76
CA ASN A 3251 -2.18 -3.02 54.66
C ASN A 3251 -1.56 -4.14 55.46
N PHE A 3252 -2.18 -4.47 56.58
CA PHE A 3252 -1.61 -5.49 57.43
C PHE A 3252 -2.28 -6.84 57.27
N SER A 3253 -3.62 -6.87 57.22
CA SER A 3253 -4.30 -8.15 57.16
C SER A 3253 -3.94 -8.91 55.89
N LEU A 3254 -3.93 -8.23 54.75
CA LEU A 3254 -3.51 -8.90 53.53
C LEU A 3254 -2.08 -9.39 53.64
N ALA A 3255 -1.22 -8.58 54.24
CA ALA A 3255 0.18 -8.94 54.35
C ALA A 3255 0.35 -10.23 55.14
N MET A 3256 -0.24 -10.29 56.34
CA MET A 3256 -0.12 -11.50 57.13
C MET A 3256 -0.76 -12.69 56.44
N LYS A 3257 -1.92 -12.48 55.81
CA LYS A 3257 -2.58 -13.57 55.13
C LYS A 3257 -1.67 -14.17 54.07
N LEU A 3258 -1.02 -13.32 53.28
CA LEU A 3258 -0.14 -13.87 52.27
C LEU A 3258 1.13 -14.43 52.88
N LEU A 3259 1.52 -13.94 54.05
CA LEU A 3259 2.79 -14.36 54.62
C LEU A 3259 2.79 -15.85 54.92
N LYS A 3260 1.69 -16.37 55.45
CA LYS A 3260 1.64 -17.79 55.76
C LYS A 3260 1.73 -18.63 54.51
N GLU A 3261 1.23 -18.11 53.38
CA GLU A 3261 1.33 -18.86 52.14
C GLU A 3261 2.78 -19.07 51.73
N LEU A 3262 3.71 -18.31 52.31
CA LEU A 3262 5.12 -18.50 52.08
C LEU A 3262 5.81 -19.09 53.30
N HIS A 3263 5.04 -19.50 54.30
CA HIS A 3263 5.67 -20.11 55.47
C HIS A 3263 6.27 -21.47 55.14
N LYS A 3264 5.67 -22.20 54.20
CA LYS A 3264 6.17 -23.52 53.86
C LYS A 3264 7.58 -23.44 53.29
N GLU A 3265 7.78 -22.60 52.28
CA GLU A 3265 9.09 -22.46 51.67
C GLU A 3265 10.05 -21.72 52.57
N SER A 3266 9.57 -21.14 53.66
CA SER A 3266 10.48 -20.76 54.72
C SER A 3266 11.16 -21.97 55.34
N LYS A 3267 10.52 -23.14 55.28
CA LYS A 3267 11.13 -24.37 55.74
C LYS A 3267 11.96 -25.04 54.65
N THR A 3268 12.44 -24.27 53.68
CA THR A 3268 13.27 -24.82 52.61
C THR A 3268 14.75 -24.65 52.92
N ARG A 3269 15.18 -23.42 53.10
CA ARG A 3269 16.58 -23.08 53.26
C ARG A 3269 16.80 -22.46 54.62
N ASP A 3270 18.00 -21.94 54.84
CA ASP A 3270 18.26 -21.07 55.98
C ASP A 3270 18.10 -19.61 55.61
N ASP A 3271 18.75 -19.18 54.53
CA ASP A 3271 18.60 -17.80 54.08
C ASP A 3271 17.14 -17.48 53.77
N TRP A 3272 16.44 -18.39 53.11
CA TRP A 3272 15.03 -18.15 52.84
C TRP A 3272 14.27 -17.99 54.13
N LEU A 3273 14.56 -18.83 55.12
CA LEU A 3273 13.85 -18.75 56.38
C LEU A 3273 14.17 -17.47 57.10
N VAL A 3274 15.43 -17.04 57.10
CA VAL A 3274 15.73 -15.79 57.79
C VAL A 3274 15.03 -14.65 57.10
N SER A 3275 14.98 -14.66 55.78
CA SER A 3275 14.24 -13.62 55.07
C SER A 3275 12.79 -13.62 55.52
N TRP A 3276 12.19 -14.81 55.58
CA TRP A 3276 10.80 -14.92 55.99
C TRP A 3276 10.59 -14.37 57.38
N VAL A 3277 11.45 -14.78 58.32
CA VAL A 3277 11.23 -14.39 59.69
C VAL A 3277 11.46 -12.90 59.88
N GLN A 3278 12.46 -12.33 59.19
CA GLN A 3278 12.67 -10.90 59.30
C GLN A 3278 11.51 -10.13 58.71
N SER A 3279 10.97 -10.61 57.59
CA SER A 3279 9.76 -9.99 57.05
C SER A 3279 8.65 -9.99 58.08
N TYR A 3280 8.41 -11.14 58.70
CA TYR A 3280 7.37 -11.22 59.72
C TYR A 3280 7.64 -10.26 60.85
N CYS A 3281 8.89 -10.20 61.31
CA CYS A 3281 9.21 -9.36 62.45
C CYS A 3281 8.99 -7.89 62.14
N ARG A 3282 9.47 -7.45 60.98
CA ARG A 3282 9.20 -6.09 60.56
C ARG A 3282 7.71 -5.82 60.52
N LEU A 3283 6.97 -6.77 59.93
CA LEU A 3283 5.56 -6.55 59.67
C LEU A 3283 4.78 -6.45 60.96
N SER A 3284 4.74 -7.55 61.72
CA SER A 3284 4.04 -7.51 62.99
C SER A 3284 4.64 -6.48 63.92
N HIS A 3285 5.88 -6.06 63.66
CA HIS A 3285 6.42 -4.93 64.38
C HIS A 3285 5.67 -3.66 64.03
N CYS A 3286 5.17 -3.57 62.81
CA CYS A 3286 4.44 -2.37 62.42
C CYS A 3286 3.04 -2.35 63.01
N ARG A 3287 2.35 -3.49 63.03
CA ARG A 3287 0.97 -3.43 63.49
C ARG A 3287 1.01 -3.25 65.00
N SER A 3288 1.46 -2.09 65.45
CA SER A 3288 1.73 -1.87 66.86
C SER A 3288 1.18 -0.54 67.29
N ARG A 3289 -0.09 -0.31 66.98
CA ARG A 3289 -0.70 1.01 67.13
C ARG A 3289 -1.74 1.01 68.24
N SER A 3290 -1.42 0.34 69.34
CA SER A 3290 -2.32 0.28 70.48
C SER A 3290 -1.50 -0.06 71.72
N GLN A 3291 -2.11 0.17 72.88
CA GLN A 3291 -1.46 -0.12 74.15
C GLN A 3291 -1.85 -1.48 74.72
N GLY A 3292 -3.05 -1.95 74.42
CA GLY A 3292 -3.46 -3.26 74.90
C GLY A 3292 -2.97 -4.36 73.98
N CYS A 3293 -2.64 -3.99 72.75
CA CYS A 3293 -2.25 -4.97 71.75
C CYS A 3293 -0.75 -5.12 71.63
N SER A 3294 -0.02 -4.03 71.83
CA SER A 3294 1.41 -4.00 71.49
C SER A 3294 2.15 -5.09 72.24
N GLU A 3295 1.88 -5.22 73.54
CA GLU A 3295 2.55 -6.23 74.33
C GLU A 3295 2.29 -7.61 73.75
N GLN A 3296 1.05 -7.89 73.38
CA GLN A 3296 0.69 -9.20 72.87
C GLN A 3296 1.43 -9.50 71.57
N VAL A 3297 1.36 -8.56 70.63
CA VAL A 3297 1.94 -8.83 69.31
C VAL A 3297 3.46 -8.91 69.40
N LEU A 3298 4.08 -8.08 70.24
CA LEU A 3298 5.53 -8.21 70.35
C LEU A 3298 5.93 -9.44 71.13
N THR A 3299 5.08 -9.95 72.02
CA THR A 3299 5.40 -11.21 72.67
C THR A 3299 5.36 -12.35 71.67
N VAL A 3300 4.32 -12.40 70.83
CA VAL A 3300 4.27 -13.46 69.83
C VAL A 3300 5.42 -13.29 68.86
N LEU A 3301 5.80 -12.05 68.55
CA LEU A 3301 6.95 -11.82 67.69
C LEU A 3301 8.23 -12.31 68.35
N LYS A 3302 8.37 -12.08 69.65
CA LYS A 3302 9.55 -12.54 70.37
C LYS A 3302 9.64 -14.05 70.31
N THR A 3303 8.52 -14.73 70.49
CA THR A 3303 8.51 -16.19 70.39
C THR A 3303 8.94 -16.63 69.00
N VAL A 3304 8.29 -16.11 67.97
CA VAL A 3304 8.53 -16.62 66.63
C VAL A 3304 9.86 -16.19 66.06
N SER A 3305 10.43 -15.09 66.56
CA SER A 3305 11.68 -14.57 66.03
C SER A 3305 12.84 -15.51 66.33
N LEU A 3306 12.70 -16.36 67.33
CA LEU A 3306 13.73 -17.32 67.70
C LEU A 3306 13.52 -18.67 67.05
N LEU A 3307 13.01 -18.69 65.81
CA LEU A 3307 12.58 -19.92 65.15
C LEU A 3307 11.59 -20.70 65.98
N ASP A 3308 11.02 -20.07 67.02
CA ASP A 3308 10.30 -20.70 68.11
C ASP A 3308 11.25 -21.52 68.99
N GLU A 3309 12.48 -21.75 68.53
CA GLU A 3309 13.44 -22.46 69.38
C GLU A 3309 14.74 -21.68 69.60
N ASN A 3310 15.35 -21.15 68.54
CA ASN A 3310 16.60 -20.41 68.66
C ASN A 3310 16.93 -19.78 67.30
N ASN A 3311 18.04 -19.06 67.27
CA ASN A 3311 18.59 -18.53 66.03
C ASN A 3311 19.88 -19.29 65.74
N VAL A 3312 19.83 -20.20 64.78
CA VAL A 3312 20.96 -21.10 64.56
C VAL A 3312 22.17 -20.30 64.08
N SER A 3313 23.36 -20.80 64.41
CA SER A 3313 24.58 -20.05 64.17
C SER A 3313 24.86 -19.83 62.68
N SER A 3314 24.28 -20.64 61.81
CA SER A 3314 24.42 -20.41 60.37
C SER A 3314 24.17 -18.95 60.01
N TYR A 3315 23.38 -18.26 60.83
CA TYR A 3315 22.99 -16.90 60.56
C TYR A 3315 24.20 -15.99 60.53
N LEU A 3316 25.13 -16.15 61.47
CA LEU A 3316 26.36 -15.40 61.40
C LEU A 3316 27.28 -15.96 60.32
N SER A 3317 27.22 -17.27 60.07
CA SER A 3317 27.97 -17.81 58.95
C SER A 3317 27.38 -17.36 57.63
N LYS A 3318 26.05 -17.19 57.58
CA LYS A 3318 25.42 -16.63 56.40
C LYS A 3318 26.00 -15.26 56.08
N ASN A 3319 26.00 -14.36 57.06
CA ASN A 3319 26.75 -13.11 57.01
C ASN A 3319 26.63 -12.46 58.38
N ILE A 3320 27.19 -11.27 58.50
CA ILE A 3320 26.82 -10.41 59.61
C ILE A 3320 25.55 -9.64 59.29
N LEU A 3321 25.25 -9.45 58.01
CA LEU A 3321 24.15 -8.57 57.62
C LEU A 3321 22.82 -9.10 58.11
N ALA A 3322 22.52 -10.36 57.81
CA ALA A 3322 21.29 -10.94 58.33
C ALA A 3322 21.31 -10.94 59.84
N PHE A 3323 22.46 -11.25 60.44
CA PHE A 3323 22.57 -11.18 61.89
C PHE A 3323 22.29 -9.76 62.36
N ARG A 3324 22.89 -8.78 61.69
CA ARG A 3324 22.62 -7.39 62.00
C ARG A 3324 21.13 -7.11 61.99
N ASP A 3325 20.43 -7.65 60.99
CA ASP A 3325 18.99 -7.46 60.93
C ASP A 3325 18.31 -8.06 62.15
N GLN A 3326 18.72 -9.26 62.55
CA GLN A 3326 18.11 -9.86 63.72
C GLN A 3326 18.35 -9.02 64.96
N ASN A 3327 19.58 -8.50 65.09
CA ASN A 3327 19.89 -7.66 66.23
C ASN A 3327 18.99 -6.44 66.28
N ILE A 3328 18.88 -5.74 65.16
CA ILE A 3328 18.10 -4.50 65.16
C ILE A 3328 16.63 -4.80 65.40
N LEU A 3329 16.13 -5.88 64.82
CA LEU A 3329 14.73 -6.21 65.01
C LEU A 3329 14.45 -6.55 66.46
N LEU A 3330 15.32 -7.35 67.08
CA LEU A 3330 15.18 -7.63 68.49
C LEU A 3330 15.19 -6.34 69.30
N GLY A 3331 16.13 -5.46 68.99
CA GLY A 3331 16.25 -4.24 69.77
C GLY A 3331 15.03 -3.37 69.67
N THR A 3332 14.51 -3.19 68.46
CA THR A 3332 13.32 -2.38 68.31
C THR A 3332 12.12 -3.02 68.97
N THR A 3333 12.03 -4.35 68.92
CA THR A 3333 10.96 -5.03 69.64
C THR A 3333 11.01 -4.70 71.12
N TYR A 3334 12.20 -4.83 71.71
CA TYR A 3334 12.34 -4.50 73.11
C TYR A 3334 11.98 -3.06 73.37
N ARG A 3335 12.42 -2.16 72.49
CA ARG A 3335 12.15 -0.74 72.71
C ARG A 3335 10.66 -0.49 72.74
N ILE A 3336 9.93 -1.04 71.77
CA ILE A 3336 8.51 -0.80 71.70
C ILE A 3336 7.80 -1.39 72.91
N ILE A 3337 8.16 -2.61 73.30
CA ILE A 3337 7.42 -3.21 74.39
C ILE A 3337 7.71 -2.47 75.69
N ALA A 3338 8.96 -2.04 75.88
CA ALA A 3338 9.28 -1.29 77.07
C ALA A 3338 8.59 0.06 77.06
N ASN A 3339 8.45 0.66 75.87
CA ASN A 3339 7.72 1.91 75.77
C ASN A 3339 6.26 1.70 76.14
N ALA A 3340 5.70 0.56 75.73
CA ALA A 3340 4.34 0.24 76.13
C ALA A 3340 4.23 0.14 77.64
N LEU A 3341 5.21 -0.52 78.26
CA LEU A 3341 5.22 -0.61 79.72
C LEU A 3341 5.31 0.76 80.35
N SER A 3342 6.22 1.59 79.87
CA SER A 3342 6.45 2.90 80.45
C SER A 3342 5.26 3.83 80.24
N SER A 3343 4.59 3.70 79.11
CA SER A 3343 3.43 4.54 78.83
C SER A 3343 2.33 4.31 79.83
N GLU A 3344 2.08 3.05 80.17
CA GLU A 3344 1.07 2.70 81.16
C GLU A 3344 1.71 1.78 82.18
N PRO A 3345 2.51 2.34 83.09
CA PRO A 3345 3.08 1.52 84.17
C PRO A 3345 2.02 0.97 85.09
N ALA A 3346 0.82 1.54 85.09
CA ALA A 3346 -0.22 1.07 85.98
C ALA A 3346 -0.93 -0.16 85.42
N CYS A 3347 -1.43 -0.06 84.20
CA CYS A 3347 -2.26 -1.10 83.62
C CYS A 3347 -1.49 -1.84 82.53
N LEU A 3348 -1.76 -3.14 82.44
CA LEU A 3348 -1.16 -4.03 81.44
C LEU A 3348 0.33 -4.16 81.69
N ALA A 3349 0.85 -3.40 82.66
CA ALA A 3349 2.22 -3.60 83.09
C ALA A 3349 2.35 -4.88 83.88
N GLU A 3350 1.27 -5.29 84.53
CA GLU A 3350 1.22 -6.54 85.26
C GLU A 3350 0.02 -7.40 84.91
N ILE A 3351 -1.04 -6.82 84.32
CA ILE A 3351 -2.22 -7.56 83.95
C ILE A 3351 -2.17 -7.84 82.46
N GLU A 3352 -2.37 -9.10 82.10
CA GLU A 3352 -2.47 -9.52 80.72
C GLU A 3352 -3.31 -10.79 80.73
N GLU A 3353 -3.34 -11.48 79.59
CA GLU A 3353 -4.00 -12.77 79.54
C GLU A 3353 -3.07 -13.90 79.97
N ASP A 3354 -2.06 -13.58 80.76
CA ASP A 3354 -1.01 -14.47 81.24
C ASP A 3354 -0.13 -14.97 80.11
N LYS A 3355 -0.36 -14.54 78.87
CA LYS A 3355 0.56 -14.88 77.79
C LYS A 3355 1.95 -14.34 78.07
N ALA A 3356 2.03 -13.17 78.68
CA ALA A 3356 3.30 -12.63 79.12
C ALA A 3356 3.60 -12.96 80.57
N ARG A 3357 2.67 -13.62 81.26
CA ARG A 3357 2.92 -13.97 82.65
C ARG A 3357 4.17 -14.81 82.74
N ARG A 3358 5.17 -14.28 83.45
CA ARG A 3358 6.48 -14.87 83.64
C ARG A 3358 7.26 -14.92 82.33
N ILE A 3359 6.64 -14.58 81.20
CA ILE A 3359 7.33 -14.56 79.93
C ILE A 3359 7.74 -13.12 79.70
N LEU A 3360 6.94 -12.19 80.20
CA LEU A 3360 7.40 -10.81 80.32
C LEU A 3360 8.68 -10.74 81.16
N GLU A 3361 8.63 -11.32 82.35
CA GLU A 3361 9.78 -11.29 83.23
C GLU A 3361 10.91 -12.15 82.70
N LEU A 3362 10.57 -13.26 82.03
CA LEU A 3362 11.59 -14.07 81.37
C LEU A 3362 12.35 -13.25 80.35
N SER A 3363 11.63 -12.64 79.41
CA SER A 3363 12.27 -11.77 78.44
C SER A 3363 12.95 -10.60 79.12
N GLY A 3364 12.34 -10.10 80.19
CA GLY A 3364 12.90 -9.00 80.94
C GLY A 3364 13.95 -9.48 81.92
N SER A 3365 14.37 -8.56 82.78
CA SER A 3365 15.30 -8.90 83.84
C SER A 3365 14.56 -9.53 85.00
N SER A 3366 15.25 -10.40 85.72
CA SER A 3366 14.70 -10.94 86.95
C SER A 3366 14.56 -9.80 87.95
N SER A 3367 13.33 -9.32 88.14
CA SER A 3367 13.10 -8.19 89.02
C SER A 3367 11.90 -8.50 89.91
N GLU A 3368 11.87 -7.85 91.07
CA GLU A 3368 10.95 -8.22 92.13
C GLU A 3368 9.83 -7.21 92.30
N ASP A 3369 9.51 -6.47 91.24
CA ASP A 3369 8.41 -5.54 91.26
C ASP A 3369 7.71 -5.65 89.91
N SER A 3370 6.88 -4.66 89.60
CA SER A 3370 6.17 -4.63 88.32
C SER A 3370 6.40 -3.33 87.57
N GLU A 3371 7.40 -2.55 87.96
CA GLU A 3371 7.68 -1.34 87.18
C GLU A 3371 9.13 -1.22 86.77
N LYS A 3372 10.07 -1.60 87.63
CA LYS A 3372 11.47 -1.37 87.32
C LYS A 3372 12.01 -2.37 86.31
N VAL A 3373 11.24 -3.43 86.00
CA VAL A 3373 11.67 -4.38 85.01
C VAL A 3373 11.99 -3.68 83.71
N ILE A 3374 11.28 -2.58 83.44
CA ILE A 3374 11.51 -1.78 82.24
C ILE A 3374 12.96 -1.33 82.17
N ALA A 3375 13.60 -1.10 83.33
CA ALA A 3375 15.00 -0.73 83.31
C ALA A 3375 15.83 -1.82 82.67
N GLY A 3376 15.61 -3.07 83.07
CA GLY A 3376 16.31 -4.17 82.45
C GLY A 3376 15.94 -4.34 80.99
N LEU A 3377 14.66 -4.10 80.66
CA LEU A 3377 14.26 -4.18 79.28
C LEU A 3377 15.05 -3.23 78.42
N TYR A 3378 15.07 -1.95 78.81
CA TYR A 3378 15.83 -0.95 78.07
C TYR A 3378 17.31 -1.29 78.08
N GLN A 3379 17.80 -1.83 79.19
CA GLN A 3379 19.21 -2.16 79.27
C GLN A 3379 19.58 -3.20 78.24
N ARG A 3380 18.86 -4.31 78.20
CA ARG A 3380 19.21 -5.35 77.24
C ARG A 3380 18.88 -4.91 75.82
N ALA A 3381 17.90 -4.04 75.64
CA ALA A 3381 17.69 -3.48 74.32
C ALA A 3381 18.90 -2.68 73.87
N PHE A 3382 19.45 -1.88 74.77
CA PHE A 3382 20.65 -1.12 74.49
C PHE A 3382 21.80 -2.06 74.15
N GLN A 3383 21.93 -3.14 74.91
CA GLN A 3383 22.93 -4.14 74.62
C GLN A 3383 22.74 -4.69 73.22
N HIS A 3384 21.49 -4.98 72.88
CA HIS A 3384 21.19 -5.60 71.60
C HIS A 3384 21.54 -4.66 70.46
N LEU A 3385 21.22 -3.38 70.63
CA LEU A 3385 21.53 -2.41 69.59
C LEU A 3385 23.02 -2.16 69.49
N SER A 3386 23.72 -2.19 70.62
CA SER A 3386 25.17 -2.08 70.58
C SER A 3386 25.76 -3.25 69.82
N GLU A 3387 25.20 -4.45 70.05
CA GLU A 3387 25.57 -5.60 69.25
C GLU A 3387 25.32 -5.34 67.78
N ALA A 3388 24.17 -4.73 67.48
CA ALA A 3388 23.80 -4.48 66.10
C ALA A 3388 24.79 -3.54 65.42
N VAL A 3389 25.14 -2.44 66.09
CA VAL A 3389 26.04 -1.48 65.48
C VAL A 3389 27.44 -2.07 65.37
N GLN A 3390 27.85 -2.87 66.35
CA GLN A 3390 29.13 -3.55 66.23
C GLN A 3390 29.12 -4.49 65.05
N ALA A 3391 27.99 -5.13 64.78
CA ALA A 3391 27.85 -5.89 63.55
C ALA A 3391 27.97 -4.99 62.34
N ALA A 3392 27.39 -3.79 62.42
CA ALA A 3392 27.31 -2.91 61.27
C ALA A 3392 28.69 -2.39 60.87
N GLU A 3393 29.51 -2.02 61.85
CA GLU A 3393 30.78 -1.38 61.54
C GLU A 3393 31.66 -2.24 60.66
N GLU A 3394 31.50 -3.56 60.73
CA GLU A 3394 32.25 -4.43 59.85
C GLU A 3394 31.84 -4.18 58.40
N GLU A 3395 32.84 -4.03 57.53
CA GLU A 3395 32.59 -3.85 56.11
C GLU A 3395 32.35 -5.16 55.38
N ALA A 3396 32.46 -6.30 56.06
CA ALA A 3396 32.15 -7.58 55.44
C ALA A 3396 30.65 -7.74 55.30
N ALA A 3406 22.82 -0.43 49.39
CA ALA A 3406 23.69 -0.83 50.48
C ALA A 3406 23.48 0.08 51.69
N ALA A 3407 22.23 0.37 52.00
CA ALA A 3407 21.86 1.28 53.08
C ALA A 3407 21.59 0.55 54.38
N GLY A 3408 22.19 -0.62 54.59
CA GLY A 3408 21.98 -1.34 55.82
C GLY A 3408 22.71 -0.76 57.00
N VAL A 3409 23.92 -0.23 56.76
CA VAL A 3409 24.75 0.23 57.87
C VAL A 3409 24.13 1.44 58.54
N ILE A 3410 23.54 2.35 57.76
CA ILE A 3410 22.95 3.55 58.34
C ILE A 3410 21.82 3.18 59.27
N ASP A 3411 21.18 2.03 59.03
CA ASP A 3411 19.97 1.69 59.76
C ASP A 3411 20.27 1.54 61.24
N ALA A 3412 21.26 0.71 61.57
CA ALA A 3412 21.61 0.52 62.97
C ALA A 3412 22.08 1.82 63.59
N TYR A 3413 22.93 2.56 62.87
CA TYR A 3413 23.40 3.84 63.37
C TYR A 3413 22.24 4.70 63.82
N MET A 3414 21.36 5.04 62.87
CA MET A 3414 20.25 5.93 63.18
C MET A 3414 19.33 5.33 64.22
N THR A 3415 19.17 4.01 64.22
CA THR A 3415 18.25 3.40 65.17
C THR A 3415 18.74 3.62 66.60
N LEU A 3416 19.99 3.24 66.86
CA LEU A 3416 20.55 3.47 68.18
C LEU A 3416 20.59 4.95 68.49
N ALA A 3417 20.85 5.76 67.47
CA ALA A 3417 20.91 7.19 67.64
C ALA A 3417 19.59 7.71 68.18
N ASP A 3418 18.50 7.34 67.53
CA ASP A 3418 17.19 7.78 67.95
C ASP A 3418 16.84 7.23 69.32
N PHE A 3419 17.20 5.98 69.57
CA PHE A 3419 16.93 5.40 70.88
C PHE A 3419 17.57 6.23 71.97
N CYS A 3420 18.87 6.48 71.85
CA CYS A 3420 19.55 7.29 72.85
C CYS A 3420 19.00 8.71 72.87
N ASP A 3421 18.58 9.22 71.72
CA ASP A 3421 18.02 10.56 71.68
C ASP A 3421 16.79 10.66 72.57
N GLN A 3422 15.83 9.77 72.36
CA GLN A 3422 14.64 9.82 73.19
C GLN A 3422 14.97 9.48 74.63
N GLN A 3423 15.99 8.66 74.84
CA GLN A 3423 16.37 8.34 76.21
C GLN A 3423 16.84 9.60 76.94
N LEU A 3424 17.77 10.32 76.33
CA LEU A 3424 18.26 11.55 76.93
C LEU A 3424 17.16 12.59 77.01
N ARG A 3425 16.22 12.55 76.09
CA ARG A 3425 15.19 13.58 76.10
C ARG A 3425 14.19 13.33 77.22
N LYS A 3426 13.77 12.08 77.40
CA LYS A 3426 12.76 11.79 78.41
C LYS A 3426 13.32 11.98 79.80
N GLU A 3427 14.59 11.64 80.01
CA GLU A 3427 15.15 11.74 81.35
C GLU A 3427 15.17 13.17 81.84
N GLU A 3428 15.05 14.14 80.93
CA GLU A 3428 14.80 15.50 81.35
C GLU A 3428 13.37 15.60 81.88
N GLU A 3429 13.21 15.44 83.18
CA GLU A 3429 11.90 15.51 83.80
C GLU A 3429 11.39 16.94 83.80
N LEU A 3439 24.31 3.62 81.23
CA LEU A 3439 23.69 4.61 82.09
C LEU A 3439 23.57 5.96 81.41
N GLN A 3440 24.70 6.63 81.29
CA GLN A 3440 24.71 8.00 80.80
C GLN A 3440 25.83 8.29 79.82
N ALA A 3441 26.66 7.31 79.48
CA ALA A 3441 27.69 7.56 78.48
C ALA A 3441 27.10 7.70 77.09
N TYR A 3442 25.79 7.63 76.96
CA TYR A 3442 25.15 7.64 75.65
C TYR A 3442 25.54 8.82 74.78
N PRO A 3443 25.58 10.07 75.27
CA PRO A 3443 25.88 11.19 74.38
C PRO A 3443 27.04 10.97 73.44
N ALA A 3444 28.16 10.45 73.95
CA ALA A 3444 29.28 10.13 73.08
C ALA A 3444 28.85 9.15 72.00
N LEU A 3445 28.15 8.10 72.40
CA LEU A 3445 27.74 7.08 71.46
C LEU A 3445 26.89 7.68 70.36
N VAL A 3446 25.83 8.38 70.74
CA VAL A 3446 24.88 8.88 69.77
C VAL A 3446 25.54 9.89 68.85
N VAL A 3447 26.36 10.78 69.41
CA VAL A 3447 27.02 11.79 68.60
C VAL A 3447 27.90 11.14 67.56
N GLU A 3448 28.81 10.26 68.02
CA GLU A 3448 29.76 9.67 67.09
C GLU A 3448 29.03 8.84 66.05
N LYS A 3449 28.00 8.11 66.45
CA LYS A 3449 27.35 7.20 65.53
C LYS A 3449 26.59 7.95 64.45
N MET A 3450 25.76 8.93 64.83
CA MET A 3450 25.08 9.58 63.74
C MET A 3450 25.99 10.50 62.95
N LEU A 3451 27.11 10.92 63.52
CA LEU A 3451 28.06 11.64 62.67
C LEU A 3451 28.64 10.70 61.64
N LYS A 3452 28.91 9.45 62.03
CA LYS A 3452 29.32 8.45 61.06
C LYS A 3452 28.25 8.28 59.99
N ALA A 3453 26.99 8.22 60.40
CA ALA A 3453 25.91 8.07 59.43
C ALA A 3453 25.84 9.28 58.52
N LEU A 3454 26.04 10.47 59.07
CA LEU A 3454 26.02 11.69 58.29
C LEU A 3454 27.17 11.72 57.31
N LYS A 3455 28.28 11.05 57.63
CA LYS A 3455 29.31 10.85 56.63
C LYS A 3455 28.72 10.20 55.40
N LEU A 3456 27.76 9.31 55.59
CA LEU A 3456 26.96 8.82 54.47
C LEU A 3456 25.81 9.79 54.20
N ASN A 3457 25.22 9.64 53.03
CA ASN A 3457 24.08 10.49 52.68
C ASN A 3457 22.85 10.06 53.48
N SER A 3458 22.91 10.24 54.78
CA SER A 3458 21.81 9.87 55.68
C SER A 3458 20.95 11.11 55.90
N ASN A 3459 20.12 11.41 54.90
CA ASN A 3459 19.32 12.63 54.95
C ASN A 3459 18.47 12.68 56.20
N GLU A 3460 18.02 11.53 56.67
CA GLU A 3460 17.26 11.48 57.91
C GLU A 3460 18.03 12.14 59.04
N ALA A 3461 19.31 11.84 59.18
CA ALA A 3461 20.10 12.48 60.22
C ALA A 3461 20.40 13.92 59.87
N ARG A 3462 20.53 14.24 58.58
CA ARG A 3462 20.69 15.62 58.17
C ARG A 3462 19.61 16.49 58.77
N LEU A 3463 18.47 15.89 59.08
CA LEU A 3463 17.37 16.57 59.69
C LEU A 3463 17.53 16.70 61.19
N LYS A 3464 18.60 16.15 61.77
CA LYS A 3464 18.73 16.11 63.21
C LYS A 3464 20.04 16.68 63.73
N PHE A 3465 20.85 17.30 62.89
CA PHE A 3465 22.05 17.96 63.40
C PHE A 3465 21.77 18.97 64.51
N PRO A 3466 20.74 19.81 64.43
CA PRO A 3466 20.49 20.72 65.56
C PRO A 3466 20.31 20.00 66.87
N ARG A 3467 19.81 18.77 66.84
CA ARG A 3467 19.78 17.99 68.07
C ARG A 3467 21.17 17.84 68.65
N LEU A 3468 22.14 17.51 67.79
CA LEU A 3468 23.52 17.40 68.24
C LEU A 3468 23.96 18.70 68.86
N LEU A 3469 23.74 19.80 68.15
CA LEU A 3469 24.09 21.10 68.70
C LEU A 3469 23.47 21.29 70.06
N GLN A 3470 22.26 20.78 70.25
CA GLN A 3470 21.58 20.93 71.52
C GLN A 3470 22.28 20.14 72.61
N ILE A 3471 22.80 18.96 72.26
CA ILE A 3471 23.31 18.03 73.27
C ILE A 3471 24.49 18.63 74.01
N ILE A 3472 25.44 19.24 73.28
CA ILE A 3472 26.67 19.67 73.90
C ILE A 3472 26.44 20.73 74.93
N GLU A 3473 25.38 21.52 74.80
CA GLU A 3473 25.13 22.61 75.72
C GLU A 3473 24.71 22.12 77.10
N ARG A 3474 24.35 20.85 77.23
CA ARG A 3474 24.17 20.24 78.54
C ARG A 3474 25.23 19.21 78.84
N TYR A 3475 25.85 18.61 77.82
CA TYR A 3475 26.99 17.73 78.00
C TYR A 3475 28.14 18.23 77.15
N PRO A 3476 28.85 19.24 77.66
CA PRO A 3476 30.00 19.86 76.98
C PRO A 3476 31.23 18.95 77.00
N GLU A 3477 31.08 17.76 77.59
CA GLU A 3477 32.18 16.81 77.68
C GLU A 3477 32.43 16.12 76.34
N GLU A 3478 31.38 15.98 75.55
CA GLU A 3478 31.49 15.34 74.24
C GLU A 3478 31.54 16.37 73.12
N THR A 3479 32.17 17.51 73.40
CA THR A 3479 32.28 18.58 72.41
C THR A 3479 33.70 19.11 72.33
N LEU A 3480 34.64 18.39 72.94
CA LEU A 3480 36.04 18.79 72.94
C LEU A 3480 36.85 17.94 71.97
N SER A 3481 37.19 16.73 72.39
CA SER A 3481 37.98 15.81 71.57
C SER A 3481 37.08 14.72 70.98
N LEU A 3482 35.78 14.98 70.93
CA LEU A 3482 34.82 14.02 70.40
C LEU A 3482 34.11 14.57 69.17
N MET A 3483 33.45 15.71 69.34
CA MET A 3483 32.72 16.34 68.24
C MET A 3483 33.67 16.95 67.22
N THR A 3484 34.61 17.76 67.70
CA THR A 3484 35.59 18.41 66.83
C THR A 3484 36.36 17.37 66.01
N LYS A 3485 36.82 16.32 66.68
CA LYS A 3485 37.57 15.27 66.02
C LYS A 3485 36.78 14.61 64.91
N GLU A 3486 35.50 14.37 65.15
CA GLU A 3486 34.63 13.75 64.16
C GLU A 3486 34.05 14.76 63.18
N ILE A 3487 34.15 16.07 63.49
CA ILE A 3487 33.72 17.08 62.55
C ILE A 3487 34.45 16.93 61.23
N SER A 3488 35.66 16.36 61.26
CA SER A 3488 36.40 16.03 60.04
C SER A 3488 35.51 15.38 58.99
N SER A 3489 34.46 14.70 59.42
CA SER A 3489 33.45 14.24 58.48
C SER A 3489 32.74 15.45 57.92
N VAL A 3490 33.15 15.87 56.73
CA VAL A 3490 32.64 17.10 56.10
C VAL A 3490 32.16 16.76 54.70
N PRO A 3491 31.08 16.01 54.58
CA PRO A 3491 30.71 15.45 53.29
C PRO A 3491 30.17 16.47 52.30
N CYS A 3492 29.54 15.95 51.25
CA CYS A 3492 29.20 16.74 50.07
C CYS A 3492 28.16 17.77 50.43
N TRP A 3493 28.64 18.97 50.75
CA TRP A 3493 27.81 20.16 50.88
C TRP A 3493 26.54 19.88 51.69
N GLN A 3494 26.74 19.29 52.84
CA GLN A 3494 25.67 19.27 53.82
C GLN A 3494 25.99 20.29 54.90
N PHE A 3495 25.18 20.29 55.96
CA PHE A 3495 25.20 21.30 57.02
C PHE A 3495 24.56 22.58 56.49
N ILE A 3496 24.29 22.61 55.19
CA ILE A 3496 23.86 23.86 54.57
C ILE A 3496 22.46 24.22 55.00
N SER A 3497 21.71 23.29 55.56
CA SER A 3497 20.34 23.54 55.97
C SER A 3497 20.23 24.02 57.40
N TRP A 3498 21.34 24.36 58.02
CA TRP A 3498 21.29 24.81 59.41
C TRP A 3498 22.25 25.95 59.65
N ILE A 3499 22.55 26.71 58.59
CA ILE A 3499 23.59 27.71 58.68
C ILE A 3499 23.25 28.72 59.75
N SER A 3500 22.00 29.16 59.78
CA SER A 3500 21.61 30.10 60.83
C SER A 3500 21.92 29.55 62.21
N HIS A 3501 21.82 28.22 62.37
CA HIS A 3501 21.98 27.64 63.68
C HIS A 3501 23.45 27.65 64.09
N MET A 3502 24.34 27.16 63.22
CA MET A 3502 25.74 27.16 63.60
C MET A 3502 26.32 28.55 63.66
N VAL A 3503 25.99 29.41 62.70
CA VAL A 3503 26.48 30.76 62.74
C VAL A 3503 25.97 31.47 63.98
N ALA A 3504 24.81 31.05 64.49
CA ALA A 3504 24.39 31.53 65.80
C ALA A 3504 25.29 31.01 66.91
N LEU A 3505 25.98 29.88 66.68
CA LEU A 3505 26.78 29.32 67.74
C LEU A 3505 28.10 30.05 67.94
N LEU A 3506 28.70 30.56 66.87
CA LEU A 3506 30.06 31.07 66.96
C LEU A 3506 30.19 32.15 68.01
N ASP A 3507 29.13 32.93 68.24
CA ASP A 3507 29.19 33.95 69.29
C ASP A 3507 29.44 33.31 70.64
N LYS A 3508 28.66 32.30 70.99
CA LYS A 3508 28.87 31.59 72.23
C LYS A 3508 30.04 30.63 72.03
N ASP A 3509 30.69 30.26 73.12
CA ASP A 3509 31.94 29.51 73.05
C ASP A 3509 31.66 28.08 72.59
N GLN A 3510 32.70 27.24 72.64
CA GLN A 3510 32.61 25.84 72.25
C GLN A 3510 32.15 25.71 70.80
N ALA A 3511 32.49 26.68 69.99
CA ALA A 3511 32.15 26.66 68.58
C ALA A 3511 33.30 26.12 67.75
N VAL A 3512 34.36 25.65 68.40
CA VAL A 3512 35.51 25.15 67.66
C VAL A 3512 35.10 24.01 66.75
N ALA A 3513 34.22 23.13 67.25
CA ALA A 3513 33.73 22.03 66.44
C ALA A 3513 33.13 22.54 65.13
N VAL A 3514 32.38 23.63 65.20
CA VAL A 3514 31.82 24.21 63.99
C VAL A 3514 32.69 25.33 63.45
N GLN A 3515 33.57 25.91 64.28
CA GLN A 3515 34.65 26.74 63.75
C GLN A 3515 35.30 26.05 62.56
N HIS A 3516 35.79 24.85 62.78
CA HIS A 3516 36.52 24.16 61.75
C HIS A 3516 35.61 23.55 60.69
N SER A 3517 34.33 23.88 60.69
CA SER A 3517 33.45 23.55 59.57
C SER A 3517 33.06 24.76 58.75
N VAL A 3518 32.77 25.86 59.43
CA VAL A 3518 32.72 27.16 58.77
C VAL A 3518 33.99 27.36 57.97
N GLU A 3519 35.11 26.87 58.53
CA GLU A 3519 36.39 27.03 57.87
C GLU A 3519 36.34 26.57 56.42
N GLU A 3520 35.66 25.47 56.15
CA GLU A 3520 35.56 25.00 54.78
C GLU A 3520 34.36 25.55 54.05
N ILE A 3521 33.23 25.71 54.73
CA ILE A 3521 32.04 26.15 54.02
C ILE A 3521 32.22 27.55 53.48
N THR A 3522 33.04 28.36 54.14
CA THR A 3522 33.29 29.68 53.62
C THR A 3522 34.19 29.66 52.40
N ASP A 3523 34.67 28.49 52.01
CA ASP A 3523 35.62 28.39 50.90
C ASP A 3523 34.98 27.79 49.66
N ASN A 3524 34.48 26.56 49.75
CA ASN A 3524 33.97 25.90 48.56
C ASN A 3524 32.66 26.54 48.11
N TYR A 3525 31.73 26.74 49.04
CA TYR A 3525 30.45 27.39 48.74
C TYR A 3525 30.40 28.72 49.46
N PRO A 3526 30.87 29.79 48.84
CA PRO A 3526 30.80 31.09 49.48
C PRO A 3526 29.38 31.63 49.43
N GLN A 3527 29.16 32.67 50.22
CA GLN A 3527 27.96 33.51 50.10
C GLN A 3527 26.71 32.75 50.51
N ALA A 3528 26.82 31.45 50.71
CA ALA A 3528 25.76 30.75 51.39
C ALA A 3528 25.69 31.16 52.84
N ILE A 3529 26.70 31.86 53.31
CA ILE A 3529 26.76 32.29 54.69
C ILE A 3529 26.38 33.75 54.84
N VAL A 3530 26.58 34.56 53.80
CA VAL A 3530 26.65 36.00 53.98
C VAL A 3530 25.36 36.53 54.59
N TYR A 3531 24.21 36.06 54.13
CA TYR A 3531 22.97 36.56 54.72
C TYR A 3531 22.82 36.06 56.14
N PRO A 3532 22.85 34.75 56.41
CA PRO A 3532 22.76 34.32 57.81
C PRO A 3532 23.86 34.90 58.65
N PHE A 3533 25.06 35.01 58.09
CA PHE A 3533 26.15 35.59 58.84
C PHE A 3533 25.83 37.01 59.26
N ILE A 3534 25.52 37.86 58.30
CA ILE A 3534 25.31 39.27 58.60
C ILE A 3534 24.16 39.44 59.57
N ILE A 3535 23.04 38.76 59.33
CA ILE A 3535 21.92 38.89 60.24
C ILE A 3535 22.34 38.47 61.64
N SER A 3536 23.03 37.34 61.74
CA SER A 3536 23.58 36.93 63.03
C SER A 3536 24.63 37.91 63.52
N SER A 3537 25.52 38.33 62.64
CA SER A 3537 26.67 39.14 63.03
C SER A 3537 26.28 40.49 63.55
N GLU A 3538 25.00 40.86 63.46
CA GLU A 3538 24.57 42.15 63.96
C GLU A 3538 24.78 42.28 65.45
N SER A 3539 24.94 41.17 66.17
CA SER A 3539 25.14 41.23 67.61
C SER A 3539 25.96 40.01 68.04
N TYR A 3540 27.27 40.21 68.19
CA TYR A 3540 28.15 39.19 68.75
C TYR A 3540 28.79 39.70 70.03
N SER A 3541 28.64 38.92 71.10
CA SER A 3541 29.22 39.22 72.39
C SER A 3541 29.97 37.99 72.90
N PHE A 3542 31.05 38.23 73.63
CA PHE A 3542 31.98 37.16 73.98
C PHE A 3542 32.31 37.08 75.46
N LYS A 3543 32.16 38.17 76.22
CA LYS A 3543 32.19 38.21 77.68
C LYS A 3543 33.51 37.68 78.23
N ASP A 3544 34.42 37.28 77.34
CA ASP A 3544 35.73 36.80 77.75
C ASP A 3544 36.64 36.91 76.55
N THR A 3545 37.62 37.81 76.63
CA THR A 3545 38.60 37.97 75.58
C THR A 3545 39.84 37.12 75.85
N SER A 3546 39.79 36.28 76.87
CA SER A 3546 40.78 35.25 77.09
C SER A 3546 40.29 33.91 76.54
N THR A 3547 39.19 33.41 77.08
CA THR A 3547 38.61 32.16 76.61
C THR A 3547 37.64 32.44 75.47
N GLY A 3548 37.74 31.66 74.42
CA GLY A 3548 36.94 31.92 73.25
C GLY A 3548 37.31 33.19 72.52
N HIS A 3549 38.41 33.82 72.91
CA HIS A 3549 38.85 35.03 72.21
C HIS A 3549 39.07 34.76 70.74
N LYS A 3550 39.39 33.51 70.40
CA LYS A 3550 39.54 33.14 68.99
C LYS A 3550 38.27 33.46 68.23
N ASN A 3551 37.12 33.17 68.82
CA ASN A 3551 35.85 33.56 68.20
C ASN A 3551 35.89 35.02 67.82
N LYS A 3552 36.33 35.88 68.75
CA LYS A 3552 36.60 37.27 68.46
C LYS A 3552 37.31 37.44 67.13
N GLU A 3553 38.54 36.93 67.04
CA GLU A 3553 39.28 37.13 65.80
C GLU A 3553 38.54 36.48 64.65
N PHE A 3554 37.94 35.32 64.89
CA PHE A 3554 37.26 34.64 63.81
C PHE A 3554 36.11 35.48 63.28
N VAL A 3555 35.41 36.18 64.19
CA VAL A 3555 34.33 37.05 63.73
C VAL A 3555 34.87 38.04 62.71
N ALA A 3556 36.05 38.60 62.98
CA ALA A 3556 36.68 39.42 61.97
C ALA A 3556 37.37 38.59 60.92
N ARG A 3557 37.93 37.44 61.31
CA ARG A 3557 38.73 36.64 60.38
C ARG A 3557 37.90 36.25 59.17
N ILE A 3558 36.70 35.72 59.40
CA ILE A 3558 35.88 35.28 58.29
C ILE A 3558 35.51 36.43 57.39
N LYS A 3559 35.54 37.66 57.91
CA LYS A 3559 35.23 38.82 57.07
C LYS A 3559 36.18 38.90 55.88
N SER A 3560 37.40 38.41 56.06
CA SER A 3560 38.33 38.34 54.93
C SER A 3560 37.77 37.45 53.84
N LYS A 3561 37.36 36.23 54.20
CA LYS A 3561 36.92 35.30 53.17
C LYS A 3561 35.62 35.73 52.51
N LEU A 3562 34.87 36.63 53.14
CA LEU A 3562 33.65 37.13 52.53
C LEU A 3562 33.87 38.52 51.95
N ASP A 3563 33.10 38.84 50.92
CA ASP A 3563 33.26 40.09 50.18
C ASP A 3563 32.28 41.13 50.69
N GLN A 3564 32.50 41.56 51.94
CA GLN A 3564 31.70 42.66 52.47
C GLN A 3564 31.89 43.92 51.64
N GLY A 3565 33.14 44.22 51.28
CA GLY A 3565 33.43 45.30 50.38
C GLY A 3565 33.16 44.99 48.93
N GLY A 3566 32.60 43.82 48.64
CA GLY A 3566 32.30 43.47 47.27
C GLY A 3566 31.02 44.15 46.84
N VAL A 3567 30.07 43.36 46.37
CA VAL A 3567 28.84 43.92 45.81
C VAL A 3567 27.71 43.78 46.81
N ILE A 3568 27.78 42.77 47.67
CA ILE A 3568 26.63 42.38 48.47
C ILE A 3568 26.16 43.53 49.33
N GLN A 3569 27.08 44.22 50.00
CA GLN A 3569 26.66 45.32 50.83
C GLN A 3569 26.03 46.43 50.01
N ASP A 3570 26.57 46.69 48.83
CA ASP A 3570 25.95 47.68 47.96
C ASP A 3570 24.54 47.25 47.58
N PHE A 3571 24.37 45.98 47.25
CA PHE A 3571 23.04 45.48 46.92
C PHE A 3571 22.08 45.67 48.08
N ILE A 3572 22.52 45.32 49.27
CA ILE A 3572 21.66 45.44 50.44
C ILE A 3572 21.28 46.89 50.66
N ASN A 3573 22.24 47.79 50.54
CA ASN A 3573 21.92 49.20 50.72
C ASN A 3573 20.94 49.68 49.66
N ALA A 3574 21.06 49.15 48.44
CA ALA A 3574 20.11 49.53 47.40
C ALA A 3574 18.71 49.09 47.79
N LEU A 3575 18.58 47.87 48.29
CA LEU A 3575 17.30 47.44 48.83
C LEU A 3575 16.82 48.40 49.91
N ASP A 3576 17.74 48.82 50.77
CA ASP A 3576 17.39 49.76 51.84
C ASP A 3576 16.77 51.01 51.26
N GLN A 3577 17.43 51.58 50.23
CA GLN A 3577 16.87 52.73 49.55
C GLN A 3577 15.49 52.42 49.02
N LEU A 3578 15.25 51.18 48.61
CA LEU A 3578 13.96 50.85 48.06
C LEU A 3578 12.85 50.80 49.09
N SER A 3579 13.17 50.83 50.38
CA SER A 3579 12.13 50.71 51.39
C SER A 3579 11.27 51.96 51.42
N ASN A 3580 10.30 51.97 52.34
CA ASN A 3580 9.44 53.13 52.54
C ASN A 3580 9.92 53.89 53.77
N PRO A 3581 10.40 55.12 53.60
CA PRO A 3581 10.96 55.83 54.75
C PRO A 3581 9.96 56.12 55.84
N GLU A 3582 8.69 56.36 55.49
CA GLU A 3582 7.71 56.71 56.51
C GLU A 3582 7.56 55.59 57.53
N LEU A 3583 7.44 54.36 57.05
CA LEU A 3583 7.35 53.23 57.97
C LEU A 3583 8.65 53.06 58.74
N LEU A 3584 9.78 53.43 58.13
CA LEU A 3584 11.04 53.40 58.85
C LEU A 3584 10.97 54.29 60.06
N PHE A 3585 10.48 55.52 59.86
CA PHE A 3585 10.29 56.41 60.99
C PHE A 3585 9.30 55.82 61.99
N LYS A 3586 8.25 55.17 61.49
CA LYS A 3586 7.24 54.63 62.39
C LYS A 3586 7.86 53.62 63.34
N ASP A 3587 8.54 52.63 62.79
CA ASP A 3587 9.16 51.63 63.64
C ASP A 3587 10.20 52.26 64.55
N TRP A 3588 10.92 53.26 64.03
CA TRP A 3588 11.90 53.94 64.86
C TRP A 3588 11.23 54.59 66.06
N SER A 3589 10.15 55.33 65.81
CA SER A 3589 9.41 55.95 66.88
C SER A 3589 8.91 54.91 67.87
N ASN A 3590 8.48 53.75 67.38
CA ASN A 3590 7.99 52.73 68.28
C ASN A 3590 9.12 52.16 69.13
N ASP A 3591 10.32 52.06 68.57
CA ASP A 3591 11.47 51.65 69.37
C ASP A 3591 11.74 52.68 70.46
N VAL A 3592 11.58 53.96 70.12
CA VAL A 3592 11.71 55.01 71.12
C VAL A 3592 10.68 54.81 72.22
N ARG A 3593 9.44 54.53 71.83
CA ARG A 3593 8.39 54.28 72.80
C ARG A 3593 8.77 53.15 73.73
N ALA A 3594 9.26 52.06 73.14
CA ALA A 3594 9.62 50.90 73.93
C ALA A 3594 10.73 51.22 74.91
N GLU A 3595 11.78 51.90 74.43
CA GLU A 3595 12.90 52.18 75.31
C GLU A 3595 12.52 53.14 76.41
N LEU A 3596 11.67 54.14 76.11
CA LEU A 3596 11.33 55.12 77.14
C LEU A 3596 10.38 54.52 78.17
N ALA A 3597 9.39 53.74 77.71
CA ALA A 3597 8.39 53.21 78.62
C ALA A 3597 8.89 52.02 79.42
N LYS A 3598 9.73 51.17 78.81
CA LYS A 3598 10.15 49.95 79.48
C LYS A 3598 10.88 50.24 80.78
N THR A 3599 11.61 51.35 80.84
CA THR A 3599 12.31 51.72 82.05
C THR A 3599 12.86 53.14 81.91
N PRO A 3600 12.90 53.91 83.00
CA PRO A 3600 13.54 55.23 82.93
C PRO A 3600 15.03 55.19 82.65
N VAL A 3601 15.69 54.07 82.93
CA VAL A 3601 17.13 53.96 82.70
C VAL A 3601 17.34 53.52 81.26
N ASN A 3602 18.08 54.31 80.51
CA ASN A 3602 18.28 54.10 79.08
C ASN A 3602 19.65 54.66 78.71
N LYS A 3603 19.83 54.96 77.42
CA LYS A 3603 21.01 55.54 76.80
C LYS A 3603 22.09 54.50 76.61
N LYS A 3604 21.89 53.27 77.07
CA LYS A 3604 22.72 52.15 76.65
C LYS A 3604 22.31 51.61 75.30
N ASN A 3605 21.17 52.05 74.79
CA ASN A 3605 20.61 51.56 73.55
C ASN A 3605 20.37 52.65 72.53
N ILE A 3606 20.50 53.92 72.91
CA ILE A 3606 20.25 55.00 71.97
C ILE A 3606 21.25 54.92 70.82
N GLU A 3607 22.46 54.43 71.09
CA GLU A 3607 23.53 54.35 70.10
C GLU A 3607 22.99 53.81 68.80
N LYS A 3608 22.56 52.55 68.81
CA LYS A 3608 21.84 51.97 67.70
C LYS A 3608 20.70 52.87 67.27
N MET A 3609 19.96 53.40 68.24
CA MET A 3609 18.71 54.07 67.96
C MET A 3609 18.94 55.32 67.12
N TYR A 3610 19.69 56.27 67.67
CA TYR A 3610 19.96 57.48 66.91
C TYR A 3610 20.78 57.19 65.67
N GLU A 3611 21.73 56.26 65.70
CA GLU A 3611 22.52 56.10 64.48
C GLU A 3611 21.64 55.58 63.37
N ARG A 3612 20.67 54.73 63.69
CA ARG A 3612 19.76 54.24 62.69
C ARG A 3612 18.92 55.38 62.13
N MET A 3613 18.45 56.28 62.99
CA MET A 3613 17.71 57.40 62.43
C MET A 3613 18.63 58.33 61.63
N TYR A 3614 19.91 58.40 61.99
CA TYR A 3614 20.88 59.09 61.15
C TYR A 3614 20.93 58.51 59.75
N ALA A 3615 21.12 57.19 59.66
CA ALA A 3615 21.30 56.57 58.36
C ALA A 3615 20.08 56.74 57.48
N ALA A 3616 18.91 56.93 58.08
CA ALA A 3616 17.69 57.10 57.32
C ALA A 3616 17.24 58.55 57.24
N LEU A 3617 17.67 59.39 58.17
CA LEU A 3617 17.22 60.78 58.19
C LEU A 3617 18.36 61.78 58.06
N GLY A 3618 19.53 61.47 58.62
CA GLY A 3618 20.70 62.30 58.45
C GLY A 3618 21.48 61.90 57.21
N ASP A 3619 22.67 62.49 57.08
CA ASP A 3619 23.64 62.12 56.06
C ASP A 3619 23.07 62.30 54.66
N PRO A 3620 22.92 63.54 54.18
CA PRO A 3620 22.45 63.76 52.79
C PRO A 3620 23.45 63.29 51.76
N LYS A 3621 24.53 62.66 52.21
CA LYS A 3621 25.53 62.04 51.37
C LYS A 3621 25.43 60.52 51.39
N ALA A 3622 24.22 59.99 51.61
CA ALA A 3622 24.03 58.57 51.81
C ALA A 3622 24.55 57.79 50.60
N PRO A 3623 25.16 56.64 50.82
CA PRO A 3623 25.72 55.89 49.69
C PRO A 3623 24.66 55.46 48.71
N GLY A 3624 24.73 56.00 47.49
CA GLY A 3624 23.75 55.66 46.48
C GLY A 3624 22.34 56.02 46.87
N LEU A 3625 22.16 57.15 47.56
CA LEU A 3625 20.84 57.54 48.01
C LEU A 3625 19.94 57.74 46.80
N GLY A 3626 18.74 57.20 46.88
CA GLY A 3626 17.82 57.33 45.78
C GLY A 3626 17.17 58.70 45.75
N ALA A 3627 16.64 59.03 44.58
CA ALA A 3627 15.95 60.30 44.42
C ALA A 3627 14.74 60.37 45.35
N PHE A 3628 13.97 59.28 45.43
CA PHE A 3628 12.78 59.30 46.26
C PHE A 3628 13.13 59.59 47.71
N ARG A 3629 14.17 58.95 48.24
CA ARG A 3629 14.61 59.28 49.58
C ARG A 3629 15.43 60.56 49.63
N ARG A 3630 15.90 61.05 48.48
CA ARG A 3630 16.49 62.38 48.46
C ARG A 3630 15.48 63.43 48.86
N LYS A 3631 14.25 63.32 48.35
CA LYS A 3631 13.22 64.25 48.77
C LYS A 3631 12.76 64.02 50.15
N PHE A 3632 13.37 63.12 50.91
CA PHE A 3632 13.02 62.96 52.30
C PHE A 3632 13.97 63.68 53.24
N ILE A 3633 15.28 63.58 53.02
CA ILE A 3633 16.19 64.30 53.89
C ILE A 3633 16.10 65.80 53.65
N GLN A 3634 15.92 66.21 52.38
CA GLN A 3634 15.81 67.64 52.12
C GLN A 3634 14.59 68.23 52.80
N THR A 3635 13.54 67.44 52.99
CA THR A 3635 12.39 67.94 53.72
C THR A 3635 12.49 67.68 55.21
N PHE A 3636 13.32 66.73 55.62
CA PHE A 3636 13.44 66.41 57.04
C PHE A 3636 14.85 66.26 57.58
N GLY A 3637 15.88 66.52 56.79
CA GLY A 3637 17.15 66.84 57.43
C GLY A 3637 17.04 68.08 58.28
N LYS A 3638 16.03 68.91 58.02
CA LYS A 3638 15.76 70.06 58.87
C LYS A 3638 15.13 69.62 60.19
N GLU A 3639 13.96 69.00 60.12
CA GLU A 3639 13.29 68.51 61.32
C GLU A 3639 14.11 67.45 62.01
N PHE A 3640 15.09 66.89 61.29
CA PHE A 3640 16.06 66.00 61.90
C PHE A 3640 16.69 66.63 63.12
N ASP A 3641 16.86 67.96 63.10
CA ASP A 3641 17.45 68.67 64.22
C ASP A 3641 16.62 69.86 64.69
N LYS A 3642 15.37 70.00 64.23
CA LYS A 3642 14.50 71.03 64.80
C LYS A 3642 13.86 70.55 66.09
N HIS A 3643 12.99 69.56 65.99
CA HIS A 3643 12.42 68.93 67.16
C HIS A 3643 13.33 67.87 67.72
N PHE A 3644 14.60 67.89 67.31
CA PHE A 3644 15.55 66.89 67.71
C PHE A 3644 16.92 67.55 67.59
N GLY A 3645 17.96 66.77 67.85
CA GLY A 3645 19.31 67.23 67.59
C GLY A 3645 19.99 67.72 68.84
N LYS A 3646 20.71 66.81 69.48
CA LYS A 3646 21.64 67.11 70.56
C LYS A 3646 22.91 66.30 70.34
N GLY A 3647 23.30 66.15 69.08
CA GLY A 3647 24.18 65.08 68.70
C GLY A 3647 23.38 63.79 68.69
N GLY A 3648 24.10 62.68 68.48
CA GLY A 3648 23.47 61.40 68.65
C GLY A 3648 23.05 61.15 70.09
N SER A 3649 23.92 61.48 71.02
CA SER A 3649 23.65 61.24 72.43
C SER A 3649 22.48 62.09 72.90
N LYS A 3650 21.62 61.48 73.73
CA LYS A 3650 20.45 62.17 74.26
C LYS A 3650 20.23 61.72 75.69
N LEU A 3651 20.25 62.67 76.62
CA LEU A 3651 19.72 62.41 77.95
C LEU A 3651 18.24 62.71 78.04
N LEU A 3652 17.74 63.57 77.15
CA LEU A 3652 16.32 63.70 76.91
C LEU A 3652 15.93 62.67 75.85
N ARG A 3653 14.70 62.75 75.35
CA ARG A 3653 14.04 61.86 74.43
C ARG A 3653 13.57 60.57 75.12
N MET A 3654 13.93 60.34 76.39
CA MET A 3654 13.36 59.23 77.13
C MET A 3654 12.92 59.61 78.54
N LYS A 3655 13.21 60.81 79.02
CA LYS A 3655 12.92 61.15 80.41
C LYS A 3655 11.42 61.21 80.69
N LEU A 3656 10.60 61.50 79.69
CA LEU A 3656 9.16 61.48 79.87
C LEU A 3656 8.48 61.32 78.53
N SER A 3657 7.20 60.94 78.57
CA SER A 3657 6.46 60.58 77.37
C SER A 3657 5.86 61.83 76.70
N ASP A 3658 6.74 62.76 76.40
CA ASP A 3658 6.39 63.91 75.58
C ASP A 3658 7.18 63.95 74.30
N PHE A 3659 8.41 63.43 74.30
CA PHE A 3659 9.11 63.22 73.05
C PHE A 3659 8.33 62.28 72.16
N ASN A 3660 7.61 61.34 72.79
CA ASN A 3660 6.58 60.60 72.08
C ASN A 3660 5.57 61.55 71.45
N ASP A 3661 5.27 62.67 72.12
CA ASP A 3661 4.31 63.61 71.56
C ASP A 3661 4.90 64.34 70.35
N ILE A 3662 6.20 64.62 70.37
CA ILE A 3662 6.86 65.10 69.16
C ILE A 3662 6.79 64.05 68.07
N THR A 3663 6.95 62.78 68.42
CA THR A 3663 6.75 61.74 67.43
C THR A 3663 5.34 61.80 66.87
N ASN A 3664 4.36 62.05 67.72
CA ASN A 3664 2.98 62.14 67.28
C ASN A 3664 2.80 63.28 66.30
N MET A 3665 3.29 64.46 66.66
CA MET A 3665 3.10 65.62 65.80
C MET A 3665 3.83 65.44 64.47
N LEU A 3666 5.00 64.82 64.50
CA LEU A 3666 5.70 64.52 63.26
C LEU A 3666 4.95 63.50 62.44
N LEU A 3667 4.26 62.59 63.11
CA LEU A 3667 3.43 61.61 62.44
C LEU A 3667 2.17 62.23 61.84
N LEU A 3668 1.74 63.39 62.36
CA LEU A 3668 0.60 64.06 61.73
C LEU A 3668 0.87 64.33 60.26
N LYS A 3669 2.09 64.72 59.94
CA LYS A 3669 2.52 64.84 58.56
C LYS A 3669 3.07 63.49 58.12
N MET A 3670 3.85 63.48 57.02
CA MET A 3670 4.36 62.24 56.39
C MET A 3670 3.16 61.40 55.90
N ASN A 3671 1.97 61.81 56.31
CA ASN A 3671 0.69 61.28 55.82
C ASN A 3671 0.47 62.15 54.58
N LYS A 3672 0.68 63.47 54.75
CA LYS A 3672 0.67 64.44 53.65
C LYS A 3672 2.11 64.48 53.10
N ASP A 3673 2.29 65.15 51.95
CA ASP A 3673 3.57 65.25 51.21
C ASP A 3673 3.99 63.86 50.74
N SER A 3674 3.51 62.86 51.46
CA SER A 3674 3.66 61.45 51.16
C SER A 3674 3.33 61.23 49.69
N LYS A 3675 4.26 60.62 48.96
CA LYS A 3675 4.14 60.48 47.52
C LYS A 3675 4.32 59.03 47.12
N PRO A 3676 3.70 58.62 46.02
CA PRO A 3676 4.02 57.31 45.45
C PRO A 3676 5.48 57.23 45.06
N PRO A 3677 6.17 56.17 45.43
CA PRO A 3677 7.58 56.05 45.07
C PRO A 3677 7.75 55.95 43.57
N GLY A 3678 8.95 56.32 43.12
CA GLY A 3678 9.26 56.29 41.71
C GLY A 3678 8.97 54.94 41.09
N ASN A 3679 8.00 54.90 40.19
CA ASN A 3679 7.67 53.65 39.52
C ASN A 3679 8.87 53.12 38.75
N LEU A 3680 9.56 54.00 38.05
CA LEU A 3680 10.83 53.62 37.47
C LEU A 3680 11.87 53.54 38.58
N LYS A 3681 13.02 52.96 38.26
CA LYS A 3681 13.97 52.55 39.28
C LYS A 3681 14.92 53.66 39.70
N GLU A 3682 14.47 54.90 39.62
CA GLU A 3682 15.25 56.00 40.16
C GLU A 3682 15.02 56.21 41.64
N CYS A 3683 14.47 55.20 42.31
CA CYS A 3683 14.50 55.15 43.76
C CYS A 3683 15.78 54.53 44.28
N SER A 3684 16.58 53.90 43.42
CA SER A 3684 17.89 53.40 43.79
C SER A 3684 18.74 53.30 42.53
N PRO A 3685 19.56 54.32 42.24
CA PRO A 3685 20.26 54.32 40.95
C PRO A 3685 21.15 53.11 40.75
N TRP A 3686 21.77 52.63 41.82
CA TRP A 3686 22.69 51.50 41.71
C TRP A 3686 22.02 50.31 41.04
N MET A 3687 20.71 50.18 41.20
CA MET A 3687 20.02 49.11 40.48
C MET A 3687 19.75 49.49 39.04
N SER A 3688 19.23 50.70 38.83
CA SER A 3688 18.85 51.09 37.48
C SER A 3688 20.04 50.99 36.53
N ASP A 3689 21.23 51.26 37.02
CA ASP A 3689 22.44 51.16 36.20
C ASP A 3689 23.18 49.85 36.41
N PHE A 3690 22.57 48.88 37.08
CA PHE A 3690 23.32 47.66 37.38
C PHE A 3690 23.74 46.97 36.10
N LYS A 3691 25.04 46.95 35.82
CA LYS A 3691 25.59 46.25 34.68
C LYS A 3691 26.47 45.13 35.19
N VAL A 3692 26.30 43.94 34.62
CA VAL A 3692 27.20 42.85 34.95
C VAL A 3692 28.59 43.20 34.46
N GLU A 3693 29.59 42.95 35.30
CA GLU A 3693 30.96 43.33 34.99
C GLU A 3693 31.88 42.14 35.21
N PHE A 3694 33.01 42.15 34.51
CA PHE A 3694 34.01 41.12 34.70
C PHE A 3694 34.80 41.38 35.98
N LEU A 3695 35.63 40.38 36.34
CA LEU A 3695 36.52 40.47 37.49
C LEU A 3695 35.75 40.73 38.78
N ARG A 3696 34.51 40.24 38.84
CA ARG A 3696 33.70 40.37 40.05
C ARG A 3696 32.64 39.29 40.04
N ASN A 3697 32.30 38.82 41.24
CA ASN A 3697 31.36 37.71 41.37
C ASN A 3697 29.97 38.15 40.93
N GLU A 3698 29.34 37.33 40.11
CA GLU A 3698 27.94 37.55 39.79
C GLU A 3698 27.10 37.36 41.05
N LEU A 3699 26.25 38.34 41.34
CA LEU A 3699 25.31 38.16 42.42
C LEU A 3699 24.28 37.12 42.04
N GLU A 3700 24.08 36.15 42.92
CA GLU A 3700 23.15 35.07 42.66
C GLU A 3700 21.78 35.46 43.18
N ILE A 3701 20.75 34.85 42.60
CA ILE A 3701 19.41 35.03 43.12
C ILE A 3701 19.47 34.57 44.57
N PRO A 3702 19.12 35.40 45.52
CA PRO A 3702 19.29 35.02 46.92
C PRO A 3702 18.49 33.78 47.26
N GLY A 3703 19.10 32.90 48.04
CA GLY A 3703 18.44 31.71 48.51
C GLY A 3703 18.29 30.63 47.46
N GLN A 3704 19.39 30.20 46.86
CA GLN A 3704 19.39 29.06 45.96
C GLN A 3704 20.17 27.88 46.53
N TYR A 3705 20.44 27.92 47.83
CA TYR A 3705 21.11 26.82 48.51
C TYR A 3705 20.10 26.14 49.42
N ASP A 3706 20.09 24.82 49.40
CA ASP A 3706 19.15 24.05 50.21
C ASP A 3706 19.64 22.61 50.27
N GLY A 3707 19.74 22.07 51.48
CA GLY A 3707 20.28 20.75 51.65
C GLY A 3707 19.53 19.70 50.86
N ARG A 3708 20.24 19.00 49.98
CA ARG A 3708 19.61 17.95 49.21
C ARG A 3708 20.49 16.72 49.16
N GLY A 3709 21.32 16.53 50.19
CA GLY A 3709 22.18 15.35 50.27
C GLY A 3709 23.20 15.26 49.16
N LYS A 3710 23.89 16.36 48.87
CA LYS A 3710 24.69 16.41 47.67
C LYS A 3710 25.60 17.63 47.64
N PRO A 3711 26.55 17.69 46.72
CA PRO A 3711 27.22 18.97 46.46
C PRO A 3711 26.24 19.94 45.85
N LEU A 3712 26.64 21.18 45.62
CA LEU A 3712 25.75 22.14 44.98
C LEU A 3712 26.43 22.71 43.74
N PRO A 3713 26.11 22.22 42.55
CA PRO A 3713 26.75 22.74 41.35
C PRO A 3713 26.41 24.20 41.14
N GLU A 3714 27.32 24.91 40.49
CA GLU A 3714 27.17 26.35 40.32
C GLU A 3714 26.49 26.68 38.99
N TYR A 3715 25.23 26.27 38.91
CA TYR A 3715 24.32 26.70 37.86
C TYR A 3715 23.23 27.61 38.40
N HIS A 3716 23.44 28.14 39.60
CA HIS A 3716 22.46 29.03 40.20
C HIS A 3716 22.22 30.22 39.28
N VAL A 3717 20.95 30.62 39.17
CA VAL A 3717 20.66 31.84 38.45
C VAL A 3717 21.33 33.00 39.16
N ARG A 3718 21.98 33.85 38.38
CA ARG A 3718 22.71 34.98 38.90
C ARG A 3718 22.13 36.26 38.35
N ILE A 3719 22.16 37.31 39.17
CA ILE A 3719 21.51 38.55 38.81
C ILE A 3719 22.16 39.12 37.56
N ALA A 3720 21.35 39.47 36.58
CA ALA A 3720 21.85 39.99 35.32
C ALA A 3720 21.14 41.29 34.96
N GLY A 3721 20.72 42.04 35.96
CA GLY A 3721 20.03 43.28 35.71
C GLY A 3721 18.61 43.28 36.21
N PHE A 3722 18.28 44.26 37.03
CA PHE A 3722 16.93 44.39 37.54
C PHE A 3722 16.00 44.78 36.42
N ASP A 3723 14.72 44.96 36.78
CA ASP A 3723 13.76 45.49 35.85
C ASP A 3723 13.70 47.01 35.98
N GLU A 3724 12.68 47.62 35.40
CA GLU A 3724 12.51 49.07 35.43
C GLU A 3724 11.08 49.44 35.77
N ARG A 3725 10.48 48.77 36.75
CA ARG A 3725 9.14 49.11 37.16
C ARG A 3725 8.85 48.47 38.50
N VAL A 3726 8.47 49.29 39.47
CA VAL A 3726 8.13 48.84 40.81
C VAL A 3726 6.62 48.93 40.97
N THR A 3727 6.02 47.87 41.49
CA THR A 3727 4.59 47.90 41.77
C THR A 3727 4.38 47.89 43.28
N VAL A 3728 3.59 48.83 43.77
CA VAL A 3728 3.30 48.91 45.19
C VAL A 3728 2.12 48.00 45.49
N MET A 3729 2.32 47.04 46.39
CA MET A 3729 1.24 46.17 46.82
C MET A 3729 0.49 46.83 47.96
N ALA A 3730 -0.83 46.88 47.85
CA ALA A 3730 -1.66 47.47 48.89
C ALA A 3730 -1.67 46.53 50.09
N SER A 3731 -1.12 47.00 51.20
CA SER A 3731 -1.12 46.26 52.46
C SER A 3731 -0.73 47.23 53.56
N LEU A 3732 -0.52 46.71 54.77
CA LEU A 3732 -0.08 47.55 55.87
C LEU A 3732 1.26 48.20 55.56
N ARG A 3733 2.21 47.41 55.08
CA ARG A 3733 3.57 47.87 54.88
C ARG A 3733 3.83 48.35 53.47
N ARG A 3734 2.86 48.27 52.59
CA ARG A 3734 3.02 48.58 51.18
C ARG A 3734 4.29 47.94 50.62
N PRO A 3735 4.42 46.61 50.74
CA PRO A 3735 5.62 45.97 50.22
C PRO A 3735 5.71 46.15 48.71
N LYS A 3736 6.93 46.23 48.21
CA LYS A 3736 7.18 46.62 46.84
C LYS A 3736 7.55 45.40 46.02
N ARG A 3737 7.13 45.38 44.77
CA ARG A 3737 7.36 44.24 43.88
C ARG A 3737 8.27 44.68 42.75
N ILE A 3738 9.38 43.95 42.60
CA ILE A 3738 10.38 44.22 41.58
C ILE A 3738 10.67 42.91 40.86
N ILE A 3739 11.01 43.01 39.61
CA ILE A 3739 11.36 41.84 38.83
C ILE A 3739 12.86 41.81 38.68
N ILE A 3740 13.47 40.67 38.89
CA ILE A 3740 14.91 40.50 38.73
C ILE A 3740 15.15 39.57 37.56
N ARG A 3741 15.93 40.03 36.59
CA ARG A 3741 16.18 39.26 35.39
C ARG A 3741 17.47 38.48 35.58
N GLY A 3742 17.39 37.16 35.50
CA GLY A 3742 18.55 36.31 35.66
C GLY A 3742 19.10 35.88 34.32
N HIS A 3743 20.41 35.66 34.28
CA HIS A 3743 21.08 35.25 33.05
C HIS A 3743 20.56 33.89 32.61
N ASP A 3744 19.68 33.31 33.40
CA ASP A 3744 18.94 32.11 33.02
C ASP A 3744 17.83 32.45 32.03
N GLU A 3745 17.92 33.63 31.42
CA GLU A 3745 16.97 34.06 30.41
C GLU A 3745 15.54 33.99 30.94
N ARG A 3746 15.40 34.22 32.23
CA ARG A 3746 14.10 34.21 32.87
C ARG A 3746 14.04 35.37 33.85
N GLU A 3747 12.85 35.60 34.36
CA GLU A 3747 12.59 36.69 35.29
C GLU A 3747 12.02 36.09 36.55
N HIS A 3748 12.38 36.67 37.69
CA HIS A 3748 11.90 36.21 38.96
C HIS A 3748 11.29 37.38 39.69
N PRO A 3749 9.98 37.35 39.97
CA PRO A 3749 9.38 38.45 40.70
C PRO A 3749 9.67 38.30 42.18
N PHE A 3750 10.01 39.40 42.82
CA PHE A 3750 10.33 39.41 44.22
C PHE A 3750 9.62 40.55 44.89
N LEU A 3751 9.40 40.40 46.18
CA LEU A 3751 8.57 41.31 46.95
C LEU A 3751 9.39 41.74 48.15
N VAL A 3752 10.05 42.87 48.04
CA VAL A 3752 10.79 43.40 49.17
C VAL A 3752 9.80 43.95 50.18
N LYS A 3753 10.01 43.62 51.44
CA LYS A 3753 9.14 44.07 52.50
C LYS A 3753 9.84 45.14 53.32
N GLY A 3754 9.08 45.74 54.24
CA GLY A 3754 9.61 46.77 55.08
C GLY A 3754 10.61 46.22 56.07
N GLY A 3755 11.11 47.12 56.91
CA GLY A 3755 12.13 46.76 57.87
C GLY A 3755 11.60 45.84 58.95
N GLU A 3756 11.10 44.68 58.55
CA GLU A 3756 10.51 43.73 59.48
C GLU A 3756 11.18 42.37 59.31
N ASP A 3757 11.43 41.71 60.44
CA ASP A 3757 12.19 40.47 60.42
C ASP A 3757 11.45 39.36 59.71
N LEU A 3758 12.17 38.64 58.86
CA LEU A 3758 11.67 37.42 58.26
C LEU A 3758 12.36 36.19 58.81
N ARG A 3759 13.19 36.35 59.83
CA ARG A 3759 13.89 35.21 60.40
C ARG A 3759 12.91 34.15 60.85
N GLN A 3760 11.83 34.57 61.51
CA GLN A 3760 10.81 33.62 61.92
C GLN A 3760 10.19 32.94 60.71
N ASP A 3761 9.88 33.72 59.68
CA ASP A 3761 9.22 33.14 58.52
C ASP A 3761 10.12 32.11 57.85
N GLN A 3762 11.42 32.40 57.77
CA GLN A 3762 12.33 31.44 57.17
C GLN A 3762 12.30 30.12 57.92
N ARG A 3763 12.36 30.17 59.23
CA ARG A 3763 12.36 28.93 60.00
C ARG A 3763 11.04 28.19 59.84
N VAL A 3764 9.93 28.93 59.86
CA VAL A 3764 8.65 28.25 59.65
C VAL A 3764 8.62 27.57 58.30
N GLU A 3765 9.21 28.22 57.30
CA GLU A 3765 9.31 27.56 56.00
C GLU A 3765 10.16 26.30 56.09
N GLN A 3766 11.25 26.35 56.86
CA GLN A 3766 12.05 25.15 57.03
C GLN A 3766 11.19 24.00 57.50
N LEU A 3767 10.27 24.26 58.43
CA LEU A 3767 9.40 23.21 58.92
C LEU A 3767 8.62 22.59 57.78
N PHE A 3768 8.15 23.40 56.85
CA PHE A 3768 7.26 22.86 55.83
C PHE A 3768 8.02 21.93 54.90
N GLN A 3769 9.27 22.25 54.61
CA GLN A 3769 10.05 21.31 53.83
C GLN A 3769 10.32 20.03 54.61
N VAL A 3770 10.08 20.02 55.91
CA VAL A 3770 10.03 18.76 56.63
C VAL A 3770 8.67 18.13 56.49
N MET A 3771 7.62 18.94 56.65
CA MET A 3771 6.26 18.44 56.49
C MET A 3771 6.10 17.73 55.16
N ASN A 3772 6.55 18.38 54.09
CA ASN A 3772 6.47 17.74 52.79
C ASN A 3772 7.21 16.41 52.79
N GLY A 3773 8.28 16.32 53.58
CA GLY A 3773 9.00 15.07 53.64
C GLY A 3773 8.15 13.95 54.20
N ILE A 3774 7.47 14.21 55.32
CA ILE A 3774 6.62 13.19 55.90
C ILE A 3774 5.49 12.83 54.96
N LEU A 3775 4.83 13.84 54.40
CA LEU A 3775 3.73 13.55 53.49
C LEU A 3775 4.21 12.74 52.31
N ALA A 3776 5.35 13.11 51.73
CA ALA A 3776 5.87 12.31 50.64
C ALA A 3776 6.32 10.96 51.13
N GLN A 3777 6.78 10.87 52.37
CA GLN A 3777 7.26 9.59 52.88
C GLN A 3777 6.14 8.60 53.09
N ASP A 3778 4.93 9.06 53.36
CA ASP A 3778 3.83 8.14 53.59
C ASP A 3778 3.44 7.47 52.29
N SER A 3779 2.52 6.51 52.37
CA SER A 3779 1.97 5.84 51.22
C SER A 3779 0.51 6.15 51.00
N ALA A 3780 -0.27 6.24 52.06
CA ALA A 3780 -1.67 6.62 51.90
C ALA A 3780 -1.79 8.07 51.46
N CYS A 3781 -1.08 8.96 52.13
CA CYS A 3781 -1.21 10.37 51.82
C CYS A 3781 -0.49 10.78 50.55
N SER A 3782 0.42 9.96 50.05
CA SER A 3782 1.02 10.30 48.78
C SER A 3782 0.15 9.89 47.61
N GLN A 3783 -0.83 9.03 47.85
CA GLN A 3783 -1.70 8.59 46.76
C GLN A 3783 -2.64 9.69 46.32
N ARG A 3784 -3.14 10.49 47.25
CA ARG A 3784 -3.87 11.67 46.88
C ARG A 3784 -2.95 12.78 46.38
N ALA A 3785 -1.65 12.52 46.33
CA ALA A 3785 -0.66 13.51 45.95
C ALA A 3785 -0.75 14.74 46.84
N LEU A 3786 -1.00 14.52 48.12
CA LEU A 3786 -1.04 15.63 49.06
C LEU A 3786 0.34 16.26 49.16
N GLN A 3787 0.38 17.58 49.19
CA GLN A 3787 1.67 18.23 49.28
C GLN A 3787 1.50 19.69 49.66
N LEU A 3788 2.15 20.12 50.73
CA LEU A 3788 2.07 21.52 51.10
C LEU A 3788 2.73 22.37 50.04
N ARG A 3789 2.24 23.59 49.88
CA ARG A 3789 2.79 24.50 48.88
C ARG A 3789 3.58 25.59 49.57
N THR A 3790 4.85 25.72 49.21
CA THR A 3790 5.76 26.63 49.87
C THR A 3790 6.24 27.68 48.88
N TYR A 3791 7.19 28.49 49.36
CA TYR A 3791 7.77 29.57 48.58
C TYR A 3791 8.98 30.08 49.34
N SER A 3792 10.08 30.27 48.62
CA SER A 3792 11.33 30.60 49.26
C SER A 3792 11.24 31.95 49.96
N VAL A 3793 11.92 32.05 51.10
CA VAL A 3793 12.03 33.30 51.83
C VAL A 3793 13.50 33.50 52.19
N VAL A 3794 14.07 34.61 51.75
CA VAL A 3794 15.49 34.83 51.97
C VAL A 3794 15.66 36.05 52.85
N PRO A 3795 15.79 35.88 54.16
CA PRO A 3795 15.96 37.04 55.03
C PRO A 3795 17.23 37.77 54.67
N MET A 3796 17.11 39.06 54.40
CA MET A 3796 18.24 39.84 53.94
C MET A 3796 19.04 40.40 55.10
N THR A 3797 18.41 41.22 55.93
CA THR A 3797 19.04 41.73 57.14
C THR A 3797 18.07 41.53 58.29
N SER A 3798 18.54 41.88 59.49
CA SER A 3798 17.65 41.87 60.63
C SER A 3798 16.44 42.77 60.41
N ARG A 3799 16.58 43.80 59.58
CA ARG A 3799 15.51 44.73 59.35
C ARG A 3799 15.23 44.87 57.87
N LEU A 3800 15.31 43.76 57.15
CA LEU A 3800 14.90 43.75 55.76
C LEU A 3800 14.83 42.30 55.29
N GLY A 3801 13.74 41.96 54.62
CA GLY A 3801 13.53 40.64 54.10
C GLY A 3801 13.39 40.64 52.59
N LEU A 3802 13.14 39.44 52.07
CA LEU A 3802 12.97 39.26 50.64
C LEU A 3802 12.14 38.01 50.43
N ILE A 3803 10.96 38.16 49.85
CA ILE A 3803 10.00 37.07 49.74
C ILE A 3803 9.76 36.79 48.28
N GLU A 3804 9.79 35.52 47.92
CA GLU A 3804 9.56 35.16 46.53
C GLU A 3804 8.11 35.47 46.18
N TRP A 3805 7.88 36.11 45.05
CA TRP A 3805 6.53 36.55 44.71
C TRP A 3805 5.68 35.40 44.22
N LEU A 3806 4.42 35.43 44.61
CA LEU A 3806 3.53 34.29 44.38
C LEU A 3806 3.04 34.19 42.94
N GLU A 3807 3.54 35.03 42.03
CA GLU A 3807 3.51 34.69 40.61
C GLU A 3807 2.13 34.29 40.09
N ASN A 3808 1.27 35.27 39.83
CA ASN A 3808 -0.07 35.01 39.32
C ASN A 3808 -0.95 34.34 40.36
N THR A 3809 -1.20 35.04 41.46
CA THR A 3809 -2.20 34.61 42.43
C THR A 3809 -3.15 35.75 42.75
N VAL A 3810 -4.02 35.56 43.74
CA VAL A 3810 -4.87 36.64 44.20
C VAL A 3810 -5.21 36.40 45.66
N THR A 3811 -5.24 37.48 46.43
CA THR A 3811 -5.60 37.36 47.83
C THR A 3811 -7.04 36.94 47.96
N LEU A 3812 -7.33 36.20 49.02
CA LEU A 3812 -8.66 35.62 49.17
C LEU A 3812 -9.72 36.70 49.23
N LYS A 3813 -9.50 37.71 50.07
CA LYS A 3813 -10.52 38.74 50.24
C LYS A 3813 -10.82 39.43 48.93
N ASP A 3814 -9.78 39.76 48.17
CA ASP A 3814 -9.99 40.39 46.88
C ASP A 3814 -10.56 39.44 45.87
N LEU A 3815 -10.72 38.17 46.22
CA LEU A 3815 -11.47 37.29 45.35
C LEU A 3815 -12.95 37.37 45.68
N LEU A 3816 -13.28 37.26 46.97
CA LEU A 3816 -14.67 37.35 47.38
C LEU A 3816 -15.26 38.68 46.98
N LEU A 3817 -14.63 39.77 47.39
CA LEU A 3817 -15.18 41.09 47.10
C LEU A 3817 -15.11 41.41 45.62
N ASN A 3818 -14.38 40.63 44.84
CA ASN A 3818 -14.40 40.80 43.40
C ASN A 3818 -15.58 40.10 42.76
N THR A 3819 -15.86 38.87 43.18
CA THR A 3819 -16.90 38.09 42.52
C THR A 3819 -18.27 38.68 42.77
N MET A 3820 -18.55 39.03 44.01
CA MET A 3820 -19.88 39.45 44.40
C MET A 3820 -20.21 40.82 43.81
N SER A 3821 -21.49 41.01 43.52
CA SER A 3821 -21.93 42.13 42.69
C SER A 3821 -21.73 43.47 43.38
N GLN A 3822 -21.57 44.51 42.56
CA GLN A 3822 -21.24 45.83 43.08
C GLN A 3822 -22.34 46.38 43.96
N GLU A 3823 -23.60 46.12 43.60
CA GLU A 3823 -24.69 46.54 44.46
C GLU A 3823 -24.60 45.85 45.81
N GLU A 3824 -24.48 44.53 45.78
CA GLU A 3824 -24.23 43.80 47.01
C GLU A 3824 -22.93 44.25 47.67
N LYS A 3825 -21.95 44.66 46.87
CA LYS A 3825 -20.68 45.09 47.44
C LYS A 3825 -20.85 46.34 48.28
N ALA A 3826 -21.55 47.34 47.75
CA ALA A 3826 -21.86 48.53 48.52
C ALA A 3826 -22.73 48.17 49.72
N ALA A 3827 -23.71 47.29 49.51
CA ALA A 3827 -24.55 46.86 50.62
C ALA A 3827 -23.72 46.24 51.73
N TYR A 3828 -22.62 45.60 51.38
CA TYR A 3828 -21.73 45.01 52.38
C TYR A 3828 -20.87 46.08 53.05
N LEU A 3829 -20.11 46.82 52.25
CA LEU A 3829 -19.16 47.77 52.79
C LEU A 3829 -19.84 48.92 53.53
N SER A 3830 -21.07 49.25 53.13
CA SER A 3830 -21.82 50.37 53.71
C SER A 3830 -23.18 49.87 54.16
N ASP A 3831 -24.11 50.79 54.42
CA ASP A 3831 -25.49 50.38 54.70
C ASP A 3831 -25.55 49.52 55.95
N PRO A 3832 -25.55 50.12 57.13
CA PRO A 3832 -25.20 49.37 58.34
C PRO A 3832 -26.14 48.21 58.65
N ARG A 3833 -27.07 47.94 57.73
CA ARG A 3833 -27.73 46.66 57.72
C ARG A 3833 -26.83 45.68 56.99
N ALA A 3834 -25.57 45.64 57.40
CA ALA A 3834 -24.52 44.84 56.79
C ALA A 3834 -23.70 44.20 57.89
N PRO A 3835 -23.16 43.01 57.65
CA PRO A 3835 -22.54 42.23 58.71
C PRO A 3835 -21.58 43.04 59.57
N PRO A 3836 -20.64 43.79 58.98
CA PRO A 3836 -19.65 44.45 59.84
C PRO A 3836 -20.26 45.48 60.76
N CYS A 3837 -20.99 46.41 60.16
CA CYS A 3837 -21.54 47.53 60.92
C CYS A 3837 -22.50 47.02 61.99
N GLU A 3838 -23.41 46.14 61.60
CA GLU A 3838 -24.32 45.58 62.58
C GLU A 3838 -23.59 44.76 63.62
N TYR A 3839 -22.42 44.22 63.28
CA TYR A 3839 -21.68 43.48 64.29
C TYR A 3839 -21.13 44.42 65.35
N LYS A 3840 -20.54 45.54 64.92
CA LYS A 3840 -20.13 46.52 65.92
C LYS A 3840 -21.34 46.97 66.73
N ASP A 3841 -22.47 47.17 66.06
CA ASP A 3841 -23.67 47.60 66.77
C ASP A 3841 -24.06 46.60 67.84
N TRP A 3842 -24.14 45.33 67.47
CA TRP A 3842 -24.49 44.29 68.43
C TRP A 3842 -23.48 44.25 69.55
N LEU A 3843 -22.22 44.47 69.23
CA LEU A 3843 -21.18 44.42 70.23
C LEU A 3843 -21.40 45.50 71.28
N THR A 3844 -21.61 46.73 70.82
CA THR A 3844 -21.87 47.83 71.75
C THR A 3844 -23.17 47.62 72.50
N LYS A 3845 -24.15 46.97 71.88
CA LYS A 3845 -25.40 46.71 72.56
C LYS A 3845 -25.19 45.73 73.69
N MET A 3846 -24.36 44.70 73.48
CA MET A 3846 -24.09 43.73 74.54
C MET A 3846 -23.35 44.39 75.69
N SER A 3847 -22.12 44.81 75.43
CA SER A 3847 -21.35 45.59 76.39
C SER A 3847 -21.35 47.03 75.94
N GLY A 3848 -21.74 47.93 76.84
CA GLY A 3848 -21.98 49.31 76.45
C GLY A 3848 -20.76 49.98 75.86
N LYS A 3849 -19.57 49.64 76.35
CA LYS A 3849 -18.36 50.22 75.80
C LYS A 3849 -18.18 49.79 74.36
N HIS A 3850 -17.66 50.71 73.56
CA HIS A 3850 -17.59 50.54 72.11
C HIS A 3850 -16.22 50.09 71.64
N ASP A 3851 -15.28 49.86 72.54
CA ASP A 3851 -13.92 49.61 72.15
C ASP A 3851 -13.49 48.21 72.59
N VAL A 3852 -12.20 47.92 72.38
CA VAL A 3852 -11.64 46.69 72.89
C VAL A 3852 -11.83 46.64 74.40
N GLY A 3853 -12.00 45.44 74.93
CA GLY A 3853 -12.34 45.24 76.31
C GLY A 3853 -13.80 44.93 76.50
N ALA A 3854 -14.66 45.51 75.67
CA ALA A 3854 -16.06 45.10 75.66
C ALA A 3854 -16.18 43.64 75.27
N TYR A 3855 -15.17 43.10 74.60
CA TYR A 3855 -15.21 41.70 74.23
C TYR A 3855 -15.34 40.80 75.45
N MET A 3856 -14.49 41.03 76.46
CA MET A 3856 -14.56 40.20 77.65
C MET A 3856 -15.85 40.41 78.41
N LEU A 3857 -16.36 41.64 78.44
CA LEU A 3857 -17.62 41.88 79.11
C LEU A 3857 -18.77 41.18 78.41
N MET A 3858 -18.74 41.11 77.09
CA MET A 3858 -19.79 40.36 76.42
C MET A 3858 -19.62 38.87 76.60
N TYR A 3859 -18.37 38.38 76.65
CA TYR A 3859 -18.14 37.01 77.05
C TYR A 3859 -18.83 36.70 78.36
N LYS A 3860 -18.67 37.57 79.35
CA LYS A 3860 -19.34 37.30 80.61
C LYS A 3860 -20.83 37.62 80.55
N GLY A 3861 -21.28 38.37 79.55
CA GLY A 3861 -22.65 38.82 79.50
C GLY A 3861 -23.54 38.13 78.49
N ALA A 3862 -23.04 37.14 77.76
CA ALA A 3862 -23.81 36.51 76.71
C ALA A 3862 -24.03 35.04 77.01
N ASN A 3863 -25.24 34.57 76.77
CA ASN A 3863 -25.54 33.16 76.81
C ASN A 3863 -25.47 32.59 75.40
N ARG A 3864 -25.36 31.26 75.33
CA ARG A 3864 -25.19 30.60 74.05
C ARG A 3864 -26.31 30.95 73.09
N THR A 3865 -27.54 30.92 73.57
CA THR A 3865 -28.69 31.11 72.69
C THR A 3865 -28.66 32.48 72.03
N GLU A 3866 -28.38 33.51 72.82
CA GLU A 3866 -28.31 34.87 72.28
C GLU A 3866 -27.27 34.94 71.17
N THR A 3867 -26.08 34.45 71.45
CA THR A 3867 -25.01 34.55 70.47
C THR A 3867 -25.38 33.80 69.21
N VAL A 3868 -25.93 32.59 69.36
CA VAL A 3868 -26.27 31.79 68.20
C VAL A 3868 -27.30 32.49 67.34
N THR A 3869 -28.38 32.96 67.97
CA THR A 3869 -29.43 33.58 67.17
C THR A 3869 -28.96 34.90 66.57
N SER A 3870 -28.04 35.59 67.23
CA SER A 3870 -27.54 36.82 66.65
C SER A 3870 -26.62 36.54 65.48
N PHE A 3871 -25.86 35.46 65.54
CA PHE A 3871 -24.88 35.19 64.50
C PHE A 3871 -25.57 34.73 63.21
N ARG A 3872 -26.49 33.78 63.31
CA ARG A 3872 -27.09 33.23 62.11
C ARG A 3872 -27.81 34.32 61.32
N LYS A 3873 -28.32 35.33 62.00
CA LYS A 3873 -28.88 36.46 61.29
C LYS A 3873 -27.81 37.20 60.51
N ARG A 3874 -26.64 37.38 61.12
CA ARG A 3874 -25.54 37.97 60.37
C ARG A 3874 -25.14 37.09 59.21
N GLU A 3875 -25.10 35.78 59.42
CA GLU A 3875 -24.95 34.88 58.30
C GLU A 3875 -26.07 35.06 57.30
N SER A 3876 -27.27 35.36 57.77
CA SER A 3876 -28.42 35.42 56.88
C SER A 3876 -28.36 36.60 55.92
N LYS A 3877 -27.54 37.61 56.21
CA LYS A 3877 -27.52 38.81 55.39
C LYS A 3877 -26.57 38.66 54.20
N VAL A 3878 -25.29 38.41 54.47
CA VAL A 3878 -24.34 38.29 53.37
C VAL A 3878 -24.73 37.09 52.52
N PRO A 3879 -24.67 37.17 51.19
CA PRO A 3879 -25.11 36.06 50.37
C PRO A 3879 -24.28 34.81 50.62
N ALA A 3880 -24.95 33.66 50.55
CA ALA A 3880 -24.26 32.38 50.63
C ALA A 3880 -23.83 31.95 49.24
N ASP A 3881 -23.11 30.83 49.20
CA ASP A 3881 -22.60 30.23 47.96
C ASP A 3881 -21.72 31.20 47.21
N LEU A 3882 -21.24 32.24 47.88
CA LEU A 3882 -20.50 33.28 47.18
C LEU A 3882 -19.26 32.73 46.52
N LEU A 3883 -18.56 31.84 47.21
CA LEU A 3883 -17.32 31.33 46.67
C LEU A 3883 -17.57 30.47 45.45
N LYS A 3884 -18.65 29.68 45.46
CA LYS A 3884 -18.92 28.83 44.33
C LYS A 3884 -19.17 29.63 43.08
N ARG A 3885 -19.79 30.80 43.20
CA ARG A 3885 -19.96 31.65 42.04
C ARG A 3885 -18.61 32.02 41.44
N ALA A 3886 -17.62 32.25 42.29
CA ALA A 3886 -16.32 32.67 41.80
C ALA A 3886 -15.71 31.63 40.88
N PHE A 3887 -15.83 30.36 41.22
CA PHE A 3887 -15.17 29.36 40.39
C PHE A 3887 -15.92 29.18 39.08
N VAL A 3888 -17.25 29.14 39.13
CA VAL A 3888 -18.00 28.91 37.92
C VAL A 3888 -17.88 30.09 36.96
N ARG A 3889 -17.42 31.24 37.44
CA ARG A 3889 -17.17 32.34 36.54
C ARG A 3889 -15.76 32.35 35.98
N MET A 3890 -14.80 31.74 36.66
CA MET A 3890 -13.47 31.57 36.10
C MET A 3890 -13.26 30.18 35.54
N SER A 3891 -14.35 29.43 35.37
CA SER A 3891 -14.26 28.09 34.81
C SER A 3891 -15.26 27.97 33.68
N THR A 3892 -14.96 27.09 32.74
CA THR A 3892 -15.80 26.94 31.57
C THR A 3892 -16.44 25.56 31.48
N SER A 3893 -15.70 24.57 31.45
CA SER A 3893 -16.45 23.34 31.34
C SER A 3893 -16.52 22.66 32.69
N PRO A 3894 -17.59 21.93 32.96
CA PRO A 3894 -17.83 21.43 34.31
C PRO A 3894 -16.66 20.68 34.89
N GLU A 3895 -15.97 19.86 34.10
CA GLU A 3895 -14.84 19.12 34.62
C GLU A 3895 -13.77 20.04 35.18
N ALA A 3896 -13.61 21.21 34.58
CA ALA A 3896 -12.73 22.20 35.17
C ALA A 3896 -13.24 22.59 36.54
N PHE A 3897 -14.55 22.76 36.68
CA PHE A 3897 -15.07 23.14 37.98
C PHE A 3897 -14.82 22.06 39.00
N LEU A 3898 -15.00 20.80 38.62
CA LEU A 3898 -14.74 19.71 39.56
C LEU A 3898 -13.29 19.69 39.97
N ALA A 3899 -12.39 19.78 39.00
CA ALA A 3899 -10.97 19.76 39.34
C ALA A 3899 -10.65 20.89 40.29
N LEU A 3900 -11.13 22.10 39.99
CA LEU A 3900 -10.84 23.24 40.83
C LEU A 3900 -11.39 23.06 42.22
N ARG A 3901 -12.65 22.68 42.32
CA ARG A 3901 -13.26 22.58 43.64
C ARG A 3901 -12.55 21.54 44.48
N SER A 3902 -12.32 20.36 43.90
CA SER A 3902 -11.66 19.32 44.66
C SER A 3902 -10.28 19.77 45.10
N HIS A 3903 -9.52 20.34 44.17
CA HIS A 3903 -8.16 20.74 44.48
C HIS A 3903 -8.14 21.78 45.59
N PHE A 3904 -9.01 22.77 45.48
CA PHE A 3904 -9.05 23.82 46.48
C PHE A 3904 -9.40 23.25 47.84
N ALA A 3905 -10.45 22.45 47.91
CA ALA A 3905 -10.87 21.93 49.20
C ALA A 3905 -9.75 21.11 49.82
N SER A 3906 -9.11 20.28 49.01
CA SER A 3906 -8.00 19.48 49.52
C SER A 3906 -6.92 20.35 50.11
N SER A 3907 -6.44 21.32 49.34
CA SER A 3907 -5.34 22.13 49.83
C SER A 3907 -5.75 22.90 51.06
N HIS A 3908 -6.98 23.37 51.11
CA HIS A 3908 -7.40 24.13 52.27
C HIS A 3908 -7.41 23.28 53.52
N ALA A 3909 -7.97 22.08 53.44
CA ALA A 3909 -7.96 21.23 54.61
C ALA A 3909 -6.52 20.98 55.06
N LEU A 3910 -5.63 20.77 54.10
CA LEU A 3910 -4.25 20.47 54.45
C LEU A 3910 -3.61 21.63 55.18
N ILE A 3911 -3.77 22.84 54.66
CA ILE A 3911 -3.24 24.01 55.35
C ILE A 3911 -3.83 24.09 56.74
N CYS A 3912 -5.12 23.80 56.87
CA CYS A 3912 -5.75 23.94 58.17
C CYS A 3912 -5.08 23.04 59.18
N ILE A 3913 -4.89 21.76 58.83
CA ILE A 3913 -4.33 20.85 59.81
C ILE A 3913 -2.88 21.22 60.11
N SER A 3914 -2.11 21.60 59.09
CA SER A 3914 -0.72 21.94 59.34
C SER A 3914 -0.63 23.11 60.30
N HIS A 3915 -1.42 24.15 60.04
CA HIS A 3915 -1.38 25.31 60.91
C HIS A 3915 -1.80 24.95 62.31
N TRP A 3916 -2.81 24.11 62.46
CA TRP A 3916 -3.23 23.79 63.80
C TRP A 3916 -2.15 23.03 64.56
N ILE A 3917 -1.42 22.15 63.86
CA ILE A 3917 -0.27 21.54 64.51
C ILE A 3917 0.72 22.61 64.95
N LEU A 3918 1.00 23.56 64.07
CA LEU A 3918 1.92 24.61 64.43
C LEU A 3918 1.28 25.68 65.30
N GLY A 3919 0.00 25.55 65.60
CA GLY A 3919 -0.63 26.51 66.49
C GLY A 3919 -0.71 27.91 65.94
N ILE A 3920 -0.55 28.07 64.63
CA ILE A 3920 -0.60 29.40 64.05
C ILE A 3920 -2.02 29.95 64.14
N GLY A 3921 -2.12 31.25 64.41
CA GLY A 3921 -3.43 31.89 64.44
C GLY A 3921 -3.56 33.03 63.45
N ASP A 3922 -4.51 33.93 63.71
CA ASP A 3922 -4.73 35.11 62.87
C ASP A 3922 -4.89 34.72 61.41
N ARG A 3923 -5.82 33.82 61.16
CA ARG A 3923 -6.05 33.36 59.79
C ARG A 3923 -7.17 34.14 59.14
N HIS A 3924 -6.99 35.45 59.08
CA HIS A 3924 -7.99 36.28 58.43
C HIS A 3924 -7.80 36.23 56.92
N LEU A 3925 -8.80 36.74 56.21
CA LEU A 3925 -8.93 36.46 54.79
C LEU A 3925 -7.82 37.07 53.96
N ASN A 3926 -7.05 38.00 54.51
CA ASN A 3926 -5.92 38.52 53.75
C ASN A 3926 -4.72 37.61 53.80
N ASN A 3927 -4.88 36.36 54.18
CA ASN A 3927 -3.72 35.50 54.38
C ASN A 3927 -3.73 34.27 53.50
N PHE A 3928 -4.63 34.17 52.55
CA PHE A 3928 -4.70 32.98 51.70
C PHE A 3928 -4.61 33.42 50.25
N MET A 3929 -3.39 33.59 49.76
CA MET A 3929 -3.21 33.85 48.35
C MET A 3929 -3.57 32.58 47.58
N VAL A 3930 -4.69 32.60 46.87
CA VAL A 3930 -5.10 31.46 46.08
C VAL A 3930 -4.59 31.64 44.65
N ALA A 3931 -4.03 30.56 44.10
CA ALA A 3931 -3.60 30.57 42.71
C ALA A 3931 -4.83 30.44 41.82
N MET A 3932 -5.22 31.53 41.20
CA MET A 3932 -6.50 31.61 40.52
C MET A 3932 -6.60 30.64 39.35
N GLU A 3933 -5.48 30.13 38.85
CA GLU A 3933 -5.51 29.20 37.73
C GLU A 3933 -5.51 27.76 38.18
N THR A 3934 -5.22 27.49 39.45
CA THR A 3934 -5.12 26.13 39.94
C THR A 3934 -6.03 25.85 41.12
N GLY A 3935 -6.21 26.81 42.01
CA GLY A 3935 -6.99 26.59 43.21
C GLY A 3935 -6.19 26.10 44.39
N GLY A 3936 -4.88 26.17 44.34
CA GLY A 3936 -4.08 25.76 45.48
C GLY A 3936 -3.89 26.87 46.48
N VAL A 3937 -4.63 26.81 47.59
CA VAL A 3937 -4.50 27.84 48.61
C VAL A 3937 -3.11 27.80 49.21
N ILE A 3938 -2.52 28.97 49.42
CA ILE A 3938 -1.22 29.09 50.03
C ILE A 3938 -1.33 30.04 51.21
N GLY A 3939 -0.78 29.64 52.34
CA GLY A 3939 -0.73 30.53 53.48
C GLY A 3939 0.40 31.52 53.34
N ILE A 3940 0.28 32.64 54.05
CA ILE A 3940 1.31 33.67 54.07
C ILE A 3940 1.40 34.26 55.47
N ASP A 3941 2.51 34.96 55.72
CA ASP A 3941 2.65 35.87 56.85
C ASP A 3941 2.41 35.15 58.18
N PHE A 3942 3.29 34.20 58.46
CA PHE A 3942 3.14 33.36 59.64
C PHE A 3942 3.81 34.02 60.85
N GLY A 3943 3.24 35.15 61.26
CA GLY A 3943 3.75 35.83 62.42
C GLY A 3943 3.48 35.06 63.69
N HIS A 3944 2.23 34.99 64.10
CA HIS A 3944 1.89 34.28 65.31
C HIS A 3944 2.18 32.80 65.15
N ALA A 3945 2.78 32.21 66.17
CA ALA A 3945 3.16 30.81 66.10
C ALA A 3945 3.03 30.19 67.48
N PHE A 3946 2.64 28.92 67.50
CA PHE A 3946 2.68 28.11 68.70
C PHE A 3946 1.87 28.75 69.83
N GLY A 3947 0.57 28.89 69.58
CA GLY A 3947 -0.30 29.38 70.62
C GLY A 3947 -0.09 30.84 70.97
N SER A 3948 0.80 31.53 70.29
CA SER A 3948 0.94 32.96 70.53
C SER A 3948 -0.36 33.67 70.25
N ALA A 3949 -1.15 33.16 69.32
CA ALA A 3949 -2.43 33.77 69.02
C ALA A 3949 -3.44 33.57 70.12
N THR A 3950 -3.13 32.78 71.13
CA THR A 3950 -4.04 32.60 72.24
C THR A 3950 -3.53 33.16 73.55
N GLN A 3951 -2.23 33.07 73.80
CA GLN A 3951 -1.72 33.48 75.09
C GLN A 3951 -1.51 34.97 75.20
N PHE A 3952 -1.34 35.67 74.09
CA PHE A 3952 -0.91 37.06 74.14
C PHE A 3952 -1.77 37.92 73.25
N LEU A 3953 -3.08 37.78 73.36
CA LEU A 3953 -3.92 38.70 72.63
C LEU A 3953 -4.99 39.26 73.54
N PRO A 3954 -5.39 40.51 73.32
CA PRO A 3954 -6.50 41.06 74.10
C PRO A 3954 -7.76 40.24 73.96
N VAL A 3955 -8.04 39.75 72.75
CA VAL A 3955 -9.13 38.82 72.52
C VAL A 3955 -8.50 37.49 72.11
N PRO A 3956 -8.79 36.41 72.80
CA PRO A 3956 -8.18 35.13 72.45
C PRO A 3956 -8.81 34.52 71.21
N GLU A 3957 -7.97 33.81 70.46
CA GLU A 3957 -8.40 33.14 69.24
C GLU A 3957 -8.66 31.68 69.58
N LEU A 3958 -9.93 31.33 69.71
CA LEU A 3958 -10.24 29.99 70.17
C LEU A 3958 -10.32 29.00 69.03
N MET A 3959 -10.70 29.43 67.84
CA MET A 3959 -10.82 28.48 66.74
C MET A 3959 -9.42 28.00 66.35
N PRO A 3960 -9.28 26.73 65.98
CA PRO A 3960 -7.96 26.27 65.52
C PRO A 3960 -7.64 26.78 64.13
N PHE A 3961 -8.63 26.89 63.27
CA PHE A 3961 -8.42 27.35 61.91
C PHE A 3961 -9.76 27.86 61.37
N ARG A 3962 -9.77 28.24 60.11
CA ARG A 3962 -10.93 28.92 59.53
C ARG A 3962 -11.65 27.95 58.62
N LEU A 3963 -12.81 27.47 59.08
CA LEU A 3963 -13.81 26.86 58.21
C LEU A 3963 -15.08 27.64 58.46
N THR A 3964 -15.21 28.77 57.78
CA THR A 3964 -16.36 29.63 57.98
C THR A 3964 -17.52 29.08 57.18
N ARG A 3965 -18.57 29.89 57.06
CA ARG A 3965 -19.72 29.46 56.28
C ARG A 3965 -19.31 29.15 54.85
N GLN A 3966 -18.52 30.01 54.24
CA GLN A 3966 -18.30 29.92 52.80
C GLN A 3966 -17.63 28.60 52.44
N PHE A 3967 -16.62 28.21 53.21
CA PHE A 3967 -15.89 27.00 52.88
C PHE A 3967 -16.77 25.78 52.99
N ILE A 3968 -17.64 25.74 53.99
CA ILE A 3968 -18.65 24.70 54.02
C ILE A 3968 -19.62 24.90 52.87
N ASN A 3969 -19.98 26.14 52.59
CA ASN A 3969 -20.89 26.39 51.48
C ASN A 3969 -20.24 26.18 50.14
N LEU A 3970 -18.97 25.79 50.11
CA LEU A 3970 -18.35 25.47 48.83
C LEU A 3970 -19.05 24.32 48.15
N MET A 3971 -19.28 23.24 48.89
CA MET A 3971 -20.11 22.15 48.41
C MET A 3971 -21.26 21.99 49.38
N LEU A 3972 -22.46 22.15 48.88
CA LEU A 3972 -23.60 22.03 49.78
C LEU A 3972 -24.01 20.58 49.99
N PRO A 3973 -24.11 19.76 48.93
CA PRO A 3973 -24.64 18.40 49.15
C PRO A 3973 -23.83 17.59 50.13
N MET A 3974 -22.52 17.54 49.97
CA MET A 3974 -21.67 16.81 50.89
C MET A 3974 -21.53 17.65 52.14
N LYS A 3975 -22.08 17.16 53.25
CA LYS A 3975 -22.37 18.04 54.37
C LYS A 3975 -21.12 18.70 54.92
N GLU A 3976 -20.30 17.95 55.65
CA GLU A 3976 -18.93 18.40 55.90
C GLU A 3976 -17.96 17.23 55.96
N THR A 3977 -18.49 16.04 56.21
CA THR A 3977 -17.64 14.88 56.45
C THR A 3977 -17.24 14.21 55.15
N GLY A 3978 -17.18 14.97 54.08
CA GLY A 3978 -16.73 14.42 52.82
C GLY A 3978 -15.24 14.57 52.67
N LEU A 3979 -14.81 15.32 51.66
CA LEU A 3979 -13.41 15.30 51.30
C LEU A 3979 -12.54 15.89 52.40
N MET A 3980 -12.96 16.99 52.99
CA MET A 3980 -12.11 17.65 53.96
C MET A 3980 -11.82 16.73 55.15
N TYR A 3981 -12.85 16.05 55.64
CA TYR A 3981 -12.63 15.18 56.79
C TYR A 3981 -11.66 14.06 56.44
N SER A 3982 -11.85 13.44 55.29
CA SER A 3982 -10.98 12.34 54.91
C SER A 3982 -9.55 12.82 54.79
N ILE A 3983 -9.34 13.97 54.15
CA ILE A 3983 -7.98 14.46 53.97
C ILE A 3983 -7.34 14.73 55.31
N MET A 3984 -8.06 15.40 56.20
CA MET A 3984 -7.44 15.70 57.47
C MET A 3984 -7.14 14.43 58.25
N VAL A 3985 -8.01 13.43 58.17
CA VAL A 3985 -7.71 12.18 58.84
C VAL A 3985 -6.44 11.57 58.29
N HIS A 3986 -6.32 11.53 56.96
CA HIS A 3986 -5.13 10.95 56.36
C HIS A 3986 -3.88 11.66 56.83
N ALA A 3987 -3.88 12.98 56.71
CA ALA A 3987 -2.71 13.73 57.13
C ALA A 3987 -2.41 13.48 58.58
N LEU A 3988 -3.43 13.47 59.43
CA LEU A 3988 -3.16 13.44 60.85
C LEU A 3988 -2.60 12.09 61.26
N ARG A 3989 -3.12 10.99 60.71
CA ARG A 3989 -2.48 9.73 61.02
C ARG A 3989 -1.06 9.71 60.49
N ALA A 3990 -0.84 10.27 59.30
CA ALA A 3990 0.51 10.31 58.78
C ALA A 3990 1.42 11.08 59.73
N PHE A 3991 0.87 12.03 60.45
CA PHE A 3991 1.70 12.82 61.35
C PHE A 3991 1.98 12.08 62.64
N ARG A 3992 0.93 11.64 63.32
CA ARG A 3992 1.17 10.95 64.58
C ARG A 3992 1.84 9.61 64.39
N SER A 3993 2.01 9.15 63.15
CA SER A 3993 2.71 7.91 62.89
C SER A 3993 4.22 8.08 62.82
N ASP A 3994 4.73 9.29 62.96
CA ASP A 3994 6.18 9.47 63.00
C ASP A 3994 6.56 10.81 63.62
N PRO A 3995 6.44 10.96 64.93
CA PRO A 3995 6.86 12.20 65.58
C PRO A 3995 8.37 12.33 65.73
N GLY A 3996 9.13 11.30 65.34
CA GLY A 3996 10.56 11.33 65.58
C GLY A 3996 11.21 12.55 64.95
N LEU A 3997 10.89 12.80 63.68
CA LEU A 3997 11.40 14.00 63.05
C LEU A 3997 10.77 15.25 63.63
N LEU A 3998 9.47 15.41 63.44
CA LEU A 3998 8.83 16.69 63.70
C LEU A 3998 9.06 17.15 65.13
N THR A 3999 8.73 16.29 66.10
CA THR A 3999 8.85 16.72 67.48
C THR A 3999 10.28 17.10 67.80
N ASN A 4000 11.25 16.37 67.25
CA ASN A 4000 12.62 16.86 67.32
C ASN A 4000 12.78 18.11 66.47
N THR A 4001 12.20 18.12 65.29
CA THR A 4001 12.44 19.21 64.36
C THR A 4001 11.92 20.53 64.93
N MET A 4002 10.67 20.53 65.34
CA MET A 4002 10.07 21.75 65.88
C MET A 4002 10.48 22.01 67.30
N ASP A 4003 11.48 21.28 67.81
CA ASP A 4003 12.01 21.58 69.13
C ASP A 4003 12.98 22.74 69.07
N VAL A 4004 14.10 22.56 68.35
CA VAL A 4004 15.14 23.57 68.31
C VAL A 4004 14.64 24.86 67.72
N PHE A 4005 13.59 24.81 66.91
CA PHE A 4005 13.01 26.03 66.41
C PHE A 4005 12.67 26.98 67.55
N VAL A 4006 11.95 26.48 68.55
CA VAL A 4006 11.52 27.35 69.63
C VAL A 4006 12.56 27.44 70.73
N LYS A 4007 13.48 26.48 70.81
CA LYS A 4007 14.42 26.49 71.91
C LYS A 4007 15.40 27.66 71.82
N GLU A 4008 15.74 28.07 70.61
CA GLU A 4008 16.79 29.06 70.45
C GLU A 4008 16.30 30.42 70.90
N PRO A 4009 17.21 31.34 71.21
CA PRO A 4009 16.80 32.64 71.77
C PRO A 4009 16.29 33.66 70.77
N SER A 4010 16.62 33.54 69.49
CA SER A 4010 16.29 34.60 68.55
C SER A 4010 14.80 34.72 68.28
N PHE A 4011 13.98 33.80 68.76
CA PHE A 4011 12.53 33.98 68.61
C PHE A 4011 11.88 34.02 69.97
N ASP A 4012 12.45 34.80 70.87
CA ASP A 4012 11.96 34.90 72.24
C ASP A 4012 11.02 36.09 72.36
N TRP A 4013 10.74 36.48 73.61
CA TRP A 4013 9.64 37.40 73.91
C TRP A 4013 9.74 38.69 73.12
N LYS A 4014 10.88 39.36 73.19
CA LYS A 4014 10.99 40.68 72.58
C LYS A 4014 10.73 40.61 71.09
N ASN A 4015 11.45 39.74 70.40
CA ASN A 4015 11.24 39.52 68.97
C ASN A 4015 9.76 39.56 68.64
N PHE A 4016 8.99 38.76 69.36
CA PHE A 4016 7.55 38.78 69.21
C PHE A 4016 6.98 40.16 69.51
N GLU A 4017 7.50 40.81 70.53
CA GLU A 4017 6.95 42.11 70.92
C GLU A 4017 7.00 43.08 69.75
N GLN A 4018 8.21 43.32 69.25
CA GLN A 4018 8.36 44.22 68.11
C GLN A 4018 7.54 43.72 66.94
N LYS A 4019 7.57 42.41 66.70
CA LYS A 4019 6.89 41.86 65.54
C LYS A 4019 5.41 42.22 65.56
N MET A 4020 4.74 41.94 66.65
CA MET A 4020 3.31 42.19 66.73
C MET A 4020 2.98 43.65 66.96
N LEU A 4021 3.98 44.48 67.24
CA LEU A 4021 3.69 45.91 67.33
C LEU A 4021 3.11 46.47 66.04
N LYS A 4022 3.33 45.81 64.92
CA LYS A 4022 3.05 46.44 63.63
C LYS A 4022 2.25 45.55 62.70
N LYS A 4023 1.54 44.57 63.23
CA LYS A 4023 0.83 43.63 62.37
C LYS A 4023 -0.51 43.28 62.98
N GLY A 4024 -1.50 43.07 62.12
CA GLY A 4024 -2.81 42.64 62.56
C GLY A 4024 -3.64 43.78 63.12
N GLY A 4025 -4.73 43.39 63.78
CA GLY A 4025 -5.67 44.35 64.33
C GLY A 4025 -6.03 44.12 65.78
N SER A 4026 -5.58 43.01 66.36
CA SER A 4026 -5.95 42.72 67.75
C SER A 4026 -5.11 43.51 68.73
N TRP A 4027 -3.78 43.45 68.63
CA TRP A 4027 -2.92 44.22 69.51
C TRP A 4027 -1.84 44.90 68.67
N ILE A 4028 -2.19 46.07 68.14
CA ILE A 4028 -1.22 47.01 67.60
C ILE A 4028 -1.47 48.32 68.34
N GLN A 4029 -2.23 48.22 69.42
CA GLN A 4029 -2.65 49.38 70.20
C GLN A 4029 -2.26 49.13 71.65
N GLU A 4030 -2.20 47.86 72.03
CA GLU A 4030 -1.90 47.50 73.41
C GLU A 4030 -0.39 47.39 73.57
N ILE A 4031 0.17 48.27 74.39
CA ILE A 4031 1.59 48.29 74.69
C ILE A 4031 1.75 48.11 76.19
N ASN A 4032 2.34 47.00 76.60
CA ASN A 4032 2.52 46.69 78.01
C ASN A 4032 3.68 45.71 78.15
N VAL A 4033 4.77 46.19 78.74
CA VAL A 4033 5.99 45.39 78.82
C VAL A 4033 5.94 44.48 80.03
N ALA A 4034 5.28 43.34 79.87
CA ALA A 4034 5.26 42.31 80.91
C ALA A 4034 4.92 41.00 80.20
N GLU A 4035 5.93 40.18 79.94
CA GLU A 4035 5.68 38.91 79.29
C GLU A 4035 4.95 37.98 80.23
N LYS A 4036 3.89 37.36 79.73
CA LYS A 4036 3.05 36.50 80.57
C LYS A 4036 3.55 35.06 80.46
N ASN A 4037 4.68 34.83 81.13
CA ASN A 4037 5.25 33.50 81.23
C ASN A 4037 5.53 32.92 79.85
N TRP A 4038 6.40 33.60 79.12
CA TRP A 4038 6.85 33.11 77.81
C TRP A 4038 7.87 32.00 78.05
N TYR A 4039 7.33 30.81 78.28
CA TYR A 4039 8.19 29.65 78.48
C TYR A 4039 8.07 28.69 77.31
N PRO A 4040 9.10 28.59 76.48
CA PRO A 4040 9.04 27.63 75.38
C PRO A 4040 8.97 26.20 75.83
N ARG A 4041 9.39 25.90 77.06
CA ARG A 4041 9.34 24.50 77.51
C ARG A 4041 7.93 23.97 77.48
N GLN A 4042 6.96 24.83 77.77
CA GLN A 4042 5.57 24.45 77.68
C GLN A 4042 4.96 24.83 76.33
N LYS A 4043 5.53 25.81 75.65
CA LYS A 4043 5.13 26.07 74.27
C LYS A 4043 5.42 24.88 73.38
N ILE A 4044 6.41 24.08 73.73
CA ILE A 4044 6.69 22.85 73.00
C ILE A 4044 6.01 21.65 73.63
N CYS A 4045 5.71 21.71 74.93
CA CYS A 4045 5.04 20.58 75.56
C CYS A 4045 3.67 20.35 74.93
N TYR A 4046 2.94 21.42 74.67
CA TYR A 4046 1.59 21.26 74.14
C TYR A 4046 1.60 20.64 72.76
N ALA A 4047 2.54 21.04 71.89
CA ALA A 4047 2.52 20.50 70.54
C ALA A 4047 2.68 18.99 70.57
N LYS A 4048 3.63 18.51 71.36
CA LYS A 4048 3.85 17.07 71.42
C LYS A 4048 2.60 16.36 71.92
N ARG A 4049 1.94 16.95 72.92
CA ARG A 4049 0.70 16.38 73.41
C ARG A 4049 -0.36 16.36 72.33
N LYS A 4050 -0.42 17.42 71.52
CA LYS A 4050 -1.32 17.41 70.38
C LYS A 4050 -1.02 16.25 69.46
N LEU A 4051 0.24 15.92 69.28
CA LEU A 4051 0.56 14.79 68.44
C LEU A 4051 0.21 13.45 69.08
N ALA A 4052 -0.32 13.46 70.30
CA ALA A 4052 -0.61 12.24 71.04
C ALA A 4052 -2.08 12.10 71.33
N GLY A 4053 -2.92 12.49 70.37
CA GLY A 4053 -4.34 12.31 70.52
C GLY A 4053 -4.92 13.06 71.70
N ALA A 4054 -4.53 14.31 71.85
CA ALA A 4054 -5.03 15.15 72.92
C ALA A 4054 -6.27 15.89 72.44
N ASN A 4055 -7.20 16.10 73.35
CA ASN A 4055 -8.44 16.75 72.98
C ASN A 4055 -8.22 18.22 72.69
N PRO A 4056 -8.53 18.70 71.49
CA PRO A 4056 -8.26 20.10 71.15
C PRO A 4056 -8.92 21.07 72.08
N ALA A 4057 -10.10 20.73 72.60
CA ALA A 4057 -10.74 21.60 73.57
C ALA A 4057 -9.87 21.76 74.79
N VAL A 4058 -9.33 20.66 75.30
CA VAL A 4058 -8.50 20.73 76.49
C VAL A 4058 -7.24 21.53 76.20
N ILE A 4059 -6.64 21.32 75.04
CA ILE A 4059 -5.42 22.04 74.70
C ILE A 4059 -5.69 23.53 74.66
N THR A 4060 -6.75 23.93 73.98
CA THR A 4060 -7.06 25.35 73.89
C THR A 4060 -7.36 25.93 75.27
N CYS A 4061 -8.14 25.23 76.08
CA CYS A 4061 -8.47 25.76 77.39
C CYS A 4061 -7.23 25.90 78.25
N ASP A 4062 -6.35 24.90 78.22
CA ASP A 4062 -5.12 24.99 78.98
C ASP A 4062 -4.29 26.17 78.52
N GLU A 4063 -4.22 26.39 77.21
CA GLU A 4063 -3.45 27.51 76.70
C GLU A 4063 -3.87 28.82 77.34
N LEU A 4064 -5.18 28.99 77.56
CA LEU A 4064 -5.65 30.24 78.12
C LEU A 4064 -5.09 30.49 79.51
N LEU A 4065 -4.79 29.43 80.24
CA LEU A 4065 -4.27 29.61 81.59
C LEU A 4065 -2.96 30.38 81.56
N LEU A 4066 -2.08 30.03 80.64
CA LEU A 4066 -0.76 30.64 80.64
C LEU A 4066 -0.77 32.09 80.19
N GLY A 4067 -1.89 32.59 79.68
CA GLY A 4067 -1.86 33.94 79.16
C GLY A 4067 -3.08 34.78 79.46
N HIS A 4068 -4.06 34.25 80.17
CA HIS A 4068 -5.25 35.04 80.46
C HIS A 4068 -5.81 34.78 81.85
N GLU A 4069 -5.08 34.06 82.71
CA GLU A 4069 -5.60 33.79 84.04
C GLU A 4069 -5.87 35.09 84.79
N LYS A 4070 -4.92 36.02 84.75
CA LYS A 4070 -5.09 37.25 85.50
C LYS A 4070 -6.20 38.12 84.93
N ALA A 4071 -6.58 37.88 83.71
CA ALA A 4071 -7.73 38.69 83.35
C ALA A 4071 -9.01 38.05 83.87
N PRO A 4072 -9.98 38.86 84.26
CA PRO A 4072 -11.30 38.30 84.63
C PRO A 4072 -12.03 37.74 83.43
N ALA A 4073 -13.26 37.29 83.64
CA ALA A 4073 -14.05 36.61 82.62
C ALA A 4073 -13.32 35.40 82.06
N PHE A 4074 -12.30 34.93 82.76
CA PHE A 4074 -11.57 33.75 82.31
C PHE A 4074 -12.48 32.54 82.26
N ARG A 4075 -13.32 32.37 83.28
CA ARG A 4075 -14.29 31.28 83.26
C ARG A 4075 -15.18 31.38 82.04
N ASP A 4076 -15.55 32.61 81.67
CA ASP A 4076 -16.37 32.81 80.48
C ASP A 4076 -15.61 32.48 79.21
N TYR A 4077 -14.29 32.38 79.28
CA TYR A 4077 -13.58 31.86 78.13
C TYR A 4077 -13.64 30.35 78.09
N VAL A 4078 -13.39 29.70 79.21
CA VAL A 4078 -13.35 28.25 79.22
C VAL A 4078 -14.72 27.68 78.89
N ALA A 4079 -15.77 28.29 79.43
CA ALA A 4079 -17.11 27.77 79.21
C ALA A 4079 -17.46 27.75 77.73
N VAL A 4080 -17.04 28.77 76.99
CA VAL A 4080 -17.23 28.72 75.56
C VAL A 4080 -16.24 27.75 74.93
N ALA A 4081 -15.06 27.63 75.52
CA ALA A 4081 -14.03 26.78 74.93
C ALA A 4081 -14.47 25.33 74.86
N ARG A 4082 -14.72 24.73 76.00
CA ARG A 4082 -15.06 23.32 76.00
C ARG A 4082 -16.45 23.07 75.52
N GLY A 4083 -17.14 24.08 75.00
CA GLY A 4083 -18.42 23.85 74.37
C GLY A 4083 -19.48 23.40 75.35
N SER A 4084 -20.52 22.75 74.80
CA SER A 4084 -21.67 22.32 75.58
C SER A 4084 -21.68 20.80 75.67
N LYS A 4085 -21.82 20.29 76.90
CA LYS A 4085 -21.88 18.86 77.10
C LYS A 4085 -23.01 18.23 76.31
N ASP A 4086 -24.09 18.97 76.10
CA ASP A 4086 -25.23 18.45 75.36
C ASP A 4086 -25.12 18.68 73.86
N HIS A 4087 -24.39 19.70 73.45
CA HIS A 4087 -24.44 20.15 72.06
C HIS A 4087 -23.17 19.85 71.27
N ASN A 4088 -22.02 20.18 71.83
CA ASN A 4088 -20.76 20.11 71.11
C ASN A 4088 -20.06 18.79 71.37
N ILE A 4089 -19.50 18.20 70.32
CA ILE A 4089 -18.86 16.91 70.46
C ILE A 4089 -17.70 17.00 71.43
N ARG A 4090 -16.88 18.04 71.30
CA ARG A 4090 -15.64 18.13 72.04
C ARG A 4090 -15.88 18.20 73.54
N ALA A 4091 -17.13 18.26 73.94
CA ALA A 4091 -17.48 18.10 75.34
C ALA A 4091 -17.86 16.67 75.68
N GLN A 4092 -18.20 15.86 74.69
CA GLN A 4092 -18.62 14.49 74.91
C GLN A 4092 -17.49 13.49 74.71
N GLU A 4093 -16.26 13.86 75.05
CA GLU A 4093 -15.15 13.06 74.61
C GLU A 4093 -14.18 12.80 75.76
N PRO A 4094 -13.41 11.71 75.67
CA PRO A 4094 -12.33 11.50 76.64
C PRO A 4094 -11.36 12.66 76.60
N GLU A 4095 -10.82 12.99 77.76
CA GLU A 4095 -10.05 14.21 77.87
C GLU A 4095 -8.70 14.09 77.17
N SER A 4096 -8.25 12.89 76.87
CA SER A 4096 -6.99 12.67 76.18
C SER A 4096 -6.96 11.24 75.69
N GLY A 4097 -5.82 10.82 75.15
CA GLY A 4097 -5.65 9.47 74.67
C GLY A 4097 -6.59 9.12 73.55
N LEU A 4098 -6.71 10.01 72.57
CA LEU A 4098 -7.71 9.87 71.53
C LEU A 4098 -7.13 9.29 70.26
N SER A 4099 -8.02 8.77 69.42
CA SER A 4099 -7.65 8.26 68.11
C SER A 4099 -7.69 9.39 67.10
N GLU A 4100 -6.87 9.26 66.06
CA GLU A 4100 -6.84 10.29 65.05
C GLU A 4100 -8.16 10.44 64.33
N GLU A 4101 -8.97 9.39 64.27
CA GLU A 4101 -10.17 9.44 63.45
C GLU A 4101 -11.31 10.13 64.14
N THR A 4102 -11.22 10.33 65.44
CA THR A 4102 -12.24 11.10 66.15
C THR A 4102 -11.76 12.48 66.54
N GLN A 4103 -10.45 12.71 66.49
CA GLN A 4103 -9.94 13.98 66.95
C GLN A 4103 -10.23 15.08 65.95
N VAL A 4104 -10.13 14.76 64.66
CA VAL A 4104 -10.49 15.71 63.63
C VAL A 4104 -11.95 16.12 63.79
N LYS A 4105 -12.78 15.21 64.29
CA LYS A 4105 -14.16 15.58 64.55
C LYS A 4105 -14.22 16.71 65.56
N CYS A 4106 -13.42 16.62 66.63
CA CYS A 4106 -13.38 17.72 67.59
C CYS A 4106 -12.90 18.99 66.93
N LEU A 4107 -11.86 18.89 66.10
CA LEU A 4107 -11.38 20.08 65.41
C LEU A 4107 -12.50 20.76 64.64
N MET A 4108 -13.24 20.00 63.85
CA MET A 4108 -14.31 20.62 63.09
C MET A 4108 -15.37 21.20 64.01
N ASP A 4109 -15.90 20.38 64.90
CA ASP A 4109 -17.03 20.82 65.72
C ASP A 4109 -16.67 22.01 66.58
N GLN A 4110 -15.39 22.23 66.85
CA GLN A 4110 -14.99 23.49 67.44
C GLN A 4110 -14.93 24.59 66.40
N ALA A 4111 -14.20 24.34 65.32
CA ALA A 4111 -13.87 25.41 64.39
C ALA A 4111 -15.08 26.02 63.74
N THR A 4112 -16.23 25.34 63.78
CA THR A 4112 -17.44 25.87 63.18
C THR A 4112 -18.51 26.16 64.22
N ASP A 4113 -18.15 26.21 65.49
CA ASP A 4113 -19.16 26.50 66.51
C ASP A 4113 -19.58 27.95 66.41
N PRO A 4114 -20.85 28.24 66.15
CA PRO A 4114 -21.30 29.62 66.23
C PRO A 4114 -21.11 30.20 67.61
N ASN A 4115 -21.22 29.37 68.64
CA ASN A 4115 -21.00 29.85 69.99
C ASN A 4115 -19.61 30.43 70.17
N ILE A 4116 -18.67 30.03 69.34
CA ILE A 4116 -17.36 30.64 69.31
C ILE A 4116 -17.30 31.73 68.26
N LEU A 4117 -17.71 31.40 67.04
CA LEU A 4117 -17.65 32.36 65.96
C LEU A 4117 -18.45 33.60 66.28
N GLY A 4118 -19.58 33.45 66.96
CA GLY A 4118 -20.40 34.60 67.27
C GLY A 4118 -19.63 35.65 68.05
N ARG A 4119 -18.90 35.23 69.06
CA ARG A 4119 -18.15 36.13 69.90
C ARG A 4119 -16.67 35.97 69.56
N THR A 4120 -16.20 36.74 68.59
CA THR A 4120 -14.79 36.71 68.25
C THR A 4120 -14.39 38.04 67.66
N TRP A 4121 -13.09 38.19 67.44
CA TRP A 4121 -12.55 39.46 66.99
C TRP A 4121 -13.20 39.92 65.70
N GLU A 4122 -13.49 41.22 65.64
CA GLU A 4122 -14.23 41.76 64.50
C GLU A 4122 -13.43 41.69 63.22
N GLY A 4123 -12.12 41.89 63.31
CA GLY A 4123 -11.31 41.87 62.11
C GLY A 4123 -11.04 40.51 61.54
N TRP A 4124 -11.41 39.46 62.25
CA TRP A 4124 -11.14 38.11 61.77
C TRP A 4124 -12.22 37.61 60.83
N GLU A 4125 -13.25 38.40 60.58
CA GLU A 4125 -14.27 38.08 59.61
C GLU A 4125 -14.97 36.77 59.91
N PRO A 4126 -15.86 36.73 60.89
CA PRO A 4126 -16.63 35.50 61.13
C PRO A 4126 -17.64 35.20 60.04
N TRP A 4127 -18.32 36.21 59.52
CA TRP A 4127 -19.46 35.94 58.65
C TRP A 4127 -19.05 35.21 57.38
N MET A 4128 -18.21 35.81 56.56
CA MET A 4128 -17.62 35.04 55.48
C MET A 4128 -16.35 34.43 56.02
N UNK A 4129 -24.29 29.51 -36.65
CA UNK A 4129 -24.71 29.51 -38.04
C UNK A 4129 -23.59 28.97 -38.92
N UNK A 4130 -22.53 28.50 -38.30
CA UNK A 4130 -21.36 28.00 -39.01
C UNK A 4130 -20.73 26.85 -38.23
N UNK A 4131 -20.69 25.67 -38.84
CA UNK A 4131 -19.89 24.57 -38.29
C UNK A 4131 -19.27 23.77 -39.42
N UNK A 4132 -17.97 23.91 -39.59
CA UNK A 4132 -17.21 23.12 -40.55
C UNK A 4132 -16.50 21.96 -39.88
N UNK A 4133 -16.77 21.71 -38.60
CA UNK A 4133 -16.11 20.65 -37.86
C UNK A 4133 -16.47 19.29 -38.42
N UNK A 4134 -17.30 19.26 -39.45
CA UNK A 4134 -17.85 18.03 -40.00
C UNK A 4134 -16.99 17.54 -41.15
N UNK A 4135 -15.79 18.09 -41.29
CA UNK A 4135 -14.95 17.77 -42.43
C UNK A 4135 -13.97 16.63 -42.19
N UNK A 4136 -13.95 16.06 -40.99
CA UNK A 4136 -13.02 14.98 -40.70
C UNK A 4136 -13.59 13.97 -39.70
N UNK A 4137 26.57 28.01 -15.04
CA UNK A 4137 26.73 26.63 -15.43
C UNK A 4137 26.34 25.69 -14.30
N UNK A 4138 26.98 24.53 -14.25
CA UNK A 4138 26.73 23.55 -13.20
C UNK A 4138 27.90 22.58 -13.19
N UNK A 4139 28.54 22.44 -12.03
CA UNK A 4139 29.75 21.62 -11.97
C UNK A 4139 29.46 20.20 -12.43
N UNK A 4140 28.32 19.65 -12.04
CA UNK A 4140 27.99 18.30 -12.48
C UNK A 4140 27.79 18.21 -13.98
N UNK A 4141 27.62 19.34 -14.67
CA UNK A 4141 27.53 19.30 -16.12
C UNK A 4141 28.90 19.54 -16.75
N UNK A 4142 29.63 20.53 -16.25
CA UNK A 4142 30.95 20.82 -16.80
C UNK A 4142 31.86 19.61 -16.68
N UNK A 4143 31.81 18.91 -15.54
CA UNK A 4143 32.57 17.69 -15.40
C UNK A 4143 32.12 16.64 -16.40
N UNK A 4144 30.80 16.54 -16.63
CA UNK A 4144 30.30 15.61 -17.63
C UNK A 4144 30.87 15.94 -18.99
N UNK A 4145 31.17 17.21 -19.24
CA UNK A 4145 31.88 17.56 -20.46
C UNK A 4145 33.35 17.17 -20.38
N UNK A 4146 33.95 17.28 -19.19
CA UNK A 4146 35.38 17.02 -19.06
C UNK A 4146 35.73 15.56 -19.31
N UNK A 4147 34.77 14.66 -19.11
CA UNK A 4147 34.98 13.26 -19.45
C UNK A 4147 34.60 12.97 -20.89
N UNK A 4148 34.24 14.00 -21.65
CA UNK A 4148 33.99 13.87 -23.08
C UNK A 4148 35.08 14.46 -23.94
N UNK A 4149 35.72 15.53 -23.48
CA UNK A 4149 36.85 16.07 -24.22
C UNK A 4149 37.95 15.03 -24.33
N UNK A 4150 38.30 14.41 -23.21
CA UNK A 4150 39.32 13.37 -23.23
C UNK A 4150 38.83 12.15 -23.98
N UNK A 4151 37.59 11.72 -23.70
CA UNK A 4151 37.09 10.49 -24.30
C UNK A 4151 36.83 10.63 -25.79
N UNK A 4152 36.75 11.86 -26.30
CA UNK A 4152 36.56 12.10 -27.72
C UNK A 4152 35.31 11.40 -28.26
N UNK A 4153 34.21 11.52 -27.51
CA UNK A 4153 32.93 10.95 -27.93
C UNK A 4153 31.84 11.81 -27.29
N UNK A 4154 31.20 12.64 -28.09
CA UNK A 4154 30.27 13.65 -27.57
C UNK A 4154 29.01 13.07 -26.98
N UNK A 4155 28.87 11.75 -26.92
CA UNK A 4155 27.69 11.11 -26.34
C UNK A 4155 26.41 11.53 -27.04
N UNK A 4156 26.54 11.97 -28.30
CA UNK A 4156 25.40 12.49 -29.03
C UNK A 4156 24.61 11.36 -29.68
N TYR B 32 -34.46 -31.88 -32.13
CA TYR B 32 -33.60 -31.11 -31.23
C TYR B 32 -33.91 -31.42 -29.77
N SER B 33 -33.13 -30.84 -28.87
CA SER B 33 -33.31 -31.08 -27.46
C SER B 33 -34.58 -30.36 -26.97
N GLY B 34 -34.80 -30.43 -25.67
CA GLY B 34 -36.00 -29.86 -25.07
C GLY B 34 -36.73 -30.90 -24.25
N ARG B 35 -37.62 -30.46 -23.37
CA ARG B 35 -38.31 -31.39 -22.48
C ARG B 35 -39.80 -31.20 -22.62
N ASP B 36 -40.53 -32.32 -22.60
CA ASP B 36 -41.98 -32.30 -22.68
C ASP B 36 -42.55 -32.41 -21.27
N SER B 37 -42.40 -31.32 -20.52
CA SER B 37 -42.96 -31.28 -19.18
C SER B 37 -44.47 -31.24 -19.24
N LEU B 38 -45.10 -31.70 -18.18
CA LEU B 38 -46.54 -31.81 -18.15
C LEU B 38 -47.02 -31.73 -16.71
N ILE B 39 -48.24 -31.27 -16.52
CA ILE B 39 -48.81 -31.12 -15.18
C ILE B 39 -50.26 -31.55 -15.21
N PHE B 40 -50.67 -32.31 -14.21
CA PHE B 40 -52.04 -32.73 -14.10
C PHE B 40 -52.78 -31.80 -13.16
N LEU B 41 -54.04 -31.53 -13.48
CA LEU B 41 -54.88 -30.69 -12.65
C LEU B 41 -56.11 -31.49 -12.27
N VAL B 42 -56.34 -31.64 -10.98
CA VAL B 42 -57.39 -32.50 -10.47
C VAL B 42 -58.40 -31.66 -9.70
N ASP B 43 -59.68 -31.88 -10.01
CA ASP B 43 -60.77 -31.26 -9.28
C ASP B 43 -60.95 -31.91 -7.92
N ALA B 44 -61.38 -31.11 -6.95
CA ALA B 44 -61.80 -31.62 -5.64
C ALA B 44 -63.07 -30.87 -5.26
N SER B 45 -64.21 -31.40 -5.69
CA SER B 45 -65.51 -30.82 -5.38
C SER B 45 -66.47 -31.87 -4.86
N LYS B 46 -65.93 -32.98 -4.33
CA LYS B 46 -66.67 -34.06 -3.71
C LYS B 46 -67.44 -34.87 -4.73
N ALA B 47 -67.58 -34.34 -5.94
CA ALA B 47 -68.29 -35.08 -6.98
C ALA B 47 -67.49 -36.32 -7.35
N MET B 48 -66.19 -36.19 -7.42
CA MET B 48 -65.28 -37.30 -7.63
C MET B 48 -65.10 -38.14 -6.38
N PHE B 49 -65.51 -37.63 -5.22
CA PHE B 49 -65.40 -38.43 -4.02
C PHE B 49 -66.44 -39.52 -3.95
N GLU B 50 -67.40 -39.51 -4.87
CA GLU B 50 -68.48 -40.48 -4.91
C GLU B 50 -68.47 -41.17 -6.26
N SER B 51 -68.70 -42.48 -6.25
CA SER B 51 -68.58 -43.31 -7.45
C SER B 51 -69.93 -43.60 -8.07
N GLN B 52 -70.84 -42.62 -8.06
CA GLN B 52 -72.19 -42.77 -8.61
C GLN B 52 -72.94 -43.91 -7.95
N SER B 53 -72.59 -44.21 -6.70
CA SER B 53 -73.28 -45.22 -5.89
C SER B 53 -73.32 -46.58 -6.61
N GLU B 54 -72.15 -47.04 -7.03
CA GLU B 54 -72.07 -48.27 -7.81
C GLU B 54 -70.77 -48.99 -7.48
N ASP B 55 -70.52 -50.06 -8.22
CA ASP B 55 -69.32 -50.86 -8.01
C ASP B 55 -68.07 -50.16 -8.55
N GLU B 56 -68.24 -49.29 -9.55
CA GLU B 56 -67.08 -48.73 -10.22
C GLU B 56 -66.27 -47.87 -9.28
N LEU B 57 -65.00 -47.69 -9.65
CA LEU B 57 -64.10 -46.87 -8.87
C LEU B 57 -64.54 -45.42 -8.88
N THR B 58 -64.18 -44.69 -7.84
CA THR B 58 -64.51 -43.29 -7.78
C THR B 58 -63.75 -42.55 -8.88
N PRO B 59 -64.32 -41.47 -9.41
CA PRO B 59 -63.56 -40.66 -10.36
C PRO B 59 -62.26 -40.20 -9.75
N PHE B 60 -62.30 -39.83 -8.48
CA PHE B 60 -61.08 -39.44 -7.78
C PHE B 60 -60.04 -40.53 -7.87
N ASP B 61 -60.41 -41.76 -7.51
CA ASP B 61 -59.40 -42.79 -7.42
C ASP B 61 -58.97 -43.27 -8.79
N MET B 62 -59.87 -43.27 -9.76
CA MET B 62 -59.46 -43.57 -11.13
C MET B 62 -58.43 -42.56 -11.61
N SER B 63 -58.65 -41.29 -11.29
CA SER B 63 -57.68 -40.28 -11.66
C SER B 63 -56.35 -40.53 -10.97
N ILE B 64 -56.38 -40.88 -9.69
CA ILE B 64 -55.15 -41.14 -8.97
C ILE B 64 -54.40 -42.30 -9.60
N GLN B 65 -55.12 -43.36 -9.96
CA GLN B 65 -54.48 -44.48 -10.63
C GLN B 65 -53.90 -44.05 -11.96
N CYS B 66 -54.58 -43.15 -12.66
CA CYS B 66 -54.02 -42.62 -13.91
C CYS B 66 -52.71 -41.92 -13.65
N ILE B 67 -52.63 -41.13 -12.59
CA ILE B 67 -51.39 -40.43 -12.30
C ILE B 67 -50.29 -41.41 -11.97
N GLN B 68 -50.61 -42.44 -11.19
CA GLN B 68 -49.64 -43.49 -10.94
C GLN B 68 -49.13 -44.07 -12.24
N SER B 69 -50.06 -44.38 -13.14
CA SER B 69 -49.67 -44.99 -14.41
C SER B 69 -48.75 -44.08 -15.19
N VAL B 70 -49.02 -42.78 -15.16
CA VAL B 70 -48.21 -41.88 -15.96
C VAL B 70 -46.82 -41.75 -15.37
N TYR B 71 -46.71 -41.62 -14.04
CA TYR B 71 -45.38 -41.70 -13.45
C TYR B 71 -44.64 -42.94 -13.87
N ILE B 72 -45.31 -44.09 -13.80
CA ILE B 72 -44.64 -45.34 -14.11
C ILE B 72 -44.15 -45.32 -15.55
N SER B 73 -45.04 -45.00 -16.48
CA SER B 73 -44.66 -44.98 -17.88
C SER B 73 -43.67 -43.87 -18.19
N LYS B 74 -43.50 -42.92 -17.29
CA LYS B 74 -42.52 -41.86 -17.52
C LYS B 74 -41.13 -42.24 -17.05
N ILE B 75 -41.04 -42.85 -15.88
CA ILE B 75 -39.72 -43.07 -15.30
C ILE B 75 -38.88 -43.95 -16.20
N ILE B 76 -39.46 -45.03 -16.71
CA ILE B 76 -38.73 -45.98 -17.53
C ILE B 76 -38.86 -45.67 -19.02
N SER B 77 -39.42 -44.52 -19.37
CA SER B 77 -39.37 -44.06 -20.75
C SER B 77 -38.39 -42.92 -20.93
N SER B 78 -38.50 -41.86 -20.14
CA SER B 78 -37.59 -40.73 -20.27
C SER B 78 -37.56 -40.01 -18.92
N ASP B 79 -36.51 -40.27 -18.15
CA ASP B 79 -36.32 -39.54 -16.91
C ASP B 79 -35.68 -38.20 -17.21
N ARG B 80 -36.28 -37.47 -18.13
CA ARG B 80 -35.80 -36.15 -18.50
C ARG B 80 -36.94 -35.17 -18.66
N ASP B 81 -38.18 -35.61 -18.50
CA ASP B 81 -39.33 -34.72 -18.51
C ASP B 81 -39.52 -34.13 -17.13
N LEU B 82 -40.61 -33.38 -16.98
CA LEU B 82 -40.97 -32.81 -15.69
C LEU B 82 -42.44 -33.08 -15.44
N LEU B 83 -42.80 -33.17 -14.17
CA LEU B 83 -44.18 -33.46 -13.82
C LEU B 83 -44.55 -32.72 -12.55
N ALA B 84 -45.85 -32.49 -12.39
CA ALA B 84 -46.37 -31.76 -11.25
C ALA B 84 -47.86 -32.05 -11.12
N VAL B 85 -48.36 -31.99 -9.90
CA VAL B 85 -49.77 -32.24 -9.65
C VAL B 85 -50.28 -31.20 -8.66
N VAL B 86 -51.42 -30.60 -8.96
CA VAL B 86 -52.02 -29.61 -8.08
C VAL B 86 -53.51 -29.89 -7.98
N PHE B 87 -54.04 -29.79 -6.77
CA PHE B 87 -55.46 -29.92 -6.52
C PHE B 87 -56.06 -28.58 -6.15
N TYR B 88 -57.22 -28.31 -6.70
CA TYR B 88 -58.00 -27.15 -6.32
C TYR B 88 -59.28 -27.61 -5.66
N GLY B 89 -60.10 -26.65 -5.27
CA GLY B 89 -61.27 -26.97 -4.49
C GLY B 89 -60.84 -27.60 -3.19
N THR B 90 -59.95 -26.93 -2.47
CA THR B 90 -59.31 -27.48 -1.30
C THR B 90 -59.60 -26.62 -0.10
N GLU B 91 -59.05 -27.03 1.04
CA GLU B 91 -59.34 -26.41 2.32
C GLU B 91 -58.14 -25.65 2.86
N LYS B 92 -57.01 -26.32 3.08
CA LYS B 92 -55.82 -25.51 3.18
C LYS B 92 -55.35 -25.15 1.78
N ASP B 93 -54.43 -24.20 1.70
CA ASP B 93 -53.95 -23.73 0.41
C ASP B 93 -52.44 -23.66 0.47
N LYS B 94 -51.80 -24.44 -0.40
CA LYS B 94 -50.34 -24.45 -0.51
C LYS B 94 -49.98 -24.04 -1.92
N ASN B 95 -49.16 -22.99 -2.02
CA ASN B 95 -48.71 -22.43 -3.28
C ASN B 95 -47.77 -21.28 -2.95
N SER B 96 -46.97 -20.89 -3.93
CA SER B 96 -46.07 -19.77 -3.72
C SER B 96 -46.78 -18.44 -3.67
N VAL B 97 -48.05 -18.40 -4.03
CA VAL B 97 -48.78 -17.16 -4.22
C VAL B 97 -49.90 -16.97 -3.20
N ASN B 98 -50.08 -17.93 -2.30
CA ASN B 98 -50.98 -17.80 -1.15
C ASN B 98 -52.43 -17.67 -1.58
N PHE B 99 -52.74 -18.04 -2.81
CA PHE B 99 -54.11 -17.98 -3.28
C PHE B 99 -54.96 -19.05 -2.62
N LYS B 100 -56.26 -18.83 -2.62
CA LYS B 100 -57.18 -19.73 -1.96
C LYS B 100 -57.59 -20.87 -2.89
N ASN B 101 -58.04 -21.96 -2.27
CA ASN B 101 -58.63 -23.10 -2.96
C ASN B 101 -57.66 -23.75 -3.93
N ILE B 102 -56.37 -23.61 -3.69
CA ILE B 102 -55.35 -24.17 -4.57
C ILE B 102 -54.32 -24.90 -3.72
N TYR B 103 -54.06 -26.16 -4.07
CA TYR B 103 -53.23 -27.01 -3.23
C TYR B 103 -52.24 -27.74 -4.13
N VAL B 104 -51.01 -27.23 -4.20
CA VAL B 104 -49.98 -27.93 -4.95
C VAL B 104 -49.52 -29.15 -4.15
N LEU B 105 -48.96 -30.09 -4.86
CA LEU B 105 -48.31 -31.19 -4.15
C LEU B 105 -46.88 -31.40 -4.57
N GLN B 106 -46.57 -31.20 -5.85
CA GLN B 106 -45.23 -31.43 -6.35
C GLN B 106 -44.93 -30.38 -7.41
N GLU B 107 -44.02 -29.47 -7.11
CA GLU B 107 -43.52 -28.60 -8.15
C GLU B 107 -42.81 -29.42 -9.20
N LEU B 108 -42.67 -28.86 -10.40
CA LEU B 108 -42.12 -29.60 -11.52
C LEU B 108 -40.76 -30.19 -11.17
N ASP B 109 -40.63 -31.51 -11.37
CA ASP B 109 -39.41 -32.21 -11.07
C ASP B 109 -39.31 -33.41 -11.99
N ASN B 110 -38.12 -33.99 -12.05
CA ASN B 110 -37.97 -35.28 -12.69
C ASN B 110 -38.78 -36.31 -11.92
N PRO B 111 -39.51 -37.18 -12.57
CA PRO B 111 -40.36 -38.12 -11.85
C PRO B 111 -39.54 -39.07 -10.99
N GLY B 112 -39.63 -38.93 -9.68
CA GLY B 112 -38.90 -39.80 -8.78
C GLY B 112 -39.80 -40.79 -8.08
N ALA B 113 -39.25 -41.94 -7.68
CA ALA B 113 -40.06 -42.93 -7.00
C ALA B 113 -40.68 -42.38 -5.73
N LYS B 114 -40.03 -41.39 -5.11
CA LYS B 114 -40.60 -40.75 -3.93
C LYS B 114 -41.94 -40.12 -4.27
N ARG B 115 -42.07 -39.55 -5.46
CA ARG B 115 -43.35 -38.99 -5.87
C ARG B 115 -44.43 -40.06 -5.83
N ILE B 116 -44.15 -41.22 -6.41
CA ILE B 116 -45.15 -42.28 -6.43
C ILE B 116 -45.46 -42.74 -5.02
N LEU B 117 -44.42 -42.86 -4.20
CA LEU B 117 -44.63 -43.26 -2.82
C LEU B 117 -45.59 -42.32 -2.12
N GLU B 118 -45.39 -41.02 -2.29
CA GLU B 118 -46.25 -40.07 -1.60
C GLU B 118 -47.66 -40.07 -2.17
N LEU B 119 -47.78 -40.07 -3.50
CA LEU B 119 -49.09 -40.02 -4.11
C LEU B 119 -49.92 -41.24 -3.77
N ASP B 120 -49.36 -42.43 -3.96
CA ASP B 120 -50.17 -43.64 -3.97
C ASP B 120 -50.86 -43.88 -2.64
N GLN B 121 -50.37 -43.31 -1.56
CA GLN B 121 -51.08 -43.49 -0.30
C GLN B 121 -52.40 -42.74 -0.27
N PHE B 122 -52.66 -41.88 -1.26
CA PHE B 122 -53.93 -41.18 -1.31
C PHE B 122 -54.99 -41.96 -2.08
N LYS B 123 -54.64 -43.07 -2.72
CA LYS B 123 -55.60 -43.74 -3.55
C LYS B 123 -56.45 -44.67 -2.69
N GLY B 124 -57.39 -45.36 -3.34
CA GLY B 124 -58.24 -46.31 -2.66
C GLY B 124 -59.32 -45.61 -1.86
N GLN B 125 -60.28 -46.41 -1.39
CA GLN B 125 -61.34 -45.86 -0.56
C GLN B 125 -60.79 -45.32 0.75
N GLN B 126 -59.89 -46.05 1.39
CA GLN B 126 -59.34 -45.60 2.66
C GLN B 126 -58.47 -44.36 2.46
N GLY B 127 -57.67 -44.35 1.40
CA GLY B 127 -56.89 -43.16 1.10
C GLY B 127 -57.78 -41.97 0.82
N GLN B 128 -58.87 -42.19 0.10
CA GLN B 128 -59.81 -41.11 -0.17
C GLN B 128 -60.39 -40.56 1.11
N LYS B 129 -60.93 -41.44 1.96
CA LYS B 129 -61.62 -40.98 3.15
C LYS B 129 -60.66 -40.33 4.14
N ARG B 130 -59.44 -40.83 4.22
CA ARG B 130 -58.45 -40.20 5.07
C ARG B 130 -57.86 -38.95 4.43
N PHE B 131 -57.96 -38.82 3.12
CA PHE B 131 -57.59 -37.59 2.46
C PHE B 131 -58.63 -36.52 2.67
N GLN B 132 -59.89 -36.95 2.84
CA GLN B 132 -60.96 -36.01 3.14
C GLN B 132 -60.68 -35.22 4.39
N ASP B 133 -59.85 -35.76 5.28
CA ASP B 133 -59.52 -35.11 6.55
C ASP B 133 -58.09 -34.61 6.62
N MET B 134 -57.11 -35.39 6.12
CA MET B 134 -55.73 -34.94 6.22
C MET B 134 -55.51 -33.66 5.45
N MET B 135 -56.23 -33.46 4.35
CA MET B 135 -56.26 -32.17 3.71
C MET B 135 -57.64 -31.53 3.77
N GLY B 136 -58.66 -32.22 3.28
CA GLY B 136 -59.98 -31.65 3.18
C GLY B 136 -60.79 -32.37 2.12
N HIS B 137 -61.99 -31.86 1.90
CA HIS B 137 -62.97 -32.55 1.05
C HIS B 137 -63.90 -31.52 0.41
N GLY B 138 -63.55 -31.10 -0.80
CA GLY B 138 -64.38 -30.21 -1.58
C GLY B 138 -64.48 -28.80 -1.04
N SER B 139 -64.68 -27.84 -1.93
CA SER B 139 -64.76 -26.43 -1.59
C SER B 139 -65.21 -25.68 -2.83
N ASP B 140 -65.23 -24.35 -2.75
CA ASP B 140 -65.39 -23.53 -3.93
C ASP B 140 -64.01 -23.25 -4.53
N TYR B 141 -63.96 -22.42 -5.55
CA TYR B 141 -62.70 -22.03 -6.19
C TYR B 141 -62.99 -20.93 -7.18
N SER B 142 -61.98 -20.57 -7.97
CA SER B 142 -62.17 -19.70 -9.12
C SER B 142 -61.20 -20.15 -10.19
N LEU B 143 -61.74 -20.63 -11.31
CA LEU B 143 -60.91 -21.30 -12.31
C LEU B 143 -59.79 -20.42 -12.82
N SER B 144 -60.06 -19.13 -12.99
CA SER B 144 -59.03 -18.22 -13.44
C SER B 144 -57.82 -18.29 -12.52
N GLU B 145 -58.05 -18.35 -11.21
CA GLU B 145 -56.93 -18.40 -10.28
C GLU B 145 -56.09 -19.65 -10.49
N VAL B 146 -56.74 -20.80 -10.63
CA VAL B 146 -55.96 -22.03 -10.74
C VAL B 146 -55.18 -22.03 -12.04
N LEU B 147 -55.78 -21.52 -13.12
CA LEU B 147 -55.04 -21.45 -14.37
C LEU B 147 -53.83 -20.56 -14.21
N TRP B 148 -54.03 -19.40 -13.58
CA TRP B 148 -52.92 -18.49 -13.34
C TRP B 148 -51.82 -19.17 -12.54
N VAL B 149 -52.22 -19.94 -11.53
CA VAL B 149 -51.23 -20.57 -10.68
C VAL B 149 -50.42 -21.57 -11.48
N CYS B 150 -51.07 -22.35 -12.33
CA CYS B 150 -50.33 -23.31 -13.13
C CYS B 150 -49.36 -22.59 -14.06
N ALA B 151 -49.80 -21.50 -14.67
CA ALA B 151 -48.90 -20.74 -15.51
C ALA B 151 -47.67 -20.30 -14.72
N ASN B 152 -47.89 -19.71 -13.56
CA ASN B 152 -46.78 -19.27 -12.73
C ASN B 152 -45.88 -20.43 -12.38
N LEU B 153 -46.47 -21.61 -12.16
CA LEU B 153 -45.69 -22.78 -11.85
C LEU B 153 -44.76 -23.13 -13.00
N PHE B 154 -45.25 -23.06 -14.23
CA PHE B 154 -44.37 -23.30 -15.37
C PHE B 154 -43.27 -22.25 -15.43
N SER B 155 -43.62 -20.99 -15.16
CA SER B 155 -42.64 -19.92 -15.29
C SER B 155 -41.42 -20.16 -14.41
N ASP B 156 -41.59 -20.90 -13.31
CA ASP B 156 -40.50 -21.09 -12.36
C ASP B 156 -39.38 -21.94 -12.94
N VAL B 157 -39.65 -22.76 -13.95
CA VAL B 157 -38.65 -23.70 -14.43
C VAL B 157 -37.54 -22.95 -15.13
N GLN B 158 -36.35 -23.55 -15.15
CA GLN B 158 -35.17 -22.93 -15.73
C GLN B 158 -34.56 -23.79 -16.84
N PHE B 159 -35.39 -24.53 -17.56
CA PHE B 159 -34.90 -25.43 -18.60
C PHE B 159 -35.51 -25.07 -19.93
N LYS B 160 -34.99 -25.70 -20.98
CA LYS B 160 -35.60 -25.60 -22.30
C LYS B 160 -36.84 -26.48 -22.30
N MET B 161 -38.00 -25.86 -22.36
CA MET B 161 -39.27 -26.57 -22.31
C MET B 161 -39.76 -26.78 -23.73
N SER B 162 -39.73 -28.02 -24.19
CA SER B 162 -40.14 -28.30 -25.56
C SER B 162 -41.64 -28.16 -25.69
N HIS B 163 -42.38 -28.97 -24.95
CA HIS B 163 -43.83 -29.03 -25.05
C HIS B 163 -44.43 -28.87 -23.67
N LYS B 164 -45.31 -27.89 -23.54
CA LYS B 164 -45.96 -27.60 -22.26
C LYS B 164 -47.41 -28.04 -22.34
N ARG B 165 -47.87 -28.77 -21.33
CA ARG B 165 -49.22 -29.29 -21.38
C ARG B 165 -49.87 -29.25 -20.01
N ILE B 166 -51.09 -28.74 -19.97
CA ILE B 166 -51.94 -28.84 -18.79
C ILE B 166 -53.16 -29.65 -19.17
N MET B 167 -53.34 -30.78 -18.51
CA MET B 167 -54.46 -31.66 -18.78
C MET B 167 -55.33 -31.71 -17.53
N LEU B 168 -56.64 -31.59 -17.72
CA LEU B 168 -57.55 -31.26 -16.64
C LEU B 168 -58.30 -32.51 -16.20
N PHE B 169 -58.34 -32.74 -14.90
CA PHE B 169 -59.14 -33.81 -14.33
C PHE B 169 -60.27 -33.18 -13.52
N THR B 170 -61.46 -33.17 -14.09
CA THR B 170 -62.60 -32.62 -13.38
C THR B 170 -63.86 -33.38 -13.73
N ASN B 171 -64.83 -33.29 -12.83
CA ASN B 171 -66.11 -33.97 -12.99
C ASN B 171 -67.24 -33.03 -13.34
N GLU B 172 -67.12 -31.74 -13.05
CA GLU B 172 -68.21 -30.81 -13.29
C GLU B 172 -68.46 -30.66 -14.78
N ASP B 173 -69.47 -29.86 -15.10
CA ASP B 173 -69.57 -29.30 -16.44
C ASP B 173 -68.88 -27.94 -16.50
N ASN B 174 -69.27 -27.03 -15.61
CA ASN B 174 -68.78 -25.66 -15.61
C ASN B 174 -69.34 -24.90 -14.41
N PRO B 175 -68.69 -23.83 -13.97
CA PRO B 175 -69.30 -22.99 -12.94
C PRO B 175 -70.52 -22.28 -13.51
N HIS B 176 -71.65 -22.43 -12.81
CA HIS B 176 -72.87 -21.71 -13.14
C HIS B 176 -73.35 -20.83 -12.01
N GLY B 177 -73.36 -21.33 -10.78
CA GLY B 177 -73.82 -20.56 -9.65
C GLY B 177 -72.80 -19.55 -9.19
N ASN B 178 -71.98 -19.11 -10.14
CA ASN B 178 -70.98 -18.09 -9.92
C ASN B 178 -71.36 -16.85 -10.72
N ASP B 179 -70.65 -15.76 -10.46
CA ASP B 179 -70.77 -14.61 -11.33
C ASP B 179 -70.22 -14.96 -12.70
N SER B 180 -70.90 -14.49 -13.73
CA SER B 180 -70.36 -14.66 -15.07
C SER B 180 -69.06 -13.91 -15.25
N ALA B 181 -68.74 -12.99 -14.35
CA ALA B 181 -67.43 -12.35 -14.36
C ALA B 181 -66.33 -13.38 -14.08
N LYS B 182 -66.60 -14.35 -13.21
CA LYS B 182 -65.65 -15.44 -13.02
C LYS B 182 -65.43 -16.18 -14.32
N ALA B 183 -66.51 -16.49 -15.04
CA ALA B 183 -66.38 -17.15 -16.32
C ALA B 183 -65.61 -16.29 -17.31
N SER B 184 -65.85 -14.98 -17.30
CA SER B 184 -65.16 -14.09 -18.20
C SER B 184 -63.66 -14.08 -17.92
N ARG B 185 -63.31 -13.97 -16.64
CA ARG B 185 -61.91 -14.03 -16.25
C ARG B 185 -61.29 -15.35 -16.67
N ALA B 186 -62.04 -16.43 -16.52
CA ALA B 186 -61.55 -17.73 -16.95
C ALA B 186 -61.27 -17.73 -18.45
N ARG B 187 -62.21 -17.19 -19.23
CA ARG B 187 -62.02 -17.16 -20.68
C ARG B 187 -60.80 -16.34 -21.05
N THR B 188 -60.65 -15.18 -20.41
CA THR B 188 -59.48 -14.35 -20.67
C THR B 188 -58.19 -15.09 -20.35
N LYS B 189 -58.12 -15.67 -19.16
CA LYS B 189 -56.89 -16.36 -18.76
C LYS B 189 -56.61 -17.54 -19.68
N ALA B 190 -57.65 -18.26 -20.09
CA ALA B 190 -57.45 -19.40 -20.97
C ALA B 190 -56.90 -18.96 -22.32
N GLY B 191 -57.51 -17.92 -22.90
CA GLY B 191 -56.98 -17.39 -24.14
C GLY B 191 -55.55 -16.93 -24.00
N ASP B 192 -55.25 -16.30 -22.86
CA ASP B 192 -53.88 -15.83 -22.62
C ASP B 192 -52.91 -16.98 -22.59
N LEU B 193 -53.25 -18.05 -21.88
CA LEU B 193 -52.35 -19.20 -21.84
C LEU B 193 -52.20 -19.81 -23.21
N ARG B 194 -53.29 -19.93 -23.95
CA ARG B 194 -53.20 -20.44 -25.31
C ARG B 194 -52.23 -19.59 -26.12
N ASP B 195 -52.26 -18.28 -25.91
CA ASP B 195 -51.27 -17.41 -26.52
C ASP B 195 -49.88 -17.81 -26.05
N THR B 196 -49.73 -18.07 -24.75
CA THR B 196 -48.41 -18.30 -24.18
C THR B 196 -47.74 -19.51 -24.81
N GLY B 197 -48.52 -20.42 -25.38
CA GLY B 197 -47.96 -21.61 -25.95
C GLY B 197 -48.22 -22.80 -25.06
N ILE B 198 -49.29 -22.71 -24.28
CA ILE B 198 -49.64 -23.75 -23.33
C ILE B 198 -50.81 -24.54 -23.90
N PHE B 199 -50.62 -25.86 -23.98
CA PHE B 199 -51.54 -26.74 -24.67
C PHE B 199 -52.44 -27.41 -23.65
N LEU B 200 -53.75 -27.40 -23.92
CA LEU B 200 -54.75 -27.81 -22.94
C LEU B 200 -55.45 -29.10 -23.34
N ASP B 201 -55.73 -29.94 -22.35
CA ASP B 201 -56.52 -31.14 -22.52
C ASP B 201 -57.53 -31.24 -21.38
N LEU B 202 -58.61 -31.97 -21.62
CA LEU B 202 -59.66 -32.12 -20.63
C LEU B 202 -60.17 -33.54 -20.61
N MET B 203 -60.31 -34.11 -19.41
CA MET B 203 -60.70 -35.49 -19.22
C MET B 203 -62.10 -35.59 -18.61
N HIS B 204 -62.87 -36.57 -19.08
CA HIS B 204 -64.20 -36.83 -18.58
C HIS B 204 -64.11 -37.72 -17.36
N LEU B 205 -64.86 -37.39 -16.32
CA LEU B 205 -64.74 -38.11 -15.06
C LEU B 205 -66.00 -38.87 -14.66
N LYS B 206 -67.15 -38.20 -14.59
CA LYS B 206 -68.36 -38.88 -14.10
C LYS B 206 -68.68 -40.11 -14.92
N LYS B 207 -68.74 -39.95 -16.24
CA LYS B 207 -69.11 -41.03 -17.14
C LYS B 207 -68.30 -40.89 -18.43
N PRO B 208 -67.00 -41.15 -18.37
CA PRO B 208 -66.19 -41.10 -19.60
C PRO B 208 -66.78 -41.99 -20.66
N GLY B 209 -67.31 -41.37 -21.71
CA GLY B 209 -68.16 -42.04 -22.66
C GLY B 209 -69.64 -41.73 -22.50
N GLY B 210 -70.06 -41.22 -21.34
CA GLY B 210 -71.44 -40.83 -21.18
C GLY B 210 -71.81 -39.58 -21.93
N PHE B 211 -70.83 -38.74 -22.27
CA PHE B 211 -71.02 -37.56 -23.12
C PHE B 211 -71.97 -36.55 -22.48
N ASP B 212 -71.64 -36.13 -21.26
CA ASP B 212 -72.29 -34.95 -20.67
C ASP B 212 -71.20 -34.03 -20.13
N ILE B 213 -70.55 -33.32 -21.04
CA ILE B 213 -69.50 -32.33 -20.79
C ILE B 213 -69.61 -31.36 -21.96
N SER B 214 -68.80 -30.30 -21.95
CA SER B 214 -68.60 -29.44 -23.12
C SER B 214 -69.86 -28.67 -23.49
N LEU B 215 -70.38 -27.88 -22.56
CA LEU B 215 -71.29 -26.81 -22.90
C LEU B 215 -70.68 -25.45 -22.62
N PHE B 216 -69.51 -25.42 -22.05
CA PHE B 216 -68.71 -24.26 -21.71
C PHE B 216 -67.28 -24.38 -22.23
N TYR B 217 -66.72 -25.57 -22.24
CA TYR B 217 -65.35 -25.78 -22.66
C TYR B 217 -65.21 -25.84 -24.16
N ARG B 218 -66.27 -25.53 -24.90
CA ARG B 218 -66.26 -25.65 -26.35
C ARG B 218 -65.29 -24.67 -26.99
N ASP B 219 -64.79 -23.70 -26.24
CA ASP B 219 -63.90 -22.68 -26.77
C ASP B 219 -62.71 -22.42 -25.85
N ILE B 220 -62.26 -23.43 -25.11
CA ILE B 220 -61.06 -23.29 -24.32
C ILE B 220 -60.01 -24.28 -24.80
N ILE B 221 -60.33 -25.57 -24.70
CA ILE B 221 -59.41 -26.62 -25.10
C ILE B 221 -59.18 -26.55 -26.59
N SER B 222 -58.13 -27.23 -27.06
CA SER B 222 -57.81 -27.25 -28.47
C SER B 222 -58.08 -28.64 -29.05
N SER B 237 -63.98 -41.47 -22.21
CA SER B 237 -63.01 -40.43 -22.55
C SER B 237 -61.81 -41.06 -23.22
N LYS B 238 -60.66 -40.42 -23.06
CA LYS B 238 -59.40 -40.94 -23.58
C LYS B 238 -58.41 -41.27 -22.48
N LEU B 239 -58.76 -41.04 -21.22
CA LEU B 239 -57.83 -41.27 -20.13
C LEU B 239 -57.45 -42.73 -19.99
N GLU B 240 -58.33 -43.63 -20.42
CA GLU B 240 -58.00 -45.05 -20.42
C GLU B 240 -56.72 -45.29 -21.18
N ASP B 241 -56.51 -44.52 -22.25
CA ASP B 241 -55.27 -44.61 -23.00
C ASP B 241 -54.09 -44.24 -22.13
N LEU B 242 -54.24 -43.19 -21.33
CA LEU B 242 -53.21 -42.79 -20.39
C LEU B 242 -52.99 -43.83 -19.33
N LEU B 243 -53.93 -44.74 -19.12
CA LEU B 243 -53.78 -45.78 -18.12
C LEU B 243 -52.90 -46.90 -18.67
N ARG B 244 -52.87 -48.03 -17.97
CA ARG B 244 -51.95 -49.11 -18.30
C ARG B 244 -52.29 -49.75 -19.63
N LYS B 245 -51.97 -49.05 -20.72
CA LYS B 245 -52.05 -49.60 -22.06
C LYS B 245 -50.71 -49.61 -22.77
N VAL B 246 -49.90 -48.58 -22.57
CA VAL B 246 -48.54 -48.53 -23.12
C VAL B 246 -47.58 -48.25 -21.99
N ARG B 247 -46.48 -48.98 -21.96
CA ARG B 247 -45.50 -48.86 -20.90
C ARG B 247 -44.17 -49.36 -21.42
N ALA B 248 -43.14 -49.21 -20.59
CA ALA B 248 -41.83 -49.77 -20.87
C ALA B 248 -41.31 -49.32 -22.23
N LYS B 249 -41.54 -48.05 -22.54
CA LYS B 249 -41.08 -47.48 -23.80
C LYS B 249 -39.80 -46.69 -23.57
N GLU B 250 -39.28 -46.11 -24.64
CA GLU B 250 -38.12 -45.22 -24.54
C GLU B 250 -37.92 -44.55 -25.89
N THR B 251 -37.30 -43.38 -25.86
CA THR B 251 -37.14 -42.57 -27.06
C THR B 251 -35.74 -41.98 -27.14
N ARG B 252 -35.27 -41.81 -28.37
CA ARG B 252 -34.03 -41.14 -28.69
C ARG B 252 -34.32 -40.09 -29.76
N LYS B 253 -33.38 -39.19 -29.98
CA LYS B 253 -33.59 -38.10 -30.94
C LYS B 253 -32.52 -38.02 -32.01
N ARG B 254 -31.26 -38.22 -31.67
CA ARG B 254 -30.16 -37.71 -32.46
C ARG B 254 -29.73 -38.68 -33.54
N ALA B 255 -28.69 -38.29 -34.28
CA ALA B 255 -28.23 -38.97 -35.47
C ALA B 255 -26.96 -39.75 -35.18
N LEU B 256 -26.61 -40.62 -36.11
CA LEU B 256 -25.37 -41.38 -36.04
C LEU B 256 -24.23 -40.55 -36.62
N SER B 257 -23.10 -41.19 -36.87
CA SER B 257 -21.94 -40.49 -37.38
C SER B 257 -22.22 -39.82 -38.72
N ARG B 258 -21.67 -38.63 -38.90
CA ARG B 258 -21.81 -37.88 -40.13
C ARG B 258 -20.71 -38.34 -41.08
N LEU B 259 -21.06 -39.22 -42.01
CA LEU B 259 -20.06 -39.87 -42.84
C LEU B 259 -20.07 -39.33 -44.25
N LYS B 260 -18.87 -39.23 -44.81
CA LYS B 260 -18.69 -38.72 -46.16
C LYS B 260 -19.04 -39.77 -47.20
N LEU B 261 -19.98 -39.41 -48.08
CA LEU B 261 -20.27 -40.24 -49.25
C LEU B 261 -19.27 -39.90 -50.33
N LYS B 262 -18.57 -40.92 -50.83
CA LYS B 262 -17.49 -40.71 -51.79
C LYS B 262 -17.87 -41.42 -53.08
N LEU B 263 -18.17 -40.63 -54.10
CA LEU B 263 -18.56 -41.17 -55.41
C LEU B 263 -17.44 -41.11 -56.43
N ASN B 264 -16.51 -40.17 -56.30
CA ASN B 264 -15.32 -40.14 -57.14
C ASN B 264 -14.17 -39.63 -56.29
N LYS B 265 -12.95 -39.81 -56.80
CA LYS B 265 -11.78 -39.36 -56.07
C LYS B 265 -11.78 -37.85 -55.87
N ASP B 266 -12.54 -37.11 -56.69
CA ASP B 266 -12.43 -35.66 -56.72
C ASP B 266 -13.57 -34.96 -55.99
N ILE B 267 -14.80 -35.16 -56.43
CA ILE B 267 -15.90 -34.36 -55.90
C ILE B 267 -16.42 -35.02 -54.63
N VAL B 268 -17.13 -34.22 -53.84
CA VAL B 268 -17.49 -34.59 -52.48
C VAL B 268 -18.99 -34.51 -52.31
N ILE B 269 -19.50 -35.25 -51.34
CA ILE B 269 -20.90 -35.15 -50.97
C ILE B 269 -21.09 -35.71 -49.56
N SER B 270 -21.83 -34.97 -48.72
CA SER B 270 -21.97 -35.28 -47.32
C SER B 270 -23.39 -35.72 -47.03
N VAL B 271 -23.52 -36.74 -46.18
CA VAL B 271 -24.80 -37.35 -45.86
C VAL B 271 -24.89 -37.55 -44.35
N GLY B 272 -26.00 -38.15 -43.93
CA GLY B 272 -26.18 -38.51 -42.54
C GLY B 272 -26.60 -39.96 -42.43
N ILE B 273 -26.30 -40.55 -41.28
CA ILE B 273 -26.58 -41.95 -41.00
C ILE B 273 -27.59 -42.04 -39.88
N TYR B 274 -28.59 -42.90 -40.05
CA TYR B 274 -29.56 -43.12 -39.00
C TYR B 274 -29.86 -44.61 -38.89
N ASN B 275 -30.01 -45.07 -37.65
CA ASN B 275 -30.26 -46.46 -37.32
C ASN B 275 -31.65 -46.56 -36.71
N LEU B 276 -32.65 -46.67 -37.58
CA LEU B 276 -34.04 -46.60 -37.16
C LEU B 276 -34.48 -47.82 -36.37
N VAL B 277 -33.58 -48.73 -36.03
CA VAL B 277 -33.91 -49.88 -35.20
C VAL B 277 -32.63 -50.39 -34.59
N GLN B 278 -32.74 -50.94 -33.38
CA GLN B 278 -31.60 -51.53 -32.68
C GLN B 278 -32.12 -52.22 -31.44
N LYS B 279 -31.43 -53.28 -31.04
CA LYS B 279 -31.88 -54.06 -29.90
C LYS B 279 -31.80 -53.24 -28.63
N ALA B 280 -32.86 -53.30 -27.83
CA ALA B 280 -32.83 -52.72 -26.51
C ALA B 280 -32.30 -53.75 -25.53
N LEU B 281 -31.33 -53.35 -24.73
CA LEU B 281 -30.82 -54.22 -23.68
C LEU B 281 -31.22 -53.67 -22.33
N LYS B 282 -31.17 -54.54 -21.34
CA LYS B 282 -31.40 -54.10 -19.97
C LYS B 282 -30.37 -53.03 -19.65
N PRO B 283 -30.78 -51.88 -19.11
CA PRO B 283 -29.84 -50.79 -18.91
C PRO B 283 -28.72 -51.24 -17.97
N PRO B 284 -27.52 -50.73 -18.18
CA PRO B 284 -26.35 -51.28 -17.48
C PRO B 284 -26.51 -51.14 -15.97
N PRO B 285 -26.05 -52.11 -15.22
CA PRO B 285 -26.15 -52.04 -13.77
C PRO B 285 -25.15 -51.06 -13.20
N ILE B 286 -25.06 -51.02 -11.87
CA ILE B 286 -24.13 -50.14 -11.19
C ILE B 286 -23.69 -50.82 -9.91
N LYS B 287 -22.44 -50.59 -9.55
CA LYS B 287 -21.79 -51.30 -8.45
C LYS B 287 -21.91 -50.48 -7.18
N LEU B 288 -22.83 -50.87 -6.31
CA LEU B 288 -23.08 -50.18 -5.06
C LEU B 288 -22.18 -50.73 -3.97
N TYR B 289 -22.49 -50.39 -2.74
CA TYR B 289 -21.89 -50.99 -1.56
C TYR B 289 -22.77 -52.15 -1.11
N ARG B 290 -22.41 -52.79 0.00
CA ARG B 290 -23.37 -53.66 0.67
C ARG B 290 -24.55 -52.85 1.18
N GLU B 291 -24.27 -51.74 1.85
CA GLU B 291 -25.26 -51.04 2.63
C GLU B 291 -25.29 -49.54 2.46
N THR B 292 -24.21 -48.89 2.02
CA THR B 292 -24.35 -47.46 1.80
C THR B 292 -25.19 -47.16 0.58
N ASN B 293 -25.46 -48.17 -0.24
CA ASN B 293 -26.19 -47.99 -1.50
C ASN B 293 -25.54 -46.87 -2.32
N GLU B 294 -24.21 -46.90 -2.37
CA GLU B 294 -23.43 -45.89 -3.05
C GLU B 294 -22.48 -46.54 -4.04
N PRO B 295 -22.35 -45.99 -5.25
CA PRO B 295 -21.46 -46.59 -6.24
C PRO B 295 -20.02 -46.53 -5.79
N VAL B 296 -19.32 -47.64 -5.95
CA VAL B 296 -17.94 -47.75 -5.49
C VAL B 296 -17.01 -47.46 -6.65
N LYS B 297 -15.85 -46.90 -6.33
CA LYS B 297 -14.89 -46.56 -7.36
C LYS B 297 -14.24 -47.84 -7.88
N THR B 298 -13.34 -47.68 -8.85
CA THR B 298 -12.71 -48.84 -9.47
C THR B 298 -11.39 -48.39 -10.12
N LYS B 299 -10.29 -48.60 -9.41
CA LYS B 299 -8.99 -48.45 -10.03
C LYS B 299 -8.63 -49.80 -10.64
N THR B 300 -8.04 -49.76 -11.83
CA THR B 300 -8.04 -50.95 -12.68
C THR B 300 -6.78 -50.94 -13.54
N ARG B 301 -5.80 -51.75 -13.16
CA ARG B 301 -4.71 -52.06 -14.08
C ARG B 301 -4.24 -53.48 -13.85
N THR B 302 -3.54 -54.01 -14.85
CA THR B 302 -2.72 -55.17 -14.59
C THR B 302 -1.55 -54.79 -13.72
N PHE B 303 -1.23 -55.63 -12.75
CA PHE B 303 -0.14 -55.33 -11.84
C PHE B 303 0.97 -56.36 -12.05
N ASN B 304 2.10 -56.09 -11.41
CA ASN B 304 3.25 -56.98 -11.47
C ASN B 304 3.73 -57.29 -10.06
N THR B 305 4.09 -58.56 -9.85
CA THR B 305 4.59 -58.98 -8.56
C THR B 305 6.03 -58.53 -8.33
N SER B 306 6.79 -58.35 -9.41
CA SER B 306 8.20 -58.02 -9.26
C SER B 306 8.40 -56.69 -8.55
N THR B 307 7.45 -55.77 -8.67
CA THR B 307 7.59 -54.47 -8.06
C THR B 307 6.22 -53.96 -7.64
N GLY B 308 6.23 -52.99 -6.72
CA GLY B 308 5.01 -52.37 -6.25
C GLY B 308 4.42 -51.36 -7.19
N GLY B 309 5.14 -50.98 -8.23
CA GLY B 309 4.63 -50.03 -9.21
C GLY B 309 3.80 -50.73 -10.26
N LEU B 310 2.66 -50.13 -10.60
CA LEU B 310 1.78 -50.72 -11.59
C LEU B 310 2.46 -50.74 -12.94
N LEU B 311 1.85 -51.46 -13.88
CA LEU B 311 2.40 -51.54 -15.21
C LEU B 311 2.30 -50.18 -15.92
N LEU B 312 2.87 -50.12 -17.10
CA LEU B 312 2.88 -48.88 -17.87
C LEU B 312 2.37 -49.16 -19.27
N PRO B 313 1.65 -48.20 -19.86
CA PRO B 313 1.17 -48.41 -21.23
C PRO B 313 2.30 -48.70 -22.20
N SER B 314 3.44 -48.06 -22.00
CA SER B 314 4.63 -48.45 -22.76
C SER B 314 5.07 -49.86 -22.43
N ASP B 315 5.07 -50.21 -21.14
CA ASP B 315 5.55 -51.52 -20.72
C ASP B 315 4.66 -52.62 -21.27
N THR B 316 3.36 -52.38 -21.34
CA THR B 316 2.44 -53.35 -21.89
C THR B 316 2.78 -53.65 -23.34
N LYS B 317 2.80 -54.93 -23.69
CA LYS B 317 2.97 -55.36 -25.05
C LYS B 317 1.89 -56.36 -25.41
N ARG B 318 1.65 -56.49 -26.70
CA ARG B 318 0.64 -57.41 -27.19
C ARG B 318 1.30 -58.52 -27.98
N SER B 319 0.74 -59.72 -27.88
CA SER B 319 1.31 -60.86 -28.57
C SER B 319 0.25 -61.92 -28.78
N GLN B 320 0.56 -62.85 -29.66
CA GLN B 320 -0.24 -64.03 -29.91
C GLN B 320 0.70 -65.22 -29.92
N ILE B 321 0.23 -66.35 -29.41
CA ILE B 321 1.07 -67.53 -29.21
C ILE B 321 0.64 -68.63 -30.16
N TYR B 322 1.59 -69.19 -30.88
CA TYR B 322 1.39 -70.35 -31.74
C TYR B 322 2.40 -71.42 -31.42
N GLY B 323 2.61 -71.67 -30.13
CA GLY B 323 3.68 -72.56 -29.72
C GLY B 323 5.03 -71.91 -29.89
N SER B 324 5.77 -72.32 -30.92
CA SER B 324 7.12 -71.81 -31.15
C SER B 324 7.14 -70.34 -31.53
N ARG B 325 6.00 -69.73 -31.83
CA ARG B 325 5.94 -68.36 -32.28
C ARG B 325 5.31 -67.49 -31.20
N GLN B 326 6.00 -66.43 -30.82
CA GLN B 326 5.47 -65.42 -29.90
C GLN B 326 5.53 -64.10 -30.64
N ILE B 327 4.53 -63.86 -31.49
CA ILE B 327 4.58 -62.67 -32.34
C ILE B 327 4.31 -61.46 -31.44
N ILE B 328 5.32 -60.62 -31.27
CA ILE B 328 5.24 -59.49 -30.36
C ILE B 328 4.82 -58.26 -31.14
N LEU B 329 3.74 -57.63 -30.70
CA LEU B 329 3.19 -56.46 -31.36
C LEU B 329 2.88 -55.38 -30.35
N GLU B 330 2.83 -54.15 -30.85
CA GLU B 330 2.29 -53.02 -30.13
C GLU B 330 0.85 -52.79 -30.55
N LYS B 331 0.06 -52.24 -29.63
CA LYS B 331 -1.32 -51.90 -29.95
C LYS B 331 -1.37 -51.04 -31.22
N GLU B 332 -0.40 -50.16 -31.38
CA GLU B 332 -0.38 -49.28 -32.54
C GLU B 332 -0.34 -50.07 -33.83
N GLU B 333 0.61 -50.99 -33.95
CA GLU B 333 0.68 -51.80 -35.16
C GLU B 333 -0.55 -52.69 -35.31
N THR B 334 -1.21 -53.03 -34.21
CA THR B 334 -2.49 -53.73 -34.31
C THR B 334 -3.50 -52.87 -35.04
N GLU B 335 -3.64 -51.61 -34.62
CA GLU B 335 -4.57 -50.71 -35.28
C GLU B 335 -4.18 -50.52 -36.74
N GLU B 336 -2.88 -50.39 -37.00
CA GLU B 336 -2.43 -50.25 -38.39
C GLU B 336 -2.83 -51.46 -39.20
N LEU B 337 -2.72 -52.65 -38.62
CA LEU B 337 -3.17 -53.86 -39.29
C LEU B 337 -4.66 -53.75 -39.62
N LYS B 338 -5.45 -53.28 -38.66
CA LYS B 338 -6.90 -53.23 -38.89
C LYS B 338 -7.26 -52.23 -39.98
N ARG B 339 -6.58 -51.09 -40.02
CA ARG B 339 -6.98 -49.99 -40.88
C ARG B 339 -6.62 -50.26 -42.34
N PHE B 340 -7.51 -49.87 -43.24
CA PHE B 340 -7.26 -49.94 -44.67
C PHE B 340 -7.36 -48.60 -45.37
N ASP B 341 -8.35 -47.78 -45.05
CA ASP B 341 -8.52 -46.50 -45.70
C ASP B 341 -9.32 -45.57 -44.80
N ASP B 342 -9.59 -44.37 -45.30
CA ASP B 342 -10.22 -43.32 -44.53
C ASP B 342 -11.73 -43.56 -44.42
N PRO B 343 -12.35 -43.11 -43.33
CA PRO B 343 -13.79 -43.33 -43.17
C PRO B 343 -14.59 -42.63 -44.25
N GLY B 344 -15.67 -43.28 -44.67
CA GLY B 344 -16.50 -42.74 -45.71
C GLY B 344 -17.16 -43.85 -46.50
N LEU B 345 -17.96 -43.44 -47.49
CA LEU B 345 -18.66 -44.36 -48.38
C LEU B 345 -17.95 -44.39 -49.73
N MET B 346 -16.99 -45.29 -49.86
CA MET B 346 -16.33 -45.54 -51.13
C MET B 346 -17.30 -46.22 -52.08
N LEU B 347 -17.89 -45.43 -52.98
CA LEU B 347 -18.87 -45.97 -53.90
C LEU B 347 -18.23 -47.00 -54.83
N MET B 348 -18.90 -48.14 -54.99
CA MET B 348 -18.48 -49.17 -55.93
C MET B 348 -19.19 -49.04 -57.26
N GLY B 349 -20.52 -49.09 -57.25
CA GLY B 349 -21.26 -49.00 -58.49
C GLY B 349 -22.74 -49.28 -58.29
N PHE B 350 -23.41 -49.51 -59.40
CA PHE B 350 -24.86 -49.66 -59.43
C PHE B 350 -25.26 -51.09 -59.75
N LYS B 351 -26.35 -51.52 -59.13
CA LYS B 351 -26.92 -52.85 -59.28
C LYS B 351 -28.44 -52.76 -59.26
N PRO B 352 -29.12 -53.24 -60.30
CA PRO B 352 -30.58 -53.13 -60.32
C PRO B 352 -31.19 -53.88 -59.14
N LEU B 353 -32.26 -53.28 -58.59
CA LEU B 353 -32.96 -53.90 -57.47
C LEU B 353 -33.59 -55.23 -57.86
N VAL B 354 -33.70 -55.52 -59.16
CA VAL B 354 -34.44 -56.67 -59.64
C VAL B 354 -34.06 -57.92 -58.86
N LEU B 355 -32.77 -58.10 -58.61
CA LEU B 355 -32.35 -59.15 -57.69
C LEU B 355 -30.93 -58.87 -57.25
N LEU B 356 -30.74 -58.74 -55.95
CA LEU B 356 -29.42 -58.87 -55.35
C LEU B 356 -29.34 -60.14 -54.52
N LYS B 357 -30.23 -60.28 -53.54
CA LYS B 357 -30.66 -61.45 -52.76
C LYS B 357 -31.69 -60.87 -51.79
N LYS B 358 -32.34 -61.75 -51.04
CA LYS B 358 -33.17 -61.28 -49.95
C LYS B 358 -33.09 -62.16 -48.71
N HIS B 359 -32.34 -63.25 -48.77
CA HIS B 359 -32.22 -64.17 -47.65
C HIS B 359 -31.00 -63.89 -46.79
N HIS B 360 -30.17 -62.95 -47.19
CA HIS B 360 -28.95 -62.66 -46.46
C HIS B 360 -29.18 -61.50 -45.50
N TYR B 361 -28.49 -61.56 -44.37
CA TYR B 361 -28.61 -60.49 -43.37
C TYR B 361 -27.36 -60.49 -42.53
N LEU B 362 -26.80 -59.30 -42.31
CA LEU B 362 -25.61 -59.15 -41.50
C LEU B 362 -25.86 -58.28 -40.28
N ARG B 363 -26.53 -57.16 -40.48
CA ARG B 363 -26.82 -56.19 -39.43
C ARG B 363 -28.18 -55.58 -39.68
N PRO B 364 -28.73 -54.89 -38.68
CA PRO B 364 -29.94 -54.10 -38.93
C PRO B 364 -29.71 -53.07 -40.01
N SER B 365 -30.76 -52.77 -40.75
CA SER B 365 -30.67 -51.79 -41.82
C SER B 365 -30.32 -50.42 -41.25
N LEU B 366 -29.83 -49.54 -42.12
CA LEU B 366 -29.34 -48.23 -41.73
C LEU B 366 -29.97 -47.18 -42.63
N PHE B 367 -30.82 -46.32 -42.06
CA PHE B 367 -31.40 -45.25 -42.85
C PHE B 367 -30.36 -44.17 -43.15
N VAL B 368 -30.52 -43.57 -44.31
CA VAL B 368 -29.64 -42.48 -44.76
C VAL B 368 -30.50 -41.26 -45.02
N TYR B 369 -30.06 -40.13 -44.51
CA TYR B 369 -30.70 -38.86 -44.83
C TYR B 369 -29.62 -37.85 -45.19
N PRO B 370 -29.72 -37.24 -46.36
CA PRO B 370 -28.72 -36.26 -46.76
C PRO B 370 -28.70 -35.08 -45.82
N GLU B 371 -27.50 -34.51 -45.65
CA GLU B 371 -27.33 -33.37 -44.77
C GLU B 371 -26.08 -32.62 -45.16
N GLU B 372 -26.16 -31.29 -45.07
CA GLU B 372 -24.97 -30.45 -45.20
C GLU B 372 -24.07 -30.72 -44.00
N SER B 373 -22.96 -31.39 -44.23
CA SER B 373 -21.94 -31.58 -43.21
C SER B 373 -20.63 -30.93 -43.58
N LEU B 374 -20.25 -30.97 -44.86
CA LEU B 374 -19.06 -30.31 -45.35
C LEU B 374 -19.43 -29.50 -46.59
N VAL B 375 -20.44 -29.97 -47.32
CA VAL B 375 -20.79 -29.43 -48.62
C VAL B 375 -22.24 -28.99 -48.62
N ILE B 376 -22.48 -27.79 -49.14
CA ILE B 376 -23.83 -27.24 -49.20
C ILE B 376 -24.57 -27.77 -50.42
N GLY B 377 -25.89 -27.62 -50.41
CA GLY B 377 -26.71 -28.07 -51.51
C GLY B 377 -26.64 -29.54 -51.77
N SER B 378 -26.24 -30.32 -50.76
CA SER B 378 -26.10 -31.76 -50.94
C SER B 378 -27.43 -32.38 -51.33
N SER B 379 -28.49 -31.96 -50.64
CA SER B 379 -29.83 -32.43 -50.92
C SER B 379 -30.19 -32.13 -52.38
N THR B 380 -29.37 -31.31 -53.03
CA THR B 380 -29.58 -30.96 -54.44
C THR B 380 -29.38 -32.22 -55.27
N LEU B 381 -28.35 -32.99 -54.92
CA LEU B 381 -28.06 -34.25 -55.59
C LEU B 381 -28.93 -35.36 -54.98
N PHE B 382 -29.44 -35.10 -53.78
CA PHE B 382 -30.32 -36.04 -53.07
C PHE B 382 -31.78 -35.76 -53.40
N SER B 383 -32.02 -34.73 -54.20
CA SER B 383 -33.37 -34.36 -54.62
C SER B 383 -33.82 -35.36 -55.67
N ALA B 384 -32.87 -35.84 -56.45
CA ALA B 384 -33.12 -36.83 -57.48
C ALA B 384 -32.81 -38.23 -56.93
N LEU B 385 -32.37 -39.13 -57.80
CA LEU B 385 -32.06 -40.50 -57.44
C LEU B 385 -33.19 -41.13 -56.63
N LEU B 386 -34.18 -40.32 -56.24
CA LEU B 386 -35.23 -40.78 -55.36
C LEU B 386 -36.63 -40.39 -55.80
N ILE B 387 -36.80 -39.33 -56.58
CA ILE B 387 -38.14 -38.94 -57.00
C ILE B 387 -38.78 -40.05 -57.80
N LYS B 388 -38.02 -40.65 -58.71
CA LYS B 388 -38.49 -41.77 -59.53
C LYS B 388 -37.47 -42.89 -59.42
N CYS B 389 -37.75 -43.86 -58.57
CA CYS B 389 -36.93 -45.05 -58.47
C CYS B 389 -37.29 -46.06 -59.54
N LEU B 390 -38.17 -45.69 -60.48
CA LEU B 390 -38.60 -46.62 -61.51
C LEU B 390 -37.42 -47.10 -62.34
N GLU B 391 -36.51 -46.18 -62.67
CA GLU B 391 -35.21 -46.56 -63.19
C GLU B 391 -34.09 -46.29 -62.21
N LYS B 392 -34.38 -45.63 -61.09
CA LYS B 392 -33.40 -45.47 -60.01
C LYS B 392 -33.38 -46.65 -59.07
N GLU B 393 -34.23 -47.66 -59.27
CA GLU B 393 -34.21 -48.83 -58.39
C GLU B 393 -32.88 -49.55 -58.48
N VAL B 394 -32.10 -49.29 -59.53
CA VAL B 394 -30.75 -49.81 -59.61
C VAL B 394 -30.02 -49.31 -58.37
N ALA B 395 -29.67 -50.24 -57.49
CA ALA B 395 -29.15 -49.88 -56.18
C ALA B 395 -27.70 -49.42 -56.32
N ALA B 396 -27.05 -49.15 -55.19
CA ALA B 396 -25.70 -48.61 -55.20
C ALA B 396 -24.82 -49.48 -54.30
N LEU B 397 -24.12 -50.42 -54.92
CA LEU B 397 -23.07 -51.13 -54.21
C LEU B 397 -21.98 -50.15 -53.82
N CYS B 398 -21.55 -50.23 -52.55
CA CYS B 398 -20.60 -49.25 -52.06
C CYS B 398 -19.73 -49.90 -50.99
N ARG B 399 -18.57 -49.28 -50.76
CA ARG B 399 -17.66 -49.70 -49.71
C ARG B 399 -17.86 -48.78 -48.53
N TYR B 400 -18.15 -49.36 -47.38
CA TYR B 400 -18.55 -48.61 -46.20
C TYR B 400 -17.53 -48.70 -45.09
N THR B 401 -17.33 -47.59 -44.39
CA THR B 401 -16.39 -47.49 -43.28
C THR B 401 -17.05 -46.68 -42.18
N PRO B 402 -17.64 -47.35 -41.17
CA PRO B 402 -18.35 -46.61 -40.13
C PRO B 402 -17.50 -45.60 -39.40
N ARG B 403 -16.22 -45.89 -39.18
CA ARG B 403 -15.39 -45.00 -38.39
C ARG B 403 -13.94 -45.22 -38.78
N ARG B 404 -13.04 -44.73 -37.93
CA ARG B 404 -11.62 -44.89 -38.16
C ARG B 404 -11.23 -46.37 -38.17
N ASN B 405 -10.37 -46.73 -39.13
CA ASN B 405 -9.57 -47.95 -39.12
C ASN B 405 -10.36 -49.24 -39.25
N ILE B 406 -11.67 -49.19 -39.26
CA ILE B 406 -12.44 -50.44 -39.26
C ILE B 406 -12.45 -51.01 -40.67
N PRO B 407 -12.08 -52.27 -40.84
CA PRO B 407 -12.09 -52.88 -42.17
C PRO B 407 -13.47 -52.76 -42.79
N PRO B 408 -13.54 -52.27 -44.03
CA PRO B 408 -14.83 -51.95 -44.62
C PRO B 408 -15.62 -53.19 -44.97
N TYR B 409 -16.93 -53.00 -45.08
CA TYR B 409 -17.82 -53.95 -45.71
C TYR B 409 -18.30 -53.43 -47.04
N PHE B 410 -19.21 -54.17 -47.64
CA PHE B 410 -19.98 -53.74 -48.79
C PHE B 410 -21.39 -53.45 -48.35
N VAL B 411 -21.96 -52.37 -48.87
CA VAL B 411 -23.29 -51.95 -48.47
C VAL B 411 -24.16 -51.83 -49.70
N ALA B 412 -25.39 -52.32 -49.59
CA ALA B 412 -26.40 -52.16 -50.62
C ALA B 412 -27.16 -50.88 -50.28
N LEU B 413 -27.01 -49.86 -51.13
CA LEU B 413 -27.63 -48.57 -50.88
C LEU B 413 -28.96 -48.51 -51.63
N VAL B 414 -29.91 -49.29 -51.11
CA VAL B 414 -31.23 -49.42 -51.73
C VAL B 414 -32.02 -48.15 -51.49
N PRO B 415 -32.51 -47.49 -52.52
CA PRO B 415 -33.44 -46.39 -52.31
C PRO B 415 -34.79 -46.90 -51.80
N GLN B 416 -35.38 -46.11 -50.91
CA GLN B 416 -36.76 -46.35 -50.48
C GLN B 416 -37.49 -45.03 -50.53
N GLU B 417 -38.47 -44.94 -51.41
CA GLU B 417 -39.15 -43.67 -51.59
C GLU B 417 -40.07 -43.40 -50.41
N GLU B 418 -40.51 -42.15 -50.33
CA GLU B 418 -41.37 -41.72 -49.24
C GLU B 418 -42.74 -42.39 -49.35
N GLU B 419 -43.30 -42.74 -48.21
CA GLU B 419 -44.71 -43.07 -48.13
C GLU B 419 -45.37 -42.04 -47.23
N LEU B 420 -46.65 -41.81 -47.43
CA LEU B 420 -47.42 -40.94 -46.56
C LEU B 420 -48.58 -41.72 -45.96
N ASP B 421 -48.82 -41.52 -44.67
CA ASP B 421 -49.98 -42.09 -44.02
C ASP B 421 -51.15 -41.11 -44.14
N ASP B 422 -52.35 -41.66 -44.29
CA ASP B 422 -53.52 -40.83 -44.60
C ASP B 422 -53.81 -39.81 -43.51
N GLN B 423 -53.27 -40.00 -42.31
CA GLN B 423 -53.33 -38.97 -41.28
C GLN B 423 -52.24 -37.94 -41.42
N LYS B 424 -51.70 -37.80 -42.64
CA LYS B 424 -50.58 -36.88 -42.91
C LYS B 424 -49.39 -37.21 -42.03
N ILE B 425 -49.19 -38.50 -41.79
CA ILE B 425 -48.10 -39.00 -40.96
C ILE B 425 -47.07 -39.66 -41.86
N GLN B 426 -45.80 -39.43 -41.56
CA GLN B 426 -44.70 -39.99 -42.33
C GLN B 426 -44.03 -41.08 -41.51
N VAL B 427 -44.01 -42.30 -42.04
CA VAL B 427 -43.15 -43.35 -41.53
C VAL B 427 -42.36 -43.88 -42.72
N THR B 428 -41.20 -44.45 -42.43
CA THR B 428 -40.27 -44.86 -43.47
C THR B 428 -40.02 -43.69 -44.41
N PRO B 429 -39.26 -42.70 -43.96
CA PRO B 429 -39.06 -41.50 -44.77
C PRO B 429 -38.27 -41.81 -46.02
N PRO B 430 -38.34 -40.97 -47.04
CA PRO B 430 -37.65 -41.26 -48.29
C PRO B 430 -36.15 -41.30 -48.07
N GLY B 431 -35.48 -42.12 -48.87
CA GLY B 431 -34.04 -42.17 -48.82
C GLY B 431 -33.46 -43.54 -49.07
N PHE B 432 -32.57 -43.96 -48.19
CA PHE B 432 -31.83 -45.20 -48.38
C PHE B 432 -31.78 -46.00 -47.09
N GLN B 433 -31.74 -47.32 -47.27
CA GLN B 433 -31.44 -48.25 -46.19
C GLN B 433 -30.20 -49.03 -46.59
N LEU B 434 -29.21 -49.04 -45.70
CA LEU B 434 -28.03 -49.84 -45.94
C LEU B 434 -28.30 -51.27 -45.55
N VAL B 435 -28.21 -52.18 -46.50
CA VAL B 435 -28.23 -53.60 -46.22
C VAL B 435 -26.80 -54.09 -46.27
N PHE B 436 -26.31 -54.59 -45.15
CA PHE B 436 -24.93 -55.03 -45.11
C PHE B 436 -24.75 -56.23 -46.02
N LEU B 437 -23.62 -56.28 -46.67
CA LEU B 437 -23.50 -57.32 -47.68
C LEU B 437 -22.63 -58.46 -47.18
N PRO B 438 -23.02 -59.70 -47.45
CA PRO B 438 -22.25 -60.85 -46.96
C PRO B 438 -20.92 -60.96 -47.67
N PHE B 439 -19.99 -61.62 -46.99
CA PHE B 439 -18.71 -61.99 -47.59
C PHE B 439 -18.63 -63.50 -47.68
N ALA B 440 -17.66 -63.97 -48.46
CA ALA B 440 -17.57 -65.40 -48.75
C ALA B 440 -17.42 -66.20 -47.47
N ASP B 441 -16.59 -65.73 -46.55
CA ASP B 441 -16.36 -66.43 -45.30
C ASP B 441 -17.63 -66.53 -44.45
N ASP B 442 -18.64 -65.71 -44.74
CA ASP B 442 -19.84 -65.71 -43.91
C ASP B 442 -20.70 -66.95 -44.16
N LYS B 443 -20.86 -67.34 -45.42
CA LYS B 443 -21.81 -68.40 -45.74
C LYS B 443 -21.28 -69.72 -45.25
N ARG B 444 -21.52 -70.01 -43.97
CA ARG B 444 -21.04 -71.24 -43.37
C ARG B 444 -21.66 -72.45 -44.08
N LYS B 445 -21.15 -73.63 -43.73
CA LYS B 445 -21.48 -74.83 -44.48
C LYS B 445 -22.97 -75.13 -44.43
N MET B 446 -23.54 -75.45 -45.58
CA MET B 446 -24.93 -75.89 -45.68
C MET B 446 -24.95 -77.39 -45.94
N PRO B 447 -25.35 -78.21 -44.98
CA PRO B 447 -25.50 -79.64 -45.27
C PRO B 447 -26.52 -79.84 -46.38
N PHE B 448 -26.25 -80.80 -47.26
CA PHE B 448 -27.10 -81.02 -48.41
C PHE B 448 -27.98 -82.24 -48.18
N THR B 449 -29.29 -82.03 -48.19
CA THR B 449 -30.27 -83.11 -48.01
C THR B 449 -31.48 -82.77 -48.89
N GLU B 450 -31.50 -83.33 -50.09
CA GLU B 450 -32.68 -83.30 -50.96
C GLU B 450 -33.13 -84.73 -51.18
N LYS B 451 -34.24 -85.11 -50.54
CA LYS B 451 -34.73 -86.47 -50.63
C LYS B 451 -36.11 -86.56 -51.25
N ILE B 452 -37.12 -85.91 -50.66
CA ILE B 452 -38.52 -86.20 -50.99
C ILE B 452 -39.33 -84.91 -51.01
N MET B 453 -40.22 -84.80 -51.98
CA MET B 453 -41.19 -83.72 -52.07
C MET B 453 -42.57 -84.25 -51.72
N ALA B 454 -43.36 -83.42 -51.03
CA ALA B 454 -44.68 -83.82 -50.58
C ALA B 454 -45.65 -83.95 -51.74
N THR B 455 -46.65 -84.81 -51.55
CA THR B 455 -47.66 -85.02 -52.57
C THR B 455 -48.61 -83.82 -52.65
N PRO B 456 -49.06 -83.47 -53.86
CA PRO B 456 -49.89 -82.26 -54.01
C PRO B 456 -51.22 -82.32 -53.28
N GLU B 457 -51.72 -83.50 -52.92
CA GLU B 457 -52.95 -83.54 -52.15
C GLU B 457 -52.77 -82.94 -50.76
N GLN B 458 -51.53 -82.87 -50.28
CA GLN B 458 -51.27 -82.28 -48.97
C GLN B 458 -51.09 -80.77 -49.03
N VAL B 459 -50.55 -80.24 -50.14
CA VAL B 459 -50.19 -78.83 -50.17
C VAL B 459 -51.44 -77.95 -50.13
N GLY B 460 -52.46 -78.29 -50.93
CA GLY B 460 -53.70 -77.54 -50.88
C GLY B 460 -54.40 -77.71 -49.54
N LYS B 461 -54.32 -78.90 -48.98
CA LYS B 461 -54.97 -79.18 -47.70
C LYS B 461 -54.37 -78.33 -46.58
N MET B 462 -53.04 -78.26 -46.50
CA MET B 462 -52.46 -77.33 -45.54
C MET B 462 -52.57 -75.87 -45.97
N LYS B 463 -52.81 -75.56 -47.25
CA LYS B 463 -53.19 -74.20 -47.59
C LYS B 463 -54.50 -73.84 -46.91
N ALA B 464 -55.46 -74.75 -46.96
CA ALA B 464 -56.71 -74.55 -46.23
C ALA B 464 -56.45 -74.46 -44.73
N ILE B 465 -55.48 -75.24 -44.24
CA ILE B 465 -55.15 -75.20 -42.83
C ILE B 465 -54.65 -73.81 -42.43
N VAL B 466 -53.66 -73.30 -43.16
CA VAL B 466 -53.02 -72.07 -42.76
C VAL B 466 -53.94 -70.87 -42.97
N GLU B 467 -54.72 -70.88 -44.07
CA GLU B 467 -55.46 -69.69 -44.45
C GLU B 467 -56.40 -69.22 -43.36
N LYS B 468 -56.84 -70.13 -42.49
CA LYS B 468 -57.76 -69.73 -41.44
C LYS B 468 -57.13 -68.71 -40.51
N LEU B 469 -55.86 -68.92 -40.14
CA LEU B 469 -55.19 -68.00 -39.25
C LEU B 469 -54.45 -66.95 -40.07
N ARG B 470 -54.68 -65.69 -39.73
CA ARG B 470 -53.91 -64.59 -40.31
C ARG B 470 -53.91 -63.44 -39.34
N PHE B 471 -52.72 -62.98 -38.99
CA PHE B 471 -52.53 -61.81 -38.15
C PHE B 471 -51.86 -60.74 -38.97
N THR B 472 -52.42 -59.53 -38.96
CA THR B 472 -51.96 -58.45 -39.82
C THR B 472 -50.48 -58.14 -39.62
N TYR B 473 -49.88 -58.65 -38.55
CA TYR B 473 -48.51 -58.29 -38.17
C TYR B 473 -48.41 -56.79 -37.91
N ARG B 474 -49.07 -56.39 -36.83
CA ARG B 474 -48.78 -55.08 -36.27
C ARG B 474 -47.40 -55.12 -35.65
N SER B 475 -46.48 -54.31 -36.18
CA SER B 475 -45.12 -54.33 -35.69
C SER B 475 -45.02 -53.94 -34.23
N ASP B 476 -46.06 -53.30 -33.69
CA ASP B 476 -46.15 -52.97 -32.28
C ASP B 476 -46.89 -54.02 -31.47
N SER B 477 -47.35 -55.09 -32.10
CA SER B 477 -48.19 -56.07 -31.42
C SER B 477 -47.39 -57.08 -30.62
N PHE B 478 -46.07 -57.05 -30.66
CA PHE B 478 -45.26 -57.98 -29.91
C PHE B 478 -44.23 -57.22 -29.10
N GLU B 479 -43.83 -57.80 -27.99
CA GLU B 479 -42.89 -57.12 -27.11
C GLU B 479 -41.93 -58.11 -26.46
N ASN B 480 -40.72 -57.62 -26.22
CA ASN B 480 -39.76 -58.34 -25.40
C ASN B 480 -40.30 -58.54 -24.00
N PRO B 481 -40.67 -59.76 -23.64
CA PRO B 481 -41.15 -59.98 -22.28
C PRO B 481 -40.10 -59.64 -21.25
N VAL B 482 -38.83 -59.79 -21.61
CA VAL B 482 -37.78 -59.82 -20.60
C VAL B 482 -37.50 -58.44 -20.05
N LEU B 483 -37.22 -57.47 -20.92
CA LEU B 483 -36.95 -56.13 -20.43
C LEU B 483 -38.17 -55.57 -19.70
N GLN B 484 -39.36 -55.84 -20.22
CA GLN B 484 -40.57 -55.40 -19.54
C GLN B 484 -40.66 -56.02 -18.15
N GLN B 485 -40.38 -57.31 -18.04
CA GLN B 485 -40.42 -57.97 -16.75
C GLN B 485 -39.41 -57.33 -15.81
N HIS B 486 -38.21 -57.08 -16.32
CA HIS B 486 -37.20 -56.38 -15.55
C HIS B 486 -37.73 -55.05 -15.05
N PHE B 487 -38.39 -54.31 -15.92
CA PHE B 487 -38.91 -53.00 -15.54
C PHE B 487 -39.91 -53.11 -14.42
N ARG B 488 -40.84 -54.06 -14.55
CA ARG B 488 -41.86 -54.19 -13.53
C ARG B 488 -41.26 -54.63 -12.22
N ASN B 489 -40.25 -55.50 -12.28
CA ASN B 489 -39.55 -55.88 -11.07
C ASN B 489 -38.92 -54.68 -10.41
N LEU B 490 -38.24 -53.84 -11.20
CA LEU B 490 -37.61 -52.67 -10.63
C LEU B 490 -38.62 -51.75 -10.00
N GLU B 491 -39.78 -51.59 -10.64
CA GLU B 491 -40.85 -50.83 -10.03
C GLU B 491 -41.25 -51.44 -8.70
N ALA B 492 -41.26 -52.78 -8.64
CA ALA B 492 -41.67 -53.45 -7.41
C ALA B 492 -40.75 -53.10 -6.25
N LEU B 493 -39.44 -53.27 -6.45
CA LEU B 493 -38.51 -53.08 -5.33
C LEU B 493 -38.42 -51.62 -4.93
N ALA B 494 -38.61 -50.70 -5.88
CA ALA B 494 -38.60 -49.29 -5.52
C ALA B 494 -39.73 -48.93 -4.59
N LEU B 495 -40.74 -49.77 -4.47
CA LEU B 495 -41.90 -49.49 -3.63
C LEU B 495 -42.23 -50.72 -2.79
N ASP B 496 -43.38 -50.72 -2.14
CA ASP B 496 -43.83 -51.88 -1.37
C ASP B 496 -44.75 -52.73 -2.24
N LEU B 497 -44.16 -53.30 -3.29
CA LEU B 497 -44.84 -54.26 -4.14
C LEU B 497 -43.96 -55.49 -4.22
N MET B 498 -44.52 -56.64 -3.85
CA MET B 498 -43.71 -57.86 -3.77
C MET B 498 -43.16 -58.31 -5.13
N GLU B 499 -44.00 -58.79 -6.03
CA GLU B 499 -43.68 -58.97 -7.45
C GLU B 499 -44.95 -59.26 -8.23
N PRO B 500 -45.91 -58.36 -8.22
CA PRO B 500 -47.24 -58.68 -8.75
C PRO B 500 -47.39 -58.37 -10.23
N GLU B 501 -46.47 -58.86 -11.04
CA GLU B 501 -46.46 -58.50 -12.46
C GLU B 501 -45.89 -59.67 -13.26
N GLN B 502 -46.77 -60.40 -13.94
CA GLN B 502 -46.34 -61.51 -14.77
C GLN B 502 -47.09 -61.59 -16.10
N ALA B 503 -47.64 -60.49 -16.58
CA ALA B 503 -48.51 -60.53 -17.75
C ALA B 503 -47.71 -60.86 -19.01
N VAL B 504 -48.32 -61.67 -19.87
CA VAL B 504 -47.77 -61.97 -21.19
C VAL B 504 -48.29 -60.95 -22.17
N ASP B 505 -47.51 -60.69 -23.22
CA ASP B 505 -47.86 -59.72 -24.26
C ASP B 505 -47.78 -60.37 -25.63
N LEU B 506 -48.44 -61.52 -25.76
CA LEU B 506 -48.51 -62.33 -26.97
C LEU B 506 -47.16 -62.93 -27.35
N THR B 507 -46.14 -62.76 -26.51
CA THR B 507 -44.89 -63.45 -26.78
C THR B 507 -45.09 -64.96 -26.72
N LEU B 508 -45.94 -65.43 -25.83
CA LEU B 508 -46.32 -66.84 -25.80
C LEU B 508 -47.27 -67.12 -26.96
N PRO B 509 -47.25 -68.35 -27.47
CA PRO B 509 -48.21 -68.71 -28.53
C PRO B 509 -49.65 -68.50 -28.08
N LYS B 510 -50.45 -67.97 -28.99
CA LYS B 510 -51.88 -67.84 -28.81
C LYS B 510 -52.62 -69.10 -29.22
N VAL B 511 -51.89 -70.12 -29.68
CA VAL B 511 -52.49 -71.32 -30.25
C VAL B 511 -53.13 -72.16 -29.17
N GLU B 512 -52.95 -71.76 -27.90
CA GLU B 512 -53.73 -72.36 -26.83
C GLU B 512 -55.22 -72.26 -27.10
N ALA B 513 -55.64 -71.21 -27.82
CA ALA B 513 -57.00 -71.09 -28.31
C ALA B 513 -57.11 -71.26 -29.82
N MET B 514 -56.07 -70.93 -30.57
CA MET B 514 -56.12 -71.13 -32.01
C MET B 514 -56.22 -72.60 -32.39
N ASN B 515 -55.77 -73.50 -31.50
CA ASN B 515 -55.87 -74.92 -31.75
C ASN B 515 -57.32 -75.32 -31.95
N LYS B 516 -58.19 -74.93 -31.02
CA LYS B 516 -59.61 -75.17 -31.20
C LYS B 516 -60.23 -74.20 -32.19
N ARG B 517 -59.61 -73.05 -32.42
CA ARG B 517 -60.13 -72.13 -33.42
C ARG B 517 -60.19 -72.80 -34.78
N LEU B 518 -59.06 -73.37 -35.23
CA LEU B 518 -59.10 -74.17 -36.43
C LEU B 518 -59.97 -75.41 -36.24
N GLY B 519 -60.12 -75.86 -35.00
CA GLY B 519 -60.87 -77.06 -34.71
C GLY B 519 -59.97 -78.26 -34.58
N SER B 520 -60.21 -79.29 -35.40
CA SER B 520 -59.35 -80.47 -35.37
C SER B 520 -59.08 -81.00 -36.77
N LEU B 521 -59.31 -80.19 -37.82
CA LEU B 521 -59.13 -80.69 -39.18
C LEU B 521 -57.69 -81.12 -39.44
N VAL B 522 -56.74 -80.49 -38.74
CA VAL B 522 -55.34 -80.82 -38.98
C VAL B 522 -55.01 -82.24 -38.53
N ASP B 523 -55.78 -82.77 -37.57
CA ASP B 523 -55.42 -84.07 -36.98
C ASP B 523 -55.55 -85.19 -38.00
N GLU B 524 -56.69 -85.28 -38.67
CA GLU B 524 -56.80 -86.21 -39.79
C GLU B 524 -55.96 -85.76 -40.96
N PHE B 525 -55.53 -84.51 -40.95
CA PHE B 525 -54.68 -83.96 -42.00
C PHE B 525 -53.22 -84.31 -41.78
N LYS B 526 -52.92 -85.19 -40.83
CA LYS B 526 -51.63 -85.83 -40.72
C LYS B 526 -51.78 -87.20 -41.38
N GLU B 527 -51.81 -87.18 -42.71
CA GLU B 527 -52.00 -88.40 -43.48
C GLU B 527 -50.71 -89.19 -43.63
N LEU B 528 -49.61 -88.71 -43.08
CA LEU B 528 -48.47 -89.58 -42.85
C LEU B 528 -48.93 -90.68 -41.90
N VAL B 529 -48.96 -91.92 -42.41
CA VAL B 529 -49.59 -93.02 -41.68
C VAL B 529 -48.85 -93.27 -40.37
N TYR B 530 -47.54 -93.39 -40.43
CA TYR B 530 -46.87 -93.46 -39.14
C TYR B 530 -46.56 -92.06 -38.65
N PRO B 531 -46.97 -91.71 -37.43
CA PRO B 531 -46.69 -90.38 -36.91
C PRO B 531 -45.20 -90.20 -36.73
N PRO B 532 -44.63 -89.09 -37.23
CA PRO B 532 -43.22 -88.83 -36.97
C PRO B 532 -42.90 -88.79 -35.50
N ASP B 533 -43.83 -88.30 -34.68
CA ASP B 533 -43.74 -88.44 -33.24
C ASP B 533 -44.29 -89.79 -32.81
N TYR B 534 -43.93 -90.19 -31.60
CA TYR B 534 -44.29 -91.50 -31.09
C TYR B 534 -44.19 -91.52 -29.58
N ASN C 6 -12.83 -84.09 -38.50
CA ASN C 6 -11.79 -83.94 -37.50
C ASN C 6 -10.41 -84.14 -38.13
N LYS C 7 -10.38 -84.47 -39.42
CA LYS C 7 -9.14 -84.53 -40.17
C LYS C 7 -9.44 -84.11 -41.60
N ALA C 8 -8.44 -83.50 -42.25
CA ALA C 8 -8.47 -83.28 -43.68
C ALA C 8 -7.09 -83.51 -44.24
N ALA C 9 -7.01 -83.90 -45.50
CA ALA C 9 -5.75 -84.23 -46.16
C ALA C 9 -5.61 -83.41 -47.43
N VAL C 10 -4.52 -82.64 -47.52
CA VAL C 10 -4.17 -81.89 -48.71
C VAL C 10 -2.76 -82.29 -49.12
N VAL C 11 -2.56 -82.41 -50.44
CA VAL C 11 -1.25 -82.72 -50.99
C VAL C 11 -0.98 -81.74 -52.12
N LEU C 12 0.14 -81.01 -52.01
CA LEU C 12 0.48 -79.95 -52.96
C LEU C 12 1.59 -80.46 -53.86
N CYS C 13 1.26 -80.66 -55.13
CA CYS C 13 2.23 -81.02 -56.15
C CYS C 13 2.47 -79.81 -57.04
N MET C 14 3.73 -79.50 -57.29
CA MET C 14 4.12 -78.26 -57.96
C MET C 14 5.00 -78.55 -59.16
N ASP C 15 4.85 -77.74 -60.19
CA ASP C 15 5.71 -77.79 -61.37
C ASP C 15 6.80 -76.73 -61.21
N VAL C 16 8.04 -77.14 -61.42
CA VAL C 16 9.18 -76.27 -61.22
C VAL C 16 10.00 -76.25 -62.51
N GLY C 17 9.33 -76.38 -63.64
CA GLY C 17 10.02 -76.39 -64.92
C GLY C 17 10.60 -75.05 -65.31
N PHE C 18 10.71 -74.82 -66.61
CA PHE C 18 11.15 -73.53 -67.12
C PHE C 18 10.00 -72.63 -67.53
N THR C 19 8.88 -73.20 -67.95
CA THR C 19 7.73 -72.38 -68.34
C THR C 19 7.14 -71.65 -67.14
N MET C 20 7.24 -72.24 -65.95
CA MET C 20 6.87 -71.54 -64.73
C MET C 20 7.70 -70.28 -64.53
N SER C 21 8.97 -70.31 -64.94
CA SER C 21 9.85 -69.17 -64.70
C SER C 21 9.47 -67.98 -65.56
N ASN C 22 9.22 -68.21 -66.84
CA ASN C 22 8.95 -67.14 -67.79
C ASN C 22 7.46 -66.99 -68.03
N SER C 23 7.04 -65.76 -68.32
CA SER C 23 5.64 -65.49 -68.58
C SER C 23 5.54 -64.21 -69.41
N ILE C 24 4.37 -64.00 -69.98
CA ILE C 24 4.11 -62.76 -70.73
C ILE C 24 4.13 -61.59 -69.76
N PRO C 25 4.79 -60.48 -70.09
CA PRO C 25 4.75 -59.31 -69.20
C PRO C 25 3.32 -58.84 -68.99
N GLY C 26 3.05 -58.40 -67.77
CA GLY C 26 1.68 -58.05 -67.39
C GLY C 26 0.93 -59.23 -66.81
N ILE C 27 0.99 -60.36 -67.50
CA ILE C 27 0.49 -61.62 -66.95
C ILE C 27 1.67 -62.24 -66.21
N GLU C 28 1.82 -61.85 -64.95
CA GLU C 28 2.99 -62.21 -64.17
C GLU C 28 3.15 -63.72 -64.08
N SER C 29 4.34 -64.14 -63.66
CA SER C 29 4.70 -65.55 -63.70
C SER C 29 3.66 -66.37 -62.98
N PRO C 30 2.95 -67.27 -63.66
CA PRO C 30 1.91 -68.04 -63.00
C PRO C 30 2.44 -68.83 -61.82
N PHE C 31 3.74 -69.10 -61.79
CA PHE C 31 4.31 -69.76 -60.62
C PHE C 31 4.27 -68.86 -59.39
N GLU C 32 4.48 -67.55 -59.56
CA GLU C 32 4.39 -66.69 -58.39
C GLU C 32 2.94 -66.51 -57.96
N GLN C 33 2.01 -66.50 -58.90
CA GLN C 33 0.60 -66.57 -58.53
C GLN C 33 0.32 -67.81 -57.72
N ALA C 34 0.86 -68.95 -58.16
CA ALA C 34 0.66 -70.19 -57.44
C ALA C 34 1.26 -70.11 -56.04
N LYS C 35 2.48 -69.60 -55.91
CA LYS C 35 3.08 -69.56 -54.59
C LYS C 35 2.30 -68.64 -53.67
N LYS C 36 1.87 -67.48 -54.16
CA LYS C 36 1.12 -66.58 -53.28
C LYS C 36 -0.21 -67.20 -52.86
N VAL C 37 -0.93 -67.81 -53.79
CA VAL C 37 -2.23 -68.37 -53.43
C VAL C 37 -2.06 -69.51 -52.43
N ILE C 38 -1.11 -70.41 -52.68
CA ILE C 38 -0.92 -71.51 -51.75
C ILE C 38 -0.42 -70.99 -50.42
N THR C 39 0.33 -69.88 -50.41
CA THR C 39 0.82 -69.37 -49.14
C THR C 39 -0.30 -68.86 -48.28
N MET C 40 -1.19 -68.02 -48.82
CA MET C 40 -2.20 -67.56 -47.87
C MET C 40 -3.16 -68.70 -47.55
N PHE C 41 -3.31 -69.65 -48.47
CA PHE C 41 -4.09 -70.84 -48.14
C PHE C 41 -3.52 -71.55 -46.92
N VAL C 42 -2.24 -71.89 -46.97
CA VAL C 42 -1.66 -72.71 -45.92
C VAL C 42 -1.57 -71.94 -44.62
N GLN C 43 -1.28 -70.64 -44.68
CA GLN C 43 -1.24 -69.89 -43.43
C GLN C 43 -2.62 -69.78 -42.83
N ARG C 44 -3.68 -69.69 -43.65
CA ARG C 44 -5.01 -69.76 -43.09
C ARG C 44 -5.24 -71.11 -42.43
N GLN C 45 -4.75 -72.17 -43.06
CA GLN C 45 -4.90 -73.49 -42.47
C GLN C 45 -4.24 -73.55 -41.10
N VAL C 46 -3.05 -72.98 -40.98
CA VAL C 46 -2.28 -73.15 -39.74
C VAL C 46 -2.77 -72.18 -38.67
N PHE C 47 -3.14 -70.96 -39.07
CA PHE C 47 -3.64 -70.00 -38.09
C PHE C 47 -4.95 -70.47 -37.49
N ALA C 48 -5.81 -71.06 -38.31
CA ALA C 48 -7.07 -71.59 -37.85
C ALA C 48 -6.92 -72.91 -37.09
N GLU C 49 -5.69 -73.26 -36.71
CA GLU C 49 -5.37 -74.46 -35.93
C GLU C 49 -6.08 -75.69 -36.48
N ASN C 50 -6.40 -75.66 -37.77
CA ASN C 50 -7.21 -76.71 -38.37
C ASN C 50 -6.60 -78.07 -38.10
N LYS C 51 -7.45 -79.03 -37.77
CA LYS C 51 -6.96 -80.39 -37.56
C LYS C 51 -6.64 -80.96 -38.92
N ASP C 52 -5.67 -80.35 -39.59
CA ASP C 52 -5.43 -80.51 -41.00
C ASP C 52 -4.26 -81.46 -41.23
N GLU C 53 -3.85 -81.56 -42.49
CA GLU C 53 -2.75 -82.43 -42.85
C GLU C 53 -2.25 -82.07 -44.23
N ILE C 54 -0.93 -82.02 -44.38
CA ILE C 54 -0.29 -81.47 -45.57
C ILE C 54 0.82 -82.40 -46.03
N ALA C 55 0.95 -82.53 -47.35
CA ALA C 55 2.10 -83.18 -47.99
C ALA C 55 2.61 -82.29 -49.10
N LEU C 56 3.92 -82.10 -49.16
CA LEU C 56 4.54 -81.19 -50.11
C LEU C 56 5.42 -81.98 -51.07
N VAL C 57 5.18 -81.81 -52.36
CA VAL C 57 5.87 -82.54 -53.41
C VAL C 57 6.35 -81.56 -54.46
N LEU C 58 7.57 -81.74 -54.92
CA LEU C 58 8.18 -80.95 -55.99
C LEU C 58 8.49 -81.87 -57.16
N PHE C 59 7.76 -81.71 -58.26
CA PHE C 59 8.10 -82.43 -59.47
C PHE C 59 8.60 -81.45 -60.52
N GLY C 60 9.23 -82.01 -61.55
CA GLY C 60 9.98 -81.18 -62.48
C GLY C 60 11.34 -80.76 -61.96
N THR C 61 11.77 -81.29 -60.82
CA THR C 61 13.06 -80.97 -60.25
C THR C 61 13.93 -82.23 -60.23
N ASP C 62 15.19 -82.03 -59.87
CA ASP C 62 16.15 -83.12 -59.89
C ASP C 62 15.79 -84.20 -58.88
N GLY C 63 16.18 -85.43 -59.20
CA GLY C 63 15.97 -86.53 -58.28
C GLY C 63 14.53 -86.96 -58.25
N THR C 64 14.28 -88.00 -57.45
CA THR C 64 12.94 -88.52 -57.22
C THR C 64 12.81 -88.82 -55.73
N ASP C 65 12.37 -87.82 -54.96
CA ASP C 65 12.10 -88.07 -53.55
C ASP C 65 10.87 -88.94 -53.37
N ASN C 66 10.11 -89.17 -54.44
CA ASN C 66 8.97 -90.06 -54.35
C ASN C 66 9.41 -91.44 -53.89
N PRO C 67 8.67 -92.07 -52.99
CA PRO C 67 9.01 -93.44 -52.60
C PRO C 67 9.13 -94.38 -53.77
N LEU C 68 8.27 -94.22 -54.77
CA LEU C 68 8.26 -95.10 -55.94
C LEU C 68 8.52 -94.26 -57.19
N SER C 69 9.52 -94.67 -57.96
CA SER C 69 9.80 -94.03 -59.24
C SER C 69 9.16 -94.78 -60.41
N GLY C 70 8.38 -95.82 -60.13
CA GLY C 70 7.68 -96.57 -61.16
C GLY C 70 8.60 -97.23 -62.15
N GLY C 71 9.63 -97.91 -61.65
CA GLY C 71 10.69 -98.37 -62.53
C GLY C 71 11.45 -97.20 -63.14
N ASP C 72 11.72 -96.18 -62.35
CA ASP C 72 12.35 -94.94 -62.82
C ASP C 72 11.54 -94.32 -63.96
N GLN C 73 10.22 -94.41 -63.85
CA GLN C 73 9.31 -93.71 -64.75
C GLN C 73 8.62 -92.54 -64.07
N TYR C 74 8.42 -92.61 -62.76
CA TYR C 74 8.00 -91.47 -61.97
C TYR C 74 9.24 -90.59 -61.68
N GLN C 75 9.88 -90.17 -62.76
CA GLN C 75 11.14 -89.45 -62.69
C GLN C 75 10.89 -87.98 -62.40
N ASN C 76 11.88 -87.34 -61.77
CA ASN C 76 11.83 -85.93 -61.41
C ASN C 76 10.68 -85.60 -60.46
N ILE C 77 10.14 -86.60 -59.77
CA ILE C 77 9.04 -86.42 -58.85
C ILE C 77 9.60 -86.51 -57.44
N THR C 78 9.61 -85.40 -56.72
CA THR C 78 10.22 -85.33 -55.40
C THR C 78 9.20 -84.82 -54.40
N VAL C 79 8.83 -85.66 -53.43
CA VAL C 79 8.08 -85.19 -52.28
C VAL C 79 9.00 -84.33 -51.43
N HIS C 80 8.55 -83.13 -51.09
CA HIS C 80 9.39 -82.22 -50.31
C HIS C 80 9.14 -82.38 -48.82
N ARG C 81 7.93 -82.07 -48.39
CA ARG C 81 7.54 -82.26 -46.99
C ARG C 81 6.35 -83.19 -47.00
N HIS C 82 6.56 -84.41 -46.53
CA HIS C 82 5.55 -85.44 -46.63
C HIS C 82 4.45 -85.21 -45.60
N LEU C 83 3.62 -86.21 -45.40
CA LEU C 83 2.38 -86.04 -44.63
C LEU C 83 2.72 -85.86 -43.16
N MET C 84 2.67 -84.61 -42.70
CA MET C 84 2.93 -84.25 -41.32
C MET C 84 2.22 -82.93 -41.03
N LEU C 85 2.05 -82.63 -39.75
CA LEU C 85 1.28 -81.46 -39.35
C LEU C 85 1.97 -80.17 -39.81
N PRO C 86 1.22 -79.23 -40.39
CA PRO C 86 1.84 -78.06 -41.02
C PRO C 86 2.54 -77.17 -40.01
N ASP C 87 3.56 -76.45 -40.50
CA ASP C 87 4.34 -75.52 -39.71
C ASP C 87 4.83 -74.41 -40.62
N PHE C 88 5.50 -73.42 -40.03
CA PHE C 88 5.98 -72.30 -40.83
C PHE C 88 7.15 -72.68 -41.71
N ASP C 89 7.82 -73.80 -41.41
CA ASP C 89 8.95 -74.23 -42.21
C ASP C 89 8.55 -74.44 -43.66
N LEU C 90 7.47 -75.18 -43.89
CA LEU C 90 7.06 -75.49 -45.26
C LEU C 90 6.66 -74.23 -46.01
N LEU C 91 5.94 -73.33 -45.35
CA LEU C 91 5.48 -72.13 -46.03
C LEU C 91 6.62 -71.17 -46.31
N GLU C 92 7.59 -71.07 -45.39
CA GLU C 92 8.73 -70.20 -45.66
C GLU C 92 9.59 -70.77 -46.78
N ASP C 93 9.74 -72.09 -46.83
CA ASP C 93 10.40 -72.71 -47.98
C ASP C 93 9.63 -72.41 -49.26
N ILE C 94 8.30 -72.47 -49.19
CA ILE C 94 7.47 -72.23 -50.36
C ILE C 94 7.67 -70.82 -50.89
N GLU C 95 7.58 -69.83 -50.00
CA GLU C 95 7.68 -68.44 -50.43
C GLU C 95 9.10 -68.07 -50.86
N SER C 96 10.11 -68.64 -50.19
CA SER C 96 11.49 -68.25 -50.44
C SER C 96 12.30 -69.36 -51.09
N LYS C 97 12.39 -70.52 -50.44
CA LYS C 97 13.39 -71.51 -50.82
C LYS C 97 13.03 -72.27 -52.08
N ILE C 98 11.84 -72.05 -52.64
CA ILE C 98 11.50 -72.64 -53.92
C ILE C 98 12.01 -71.72 -55.02
N GLN C 99 12.77 -72.29 -55.96
CA GLN C 99 13.40 -71.52 -57.01
C GLN C 99 12.99 -72.06 -58.38
N PRO C 100 12.99 -71.22 -59.40
CA PRO C 100 12.65 -71.70 -60.75
C PRO C 100 13.64 -72.74 -61.25
N GLY C 101 13.12 -73.77 -61.92
CA GLY C 101 13.92 -74.83 -62.47
C GLY C 101 13.97 -74.79 -63.98
N SER C 102 14.39 -75.91 -64.57
CA SER C 102 14.62 -75.93 -66.00
C SER C 102 14.17 -77.21 -66.69
N GLN C 103 13.36 -78.04 -66.05
CA GLN C 103 12.93 -79.28 -66.67
C GLN C 103 11.64 -79.75 -66.01
N GLN C 104 11.00 -80.73 -66.63
CA GLN C 104 9.68 -81.17 -66.23
C GLN C 104 9.61 -82.68 -66.16
N ALA C 105 8.46 -83.16 -65.68
CA ALA C 105 8.14 -84.57 -65.58
C ALA C 105 6.65 -84.74 -65.87
N ASP C 106 6.09 -85.88 -65.51
CA ASP C 106 4.66 -86.12 -65.65
C ASP C 106 3.93 -85.72 -64.38
N PHE C 107 2.96 -84.81 -64.49
CA PHE C 107 2.17 -84.40 -63.35
C PHE C 107 1.27 -85.51 -62.85
N LEU C 108 0.75 -86.33 -63.78
CA LEU C 108 -0.13 -87.43 -63.38
C LEU C 108 0.61 -88.43 -62.51
N ASP C 109 1.88 -88.69 -62.83
CA ASP C 109 2.69 -89.55 -61.98
C ASP C 109 2.88 -88.95 -60.59
N ALA C 110 3.09 -87.64 -60.52
CA ALA C 110 3.15 -86.98 -59.23
C ALA C 110 1.83 -87.15 -58.49
N LEU C 111 0.72 -87.06 -59.19
CA LEU C 111 -0.59 -87.24 -58.57
C LEU C 111 -0.72 -88.63 -57.99
N ILE C 112 -0.34 -89.65 -58.76
CA ILE C 112 -0.54 -91.02 -58.30
C ILE C 112 0.40 -91.34 -57.15
N VAL C 113 1.64 -90.82 -57.19
CA VAL C 113 2.54 -91.09 -56.07
C VAL C 113 2.10 -90.34 -54.81
N SER C 114 1.54 -89.14 -54.96
CA SER C 114 1.00 -88.46 -53.80
C SER C 114 -0.18 -89.22 -53.21
N MET C 115 -1.04 -89.75 -54.08
CA MET C 115 -2.10 -90.63 -53.63
C MET C 115 -1.53 -91.83 -52.88
N ASP C 116 -0.43 -92.39 -53.40
CA ASP C 116 0.20 -93.53 -52.74
C ASP C 116 0.72 -93.15 -51.37
N VAL C 117 1.28 -91.95 -51.25
CA VAL C 117 1.75 -91.47 -49.95
C VAL C 117 0.57 -91.33 -49.00
N ILE C 118 -0.55 -90.82 -49.50
CA ILE C 118 -1.75 -90.75 -48.68
C ILE C 118 -2.15 -92.14 -48.22
N GLN C 119 -2.13 -93.10 -49.15
CA GLN C 119 -2.45 -94.48 -48.81
C GLN C 119 -1.50 -95.02 -47.75
N HIS C 120 -0.22 -94.72 -47.88
CA HIS C 120 0.76 -95.14 -46.88
C HIS C 120 0.40 -94.57 -45.51
N GLU C 121 0.04 -93.29 -45.48
CA GLU C 121 -0.33 -92.63 -44.23
C GLU C 121 -1.85 -92.72 -44.08
N THR C 122 -2.30 -93.93 -43.73
CA THR C 122 -3.71 -94.17 -43.49
C THR C 122 -3.87 -94.84 -42.14
N ILE C 123 -2.84 -95.55 -41.70
CA ILE C 123 -2.86 -96.29 -40.45
C ILE C 123 -2.56 -95.37 -39.28
N GLY C 124 -3.06 -95.73 -38.10
CA GLY C 124 -2.72 -95.06 -36.88
C GLY C 124 -3.37 -93.70 -36.71
N LYS C 125 -3.75 -93.09 -37.83
CA LYS C 125 -4.34 -91.76 -37.84
C LYS C 125 -5.75 -91.85 -38.39
N LYS C 126 -6.67 -91.12 -37.76
CA LYS C 126 -8.04 -91.09 -38.24
C LYS C 126 -8.08 -90.59 -39.68
N PHE C 127 -8.82 -91.29 -40.53
CA PHE C 127 -8.86 -91.01 -41.95
C PHE C 127 -10.28 -90.57 -42.29
N GLU C 128 -10.44 -89.28 -42.60
CA GLU C 128 -11.76 -88.71 -42.85
C GLU C 128 -11.92 -88.19 -44.27
N LYS C 129 -11.04 -87.31 -44.73
CA LYS C 129 -11.21 -86.69 -46.03
C LYS C 129 -9.84 -86.29 -46.57
N ARG C 130 -9.85 -85.74 -47.78
CA ARG C 130 -8.64 -85.64 -48.59
C ARG C 130 -8.92 -84.92 -49.90
N HIS C 131 -7.90 -84.26 -50.45
CA HIS C 131 -8.10 -83.48 -51.65
C HIS C 131 -6.81 -83.39 -52.45
N ILE C 132 -6.96 -83.18 -53.76
CA ILE C 132 -5.86 -82.91 -54.67
C ILE C 132 -6.19 -81.69 -55.50
N GLU C 133 -5.16 -80.89 -55.78
CA GLU C 133 -5.27 -79.64 -56.52
C GLU C 133 -4.27 -79.65 -57.65
N ILE C 134 -4.61 -78.96 -58.74
CA ILE C 134 -3.79 -78.95 -59.95
C ILE C 134 -2.94 -77.71 -59.97
N PHE C 135 -1.62 -77.90 -60.09
CA PHE C 135 -0.66 -76.82 -60.25
C PHE C 135 0.31 -77.23 -61.36
N THR C 136 -0.07 -76.95 -62.60
CA THR C 136 0.77 -77.24 -63.75
C THR C 136 0.25 -76.43 -64.92
N ASP C 137 1.16 -75.73 -65.61
CA ASP C 137 0.80 -74.96 -66.78
C ASP C 137 0.64 -75.82 -68.04
N LEU C 138 0.63 -77.14 -67.87
CA LEU C 138 0.28 -78.08 -68.94
C LEU C 138 1.17 -77.90 -70.16
N SER C 139 2.47 -77.78 -69.91
CA SER C 139 3.47 -77.81 -70.97
C SER C 139 4.50 -78.90 -70.75
N SER C 140 4.35 -79.71 -69.72
CA SER C 140 5.26 -80.82 -69.45
C SER C 140 4.94 -81.99 -70.38
N ARG C 141 5.72 -83.06 -70.26
CA ARG C 141 5.54 -84.23 -71.09
C ARG C 141 4.78 -85.29 -70.33
N PHE C 142 3.83 -85.92 -71.01
CA PHE C 142 2.94 -86.86 -70.34
C PHE C 142 2.42 -87.86 -71.37
N SER C 143 1.93 -88.98 -70.87
CA SER C 143 1.38 -90.01 -71.73
C SER C 143 -0.12 -89.79 -71.92
N LYS C 144 -0.79 -90.77 -72.50
CA LYS C 144 -2.24 -90.71 -72.67
C LYS C 144 -2.92 -92.03 -72.34
N SER C 145 -2.16 -93.08 -72.02
CA SER C 145 -2.71 -94.39 -71.68
C SER C 145 -2.90 -94.57 -70.18
N GLN C 146 -2.64 -93.55 -69.38
CA GLN C 146 -2.83 -93.64 -67.95
C GLN C 146 -4.25 -93.33 -67.52
N LEU C 147 -5.14 -93.06 -68.48
CA LEU C 147 -6.49 -92.64 -68.14
C LEU C 147 -7.20 -93.71 -67.32
N ASP C 148 -6.96 -94.98 -67.63
CA ASP C 148 -7.61 -96.07 -66.91
C ASP C 148 -7.19 -96.11 -65.45
N ILE C 149 -5.88 -96.06 -65.20
CA ILE C 149 -5.41 -96.18 -63.82
C ILE C 149 -5.80 -94.96 -63.01
N ILE C 150 -5.75 -93.77 -63.61
CA ILE C 150 -6.11 -92.57 -62.87
C ILE C 150 -7.61 -92.53 -62.62
N ILE C 151 -8.41 -92.93 -63.60
CA ILE C 151 -9.85 -92.93 -63.40
C ILE C 151 -10.23 -93.96 -62.35
N HIS C 152 -9.53 -95.10 -62.33
CA HIS C 152 -9.83 -96.12 -61.33
C HIS C 152 -9.41 -95.69 -59.94
N SER C 153 -8.26 -95.02 -59.84
CA SER C 153 -7.81 -94.50 -58.55
C SER C 153 -8.79 -93.47 -58.02
N LEU C 154 -9.20 -92.52 -58.87
CA LEU C 154 -10.13 -91.50 -58.41
C LEU C 154 -11.51 -92.07 -58.11
N LYS C 155 -11.94 -93.10 -58.83
CA LYS C 155 -13.22 -93.73 -58.56
C LYS C 155 -13.16 -94.71 -57.41
N LYS C 156 -11.97 -95.05 -56.94
CA LYS C 156 -11.81 -95.93 -55.78
C LYS C 156 -11.13 -95.24 -54.61
N CYS C 157 -9.99 -94.60 -54.84
CA CYS C 157 -9.33 -93.88 -53.74
C CYS C 157 -10.06 -92.59 -53.40
N ASP C 158 -10.84 -92.05 -54.35
CA ASP C 158 -11.87 -91.04 -54.08
C ASP C 158 -11.29 -89.78 -53.42
N ILE C 159 -10.46 -89.09 -54.19
CA ILE C 159 -9.87 -87.81 -53.78
C ILE C 159 -10.46 -86.71 -54.65
N SER C 160 -10.99 -85.67 -54.01
CA SER C 160 -11.53 -84.54 -54.74
C SER C 160 -10.42 -83.80 -55.47
N LEU C 161 -10.72 -83.33 -56.67
CA LEU C 161 -9.77 -82.65 -57.53
C LEU C 161 -10.07 -81.16 -57.59
N GLN C 162 -9.04 -80.36 -57.89
CA GLN C 162 -9.18 -78.94 -58.17
C GLN C 162 -8.17 -78.50 -59.21
N PHE C 163 -8.62 -77.75 -60.20
CA PHE C 163 -7.81 -77.30 -61.31
C PHE C 163 -7.38 -75.85 -61.16
N PHE C 164 -6.23 -75.53 -61.74
CA PHE C 164 -5.77 -74.14 -61.84
C PHE C 164 -5.03 -73.94 -63.16
N LEU C 165 -5.18 -72.74 -63.71
CA LEU C 165 -4.66 -72.39 -65.02
C LEU C 165 -4.10 -70.97 -64.97
N PRO C 166 -3.10 -70.65 -65.80
CA PRO C 166 -2.74 -69.24 -65.97
C PRO C 166 -3.89 -68.38 -66.47
N PHE C 167 -4.72 -68.92 -67.35
CA PHE C 167 -5.91 -68.25 -67.86
C PHE C 167 -7.15 -68.86 -67.24
N SER C 168 -8.31 -68.42 -67.71
CA SER C 168 -9.59 -68.91 -67.19
C SER C 168 -10.31 -69.70 -68.27
N LEU C 169 -11.35 -70.41 -67.84
CA LEU C 169 -12.17 -71.18 -68.77
C LEU C 169 -12.97 -70.25 -69.69
N GLY C 170 -13.29 -69.04 -69.24
CA GLY C 170 -14.09 -68.13 -70.01
C GLY C 170 -13.30 -67.17 -70.88
N GLY C 181 -1.21 -53.99 -68.92
CA GLY C 181 -2.29 -53.13 -69.36
C GLY C 181 -3.58 -53.36 -68.61
N PRO C 182 -4.70 -53.53 -69.34
CA PRO C 182 -5.98 -53.80 -68.67
C PRO C 182 -5.94 -55.05 -67.82
N PHE C 183 -5.22 -56.09 -68.25
CA PHE C 183 -5.08 -57.30 -67.45
C PHE C 183 -4.21 -56.97 -66.24
N ARG C 184 -4.86 -56.70 -65.10
CA ARG C 184 -4.16 -56.11 -63.97
C ARG C 184 -3.42 -57.16 -63.14
N LEU C 185 -4.17 -58.07 -62.50
CA LEU C 185 -3.56 -59.16 -61.76
C LEU C 185 -4.35 -60.44 -61.82
N GLY C 186 -5.46 -60.48 -62.55
CA GLY C 186 -6.40 -61.57 -62.47
C GLY C 186 -7.56 -61.33 -61.53
N GLY C 187 -7.58 -60.21 -60.82
CA GLY C 187 -8.72 -59.86 -60.00
C GLY C 187 -9.84 -59.29 -60.84
N HIS C 188 -10.49 -58.22 -60.36
CA HIS C 188 -11.53 -57.59 -61.15
C HIS C 188 -10.93 -56.85 -62.33
N GLY C 189 -10.84 -57.53 -63.47
CA GLY C 189 -10.35 -56.96 -64.69
C GLY C 189 -10.92 -57.70 -65.88
N PRO C 190 -10.50 -57.33 -67.09
CA PRO C 190 -11.03 -57.99 -68.28
C PRO C 190 -10.64 -59.47 -68.29
N SER C 191 -11.51 -60.27 -68.90
CA SER C 191 -11.29 -61.71 -68.95
C SER C 191 -10.00 -62.03 -69.68
N PHE C 192 -9.22 -62.93 -69.11
CA PHE C 192 -8.02 -63.39 -69.78
C PHE C 192 -8.42 -64.17 -71.03
N PRO C 193 -7.62 -64.09 -72.09
CA PRO C 193 -7.97 -64.79 -73.32
C PRO C 193 -8.08 -66.30 -73.08
N LEU C 194 -9.06 -66.91 -73.74
CA LEU C 194 -9.25 -68.36 -73.67
C LEU C 194 -8.91 -69.02 -75.00
N LYS C 195 -8.26 -68.31 -75.91
CA LYS C 195 -7.89 -68.86 -77.21
C LYS C 195 -6.49 -68.48 -77.66
N GLY C 196 -5.74 -67.70 -76.87
CA GLY C 196 -4.39 -67.33 -77.21
C GLY C 196 -3.31 -68.21 -76.66
N ILE C 197 -3.66 -69.36 -76.08
CA ILE C 197 -2.69 -70.25 -75.43
C ILE C 197 -2.02 -71.14 -76.46
N THR C 198 -0.94 -71.80 -76.05
CA THR C 198 -0.31 -72.80 -76.91
C THR C 198 -1.21 -74.04 -77.01
N GLU C 199 -1.05 -74.76 -78.11
CA GLU C 199 -1.86 -75.96 -78.31
C GLU C 199 -1.52 -77.04 -77.31
N GLN C 200 -0.25 -77.16 -76.91
CA GLN C 200 0.12 -78.13 -75.90
C GLN C 200 -0.76 -77.98 -74.66
N GLN C 201 -0.88 -76.74 -74.18
CA GLN C 201 -1.81 -76.46 -73.11
C GLN C 201 -3.25 -76.77 -73.51
N LYS C 202 -3.57 -76.71 -74.81
CA LYS C 202 -4.92 -77.03 -75.24
C LYS C 202 -5.24 -78.50 -75.02
N GLU C 203 -4.37 -79.42 -75.48
CA GLU C 203 -4.69 -80.82 -75.21
C GLU C 203 -4.56 -81.13 -73.72
N GLY C 204 -3.65 -80.48 -73.02
CA GLY C 204 -3.56 -80.70 -71.58
C GLY C 204 -4.86 -80.36 -70.89
N LEU C 205 -5.40 -79.17 -71.17
CA LEU C 205 -6.66 -78.77 -70.54
C LEU C 205 -7.80 -79.67 -70.98
N GLU C 206 -7.82 -80.06 -72.26
CA GLU C 206 -8.89 -80.93 -72.73
C GLU C 206 -8.88 -82.25 -71.98
N ILE C 207 -7.73 -82.89 -71.89
CA ILE C 207 -7.67 -84.21 -71.27
C ILE C 207 -7.95 -84.12 -69.79
N VAL C 208 -7.43 -83.08 -69.12
CA VAL C 208 -7.67 -83.00 -67.68
C VAL C 208 -9.14 -82.69 -67.40
N LYS C 209 -9.77 -81.85 -68.23
CA LYS C 209 -11.18 -81.57 -68.00
C LYS C 209 -12.03 -82.81 -68.28
N MET C 210 -11.65 -83.61 -69.29
CA MET C 210 -12.33 -84.87 -69.52
C MET C 210 -12.21 -85.80 -68.32
N VAL C 211 -11.00 -85.95 -67.79
CA VAL C 211 -10.82 -86.89 -66.69
C VAL C 211 -11.55 -86.40 -65.45
N MET C 212 -11.61 -85.08 -65.23
CA MET C 212 -12.27 -84.60 -64.03
C MET C 212 -13.78 -84.60 -64.16
N ILE C 213 -14.32 -84.37 -65.36
CA ILE C 213 -15.77 -84.53 -65.51
C ILE C 213 -16.13 -86.00 -65.37
N SER C 214 -15.26 -86.91 -65.82
CA SER C 214 -15.50 -88.31 -65.55
C SER C 214 -15.45 -88.61 -64.05
N LEU C 215 -14.59 -87.89 -63.32
CA LEU C 215 -14.57 -88.03 -61.87
C LEU C 215 -15.90 -87.61 -61.26
N GLU C 216 -16.30 -86.36 -61.48
CA GLU C 216 -17.51 -85.81 -60.85
C GLU C 216 -18.71 -85.82 -61.79
N GLY C 217 -18.60 -85.13 -62.93
CA GLY C 217 -19.74 -84.99 -63.81
C GLY C 217 -19.89 -83.60 -64.38
N GLU C 218 -21.14 -83.19 -64.62
CA GLU C 218 -21.39 -81.89 -65.24
C GLU C 218 -20.91 -80.75 -64.37
N ASP C 219 -21.11 -80.84 -63.06
CA ASP C 219 -20.68 -79.77 -62.18
C ASP C 219 -19.17 -79.63 -62.15
N GLY C 220 -18.44 -80.63 -62.63
CA GLY C 220 -17.02 -80.46 -62.84
C GLY C 220 -16.73 -79.40 -63.88
N LEU C 221 -17.58 -79.27 -64.89
CA LEU C 221 -17.38 -78.24 -65.91
C LEU C 221 -17.25 -76.86 -65.30
N ASP C 222 -17.94 -76.62 -64.18
CA ASP C 222 -17.75 -75.39 -63.43
C ASP C 222 -16.58 -75.48 -62.47
N GLU C 223 -16.04 -76.67 -62.24
CA GLU C 223 -15.02 -76.86 -61.21
C GLU C 223 -13.64 -76.46 -61.72
N ILE C 224 -13.52 -76.11 -63.00
CA ILE C 224 -12.27 -75.54 -63.52
C ILE C 224 -12.09 -74.14 -62.95
N TYR C 225 -10.90 -73.85 -62.46
CA TYR C 225 -10.57 -72.53 -61.95
C TYR C 225 -9.13 -72.20 -62.31
N SER C 226 -8.66 -71.07 -61.81
CA SER C 226 -7.35 -70.54 -62.12
C SER C 226 -6.75 -69.93 -60.87
N PHE C 227 -5.50 -69.49 -60.99
CA PHE C 227 -4.87 -68.76 -59.89
C PHE C 227 -5.63 -67.47 -59.61
N SER C 228 -6.05 -66.77 -60.65
CA SER C 228 -6.84 -65.56 -60.49
C SER C 228 -8.15 -65.84 -59.78
N GLU C 229 -8.82 -66.93 -60.17
CA GLU C 229 -10.08 -67.28 -59.55
C GLU C 229 -9.89 -67.58 -58.06
N SER C 230 -8.84 -68.32 -57.72
CA SER C 230 -8.54 -68.59 -56.32
C SER C 230 -8.26 -67.28 -55.59
N LEU C 231 -7.59 -66.35 -56.24
CA LEU C 231 -7.36 -65.04 -55.64
C LEU C 231 -8.68 -64.36 -55.30
N ARG C 232 -9.58 -64.29 -56.28
CA ARG C 232 -10.87 -63.65 -56.05
C ARG C 232 -11.81 -64.57 -55.27
N LYS C 233 -12.15 -65.72 -55.86
CA LYS C 233 -13.13 -66.62 -55.27
C LYS C 233 -12.50 -67.41 -54.13
N LEU C 234 -13.29 -68.30 -53.55
CA LEU C 234 -12.89 -69.04 -52.36
C LEU C 234 -12.86 -70.55 -52.59
N CYS C 235 -12.83 -70.98 -53.85
CA CYS C 235 -12.91 -72.41 -54.13
C CYS C 235 -11.71 -73.14 -53.55
N VAL C 236 -10.54 -72.50 -53.54
CA VAL C 236 -9.39 -73.06 -52.87
C VAL C 236 -9.70 -73.33 -51.40
N PHE C 237 -10.53 -72.50 -50.79
CA PHE C 237 -10.83 -72.65 -49.38
C PHE C 237 -12.10 -73.44 -49.13
N LYS C 238 -12.93 -73.67 -50.14
CA LYS C 238 -14.13 -74.46 -49.90
C LYS C 238 -13.83 -75.94 -49.80
N LYS C 239 -12.69 -76.39 -50.33
CA LYS C 239 -12.36 -77.80 -50.23
C LYS C 239 -11.98 -78.19 -48.82
N ILE C 240 -11.63 -77.23 -47.99
CA ILE C 240 -11.57 -77.41 -46.55
C ILE C 240 -12.87 -76.85 -45.96
N GLU C 241 -13.47 -77.59 -45.04
CA GLU C 241 -14.78 -77.22 -44.54
C GLU C 241 -14.97 -77.74 -43.12
N ARG C 242 -15.88 -77.09 -42.40
CA ARG C 242 -16.26 -77.51 -41.06
C ARG C 242 -17.75 -77.35 -40.89
N HIS C 243 -18.45 -78.46 -40.66
CA HIS C 243 -19.87 -78.42 -40.37
C HIS C 243 -20.12 -77.98 -38.95
N SER C 244 -21.18 -77.18 -38.77
CA SER C 244 -21.61 -76.84 -37.43
C SER C 244 -22.59 -77.90 -36.92
N ILE C 245 -22.76 -77.92 -35.60
CA ILE C 245 -23.61 -78.92 -34.98
C ILE C 245 -25.06 -78.71 -35.39
N HIS C 246 -25.80 -79.81 -35.48
CA HIS C 246 -27.24 -79.72 -35.67
C HIS C 246 -27.85 -79.02 -34.46
N TRP C 247 -29.00 -78.40 -34.66
CA TRP C 247 -29.81 -77.93 -33.55
C TRP C 247 -31.20 -78.51 -33.72
N PRO C 248 -31.38 -79.77 -33.33
CA PRO C 248 -32.70 -80.38 -33.42
C PRO C 248 -33.70 -79.65 -32.54
N CYS C 249 -34.92 -79.52 -33.06
CA CYS C 249 -35.98 -78.85 -32.32
C CYS C 249 -37.31 -79.34 -32.84
N ARG C 250 -38.35 -79.16 -32.02
CA ARG C 250 -39.70 -79.56 -32.39
C ARG C 250 -40.41 -78.32 -32.93
N LEU C 251 -40.53 -78.25 -34.25
CA LEU C 251 -41.16 -77.12 -34.93
C LEU C 251 -42.66 -77.30 -34.99
N THR C 252 -43.20 -78.11 -34.07
CA THR C 252 -44.62 -78.42 -34.04
C THR C 252 -45.46 -77.17 -34.28
N ILE C 253 -46.53 -77.33 -35.06
CA ILE C 253 -47.35 -76.22 -35.52
C ILE C 253 -48.73 -76.46 -34.95
N GLY C 254 -49.08 -75.74 -33.90
CA GLY C 254 -50.36 -75.90 -33.24
C GLY C 254 -50.21 -76.34 -31.81
N SER C 255 -51.09 -77.23 -31.38
CA SER C 255 -51.09 -77.70 -30.01
C SER C 255 -51.18 -79.21 -29.90
N ASN C 256 -51.40 -79.92 -31.01
CA ASN C 256 -51.56 -81.36 -31.01
C ASN C 256 -50.52 -82.07 -31.85
N LEU C 257 -50.37 -81.69 -33.11
CA LEU C 257 -49.39 -82.33 -33.96
C LEU C 257 -47.99 -81.83 -33.63
N SER C 258 -47.00 -82.67 -33.93
CA SER C 258 -45.62 -82.40 -33.58
C SER C 258 -44.72 -82.62 -34.78
N ILE C 259 -43.75 -81.74 -34.95
CA ILE C 259 -42.77 -81.87 -36.02
C ILE C 259 -41.39 -81.68 -35.41
N ARG C 260 -40.54 -82.69 -35.53
CA ARG C 260 -39.16 -82.64 -35.04
C ARG C 260 -38.24 -82.39 -36.22
N ILE C 261 -37.50 -81.28 -36.16
CA ILE C 261 -36.55 -80.91 -37.21
C ILE C 261 -35.28 -80.40 -36.54
N ALA C 262 -34.33 -79.98 -37.37
CA ALA C 262 -33.03 -79.50 -36.91
C ALA C 262 -32.79 -78.08 -37.42
N ALA C 263 -31.84 -77.41 -36.79
CA ALA C 263 -31.53 -76.03 -37.12
C ALA C 263 -30.04 -75.90 -37.43
N TYR C 264 -29.71 -74.94 -38.29
CA TYR C 264 -28.36 -74.75 -38.78
C TYR C 264 -28.08 -73.26 -38.91
N LYS C 265 -27.05 -72.78 -38.23
CA LYS C 265 -26.58 -71.42 -38.47
C LYS C 265 -26.10 -71.30 -39.89
N SER C 266 -26.77 -70.48 -40.69
CA SER C 266 -26.42 -70.34 -42.09
C SER C 266 -25.51 -69.14 -42.33
N ILE C 267 -25.96 -67.95 -41.97
CA ILE C 267 -25.17 -66.75 -42.14
C ILE C 267 -24.77 -66.24 -40.76
N LEU C 268 -23.56 -65.71 -40.68
CA LEU C 268 -22.99 -65.41 -39.39
C LEU C 268 -21.96 -64.30 -39.55
N GLN C 269 -21.96 -63.36 -38.60
CA GLN C 269 -20.86 -62.41 -38.54
C GLN C 269 -19.64 -63.17 -38.06
N GLU C 270 -18.87 -63.70 -38.99
CA GLU C 270 -17.69 -64.48 -38.65
C GLU C 270 -16.58 -63.51 -38.27
N ARG C 271 -16.19 -63.54 -37.00
CA ARG C 271 -15.21 -62.62 -36.46
C ARG C 271 -13.91 -63.36 -36.17
N VAL C 272 -12.97 -62.67 -35.53
CA VAL C 272 -11.72 -63.30 -35.12
C VAL C 272 -11.98 -64.18 -33.90
N LYS C 273 -11.36 -65.34 -33.88
CA LYS C 273 -11.48 -66.24 -32.73
C LYS C 273 -10.31 -66.17 -31.77
N LYS C 274 -9.16 -65.67 -32.19
CA LYS C 274 -7.96 -65.70 -31.36
C LYS C 274 -7.70 -64.33 -30.76
N THR C 275 -7.50 -64.30 -29.45
CA THR C 275 -7.41 -63.06 -28.71
C THR C 275 -5.98 -62.52 -28.76
N TRP C 276 -5.72 -61.51 -27.95
CA TRP C 276 -4.42 -60.86 -27.89
C TRP C 276 -4.03 -60.71 -26.43
N THR C 277 -3.08 -61.51 -25.99
CA THR C 277 -2.66 -61.34 -24.62
C THR C 277 -1.88 -60.05 -24.45
N VAL C 278 -1.88 -59.52 -23.24
CA VAL C 278 -1.12 -58.34 -22.90
C VAL C 278 0.16 -58.81 -22.23
N VAL C 279 1.29 -58.32 -22.73
CA VAL C 279 2.58 -58.94 -22.48
C VAL C 279 3.54 -57.92 -21.92
N ASP C 280 4.42 -58.38 -21.04
CA ASP C 280 5.53 -57.54 -20.61
C ASP C 280 6.45 -57.24 -21.79
N ALA C 281 6.99 -56.01 -21.80
CA ALA C 281 7.98 -55.65 -22.79
C ALA C 281 9.35 -56.27 -22.52
N LYS C 282 9.60 -56.66 -21.28
CA LYS C 282 10.92 -57.15 -20.89
C LYS C 282 11.00 -58.67 -20.92
N THR C 283 10.16 -59.35 -20.14
CA THR C 283 10.18 -60.80 -20.11
C THR C 283 9.41 -61.41 -21.27
N LEU C 284 8.58 -60.63 -21.95
CA LEU C 284 7.75 -61.12 -23.05
C LEU C 284 6.94 -62.33 -22.61
N LYS C 285 6.48 -62.29 -21.37
CA LYS C 285 5.70 -63.38 -20.79
C LYS C 285 4.40 -62.86 -20.20
N LYS C 286 3.74 -63.68 -19.39
CA LYS C 286 2.46 -63.32 -18.81
C LYS C 286 2.40 -63.42 -17.30
N GLU C 287 3.37 -64.06 -16.65
CA GLU C 287 3.25 -64.37 -15.22
C GLU C 287 3.19 -63.10 -14.38
N ASP C 288 4.13 -62.19 -14.59
CA ASP C 288 4.12 -60.96 -13.82
C ASP C 288 3.06 -59.99 -14.29
N ILE C 289 2.28 -60.37 -15.28
CA ILE C 289 1.19 -59.54 -15.79
C ILE C 289 -0.09 -60.17 -15.26
N GLN C 290 -0.57 -59.65 -14.12
CA GLN C 290 -1.84 -60.07 -13.57
C GLN C 290 -2.77 -58.87 -13.56
N LYS C 291 -3.91 -59.01 -14.23
CA LYS C 291 -4.83 -57.92 -14.40
C LYS C 291 -5.85 -57.94 -13.27
N GLU C 292 -6.03 -56.82 -12.59
CA GLU C 292 -6.92 -56.80 -11.45
C GLU C 292 -7.45 -55.40 -11.21
N THR C 293 -8.49 -55.33 -10.40
CA THR C 293 -9.03 -54.08 -9.90
C THR C 293 -9.42 -54.27 -8.45
N VAL C 294 -9.48 -53.17 -7.72
CA VAL C 294 -9.68 -53.23 -6.27
C VAL C 294 -11.07 -52.81 -5.85
N TYR C 295 -11.82 -52.10 -6.69
CA TYR C 295 -13.15 -51.63 -6.36
C TYR C 295 -13.10 -50.71 -5.13
N CYS C 296 -12.41 -49.59 -5.29
CA CYS C 296 -12.39 -48.57 -4.24
C CYS C 296 -13.79 -47.97 -4.10
N LEU C 297 -13.94 -47.06 -3.15
CA LEU C 297 -15.24 -46.47 -2.87
C LEU C 297 -15.17 -44.96 -3.06
N ASN C 298 -16.21 -44.41 -3.68
CA ASN C 298 -16.31 -42.98 -3.92
C ASN C 298 -16.87 -42.30 -2.68
N ASP C 299 -16.05 -41.53 -1.98
CA ASP C 299 -16.50 -40.66 -0.93
C ASP C 299 -15.73 -39.36 -1.02
N ASP C 300 -16.00 -38.44 -0.08
CA ASP C 300 -15.16 -37.26 0.04
C ASP C 300 -13.72 -37.65 0.34
N ASP C 301 -13.52 -38.82 0.92
CA ASP C 301 -12.20 -39.42 1.09
C ASP C 301 -12.14 -40.74 0.34
N GLU C 302 -10.98 -41.04 -0.22
CA GLU C 302 -10.74 -42.36 -0.78
C GLU C 302 -10.79 -43.40 0.32
N THR C 303 -11.34 -44.56 0.00
CA THR C 303 -11.40 -45.66 0.94
C THR C 303 -11.45 -46.97 0.18
N GLU C 304 -10.44 -47.80 0.34
CA GLU C 304 -10.49 -49.13 -0.23
C GLU C 304 -11.61 -49.95 0.39
N VAL C 305 -12.32 -50.66 -0.47
CA VAL C 305 -13.42 -51.51 -0.05
C VAL C 305 -13.29 -52.85 -0.76
N LEU C 306 -13.57 -53.93 -0.06
CA LEU C 306 -13.49 -55.26 -0.63
C LEU C 306 -14.42 -55.38 -1.83
N LYS C 307 -13.97 -56.16 -2.81
CA LYS C 307 -14.84 -56.51 -3.94
C LYS C 307 -16.13 -57.14 -3.47
N GLU C 308 -16.11 -57.84 -2.34
CA GLU C 308 -17.29 -58.50 -1.82
C GLU C 308 -18.06 -57.64 -0.84
N ASP C 309 -18.04 -56.33 -1.01
CA ASP C 309 -18.83 -55.42 -0.21
C ASP C 309 -19.80 -54.61 -1.07
N ILE C 310 -20.32 -55.22 -2.13
CA ILE C 310 -21.02 -54.49 -3.17
C ILE C 310 -22.34 -55.17 -3.50
N ILE C 311 -23.27 -54.36 -4.03
CA ILE C 311 -24.55 -54.84 -4.53
C ILE C 311 -24.80 -54.19 -5.88
N GLN C 312 -25.41 -54.94 -6.79
CA GLN C 312 -25.59 -54.50 -8.17
C GLN C 312 -26.97 -53.85 -8.30
N GLY C 313 -27.03 -52.55 -8.06
CA GLY C 313 -28.26 -51.80 -8.17
C GLY C 313 -28.54 -51.34 -9.59
N PHE C 314 -29.56 -50.51 -9.71
CA PHE C 314 -29.93 -49.96 -11.01
C PHE C 314 -30.44 -48.54 -10.82
N ARG C 315 -30.32 -47.75 -11.89
CA ARG C 315 -30.77 -46.37 -11.89
C ARG C 315 -32.25 -46.36 -12.23
N TYR C 316 -33.08 -46.17 -11.21
CA TYR C 316 -34.52 -46.12 -11.36
C TYR C 316 -35.01 -44.79 -10.80
N GLY C 317 -35.85 -44.11 -11.55
CA GLY C 317 -36.19 -42.76 -11.17
C GLY C 317 -34.91 -41.95 -11.08
N SER C 318 -34.76 -41.18 -10.01
CA SER C 318 -33.58 -40.38 -9.81
C SER C 318 -32.68 -40.96 -8.73
N ASP C 319 -32.88 -42.23 -8.38
CA ASP C 319 -32.06 -42.88 -7.37
C ASP C 319 -31.73 -44.28 -7.85
N ILE C 320 -31.19 -45.09 -6.95
CA ILE C 320 -30.69 -46.41 -7.29
C ILE C 320 -31.37 -47.44 -6.41
N VAL C 321 -31.87 -48.50 -7.04
CA VAL C 321 -32.52 -49.60 -6.33
C VAL C 321 -31.53 -50.76 -6.30
N PRO C 322 -31.03 -51.16 -5.13
CA PRO C 322 -30.11 -52.30 -5.08
C PRO C 322 -30.82 -53.57 -5.49
N PHE C 323 -30.19 -54.33 -6.37
CA PHE C 323 -30.82 -55.51 -6.98
C PHE C 323 -29.77 -56.62 -7.04
N SER C 324 -29.68 -57.40 -5.97
CA SER C 324 -28.65 -58.42 -5.91
C SER C 324 -28.96 -59.54 -6.89
N LYS C 325 -27.93 -60.35 -7.18
CA LYS C 325 -28.10 -61.45 -8.11
C LYS C 325 -29.16 -62.43 -7.61
N VAL C 326 -29.16 -62.72 -6.31
CA VAL C 326 -30.15 -63.63 -5.77
C VAL C 326 -31.56 -63.09 -5.97
N ASP C 327 -31.70 -61.80 -6.21
CA ASP C 327 -33.00 -61.23 -6.53
C ASP C 327 -33.38 -61.58 -7.96
N GLU C 328 -32.58 -61.08 -8.91
CA GLU C 328 -32.89 -61.27 -10.32
C GLU C 328 -33.03 -62.73 -10.68
N GLU C 329 -32.20 -63.59 -10.11
CA GLU C 329 -32.24 -64.99 -10.49
C GLU C 329 -33.60 -65.60 -10.23
N GLN C 330 -34.35 -65.06 -9.28
CA GLN C 330 -35.66 -65.60 -8.97
C GLN C 330 -36.79 -64.64 -9.28
N MET C 331 -36.50 -63.46 -9.84
CA MET C 331 -37.54 -62.70 -10.52
C MET C 331 -37.34 -62.62 -12.04
N LYS C 332 -36.29 -63.21 -12.58
CA LYS C 332 -36.06 -63.06 -14.01
C LYS C 332 -37.14 -63.79 -14.81
N TYR C 333 -37.04 -63.71 -16.12
CA TYR C 333 -38.01 -64.36 -16.99
C TYR C 333 -37.70 -65.84 -17.03
N LYS C 334 -38.54 -66.65 -16.40
CA LYS C 334 -38.35 -68.09 -16.39
C LYS C 334 -38.89 -68.64 -17.69
N SER C 335 -38.05 -68.64 -18.71
CA SER C 335 -38.41 -69.26 -19.98
C SER C 335 -38.38 -70.78 -19.83
N GLU C 336 -38.86 -71.47 -20.87
CA GLU C 336 -38.99 -72.93 -20.84
C GLU C 336 -38.47 -73.55 -22.14
N GLY C 337 -37.18 -73.85 -22.16
CA GLY C 337 -36.62 -74.72 -23.18
C GLY C 337 -36.59 -74.10 -24.56
N LYS C 338 -35.96 -74.84 -25.46
CA LYS C 338 -35.91 -74.44 -26.87
C LYS C 338 -37.25 -74.72 -27.51
N CYS C 339 -37.66 -73.85 -28.43
CA CYS C 339 -38.94 -74.02 -29.09
C CYS C 339 -38.92 -73.31 -30.43
N PHE C 340 -39.79 -73.78 -31.32
CA PHE C 340 -39.99 -73.13 -32.61
C PHE C 340 -41.47 -73.02 -32.91
N SER C 341 -42.25 -72.63 -31.91
CA SER C 341 -43.69 -72.51 -32.06
C SER C 341 -44.05 -71.35 -33.00
N VAL C 342 -45.24 -71.44 -33.58
CA VAL C 342 -45.73 -70.46 -34.54
C VAL C 342 -46.77 -69.60 -33.86
N LEU C 343 -46.62 -68.28 -34.00
CA LEU C 343 -47.64 -67.37 -33.49
C LEU C 343 -48.79 -67.20 -34.48
N GLY C 344 -48.48 -66.86 -35.72
CA GLY C 344 -49.51 -66.61 -36.70
C GLY C 344 -48.98 -66.53 -38.11
N PHE C 345 -49.63 -65.73 -38.95
CA PHE C 345 -49.25 -65.63 -40.34
C PHE C 345 -49.55 -64.23 -40.84
N CYS C 346 -48.78 -63.79 -41.82
CA CYS C 346 -49.04 -62.50 -42.45
C CYS C 346 -48.52 -62.54 -43.88
N LYS C 347 -48.78 -61.47 -44.62
CA LYS C 347 -48.39 -61.43 -46.01
C LYS C 347 -46.90 -61.17 -46.15
N SER C 348 -46.31 -61.72 -47.21
CA SER C 348 -44.91 -61.45 -47.49
C SER C 348 -44.65 -59.96 -47.66
N SER C 349 -45.67 -59.20 -48.08
CA SER C 349 -45.52 -57.76 -48.07
C SER C 349 -45.46 -57.20 -46.65
N GLN C 350 -46.09 -57.88 -45.70
CA GLN C 350 -46.11 -57.43 -44.31
C GLN C 350 -44.79 -57.76 -43.63
N VAL C 351 -43.71 -57.30 -44.27
CA VAL C 351 -42.37 -57.36 -43.70
C VAL C 351 -41.51 -56.43 -44.54
N GLN C 352 -40.43 -55.95 -43.95
CA GLN C 352 -39.58 -55.00 -44.64
C GLN C 352 -38.13 -55.39 -44.44
N ARG C 353 -37.32 -55.14 -45.47
CA ARG C 353 -35.89 -55.31 -45.28
C ARG C 353 -35.36 -54.35 -44.25
N ARG C 354 -35.96 -53.16 -44.16
CA ARG C 354 -35.65 -52.27 -43.04
C ARG C 354 -36.06 -52.88 -41.71
N PHE C 355 -36.96 -53.85 -41.73
CA PHE C 355 -37.50 -54.39 -40.49
C PHE C 355 -36.77 -55.63 -40.00
N PHE C 356 -35.95 -56.25 -40.82
CA PHE C 356 -35.24 -57.42 -40.33
C PHE C 356 -34.36 -57.06 -39.15
N MET C 357 -34.12 -58.04 -38.30
CA MET C 357 -33.56 -57.78 -37.00
C MET C 357 -32.71 -58.97 -36.58
N GLY C 358 -31.77 -58.73 -35.69
CA GLY C 358 -30.97 -59.79 -35.13
C GLY C 358 -29.54 -59.74 -35.61
N ASN C 359 -28.90 -60.90 -35.57
CA ASN C 359 -27.49 -60.99 -35.90
C ASN C 359 -27.13 -62.19 -36.76
N GLN C 360 -28.05 -63.11 -37.00
CA GLN C 360 -27.71 -64.27 -37.80
C GLN C 360 -28.94 -64.80 -38.49
N VAL C 361 -28.82 -65.05 -39.79
CA VAL C 361 -29.83 -65.81 -40.50
C VAL C 361 -29.69 -67.26 -40.08
N LEU C 362 -30.78 -67.85 -39.63
CA LEU C 362 -30.79 -69.26 -39.26
C LEU C 362 -31.67 -69.99 -40.24
N LYS C 363 -31.14 -71.05 -40.84
CA LYS C 363 -31.85 -71.79 -41.86
C LYS C 363 -32.49 -73.04 -41.27
N VAL C 364 -33.66 -73.37 -41.78
CA VAL C 364 -34.52 -74.41 -41.22
C VAL C 364 -34.46 -75.64 -42.11
N PHE C 365 -34.25 -76.80 -41.49
CA PHE C 365 -34.24 -78.04 -42.25
C PHE C 365 -34.91 -79.13 -41.46
N ALA C 366 -35.63 -79.99 -42.16
CA ALA C 366 -36.25 -81.14 -41.53
C ALA C 366 -35.19 -82.09 -41.00
N ALA C 367 -35.42 -82.60 -39.80
CA ALA C 367 -34.50 -83.58 -39.25
C ALA C 367 -34.48 -84.83 -40.12
N ARG C 368 -33.28 -85.35 -40.36
CA ARG C 368 -33.16 -86.56 -41.16
C ARG C 368 -33.68 -87.76 -40.37
N ASP C 369 -33.85 -88.87 -41.08
CA ASP C 369 -34.32 -90.13 -40.51
C ASP C 369 -35.77 -90.05 -40.10
N ASP C 370 -36.40 -88.88 -40.29
CA ASP C 370 -37.83 -88.70 -40.05
C ASP C 370 -38.44 -88.09 -41.31
N GLU C 371 -38.78 -88.96 -42.26
CA GLU C 371 -39.25 -88.49 -43.56
C GLU C 371 -40.66 -87.95 -43.51
N ALA C 372 -41.44 -88.30 -42.49
CA ALA C 372 -42.76 -87.69 -42.33
C ALA C 372 -42.61 -86.18 -42.14
N ALA C 373 -41.65 -85.78 -41.29
CA ALA C 373 -41.35 -84.36 -41.17
C ALA C 373 -40.88 -83.78 -42.49
N ALA C 374 -40.11 -84.56 -43.25
CA ALA C 374 -39.62 -84.07 -44.54
C ALA C 374 -40.79 -83.72 -45.46
N VAL C 375 -41.73 -84.65 -45.64
CA VAL C 375 -42.87 -84.37 -46.50
C VAL C 375 -43.72 -83.26 -45.92
N ALA C 376 -43.84 -83.22 -44.58
CA ALA C 376 -44.66 -82.17 -43.97
C ALA C 376 -44.12 -80.80 -44.32
N LEU C 377 -42.84 -80.58 -44.07
CA LEU C 377 -42.26 -79.28 -44.37
C LEU C 377 -42.18 -79.01 -45.85
N SER C 378 -42.00 -80.05 -46.68
CA SER C 378 -42.01 -79.82 -48.12
C SER C 378 -43.36 -79.28 -48.55
N SER C 379 -44.43 -79.89 -48.05
CA SER C 379 -45.78 -79.40 -48.33
C SER C 379 -45.96 -77.99 -47.79
N LEU C 380 -45.48 -77.73 -46.57
CA LEU C 380 -45.68 -76.42 -45.97
C LEU C 380 -44.98 -75.34 -46.78
N ILE C 381 -43.73 -75.59 -47.15
CA ILE C 381 -42.98 -74.59 -47.90
C ILE C 381 -43.59 -74.39 -49.28
N HIS C 382 -44.04 -75.49 -49.92
CA HIS C 382 -44.72 -75.34 -51.19
C HIS C 382 -45.97 -74.50 -51.04
N ALA C 383 -46.75 -74.74 -49.99
CA ALA C 383 -47.99 -74.01 -49.79
C ALA C 383 -47.73 -72.53 -49.56
N LEU C 384 -46.87 -72.21 -48.60
CA LEU C 384 -46.55 -70.81 -48.35
C LEU C 384 -45.96 -70.15 -49.57
N ASP C 385 -45.21 -70.90 -50.38
CA ASP C 385 -44.76 -70.39 -51.66
C ASP C 385 -45.93 -70.03 -52.54
N ASP C 386 -46.94 -70.91 -52.58
CA ASP C 386 -48.12 -70.63 -53.39
C ASP C 386 -48.89 -69.44 -52.84
N LEU C 387 -49.05 -69.35 -51.54
CA LEU C 387 -49.82 -68.28 -50.93
C LEU C 387 -49.00 -67.02 -50.67
N ASP C 388 -47.70 -67.05 -50.95
CA ASP C 388 -46.83 -65.91 -50.69
C ASP C 388 -47.02 -65.41 -49.26
N MET C 389 -47.16 -66.37 -48.35
CA MET C 389 -47.60 -66.10 -46.99
C MET C 389 -46.44 -66.45 -46.06
N VAL C 390 -46.09 -65.55 -45.17
CA VAL C 390 -44.94 -65.74 -44.30
C VAL C 390 -45.45 -66.01 -42.89
N ALA C 391 -44.65 -66.74 -42.12
CA ALA C 391 -45.06 -67.21 -40.82
C ALA C 391 -44.25 -66.52 -39.72
N ILE C 392 -44.78 -66.59 -38.51
CA ILE C 392 -44.18 -65.96 -37.35
C ILE C 392 -43.93 -67.04 -36.31
N VAL C 393 -42.72 -67.04 -35.75
CA VAL C 393 -42.31 -68.07 -34.82
C VAL C 393 -41.64 -67.42 -33.61
N ARG C 394 -41.99 -67.93 -32.42
CA ARG C 394 -41.24 -67.62 -31.22
C ARG C 394 -40.03 -68.55 -31.18
N TYR C 395 -38.85 -67.99 -31.38
CA TYR C 395 -37.63 -68.77 -31.42
C TYR C 395 -37.07 -68.83 -30.01
N ALA C 396 -37.08 -70.02 -29.42
CA ALA C 396 -36.53 -70.22 -28.10
C ALA C 396 -35.30 -71.09 -28.22
N TYR C 397 -34.20 -70.66 -27.61
CA TYR C 397 -32.94 -71.35 -27.79
C TYR C 397 -32.66 -72.40 -26.71
N ASP C 398 -32.88 -72.04 -25.45
CA ASP C 398 -32.45 -72.94 -24.38
C ASP C 398 -33.20 -72.58 -23.11
N LYS C 399 -32.64 -72.98 -21.98
CA LYS C 399 -33.11 -72.56 -20.68
C LYS C 399 -32.54 -71.23 -20.23
N ARG C 400 -31.73 -70.56 -21.05
CA ARG C 400 -31.15 -69.31 -20.60
C ARG C 400 -31.36 -68.16 -21.59
N ALA C 401 -31.38 -68.45 -22.87
CA ALA C 401 -31.53 -67.38 -23.85
C ALA C 401 -32.96 -66.87 -23.86
N ASN C 402 -33.12 -65.55 -23.74
CA ASN C 402 -34.43 -64.96 -23.81
C ASN C 402 -35.02 -65.15 -25.20
N PRO C 403 -36.33 -65.34 -25.31
CA PRO C 403 -36.91 -65.71 -26.59
C PRO C 403 -36.83 -64.57 -27.57
N GLN C 404 -37.00 -64.92 -28.84
CA GLN C 404 -37.12 -63.95 -29.89
C GLN C 404 -38.43 -64.19 -30.65
N VAL C 405 -38.78 -63.22 -31.48
CA VAL C 405 -39.88 -63.37 -32.41
C VAL C 405 -39.35 -63.13 -33.79
N GLY C 406 -39.66 -64.02 -34.72
CA GLY C 406 -39.02 -63.95 -36.01
C GLY C 406 -39.88 -64.48 -37.13
N VAL C 407 -39.57 -64.01 -38.31
CA VAL C 407 -40.26 -64.43 -39.52
C VAL C 407 -39.58 -65.67 -40.07
N ALA C 408 -40.41 -66.55 -40.62
CA ALA C 408 -39.93 -67.70 -41.38
C ALA C 408 -40.67 -67.71 -42.71
N PHE C 409 -39.93 -67.81 -43.79
CA PHE C 409 -40.56 -67.84 -45.10
C PHE C 409 -39.76 -68.70 -46.06
N PRO C 410 -40.41 -69.28 -47.06
CA PRO C 410 -39.71 -70.24 -47.93
C PRO C 410 -38.62 -69.57 -48.75
N HIS C 411 -37.58 -70.34 -49.01
CA HIS C 411 -36.51 -69.95 -49.90
C HIS C 411 -36.36 -71.05 -50.94
N ILE C 412 -36.60 -70.69 -52.19
CA ILE C 412 -36.64 -71.63 -53.29
C ILE C 412 -35.23 -71.84 -53.83
N LYS C 413 -35.00 -73.02 -54.41
CA LYS C 413 -33.75 -73.32 -55.08
C LYS C 413 -33.96 -74.57 -55.92
N HIS C 414 -32.95 -74.88 -56.74
CA HIS C 414 -33.02 -76.08 -57.57
C HIS C 414 -32.93 -77.34 -56.72
N ASN C 415 -32.23 -77.28 -55.61
CA ASN C 415 -32.15 -78.39 -54.68
C ASN C 415 -33.33 -78.32 -53.71
N TYR C 416 -33.25 -79.11 -52.64
CA TYR C 416 -34.16 -78.96 -51.52
C TYR C 416 -34.28 -77.50 -51.13
N GLU C 417 -35.49 -77.05 -50.86
CA GLU C 417 -35.69 -75.65 -50.52
C GLU C 417 -35.30 -75.47 -49.05
N CYS C 418 -35.58 -74.30 -48.49
CA CYS C 418 -35.31 -74.10 -47.08
C CYS C 418 -36.27 -73.06 -46.55
N LEU C 419 -36.15 -72.76 -45.26
CA LEU C 419 -36.99 -71.76 -44.62
C LEU C 419 -36.11 -70.71 -43.98
N VAL C 420 -36.08 -69.52 -44.57
CA VAL C 420 -35.34 -68.42 -43.99
C VAL C 420 -36.03 -68.02 -42.68
N TYR C 421 -35.28 -68.07 -41.59
CA TYR C 421 -35.71 -67.52 -40.31
C TYR C 421 -34.80 -66.37 -39.91
N VAL C 422 -35.40 -65.27 -39.52
CA VAL C 422 -34.69 -64.07 -39.12
C VAL C 422 -35.36 -63.54 -37.86
N GLN C 423 -34.58 -63.04 -36.92
CA GLN C 423 -35.22 -62.42 -35.77
C GLN C 423 -35.94 -61.14 -36.17
N LEU C 424 -37.03 -60.85 -35.49
CA LEU C 424 -37.80 -59.66 -35.79
C LEU C 424 -37.79 -58.71 -34.59
N PRO C 425 -37.98 -57.42 -34.80
CA PRO C 425 -37.86 -56.47 -33.69
C PRO C 425 -39.04 -56.55 -32.76
N PHE C 426 -39.05 -55.71 -31.74
CA PHE C 426 -40.17 -55.62 -30.81
C PHE C 426 -40.74 -54.21 -30.81
N MET C 427 -41.90 -54.06 -30.19
CA MET C 427 -42.53 -52.75 -30.11
C MET C 427 -41.63 -51.74 -29.42
N GLU C 428 -40.82 -52.17 -28.47
CA GLU C 428 -39.86 -51.29 -27.82
C GLU C 428 -38.55 -51.22 -28.57
N ASP C 429 -38.44 -51.87 -29.72
CA ASP C 429 -37.21 -51.83 -30.47
C ASP C 429 -37.23 -50.82 -31.60
N LEU C 430 -38.41 -50.46 -32.09
CA LEU C 430 -38.51 -49.53 -33.19
C LEU C 430 -38.04 -48.14 -32.76
N ARG C 431 -37.28 -47.49 -33.62
CA ARG C 431 -36.82 -46.13 -33.39
C ARG C 431 -37.63 -45.21 -34.27
N GLN C 432 -38.28 -44.23 -33.65
CA GLN C 432 -39.21 -43.35 -34.34
C GLN C 432 -38.56 -41.98 -34.48
N TYR C 433 -38.04 -41.71 -35.67
CA TYR C 433 -37.61 -40.36 -36.04
C TYR C 433 -38.49 -39.81 -37.15
N MET C 434 -38.41 -38.49 -37.29
CA MET C 434 -39.09 -37.75 -38.35
C MET C 434 -38.06 -37.10 -39.25
N PHE C 435 -38.34 -37.09 -40.54
CA PHE C 435 -37.45 -36.47 -41.51
C PHE C 435 -38.25 -35.57 -42.44
N SER C 436 -37.65 -34.45 -42.81
CA SER C 436 -38.29 -33.55 -43.76
C SER C 436 -38.45 -34.26 -45.11
N SER C 437 -39.60 -34.04 -45.73
CA SER C 437 -39.90 -34.69 -47.01
C SER C 437 -39.23 -33.92 -48.12
N LEU C 438 -38.19 -34.50 -48.72
CA LEU C 438 -37.44 -33.85 -49.79
C LEU C 438 -37.92 -34.25 -51.17
N LYS C 439 -38.87 -35.16 -51.27
CA LYS C 439 -39.51 -35.43 -52.55
C LYS C 439 -40.20 -34.18 -53.09
N ASN C 440 -40.66 -33.31 -52.20
CA ASN C 440 -41.19 -32.00 -52.55
C ASN C 440 -40.38 -30.93 -51.83
N SER C 441 -39.26 -30.56 -52.42
CA SER C 441 -38.41 -29.53 -51.86
C SER C 441 -38.63 -28.23 -52.63
N LYS C 442 -39.07 -27.20 -51.92
CA LYS C 442 -39.17 -25.87 -52.52
C LYS C 442 -37.83 -25.16 -52.57
N LYS C 443 -36.79 -25.74 -51.97
CA LYS C 443 -35.47 -25.15 -52.00
C LYS C 443 -34.44 -26.02 -52.72
N TYR C 444 -34.69 -27.31 -52.89
CA TYR C 444 -33.74 -28.21 -53.52
C TYR C 444 -34.39 -29.02 -54.63
N ALA C 445 -35.43 -28.49 -55.26
CA ALA C 445 -36.05 -29.20 -56.36
C ALA C 445 -35.02 -29.36 -57.47
N PRO C 446 -34.71 -30.59 -57.88
CA PRO C 446 -33.59 -30.79 -58.79
C PRO C 446 -33.90 -30.27 -60.18
N THR C 447 -32.92 -29.61 -60.78
CA THR C 447 -33.11 -29.07 -62.12
C THR C 447 -33.17 -30.21 -63.14
N GLU C 448 -33.82 -29.92 -64.26
CA GLU C 448 -33.89 -30.93 -65.31
C GLU C 448 -32.52 -31.25 -65.88
N ALA C 449 -31.63 -30.27 -65.96
CA ALA C 449 -30.24 -30.58 -66.33
C ALA C 449 -29.63 -31.53 -65.31
N GLN C 450 -29.88 -31.28 -64.04
CA GLN C 450 -29.44 -32.23 -63.00
C GLN C 450 -30.08 -33.59 -63.22
N LEU C 451 -31.36 -33.62 -63.57
CA LEU C 451 -32.04 -34.90 -63.76
C LEU C 451 -31.44 -35.68 -64.92
N ASN C 452 -31.14 -35.00 -66.02
CA ASN C 452 -30.57 -35.66 -67.18
C ASN C 452 -29.15 -36.12 -66.91
N ALA C 453 -28.37 -35.32 -66.18
CA ALA C 453 -27.05 -35.77 -65.76
C ALA C 453 -27.16 -37.01 -64.89
N VAL C 454 -28.17 -37.04 -64.01
CA VAL C 454 -28.40 -38.20 -63.17
C VAL C 454 -28.70 -39.43 -64.01
N ASP C 455 -29.57 -39.29 -65.00
CA ASP C 455 -29.89 -40.42 -65.86
C ASP C 455 -28.66 -40.89 -66.62
N ALA C 456 -27.84 -39.94 -67.09
CA ALA C 456 -26.61 -40.30 -67.78
C ALA C 456 -25.68 -41.09 -66.89
N LEU C 457 -25.55 -40.68 -65.64
CA LEU C 457 -24.71 -41.43 -64.72
C LEU C 457 -25.29 -42.82 -64.46
N ILE C 458 -26.59 -42.91 -64.25
CA ILE C 458 -27.23 -44.19 -63.97
C ILE C 458 -26.96 -45.16 -65.10
N ASP C 459 -27.21 -44.73 -66.32
CA ASP C 459 -27.11 -45.62 -67.46
C ASP C 459 -25.66 -45.88 -67.85
N SER C 460 -24.80 -44.87 -67.70
CA SER C 460 -23.42 -44.97 -68.17
C SER C 460 -22.65 -46.04 -67.40
N MET C 461 -22.93 -46.18 -66.11
CA MET C 461 -22.22 -47.11 -65.26
C MET C 461 -23.22 -48.06 -64.59
N SER C 462 -22.86 -49.34 -64.56
CA SER C 462 -23.67 -50.36 -63.95
C SER C 462 -22.78 -51.57 -63.69
N LEU C 463 -23.19 -52.38 -62.71
CA LEU C 463 -22.41 -53.56 -62.33
C LEU C 463 -23.15 -54.86 -62.58
N ALA C 464 -24.23 -54.83 -63.37
CA ALA C 464 -24.92 -56.04 -63.78
C ALA C 464 -24.97 -56.05 -65.30
N LYS C 465 -24.59 -57.17 -65.90
CA LYS C 465 -24.62 -57.32 -67.34
C LYS C 465 -25.90 -58.05 -67.72
N LYS C 466 -26.83 -57.32 -68.33
CA LYS C 466 -28.08 -57.90 -68.80
C LYS C 466 -28.02 -58.05 -70.31
N ASP C 467 -28.26 -59.27 -70.80
CA ASP C 467 -28.23 -59.51 -72.23
C ASP C 467 -29.10 -60.71 -72.55
N GLU C 468 -29.42 -60.85 -73.84
CA GLU C 468 -30.08 -62.03 -74.39
C GLU C 468 -31.51 -62.19 -73.87
N LYS C 469 -31.92 -61.32 -72.94
CA LYS C 469 -33.26 -61.34 -72.37
C LYS C 469 -33.63 -62.74 -71.88
N THR C 470 -32.67 -63.44 -71.30
CA THR C 470 -32.85 -64.80 -70.81
C THR C 470 -32.56 -64.88 -69.33
N ASP C 471 -32.99 -63.86 -68.58
CA ASP C 471 -32.66 -63.72 -67.16
C ASP C 471 -31.15 -63.80 -66.98
N THR C 472 -30.43 -63.22 -67.94
CA THR C 472 -28.97 -63.28 -67.94
C THR C 472 -28.46 -62.21 -66.99
N LEU C 473 -28.53 -62.51 -65.70
CA LEU C 473 -28.02 -61.64 -64.65
C LEU C 473 -26.65 -62.17 -64.24
N GLU C 474 -25.61 -61.45 -64.61
CA GLU C 474 -24.27 -61.70 -64.13
C GLU C 474 -23.71 -60.42 -63.53
N ASP C 475 -23.25 -60.52 -62.29
CA ASP C 475 -22.76 -59.37 -61.55
C ASP C 475 -21.36 -59.02 -62.03
N LEU C 476 -21.18 -57.77 -62.46
CA LEU C 476 -19.87 -57.31 -62.88
C LEU C 476 -18.94 -57.12 -61.68
N PHE C 477 -19.50 -57.05 -60.48
CA PHE C 477 -18.71 -56.98 -59.24
C PHE C 477 -19.34 -57.89 -58.21
N PRO C 478 -19.19 -59.20 -58.38
CA PRO C 478 -19.83 -60.14 -57.45
C PRO C 478 -19.17 -60.13 -56.09
N THR C 479 -19.84 -59.51 -55.11
CA THR C 479 -19.19 -59.24 -53.84
C THR C 479 -19.23 -60.45 -52.91
N THR C 480 -20.36 -61.16 -52.88
CA THR C 480 -20.57 -62.18 -51.87
C THR C 480 -19.52 -63.26 -51.91
N LYS C 481 -18.83 -63.42 -53.03
CA LYS C 481 -17.79 -64.42 -53.12
C LYS C 481 -16.46 -63.93 -52.57
N ILE C 482 -16.39 -62.67 -52.15
CA ILE C 482 -15.16 -62.11 -51.59
C ILE C 482 -15.12 -62.44 -50.11
N PRO C 483 -13.97 -62.76 -49.55
CA PRO C 483 -13.84 -62.93 -48.10
C PRO C 483 -13.58 -61.57 -47.46
N ASN C 484 -13.51 -61.56 -46.14
CA ASN C 484 -13.27 -60.31 -45.45
C ASN C 484 -11.78 -60.03 -45.40
N PRO C 485 -11.32 -58.91 -45.97
CA PRO C 485 -9.88 -58.68 -46.10
C PRO C 485 -9.14 -58.58 -44.78
N ARG C 486 -9.83 -58.25 -43.69
CA ARG C 486 -9.14 -58.05 -42.42
C ARG C 486 -8.33 -59.28 -42.05
N PHE C 487 -8.86 -60.46 -42.35
CA PHE C 487 -8.20 -61.69 -41.93
C PHE C 487 -6.91 -61.91 -42.69
N GLN C 488 -6.97 -61.75 -44.00
CA GLN C 488 -5.79 -61.95 -44.83
C GLN C 488 -4.73 -60.91 -44.52
N ARG C 489 -5.15 -59.66 -44.29
CA ARG C 489 -4.19 -58.64 -43.90
C ARG C 489 -3.52 -59.00 -42.59
N LEU C 490 -4.31 -59.43 -41.61
CA LEU C 490 -3.75 -59.91 -40.35
C LEU C 490 -2.71 -60.97 -40.60
N PHE C 491 -3.05 -61.94 -41.44
CA PHE C 491 -2.15 -63.07 -41.66
C PHE C 491 -0.85 -62.62 -42.31
N GLN C 492 -0.96 -61.75 -43.31
CA GLN C 492 0.23 -61.28 -44.00
C GLN C 492 1.16 -60.55 -43.04
N CYS C 493 0.59 -59.68 -42.20
CA CYS C 493 1.40 -59.01 -41.20
C CYS C 493 2.00 -60.02 -40.23
N LEU C 494 1.26 -61.08 -39.90
CA LEU C 494 1.78 -62.10 -39.02
C LEU C 494 3.02 -62.75 -39.61
N LEU C 495 2.95 -63.09 -40.90
CA LEU C 495 4.10 -63.68 -41.56
C LEU C 495 5.28 -62.73 -41.54
N HIS C 496 5.04 -61.46 -41.91
CA HIS C 496 6.13 -60.50 -41.97
C HIS C 496 6.78 -60.34 -40.60
N ARG C 497 5.98 -60.28 -39.55
CA ARG C 497 6.52 -60.09 -38.21
C ARG C 497 7.27 -61.32 -37.73
N ALA C 498 6.67 -62.50 -37.87
CA ALA C 498 7.27 -63.71 -37.33
C ALA C 498 8.49 -64.14 -38.12
N LEU C 499 8.62 -63.71 -39.37
CA LEU C 499 9.78 -64.05 -40.16
C LEU C 499 10.88 -63.01 -40.07
N HIS C 500 10.51 -61.76 -39.78
CA HIS C 500 11.46 -60.65 -39.74
C HIS C 500 11.36 -60.03 -38.35
N PRO C 501 12.10 -60.56 -37.38
CA PRO C 501 11.92 -60.11 -35.99
C PRO C 501 12.16 -58.63 -35.80
N ARG C 502 13.04 -58.03 -36.59
CA ARG C 502 13.37 -56.62 -36.43
C ARG C 502 13.00 -55.81 -37.66
N GLU C 503 11.93 -56.19 -38.36
CA GLU C 503 11.55 -55.40 -39.51
C GLU C 503 10.20 -54.73 -39.28
N PRO C 504 10.02 -53.51 -39.77
CA PRO C 504 8.72 -52.84 -39.60
C PRO C 504 7.60 -53.51 -40.38
N LEU C 505 6.40 -52.96 -40.26
CA LEU C 505 5.24 -53.59 -40.87
C LEU C 505 5.29 -53.46 -42.39
N PRO C 506 4.71 -54.42 -43.09
CA PRO C 506 4.78 -54.42 -44.55
C PRO C 506 3.69 -53.55 -45.15
N PRO C 507 3.72 -53.31 -46.46
CA PRO C 507 2.68 -52.48 -47.08
C PRO C 507 1.37 -53.21 -47.19
N ILE C 508 0.38 -52.57 -47.82
CA ILE C 508 -1.01 -52.98 -47.73
C ILE C 508 -1.27 -54.18 -48.63
N GLN C 509 -0.22 -54.71 -49.27
CA GLN C 509 -0.35 -55.90 -50.11
C GLN C 509 -1.34 -55.66 -51.25
N GLN C 510 -0.89 -54.83 -52.19
CA GLN C 510 -1.74 -54.24 -53.23
C GLN C 510 -2.83 -55.17 -53.75
N HIS C 511 -2.53 -56.47 -53.86
CA HIS C 511 -3.57 -57.46 -54.15
C HIS C 511 -4.81 -57.22 -53.32
N ILE C 512 -4.64 -56.75 -52.10
CA ILE C 512 -5.76 -56.41 -51.24
C ILE C 512 -6.68 -55.44 -51.97
N TRP C 513 -6.15 -54.29 -52.37
CA TRP C 513 -6.98 -53.33 -53.08
C TRP C 513 -7.49 -53.93 -54.38
N ASN C 514 -6.62 -54.63 -55.10
CA ASN C 514 -6.98 -55.15 -56.41
C ASN C 514 -8.24 -55.99 -56.32
N MET C 515 -8.36 -56.79 -55.25
CA MET C 515 -9.61 -57.48 -55.02
C MET C 515 -10.75 -56.50 -54.80
N LEU C 516 -10.49 -55.43 -54.07
CA LEU C 516 -11.53 -54.47 -53.75
C LEU C 516 -11.66 -53.37 -54.79
N ASN C 517 -10.83 -53.36 -55.80
CA ASN C 517 -11.12 -52.24 -56.67
C ASN C 517 -12.23 -52.59 -57.65
N PRO C 518 -13.09 -51.63 -57.95
CA PRO C 518 -14.17 -51.86 -58.90
C PRO C 518 -13.61 -52.01 -60.31
N PRO C 519 -14.36 -52.60 -61.24
CA PRO C 519 -13.85 -52.75 -62.60
C PRO C 519 -13.54 -51.40 -63.23
N ALA C 520 -12.34 -51.30 -63.82
CA ALA C 520 -11.86 -50.01 -64.27
C ALA C 520 -12.59 -49.51 -65.50
N GLU C 521 -13.03 -50.42 -66.37
CA GLU C 521 -13.73 -49.98 -67.57
C GLU C 521 -14.97 -49.18 -67.22
N VAL C 522 -15.59 -49.47 -66.08
CA VAL C 522 -16.78 -48.74 -65.68
C VAL C 522 -16.45 -47.28 -65.41
N THR C 523 -15.42 -47.03 -64.59
CA THR C 523 -15.07 -45.65 -64.30
C THR C 523 -14.52 -44.94 -65.53
N THR C 524 -13.78 -45.65 -66.38
CA THR C 524 -13.31 -45.02 -67.61
C THR C 524 -14.46 -44.60 -68.49
N LYS C 525 -15.48 -45.46 -68.62
CA LYS C 525 -16.59 -45.14 -69.50
C LYS C 525 -17.49 -44.07 -68.89
N SER C 526 -17.58 -44.00 -67.56
CA SER C 526 -18.48 -43.05 -66.93
C SER C 526 -17.77 -41.81 -66.42
N GLN C 527 -16.47 -41.68 -66.69
CA GLN C 527 -15.75 -40.49 -66.25
C GLN C 527 -16.35 -39.23 -66.89
N ILE C 528 -16.69 -39.30 -68.17
CA ILE C 528 -17.29 -38.15 -68.83
C ILE C 528 -18.62 -37.77 -68.16
N PRO C 529 -19.53 -38.69 -67.87
CA PRO C 529 -20.67 -38.32 -67.02
C PRO C 529 -20.25 -37.74 -65.68
N LEU C 530 -19.18 -38.27 -65.09
CA LEU C 530 -18.67 -37.69 -63.85
C LEU C 530 -18.19 -36.26 -64.07
N SER C 531 -17.56 -35.99 -65.21
CA SER C 531 -17.15 -34.63 -65.51
C SER C 531 -18.35 -33.72 -65.64
N LYS C 532 -19.42 -34.21 -66.29
CA LYS C 532 -20.62 -33.39 -66.40
C LYS C 532 -21.20 -33.09 -65.03
N ILE C 533 -21.16 -34.07 -64.13
CA ILE C 533 -21.62 -33.80 -62.76
C ILE C 533 -20.76 -32.73 -62.11
N LYS C 534 -19.45 -32.91 -62.14
CA LYS C 534 -18.58 -31.97 -61.44
C LYS C 534 -18.71 -30.57 -62.03
N THR C 535 -19.08 -30.48 -63.29
CA THR C 535 -19.35 -29.17 -63.88
C THR C 535 -20.70 -28.63 -63.41
N LEU C 536 -21.71 -29.48 -63.30
CA LEU C 536 -23.06 -28.98 -63.10
C LEU C 536 -23.32 -28.58 -61.65
N PHE C 537 -22.60 -29.17 -60.70
CA PHE C 537 -23.15 -28.99 -59.36
C PHE C 537 -22.23 -28.15 -58.48
N PRO C 538 -22.82 -27.38 -57.56
CA PRO C 538 -22.01 -26.57 -56.64
C PRO C 538 -21.61 -27.34 -55.39
N LEU C 539 -20.37 -27.14 -54.96
CA LEU C 539 -19.81 -27.87 -53.84
C LEU C 539 -18.90 -26.94 -53.03
N ILE C 540 -18.76 -27.25 -51.74
CA ILE C 540 -17.83 -26.52 -50.89
C ILE C 540 -17.05 -27.50 -50.03
N GLU C 541 -16.23 -26.96 -49.11
CA GLU C 541 -15.37 -27.76 -48.25
C GLU C 541 -15.47 -27.23 -46.82
N ALA C 542 -14.75 -27.88 -45.91
CA ALA C 542 -14.68 -27.43 -44.52
C ALA C 542 -13.44 -28.05 -43.88
N LYS C 543 -13.36 -27.93 -42.54
CA LYS C 543 -12.22 -28.36 -41.74
C LYS C 543 -12.25 -29.86 -41.49
N LYS C 544 -11.54 -30.32 -40.46
CA LYS C 544 -11.42 -31.73 -40.09
C LYS C 544 -10.66 -32.55 -41.13
N LYS C 545 -9.39 -32.24 -41.29
CA LYS C 545 -8.44 -33.06 -42.03
C LYS C 545 -7.32 -33.48 -41.09
N ASP C 546 -7.02 -34.78 -41.06
CA ASP C 546 -6.11 -35.36 -40.08
C ASP C 546 -4.82 -35.82 -40.74
N GLN C 547 -3.70 -35.59 -40.05
CA GLN C 547 -2.39 -35.84 -40.63
C GLN C 547 -1.42 -36.32 -39.57
N VAL C 548 -0.32 -36.93 -40.04
CA VAL C 548 0.81 -37.22 -39.18
C VAL C 548 1.49 -35.93 -38.76
N THR C 549 1.78 -35.79 -37.47
CA THR C 549 2.35 -34.55 -36.95
C THR C 549 3.84 -34.47 -37.23
N ALA C 550 4.62 -35.36 -36.65
CA ALA C 550 6.06 -35.38 -36.79
C ALA C 550 6.44 -36.47 -37.79
N GLN C 551 7.21 -36.10 -38.79
CA GLN C 551 7.55 -36.99 -39.88
C GLN C 551 9.06 -37.07 -40.02
N GLU C 552 9.55 -38.26 -40.34
CA GLU C 552 10.96 -38.44 -40.69
C GLU C 552 11.19 -37.76 -42.03
N ILE C 553 11.82 -36.59 -42.00
CA ILE C 553 11.94 -35.77 -43.20
C ILE C 553 12.75 -36.51 -44.27
N PHE C 554 13.86 -37.12 -43.86
CA PHE C 554 14.70 -37.87 -44.80
C PHE C 554 13.97 -39.09 -45.34
#